data_8FHS
#
_entry.id   8FHS
#
_cell.length_a   1.00
_cell.length_b   1.00
_cell.length_c   1.00
_cell.angle_alpha   90.00
_cell.angle_beta   90.00
_cell.angle_gamma   90.00
#
_symmetry.space_group_name_H-M   'P 1'
#
loop_
_entity.id
_entity.type
_entity.pdbx_description
1 polymer 'Voltage-dependent L-type calcium channel subunit alpha-1C'
2 polymer 'Voltage-dependent calcium channel subunit alpha-2/delta-1'
3 polymer 'Voltage-dependent L-type calcium channel subunit beta-3'
4 branched 2-acetamido-2-deoxy-beta-D-glucopyranose-(1-4)-2-acetamido-2-deoxy-beta-D-glucopyranose-(1-4)-2-acetamido-2-deoxy-beta-D-glucopyranose
5 branched 2-acetamido-2-deoxy-beta-D-glucopyranose-(1-4)-2-acetamido-2-deoxy-beta-D-glucopyranose
6 branched 2-acetamido-2-deoxy-beta-D-glucopyranose-(1-4)-2-acetamido-2-deoxy-beta-D-glucopyranose-(1-4)-2-acetamido-2-deoxy-beta-D-glucopyranose-(1-4)-2-acetamido-2-deoxy-beta-D-glucopyranose
7 non-polymer 'CALCIUM ION'
8 non-polymer (2-butyl-1-benzofuran-3-yl){4-[2-(diethylamino)ethoxy]-3,5-diiodophenyl}methanone
9 non-polymer Sofosbuvir
10 non-polymer 1,2-Distearoyl-sn-glycerophosphoethanolamine
11 non-polymer CHOLESTEROL
12 non-polymer 2-acetamido-2-deoxy-beta-D-glucopyranose
#
loop_
_entity_poly.entity_id
_entity_poly.type
_entity_poly.pdbx_seq_one_letter_code
_entity_poly.pdbx_strand_id
1 'polypeptide(L)'
;MVNENTRMYIPEENHQGSNYGSPRPAHANMNANAAAGLAPEHIPTPGAALSWQAAIDAARQAKLMGSAGNATISTVSSTQ
RKRQQYGKPKKQGSTTATRPPRALLCLTLKNPIRRACISIVEWKPFEIIILLTIFANCVALAIYIPFPEDDSNATNSNLE
RVEYLFLIIFTVEAFLKVIAYGLLFHPNAYLRNGWNLLDFIIVVVGLFSAILEQATKADGANALGGKGAGFDVKALRAFR
VLRPLRLVSGVPSLQVVLNSIIKAMVPLLHIALLVLFVIIIYAIIGLELFMGKMHKTCYNQEGIADVPAEDDPSPCALET
GHGRQCQNGTVCKPGWDGPKHGITNFDNFAFAMLTVFQCITMEGWTDVLYWVNDAVGRDWPWIYFVTLIIIGSFFVLNLV
LGVLSGEFSKEREKAKARGDFQKLREKQQLEEDLKGYLDWITQAEDIDPENEDEGMDEEKPRNMSMPTSETESVNTENVA
GGDIEGENCGARLAHRISKSKFSRYWRRWNRFCRRKCRAAVKSNVFYWLVIFLVFLNTLTIASEHYNQPNWLTEVQDTAN
KALLALFTAEMLLKMYSLGLQAYFVSLFNRFDCFVVCGGILETILVETKIMSPLGISVLRCVRLLRIFKITRYWNSLSNL
VASLLNSVRSIASLLLLLFLFIIIFSLLGMQLFGGKFNFDEMQTRRSTFDNFPQSLLTVFQILTGEDWNSVMYDGIMAYG
GPSFPGMLVCIYFIILFICGNYILLNVFLAIAVDNLADAESLTSAQKEEEEEKERKKLARTASPEKKQELVEKPAVGESK
EEKIELKSITADGESPPATKINMDDLQPNENEDKSPYPNPETTGEEDEEEPEMPVGPRPRPLSELHLKEKAVPMPEASAF
FIFSSNNRFRLQCHRIVNDTIFTNLILFFILLSSISLAAEDPVQHTSFRNHILFYFDIVFTTIFTIEIALKILGNADYVF
TSIFTLEIILKMTAYGAFLHKGSFCRNYFNILDLLVVSVSLISFGIQSSAINVVKILRVLRVLRPLRAINRAKGLKHVVQ
CVFVAIRTIGNIVIVTTLLQFMFACIGVQLFKGKLYTCSDSSKQTEAECKGNYITYKDGEVDHPIIQPRSWENSKFDFDN
VLAAMMALFTVSTFEGWPELLYRSIDSHTEDKGPIYNYRVEISIFFIIYIIIIAFFMMNIFVGFVIVTFQEQGEQEYKNC
ELDKNQRQCVEYALKARPLRRYIPKNQHQYKVWYVVNSTYFEYLMFVLILLNTICLAMQHYGQSCLFKIAMNILNMLFTG
LFTVEMILKLIAFKPKGYFSDPWNVFDFLIVIGSIIDVILSETNHYFCDAWNTFDALIVVGSIVDIAITEVNPAEHTQCS
PSMNAEENSRISITFFRLFRVMRLVKLLSRGEGIRTLLWTFIKSFQALPYVALLIVMLFFIYAVIGMQVFGKIALNDTTE
INRNNNFQTFPQAVLLLFRCATGEAWQDIMLACMPGKKCAPESEPSNSTEGETPCGSSFAVFYFISFYMLCAFLIINLFV
AVIMDNFDYLTRDWSILGPHHLDEFKRIWAEYDPEAKGRIKHLDVVTLLRRIQPPLGFGKLCPHRVACKRLVSMNMPLNS
DGTVMFNATLFALVRTALRIKTEGNLEQANEELRAIIKKIWKRTSMKLLDQVVPPAGDDEVTVGKFYATFLIQEYFRKFK
KRKEQGLVGKPSQRNALSLQAGLRTLHDIGPEIRRAISGDLTAEEELDKAMKEAVSAASEDDIFRRAGGLFGNHVSYYQS
DGRSAFPQTFTTQRPLHINKAGSSQGDTESPSHEKLVDSTFTPSSYSSTGSNANINNANNTALGRLPRPAGYPSTVSTVE
GHGPPLSPAIRVQEVAWKLSSNRERHVPMCEDLELRRDSGSAGTQAHCLLLRKANPSRCHSRESQAAMAGQEETSQDETY
EVKMNHDTEACSEPSLLSTEMLSYQDDENRQLTLPEEDKRDIRQSPKRGFLRSASLGRRASFHLECLKRQKDRGGDISQK
TVLPLHLVHHQALAVAGLSPLLQRSHSPASFPRPFATPPATPGSRGWPPQPVPTLRLEGVESSEKLNSSFPSIHCGSWAE
TTPGGGGSSAARRVRPVSLMVPSQAGAPGRQFHGSASSLVEAVLISEGLGQFAQDPKFIEVTTQELADACDMTIEEMESA
ADNILSGGAPQSPNGALLPFVNCRDAGQDRAGGEEDAGCVRARGRPSEEELQDSRVYVSSL
;
A
2 'polypeptide(L)'
;MAAGCLLALTLTLFQSLLIGPSSEEPFPSAVTIKSWVDKMQEDLVTLAKTASGVNQLVDIYEKYQDLYTVEPNNARQLVE
IAARDIEKLLSNRSKALVRLALEAEKVQAAHQWREDFASNEVVYYNAKDDLDPEKNDSEPGSQRIKPVFIEDANFGRQIS
YQHAAVHIPTDIYEGSTIVLNELNWTSALDEVFKKNREEDPSLLWQVFGSATGLARYYPASPWVDNSRTPNKIDLYDVRR
RPWYIQGAASPKDMLILVDVSGSVSGLTLKLIRTSVSEMLETLSDDDFVNVASFNSNAQDVSCFQHLVQANVRNKKVLKD
AVNNITAKGITDYKKGFSFAFEQLLNYNVSRANCNKIIMLFTDGGEERAQEIFNKYNKDKKVRVFTFSVGQHNYDRGPIQ
WMACENKGYYYEIPSIGAIRINTQEYLDVLGRPMVLAGDKAKQVQWTNVYLDALELGLVITGTLPVFNITGQFENKTNLK
NQLILGVMGVDVSLEDIKRLTPRFTLCPNGYYFAIDPNGYVLLHPNLQPKPIGVGIPTINLRKRRPNIQNPKSQEPVTLD
FLDAELENDIKVEIRNKMIDGESGEKTFRTLVKSQDERYIDKGNRTYTWTPVNGTDYSLALVLPTYSFYYIKAKLEETIT
QARYSETLKPDNFEESGYTFIAPRDYCNDLKISDNNTEFLLNFNEFIDRKTPNNPSCNADLINRVLLDAGFTNELVQNYW
SKQKNIKGVKARFVVTDGGITRVYPKEAGENWQENPETYEDSFYKRSLDNDNYVFTAPYFNKSGPGAYESGIMVSKAVEI
YIQGKLLKPAVVGIKIDVNSWIENFTKTSIRDPCAGPVCDCKRNSDVMDCVILDDGGFLLMANHDDYTNQIGRFFGEIDP
SLMRHLVNISVYAFNKSYDYQSVCEPGAAPKQGAGHRSAYVPSVADILQIGWWATAAAWSILQQFLLSLTFPRLLEAVEM
EDDDFTASLSKQSCITEQTQYFFDNDSKSFSGVLDCGNCSRIFHGEKLMNTNLIFIMVESKGTCPCDTRLLIQAEQTSDG
PNPCDMVKQPRYRKGPDVCFDNNVLEDYTDCGGVSGLNPSLWYIIGIQFLLLWLVSGSTHRLL
;
D
3 'polypeptide(L)'
;MYDDSYVPGFEDSEAGSADSYTSRPSLDSDVSLEEDRESARREVESQAQQQLERAKHKPVAFAVRTNVSYCGVLDEECPV
QGSGVNFEAKDFLHIKEKYSNDWWIGRLVKEGGDIAFIPSPQRLESIRLKQEQKARRSGNPSSLSDIGNRRSPPPSLAKQ
KQKQAEHVPPYDVVPSMRPVVLVGPSLKGYEVTDMMQKALFDFLKHRFDGRISITRVTADLSLAKRSVLNNPGKRTIIER
SSARSSIAEVQSEIERIFELAKSLQLVVLDADTINHPAQLAKTSLAPIIVFVKVSSPKVLQRLIRSRGKSQMKHLTVQMM
AYDKLVQCPPESFDVILDENQLEDACEHLAEYLEVYWRATHHPAPGPGLLGPPSAIPGLQNQQLLGERGEEHSPLERDSL
MPSDEASESSRQAWTGSSQRSSRHLEEDYADAYQDLYQPHRQHTSGLPSANGHDPQDRLLAQDSEHNHSDRNWQRNRPWP
KDSY
;
C
#
# COMPACT_ATOMS: atom_id res chain seq x y z
N LEU A 105 2.97 -55.00 18.64
CA LEU A 105 3.91 -53.89 18.58
C LEU A 105 3.78 -53.15 17.24
N CYS A 106 2.53 -53.05 16.76
CA CYS A 106 2.21 -52.41 15.49
C CYS A 106 2.89 -53.09 14.30
N LEU A 107 3.35 -54.32 14.48
CA LEU A 107 3.98 -55.09 13.42
C LEU A 107 3.35 -56.46 13.22
N THR A 108 2.91 -57.11 14.30
CA THR A 108 2.32 -58.45 14.26
C THR A 108 3.24 -59.42 13.54
N LEU A 109 2.96 -59.69 12.27
CA LEU A 109 3.82 -60.56 11.48
C LEU A 109 5.14 -59.87 11.17
N LYS A 110 6.21 -60.65 11.09
CA LYS A 110 7.54 -60.15 10.80
C LYS A 110 8.11 -60.88 9.59
N ASN A 111 8.41 -60.14 8.54
CA ASN A 111 9.07 -60.69 7.38
C ASN A 111 10.53 -61.01 7.71
N PRO A 112 11.19 -61.84 6.91
CA PRO A 112 12.56 -62.27 7.26
C PRO A 112 13.50 -61.08 7.42
N ILE A 113 14.40 -61.20 8.41
CA ILE A 113 15.33 -60.14 8.75
C ILE A 113 16.38 -59.88 7.68
N ARG A 114 16.49 -60.76 6.68
CA ARG A 114 17.57 -60.63 5.71
C ARG A 114 17.45 -59.35 4.88
N ARG A 115 16.25 -58.84 4.70
CA ARG A 115 16.05 -57.56 4.02
C ARG A 115 15.36 -56.53 4.90
N ALA A 116 14.95 -56.89 6.12
CA ALA A 116 14.29 -55.98 7.04
C ALA A 116 15.21 -55.52 8.15
N CYS A 117 16.53 -55.67 7.98
CA CYS A 117 17.50 -55.18 8.95
C CYS A 117 17.81 -53.70 8.70
N ILE A 118 16.75 -52.91 8.72
CA ILE A 118 16.83 -51.48 8.43
C ILE A 118 16.61 -50.61 9.66
N SER A 119 16.04 -51.15 10.74
CA SER A 119 15.75 -50.38 11.94
C SER A 119 16.94 -50.30 12.89
N ILE A 120 18.15 -50.57 12.40
CA ILE A 120 19.33 -50.68 13.25
C ILE A 120 20.15 -49.39 13.28
N VAL A 121 20.29 -48.73 12.13
CA VAL A 121 21.18 -47.58 12.03
C VAL A 121 20.35 -46.42 11.47
N GLU A 122 19.03 -46.48 11.70
CA GLU A 122 18.13 -45.44 11.23
C GLU A 122 17.60 -44.58 12.37
N TRP A 123 18.23 -44.61 13.54
CA TRP A 123 17.77 -43.80 14.66
C TRP A 123 18.50 -42.46 14.74
N LYS A 124 19.82 -42.49 14.93
CA LYS A 124 20.60 -41.27 15.00
C LYS A 124 20.86 -40.65 13.63
N PRO A 125 21.43 -41.38 12.66
CA PRO A 125 21.87 -40.72 11.42
C PRO A 125 20.80 -40.54 10.36
N PHE A 126 19.75 -41.36 10.34
CA PHE A 126 18.71 -41.23 9.33
C PHE A 126 17.61 -40.27 9.74
N GLU A 127 17.59 -39.80 10.98
CA GLU A 127 16.60 -38.85 11.44
C GLU A 127 17.02 -37.40 11.19
N ILE A 128 18.29 -37.16 10.92
CA ILE A 128 18.81 -35.80 10.77
C ILE A 128 19.10 -35.48 9.31
N ILE A 129 19.55 -36.46 8.52
CA ILE A 129 19.84 -36.20 7.12
C ILE A 129 18.55 -35.83 6.38
N ILE A 130 17.43 -36.46 6.75
CA ILE A 130 16.15 -36.12 6.14
C ILE A 130 15.72 -34.71 6.53
N LEU A 131 15.99 -34.32 7.77
CA LEU A 131 15.67 -32.96 8.20
C LEU A 131 16.49 -31.93 7.43
N LEU A 132 17.78 -32.20 7.24
CA LEU A 132 18.60 -31.30 6.43
C LEU A 132 18.13 -31.28 4.98
N THR A 133 17.68 -32.42 4.46
CA THR A 133 17.12 -32.45 3.10
C THR A 133 15.87 -31.58 3.01
N ILE A 134 15.02 -31.64 4.04
CA ILE A 134 13.81 -30.82 4.06
C ILE A 134 14.17 -29.34 4.12
N PHE A 135 15.18 -29.00 4.93
CA PHE A 135 15.62 -27.61 5.00
C PHE A 135 16.17 -27.12 3.66
N ALA A 136 16.95 -27.97 2.99
CA ALA A 136 17.46 -27.61 1.67
C ALA A 136 16.32 -27.46 0.66
N ASN A 137 15.31 -28.32 0.76
CA ASN A 137 14.15 -28.20 -0.11
C ASN A 137 13.41 -26.88 0.13
N CYS A 138 13.28 -26.48 1.40
CA CYS A 138 12.67 -25.19 1.70
C CYS A 138 13.48 -24.04 1.12
N VAL A 139 14.81 -24.12 1.24
CA VAL A 139 15.66 -23.07 0.67
C VAL A 139 15.50 -23.02 -0.84
N ALA A 140 15.46 -24.18 -1.50
CA ALA A 140 15.30 -24.22 -2.95
C ALA A 140 13.96 -23.66 -3.37
N LEU A 141 12.90 -23.95 -2.60
CA LEU A 141 11.59 -23.38 -2.90
C LEU A 141 11.59 -21.86 -2.73
N ALA A 142 12.33 -21.36 -1.74
CA ALA A 142 12.43 -19.93 -1.54
C ALA A 142 13.18 -19.26 -2.68
N ILE A 143 14.24 -19.90 -3.17
CA ILE A 143 15.06 -19.30 -4.23
C ILE A 143 14.27 -19.18 -5.53
N TYR A 144 13.39 -20.15 -5.82
CA TYR A 144 12.64 -20.13 -7.07
C TYR A 144 11.85 -18.83 -7.21
N ILE A 145 11.99 -18.20 -8.37
CA ILE A 145 11.35 -16.92 -8.67
C ILE A 145 10.35 -17.15 -9.81
N PRO A 146 9.07 -16.92 -9.58
CA PRO A 146 8.07 -17.16 -10.65
C PRO A 146 8.03 -16.00 -11.64
N PHE A 147 8.14 -16.32 -12.91
CA PHE A 147 8.10 -15.37 -14.00
C PHE A 147 6.75 -15.42 -14.70
N PRO A 148 6.30 -14.30 -15.28
CA PRO A 148 5.03 -14.31 -16.01
C PRO A 148 5.21 -14.83 -17.43
N GLU A 149 4.24 -15.64 -17.85
CA GLU A 149 4.17 -16.16 -19.22
C GLU A 149 5.41 -16.97 -19.59
N ASP A 150 5.68 -18.00 -18.78
CA ASP A 150 6.63 -19.07 -19.06
C ASP A 150 8.09 -18.62 -19.13
N ASP A 151 8.40 -17.39 -18.70
CA ASP A 151 9.78 -16.95 -18.72
C ASP A 151 10.59 -17.68 -17.64
N SER A 152 11.91 -17.67 -17.78
CA SER A 152 12.77 -18.41 -16.87
C SER A 152 14.19 -17.89 -16.99
N ASN A 153 15.05 -18.39 -16.11
CA ASN A 153 16.48 -18.10 -16.13
C ASN A 153 17.22 -19.38 -15.78
N ALA A 154 18.53 -19.26 -15.51
CA ALA A 154 19.34 -20.45 -15.24
C ALA A 154 19.02 -21.05 -13.87
N THR A 155 18.75 -20.20 -12.88
CA THR A 155 18.51 -20.68 -11.53
C THR A 155 17.26 -21.54 -11.46
N ASN A 156 16.21 -21.14 -12.18
CA ASN A 156 14.98 -21.94 -12.20
C ASN A 156 15.23 -23.32 -12.82
N SER A 157 16.02 -23.37 -13.89
CA SER A 157 16.34 -24.66 -14.50
C SER A 157 17.15 -25.54 -13.56
N ASN A 158 18.13 -24.95 -12.86
CA ASN A 158 18.92 -25.71 -11.90
C ASN A 158 18.05 -26.24 -10.77
N LEU A 159 17.12 -25.42 -10.27
CA LEU A 159 16.22 -25.86 -9.21
C LEU A 159 15.30 -26.97 -9.69
N GLU A 160 14.78 -26.86 -10.92
CA GLU A 160 13.94 -27.93 -11.45
C GLU A 160 14.74 -29.21 -11.67
N ARG A 161 16.04 -29.08 -11.90
CA ARG A 161 16.89 -30.27 -12.00
C ARG A 161 17.10 -30.92 -10.63
N VAL A 162 17.39 -30.11 -9.60
CA VAL A 162 17.64 -30.66 -8.27
C VAL A 162 16.36 -31.17 -7.62
N GLU A 163 15.20 -30.73 -8.11
CA GLU A 163 13.95 -31.28 -7.62
C GLU A 163 13.87 -32.78 -7.86
N TYR A 164 14.48 -33.26 -8.94
CA TYR A 164 14.54 -34.70 -9.18
C TYR A 164 15.32 -35.40 -8.07
N LEU A 165 16.46 -34.84 -7.67
CA LEU A 165 17.23 -35.42 -6.58
C LEU A 165 16.40 -35.46 -5.29
N PHE A 166 15.72 -34.37 -4.98
CA PHE A 166 14.88 -34.36 -3.78
C PHE A 166 13.77 -35.41 -3.86
N LEU A 167 13.16 -35.56 -5.04
CA LEU A 167 12.10 -36.54 -5.19
C LEU A 167 12.62 -37.96 -5.01
N ILE A 168 13.79 -38.27 -5.58
CA ILE A 168 14.32 -39.62 -5.40
C ILE A 168 14.70 -39.87 -3.95
N ILE A 169 15.22 -38.86 -3.26
CA ILE A 169 15.55 -39.04 -1.85
C ILE A 169 14.29 -39.35 -1.05
N PHE A 170 13.22 -38.58 -1.28
CA PHE A 170 11.99 -38.80 -0.52
C PHE A 170 11.35 -40.14 -0.87
N THR A 171 11.40 -40.55 -2.14
CA THR A 171 10.84 -41.84 -2.51
C THR A 171 11.62 -42.99 -1.86
N VAL A 172 12.95 -42.88 -1.83
CA VAL A 172 13.75 -43.91 -1.18
C VAL A 172 13.41 -43.98 0.31
N GLU A 173 13.27 -42.81 0.95
CA GLU A 173 12.89 -42.79 2.36
C GLU A 173 11.53 -43.44 2.58
N ALA A 174 10.56 -43.14 1.72
CA ALA A 174 9.22 -43.72 1.88
C ALA A 174 9.25 -45.23 1.69
N PHE A 175 10.00 -45.70 0.69
CA PHE A 175 10.10 -47.14 0.47
C PHE A 175 10.74 -47.83 1.65
N LEU A 176 11.81 -47.25 2.20
CA LEU A 176 12.47 -47.85 3.36
C LEU A 176 11.55 -47.87 4.56
N LYS A 177 10.80 -46.79 4.79
CA LYS A 177 9.91 -46.74 5.94
C LYS A 177 8.66 -47.59 5.76
N VAL A 178 8.32 -47.94 4.52
CA VAL A 178 7.17 -48.80 4.28
C VAL A 178 7.54 -50.28 4.37
N ILE A 179 8.72 -50.67 3.89
CA ILE A 179 9.13 -52.06 4.05
C ILE A 179 9.35 -52.42 5.51
N ALA A 180 9.58 -51.42 6.38
CA ALA A 180 9.62 -51.68 7.81
C ALA A 180 8.26 -52.14 8.33
N TYR A 181 7.19 -51.48 7.91
CA TYR A 181 5.85 -51.86 8.30
C TYR A 181 4.85 -51.31 7.28
N GLY A 182 3.87 -52.14 6.92
CA GLY A 182 2.90 -51.77 5.92
C GLY A 182 1.99 -50.61 6.31
N LEU A 191 2.30 -46.00 8.07
CA LEU A 191 1.43 -45.23 7.19
C LEU A 191 0.17 -44.80 7.93
N ARG A 192 -0.19 -45.56 8.97
CA ARG A 192 -1.38 -45.24 9.75
C ARG A 192 -1.21 -43.96 10.57
N ASN A 193 0.02 -43.49 10.75
CA ASN A 193 0.26 -42.27 11.50
C ASN A 193 -0.30 -41.07 10.73
N GLY A 194 -0.71 -40.05 11.49
CA GLY A 194 -1.26 -38.86 10.87
C GLY A 194 -0.24 -38.08 10.05
N TRP A 195 0.99 -38.01 10.55
CA TRP A 195 2.04 -37.22 9.91
C TRP A 195 2.85 -38.00 8.89
N ASN A 196 2.67 -39.31 8.81
CA ASN A 196 3.34 -40.10 7.78
C ASN A 196 2.50 -40.22 6.52
N LEU A 197 1.17 -40.23 6.67
CA LEU A 197 0.30 -40.19 5.49
C LEU A 197 0.53 -38.92 4.70
N LEU A 198 0.78 -37.79 5.38
CA LEU A 198 1.07 -36.54 4.70
C LEU A 198 2.33 -36.66 3.86
N ASP A 199 3.39 -37.25 4.41
CA ASP A 199 4.61 -37.45 3.64
C ASP A 199 4.35 -38.35 2.44
N PHE A 200 3.56 -39.41 2.64
CA PHE A 200 3.26 -40.33 1.54
C PHE A 200 2.51 -39.63 0.42
N ILE A 201 1.49 -38.85 0.74
CA ILE A 201 0.74 -38.18 -0.32
C ILE A 201 1.60 -37.11 -0.98
N ILE A 202 2.45 -36.44 -0.20
CA ILE A 202 3.38 -35.47 -0.77
C ILE A 202 4.25 -36.13 -1.82
N VAL A 203 4.84 -37.28 -1.47
CA VAL A 203 5.78 -37.93 -2.38
C VAL A 203 5.05 -38.48 -3.61
N VAL A 204 3.83 -39.00 -3.43
CA VAL A 204 3.12 -39.57 -4.57
C VAL A 204 2.67 -38.47 -5.52
N VAL A 205 2.23 -37.33 -4.98
CA VAL A 205 1.84 -36.21 -5.83
C VAL A 205 3.06 -35.63 -6.52
N GLY A 206 4.21 -35.60 -5.83
CA GLY A 206 5.43 -35.17 -6.48
C GLY A 206 5.82 -36.05 -7.65
N LEU A 207 5.74 -37.37 -7.47
CA LEU A 207 6.02 -38.29 -8.56
C LEU A 207 5.05 -38.09 -9.71
N PHE A 208 3.76 -37.94 -9.40
CA PHE A 208 2.75 -37.72 -10.43
C PHE A 208 3.05 -36.46 -11.22
N SER A 209 3.36 -35.37 -10.52
CA SER A 209 3.67 -34.11 -11.20
C SER A 209 4.92 -34.23 -12.05
N ALA A 210 5.95 -34.93 -11.54
CA ALA A 210 7.19 -35.08 -12.30
C ALA A 210 6.95 -35.87 -13.58
N ILE A 211 6.20 -36.98 -13.50
CA ILE A 211 5.98 -37.79 -14.70
C ILE A 211 5.08 -37.03 -15.68
N LEU A 212 4.10 -36.26 -15.18
CA LEU A 212 3.26 -35.47 -16.08
C LEU A 212 4.08 -34.38 -16.77
N GLU A 213 4.97 -33.72 -16.03
CA GLU A 213 5.81 -32.68 -16.63
C GLU A 213 6.75 -33.26 -17.67
N GLN A 214 7.28 -34.45 -17.42
CA GLN A 214 8.16 -35.08 -18.40
C GLN A 214 7.40 -35.60 -19.61
N ALA A 215 6.16 -36.05 -19.43
CA ALA A 215 5.42 -36.70 -20.51
C ALA A 215 4.67 -35.71 -21.40
N THR A 216 3.84 -34.84 -20.80
CA THR A 216 3.03 -33.94 -21.60
C THR A 216 3.89 -32.99 -22.42
N LYS A 217 4.95 -32.46 -21.83
CA LYS A 217 5.89 -31.62 -22.56
C LYS A 217 6.83 -32.47 -23.41
N ASP A 232 -2.79 -29.02 -15.85
CA ASP A 232 -2.02 -27.79 -15.91
C ASP A 232 -0.58 -28.01 -15.48
N VAL A 233 -0.32 -29.20 -14.95
CA VAL A 233 1.03 -29.65 -14.58
C VAL A 233 1.63 -28.74 -13.51
N LYS A 234 1.90 -27.49 -13.87
CA LYS A 234 2.54 -26.57 -12.94
C LYS A 234 1.68 -26.33 -11.70
N ALA A 235 0.37 -26.21 -11.88
CA ALA A 235 -0.52 -26.01 -10.75
C ALA A 235 -0.49 -27.20 -9.79
N LEU A 236 -0.16 -28.39 -10.27
CA LEU A 236 -0.15 -29.57 -9.42
C LEU A 236 1.00 -29.55 -8.43
N ARG A 237 2.09 -28.85 -8.73
CA ARG A 237 3.25 -28.84 -7.84
C ARG A 237 3.10 -27.83 -6.71
N ALA A 238 1.95 -27.16 -6.59
CA ALA A 238 1.67 -26.36 -5.41
C ALA A 238 1.64 -27.20 -4.14
N PHE A 239 1.69 -28.53 -4.26
CA PHE A 239 1.84 -29.40 -3.10
C PHE A 239 3.20 -29.27 -2.46
N ARG A 240 4.20 -28.75 -3.20
CA ARG A 240 5.54 -28.63 -2.64
C ARG A 240 5.55 -27.81 -1.36
N VAL A 241 4.65 -26.83 -1.24
CA VAL A 241 4.60 -25.97 -0.07
C VAL A 241 4.24 -26.73 1.20
N LEU A 242 3.79 -27.97 1.08
CA LEU A 242 3.52 -28.80 2.25
C LEU A 242 4.78 -29.44 2.82
N ARG A 243 5.88 -29.44 2.06
CA ARG A 243 7.12 -30.03 2.57
C ARG A 243 7.67 -29.33 3.80
N PRO A 244 7.69 -28.00 3.91
CA PRO A 244 8.13 -27.39 5.17
C PRO A 244 7.34 -27.84 6.39
N LEU A 245 6.05 -28.14 6.22
CA LEU A 245 5.25 -28.63 7.34
C LEU A 245 5.80 -29.92 7.91
N ARG A 246 6.36 -30.77 7.05
CA ARG A 246 6.97 -32.02 7.51
C ARG A 246 8.10 -31.75 8.50
N LEU A 247 8.73 -30.58 8.41
CA LEU A 247 9.79 -30.21 9.34
C LEU A 247 9.28 -30.14 10.78
N VAL A 248 7.97 -29.92 10.97
CA VAL A 248 7.40 -30.00 12.32
C VAL A 248 7.51 -31.41 12.86
N SER A 249 7.16 -32.42 12.03
CA SER A 249 7.12 -33.79 12.51
C SER A 249 8.49 -34.29 12.95
N GLY A 250 9.56 -33.70 12.41
CA GLY A 250 10.90 -34.17 12.74
C GLY A 250 11.23 -34.01 14.22
N VAL A 251 10.86 -32.88 14.81
CA VAL A 251 11.16 -32.58 16.21
C VAL A 251 9.87 -32.63 17.01
N PRO A 252 9.79 -33.43 18.07
CA PRO A 252 8.58 -33.44 18.90
C PRO A 252 8.38 -32.17 19.70
N SER A 253 9.43 -31.36 19.90
CA SER A 253 9.29 -30.14 20.68
C SER A 253 8.33 -29.16 20.02
N LEU A 254 8.40 -29.04 18.69
CA LEU A 254 7.41 -28.25 17.97
C LEU A 254 6.09 -29.00 17.82
N GLN A 255 6.12 -30.33 17.80
CA GLN A 255 4.90 -31.11 17.64
C GLN A 255 3.96 -30.91 18.83
N VAL A 256 4.51 -30.92 20.05
CA VAL A 256 3.66 -30.78 21.23
C VAL A 256 3.03 -29.40 21.27
N VAL A 257 3.79 -28.35 20.93
CA VAL A 257 3.22 -27.01 20.94
C VAL A 257 2.20 -26.85 19.83
N LEU A 258 2.41 -27.49 18.67
CA LEU A 258 1.41 -27.44 17.61
C LEU A 258 0.12 -28.13 18.04
N ASN A 259 0.23 -29.27 18.73
CA ASN A 259 -0.96 -29.93 19.24
C ASN A 259 -1.65 -29.09 20.29
N SER A 260 -0.88 -28.38 21.13
CA SER A 260 -1.48 -27.50 22.12
C SER A 260 -2.23 -26.35 21.45
N ILE A 261 -1.67 -25.80 20.36
CA ILE A 261 -2.36 -24.77 19.60
C ILE A 261 -3.65 -25.32 19.01
N ILE A 262 -3.59 -26.52 18.42
CA ILE A 262 -4.75 -27.07 17.73
C ILE A 262 -5.87 -27.40 18.72
N LYS A 263 -5.54 -27.93 19.90
CA LYS A 263 -6.56 -28.37 20.84
C LYS A 263 -7.43 -27.22 21.34
N ALA A 264 -6.98 -25.98 21.21
CA ALA A 264 -7.79 -24.83 21.60
C ALA A 264 -8.85 -24.48 20.57
N MET A 265 -8.82 -25.10 19.39
CA MET A 265 -9.81 -24.82 18.35
C MET A 265 -11.17 -25.44 18.64
N VAL A 266 -11.22 -26.49 19.45
CA VAL A 266 -12.50 -27.16 19.72
C VAL A 266 -13.51 -26.25 20.40
N PRO A 267 -13.16 -25.51 21.46
CA PRO A 267 -14.16 -24.63 22.08
C PRO A 267 -14.66 -23.51 21.17
N LEU A 268 -13.89 -23.10 20.17
CA LEU A 268 -14.28 -22.00 19.29
C LEU A 268 -15.13 -22.47 18.11
N LEU A 269 -15.47 -23.75 18.04
CA LEU A 269 -16.33 -24.23 16.96
C LEU A 269 -17.72 -23.64 17.08
N HIS A 270 -18.21 -23.42 18.30
CA HIS A 270 -19.49 -22.76 18.49
C HIS A 270 -19.45 -21.33 17.97
N ILE A 271 -18.36 -20.62 18.23
CA ILE A 271 -18.20 -19.27 17.71
C ILE A 271 -18.17 -19.28 16.20
N ALA A 272 -17.48 -20.27 15.62
CA ALA A 272 -17.43 -20.39 14.16
C ALA A 272 -18.82 -20.63 13.58
N LEU A 273 -19.61 -21.50 14.21
CA LEU A 273 -20.96 -21.77 13.74
C LEU A 273 -21.84 -20.52 13.86
N LEU A 274 -21.70 -19.78 14.95
CA LEU A 274 -22.45 -18.53 15.10
C LEU A 274 -22.08 -17.53 14.01
N VAL A 275 -20.78 -17.41 13.71
CA VAL A 275 -20.34 -16.49 12.67
C VAL A 275 -20.90 -16.92 11.32
N LEU A 276 -20.88 -18.23 11.04
CA LEU A 276 -21.44 -18.71 9.79
C LEU A 276 -22.93 -18.39 9.69
N PHE A 277 -23.68 -18.60 10.77
CA PHE A 277 -25.12 -18.33 10.74
C PHE A 277 -25.40 -16.84 10.54
N VAL A 278 -24.69 -15.97 11.25
CA VAL A 278 -24.94 -14.54 11.11
C VAL A 278 -24.53 -14.07 9.72
N ILE A 279 -23.44 -14.63 9.18
CA ILE A 279 -23.03 -14.27 7.82
C ILE A 279 -24.09 -14.68 6.82
N ILE A 280 -24.66 -15.89 6.97
CA ILE A 280 -25.69 -16.35 6.05
C ILE A 280 -26.92 -15.46 6.14
N ILE A 281 -27.36 -15.14 7.36
CA ILE A 281 -28.55 -14.32 7.55
C ILE A 281 -28.35 -12.94 6.95
N TYR A 282 -27.20 -12.31 7.21
CA TYR A 282 -26.95 -10.97 6.69
C TYR A 282 -26.77 -10.99 5.18
N ALA A 283 -26.18 -12.07 4.63
CA ALA A 283 -26.06 -12.18 3.18
C ALA A 283 -27.44 -12.25 2.53
N ILE A 284 -28.35 -13.04 3.11
CA ILE A 284 -29.68 -13.13 2.54
C ILE A 284 -30.41 -11.79 2.67
N ILE A 285 -30.28 -11.11 3.82
CA ILE A 285 -30.96 -9.83 4.01
C ILE A 285 -30.44 -8.79 3.03
N GLY A 286 -29.11 -8.72 2.87
CA GLY A 286 -28.55 -7.81 1.89
C GLY A 286 -28.93 -8.17 0.47
N LEU A 287 -29.08 -9.47 0.18
CA LEU A 287 -29.56 -9.89 -1.13
C LEU A 287 -30.97 -9.36 -1.38
N GLU A 288 -31.84 -9.44 -0.38
CA GLU A 288 -33.18 -8.88 -0.53
C GLU A 288 -33.14 -7.37 -0.71
N LEU A 289 -32.29 -6.68 0.05
CA LEU A 289 -32.31 -5.22 0.05
C LEU A 289 -31.65 -4.63 -1.19
N PHE A 290 -30.37 -4.96 -1.41
CA PHE A 290 -29.56 -4.33 -2.45
C PHE A 290 -29.36 -5.37 -3.54
N MET A 291 -30.29 -5.43 -4.48
CA MET A 291 -30.34 -6.49 -5.48
C MET A 291 -30.01 -5.88 -6.84
N GLY A 292 -28.72 -5.80 -7.15
CA GLY A 292 -28.29 -5.26 -8.43
C GLY A 292 -28.41 -3.76 -8.56
N LYS A 293 -28.63 -3.03 -7.46
CA LYS A 293 -28.78 -1.58 -7.53
C LYS A 293 -27.47 -0.87 -7.85
N MET A 294 -26.33 -1.53 -7.64
CA MET A 294 -25.03 -0.90 -7.88
C MET A 294 -24.55 -1.15 -9.31
N HIS A 295 -25.34 -0.63 -10.27
CA HIS A 295 -25.02 -0.80 -11.67
C HIS A 295 -25.26 0.46 -12.50
N LYS A 296 -25.56 1.60 -11.88
CA LYS A 296 -25.81 2.83 -12.60
C LYS A 296 -24.78 3.87 -12.20
N THR A 297 -24.13 4.48 -13.19
CA THR A 297 -23.13 5.50 -12.97
C THR A 297 -23.30 6.62 -13.99
N CYS A 298 -22.55 7.69 -13.80
CA CYS A 298 -22.65 8.87 -14.65
C CYS A 298 -21.71 8.74 -15.83
N TYR A 299 -22.25 8.92 -17.04
CA TYR A 299 -21.50 8.85 -18.29
C TYR A 299 -21.48 10.25 -18.91
N ASN A 300 -20.34 10.93 -18.82
CA ASN A 300 -20.24 12.28 -19.37
C ASN A 300 -20.29 12.25 -20.89
N GLN A 301 -19.61 11.29 -21.51
CA GLN A 301 -19.61 11.19 -22.97
C GLN A 301 -20.99 10.79 -23.47
N GLU A 302 -21.34 11.28 -24.66
CA GLU A 302 -22.63 11.00 -25.26
C GLU A 302 -22.62 9.56 -25.78
N GLY A 303 -22.77 8.63 -24.85
CA GLY A 303 -22.66 7.21 -25.12
C GLY A 303 -21.84 6.51 -24.06
N ILE A 304 -21.72 5.20 -24.16
CA ILE A 304 -20.95 4.40 -23.21
C ILE A 304 -19.63 4.05 -23.88
N ALA A 305 -18.58 4.78 -23.53
CA ALA A 305 -17.24 4.53 -24.06
C ALA A 305 -16.23 4.18 -22.99
N ASP A 306 -15.97 5.10 -22.05
CA ASP A 306 -14.96 4.86 -21.02
C ASP A 306 -15.42 5.31 -19.65
N VAL A 307 -16.72 5.26 -19.38
CA VAL A 307 -17.37 5.71 -18.14
C VAL A 307 -16.70 6.99 -17.63
N PRO A 308 -16.92 8.13 -18.30
CA PRO A 308 -16.20 9.35 -17.90
C PRO A 308 -16.68 9.91 -16.57
N ALA A 309 -16.29 9.26 -15.47
CA ALA A 309 -16.62 9.72 -14.13
C ALA A 309 -15.33 9.64 -13.30
N GLU A 310 -14.54 10.72 -13.34
CA GLU A 310 -13.29 10.83 -12.60
C GLU A 310 -12.37 9.64 -12.87
N ASP A 311 -11.76 9.09 -11.83
CA ASP A 311 -10.89 7.93 -11.95
C ASP A 311 -11.52 6.66 -11.40
N ASP A 312 -12.19 6.75 -10.25
CA ASP A 312 -12.88 5.61 -9.63
C ASP A 312 -14.36 5.96 -9.56
N PRO A 313 -15.16 5.55 -10.55
CA PRO A 313 -16.57 5.92 -10.55
C PRO A 313 -17.33 5.31 -9.38
N SER A 314 -18.35 6.04 -8.93
CA SER A 314 -19.24 5.62 -7.87
C SER A 314 -20.64 5.35 -8.44
N PRO A 315 -21.41 4.47 -7.80
CA PRO A 315 -22.79 4.25 -8.26
C PRO A 315 -23.64 5.50 -8.07
N CYS A 316 -24.66 5.61 -8.91
CA CYS A 316 -25.58 6.74 -8.85
C CYS A 316 -27.01 6.22 -8.98
N ALA A 317 -27.97 7.13 -8.86
CA ALA A 317 -29.37 6.78 -8.96
C ALA A 317 -30.07 7.74 -9.92
N LEU A 318 -31.19 7.29 -10.48
CA LEU A 318 -31.94 8.10 -11.42
C LEU A 318 -32.69 9.20 -10.67
N GLU A 319 -33.34 10.08 -11.44
CA GLU A 319 -34.00 11.24 -10.85
C GLU A 319 -35.11 10.82 -9.88
N THR A 320 -35.86 9.77 -10.21
CA THR A 320 -36.89 9.28 -9.32
C THR A 320 -36.32 8.58 -8.09
N GLY A 321 -35.04 8.20 -8.12
CA GLY A 321 -34.42 7.55 -6.98
C GLY A 321 -33.94 8.54 -5.94
N HIS A 322 -33.62 8.00 -4.76
CA HIS A 322 -33.18 8.80 -3.63
C HIS A 322 -31.66 8.79 -3.45
N GLY A 323 -30.93 8.19 -4.39
CA GLY A 323 -29.49 8.09 -4.25
C GLY A 323 -28.74 9.36 -4.58
N ARG A 324 -27.59 9.23 -5.24
CA ARG A 324 -26.76 10.35 -5.61
C ARG A 324 -26.96 10.66 -7.09
N GLN A 325 -27.28 11.91 -7.40
CA GLN A 325 -27.44 12.37 -8.78
C GLN A 325 -26.33 13.36 -9.08
N CYS A 326 -25.59 13.10 -10.15
CA CYS A 326 -24.50 13.98 -10.56
C CYS A 326 -25.09 15.22 -11.23
N GLN A 327 -25.06 16.34 -10.53
CA GLN A 327 -25.62 17.60 -11.04
C GLN A 327 -24.59 18.30 -11.90
N ASN A 328 -24.32 17.69 -13.06
CA ASN A 328 -23.31 18.17 -13.99
C ASN A 328 -23.85 17.97 -15.41
N GLY A 329 -22.96 18.07 -16.39
CA GLY A 329 -23.31 17.80 -17.76
C GLY A 329 -23.44 16.33 -18.10
N THR A 330 -23.23 15.46 -17.13
CA THR A 330 -23.33 14.01 -17.31
C THR A 330 -24.69 13.50 -16.87
N VAL A 331 -25.02 12.28 -17.30
CA VAL A 331 -26.30 11.67 -17.01
C VAL A 331 -26.06 10.26 -16.46
N CYS A 332 -26.99 9.80 -15.63
CA CYS A 332 -26.91 8.48 -15.03
C CYS A 332 -27.46 7.44 -16.00
N LYS A 333 -26.62 6.47 -16.37
CA LYS A 333 -27.03 5.45 -17.34
C LYS A 333 -26.55 4.08 -16.87
N PRO A 334 -27.42 3.07 -16.93
CA PRO A 334 -27.02 1.72 -16.47
C PRO A 334 -26.01 1.05 -17.42
N GLY A 335 -25.65 -0.19 -17.11
CA GLY A 335 -24.67 -0.92 -17.89
C GLY A 335 -23.27 -0.80 -17.32
N TRP A 336 -23.16 -0.93 -16.01
CA TRP A 336 -21.89 -0.78 -15.30
C TRP A 336 -21.55 -2.07 -14.57
N ASP A 337 -20.29 -2.47 -14.64
CA ASP A 337 -19.87 -3.76 -14.08
C ASP A 337 -20.05 -3.78 -12.56
N GLY A 338 -19.63 -2.72 -11.88
CA GLY A 338 -19.72 -2.65 -10.45
C GLY A 338 -18.63 -1.79 -9.85
N PRO A 339 -18.66 -1.60 -8.53
CA PRO A 339 -17.69 -0.70 -7.89
C PRO A 339 -16.25 -1.20 -8.00
N LYS A 340 -15.99 -2.40 -7.49
CA LYS A 340 -14.64 -2.98 -7.55
C LYS A 340 -14.54 -4.01 -8.68
N HIS A 341 -14.70 -3.52 -9.91
CA HIS A 341 -14.72 -4.37 -11.10
C HIS A 341 -15.82 -5.42 -11.02
N GLY A 342 -16.93 -5.09 -10.36
CA GLY A 342 -18.03 -6.01 -10.24
C GLY A 342 -17.84 -7.13 -9.23
N ILE A 343 -16.93 -6.96 -8.27
CA ILE A 343 -16.66 -7.98 -7.27
C ILE A 343 -17.43 -7.71 -5.98
N THR A 344 -17.59 -6.45 -5.61
CA THR A 344 -18.29 -6.08 -4.37
C THR A 344 -19.71 -5.65 -4.73
N ASN A 345 -20.66 -6.54 -4.51
CA ASN A 345 -22.08 -6.27 -4.73
C ASN A 345 -22.88 -7.46 -4.23
N PHE A 346 -24.14 -7.22 -3.91
CA PHE A 346 -25.06 -8.27 -3.48
C PHE A 346 -25.88 -8.81 -4.65
N ASP A 347 -25.20 -9.21 -5.73
CA ASP A 347 -25.92 -9.63 -6.93
C ASP A 347 -26.51 -11.03 -6.77
N ASN A 348 -25.77 -11.94 -6.13
CA ASN A 348 -26.27 -13.28 -5.87
C ASN A 348 -25.77 -13.71 -4.50
N PHE A 349 -25.90 -15.00 -4.19
CA PHE A 349 -25.57 -15.46 -2.84
C PHE A 349 -24.07 -15.44 -2.59
N ALA A 350 -23.26 -15.87 -3.56
CA ALA A 350 -21.83 -15.93 -3.34
C ALA A 350 -21.24 -14.54 -3.18
N PHE A 351 -21.61 -13.62 -4.08
CA PHE A 351 -21.10 -12.25 -3.99
C PHE A 351 -21.54 -11.59 -2.69
N ALA A 352 -22.81 -11.78 -2.31
CA ALA A 352 -23.32 -11.19 -1.07
C ALA A 352 -22.59 -11.75 0.15
N MET A 353 -22.36 -13.07 0.17
CA MET A 353 -21.65 -13.67 1.29
C MET A 353 -20.22 -13.16 1.39
N LEU A 354 -19.54 -13.04 0.25
CA LEU A 354 -18.18 -12.51 0.26
C LEU A 354 -18.16 -11.06 0.75
N THR A 355 -19.11 -10.25 0.30
CA THR A 355 -19.19 -8.87 0.74
C THR A 355 -19.47 -8.79 2.24
N VAL A 356 -20.37 -9.64 2.74
CA VAL A 356 -20.69 -9.64 4.17
C VAL A 356 -19.48 -10.05 4.98
N PHE A 357 -18.72 -11.05 4.52
CA PHE A 357 -17.52 -11.45 5.23
C PHE A 357 -16.49 -10.33 5.24
N GLN A 358 -16.25 -9.71 4.08
CA GLN A 358 -15.29 -8.62 4.00
C GLN A 358 -15.69 -7.43 4.85
N CYS A 359 -17.00 -7.20 5.04
CA CYS A 359 -17.47 -6.18 5.97
C CYS A 359 -17.30 -6.60 7.42
N ILE A 360 -17.58 -7.88 7.74
CA ILE A 360 -17.50 -8.35 9.11
C ILE A 360 -16.06 -8.40 9.60
N THR A 361 -15.08 -8.54 8.70
CA THR A 361 -13.69 -8.41 9.09
C THR A 361 -13.27 -6.95 9.26
N MET A 362 -14.22 -6.02 9.14
CA MET A 362 -14.03 -4.61 9.50
C MET A 362 -12.99 -3.95 8.61
N GLU A 363 -12.76 -4.49 7.42
CA GLU A 363 -11.81 -3.94 6.46
C GLU A 363 -12.58 -3.43 5.25
N GLY A 364 -12.64 -2.12 5.11
CA GLY A 364 -13.35 -1.50 4.00
C GLY A 364 -14.86 -1.71 4.02
N TRP A 365 -15.47 -1.70 5.21
CA TRP A 365 -16.92 -1.74 5.28
C TRP A 365 -17.54 -0.38 4.95
N THR A 366 -16.80 0.70 5.21
CA THR A 366 -17.32 2.02 4.88
C THR A 366 -17.38 2.24 3.38
N ASP A 367 -16.51 1.58 2.61
CA ASP A 367 -16.59 1.67 1.16
C ASP A 367 -17.92 1.09 0.66
N VAL A 368 -18.29 -0.08 1.16
CA VAL A 368 -19.57 -0.69 0.80
C VAL A 368 -20.73 0.17 1.28
N LEU A 369 -20.60 0.70 2.50
CA LEU A 369 -21.67 1.56 3.04
C LEU A 369 -21.88 2.78 2.18
N TYR A 370 -20.80 3.42 1.73
CA TYR A 370 -20.92 4.63 0.92
C TYR A 370 -21.41 4.31 -0.48
N TRP A 371 -20.99 3.18 -1.04
CA TRP A 371 -21.50 2.77 -2.34
C TRP A 371 -23.01 2.54 -2.28
N VAL A 372 -23.48 1.89 -1.22
CA VAL A 372 -24.91 1.69 -1.06
C VAL A 372 -25.62 3.03 -0.81
N ASN A 373 -24.98 3.91 -0.05
CA ASN A 373 -25.54 5.24 0.21
C ASN A 373 -25.64 6.08 -1.05
N ASP A 374 -24.82 5.78 -2.06
CA ASP A 374 -24.91 6.45 -3.35
C ASP A 374 -25.92 5.79 -4.27
N ALA A 375 -25.99 4.45 -4.28
CA ALA A 375 -26.94 3.76 -5.13
C ALA A 375 -28.38 3.88 -4.62
N VAL A 376 -28.57 3.87 -3.30
CA VAL A 376 -29.89 4.02 -2.70
C VAL A 376 -29.82 5.22 -1.76
N GLY A 377 -30.89 5.49 -1.02
CA GLY A 377 -30.88 6.62 -0.11
C GLY A 377 -29.87 6.47 1.00
N ARG A 378 -29.59 7.58 1.66
CA ARG A 378 -28.58 7.62 2.71
C ARG A 378 -29.15 7.39 4.11
N ASP A 379 -30.47 7.32 4.26
CA ASP A 379 -31.08 7.30 5.58
C ASP A 379 -31.37 5.90 6.11
N TRP A 380 -31.73 4.96 5.25
CA TRP A 380 -32.04 3.61 5.69
C TRP A 380 -30.84 2.68 5.87
N PRO A 381 -29.92 2.57 4.90
CA PRO A 381 -28.99 1.43 4.91
C PRO A 381 -27.85 1.52 5.92
N TRP A 382 -27.80 2.55 6.76
CA TRP A 382 -26.77 2.56 7.80
C TRP A 382 -27.06 1.52 8.87
N ILE A 383 -28.35 1.21 9.09
CA ILE A 383 -28.73 0.24 10.11
C ILE A 383 -28.09 -1.12 9.80
N TYR A 384 -28.16 -1.54 8.54
CA TYR A 384 -27.62 -2.83 8.14
C TYR A 384 -26.15 -2.96 8.51
N PHE A 385 -25.34 -1.99 8.09
CA PHE A 385 -23.90 -2.11 8.28
C PHE A 385 -23.49 -1.87 9.72
N VAL A 386 -24.13 -0.92 10.41
CA VAL A 386 -23.79 -0.66 11.80
C VAL A 386 -24.13 -1.87 12.67
N THR A 387 -25.32 -2.44 12.48
CA THR A 387 -25.70 -3.62 13.25
C THR A 387 -24.83 -4.82 12.89
N LEU A 388 -24.47 -4.97 11.61
CA LEU A 388 -23.59 -6.05 11.22
C LEU A 388 -22.23 -5.93 11.89
N ILE A 389 -21.67 -4.72 11.94
CA ILE A 389 -20.38 -4.51 12.59
C ILE A 389 -20.47 -4.77 14.08
N ILE A 390 -21.54 -4.29 14.73
CA ILE A 390 -21.65 -4.43 16.18
C ILE A 390 -21.84 -5.90 16.56
N ILE A 391 -22.68 -6.62 15.81
CA ILE A 391 -23.01 -8.00 16.19
C ILE A 391 -21.92 -8.96 15.74
N GLY A 392 -21.52 -8.91 14.47
CA GLY A 392 -20.61 -9.90 13.95
C GLY A 392 -19.14 -9.66 14.18
N SER A 393 -18.76 -8.47 14.65
CA SER A 393 -17.35 -8.16 14.86
C SER A 393 -17.04 -7.93 16.34
N PHE A 394 -17.71 -7.00 17.01
CA PHE A 394 -17.39 -6.71 18.40
C PHE A 394 -17.87 -7.82 19.32
N PHE A 395 -19.11 -8.28 19.12
CA PHE A 395 -19.64 -9.34 19.97
C PHE A 395 -18.88 -10.65 19.77
N VAL A 396 -18.55 -10.96 18.52
CA VAL A 396 -17.81 -12.19 18.24
C VAL A 396 -16.40 -12.11 18.82
N LEU A 397 -15.76 -10.95 18.71
CA LEU A 397 -14.44 -10.78 19.31
C LEU A 397 -14.50 -10.94 20.83
N ASN A 398 -15.55 -10.39 21.46
CA ASN A 398 -15.75 -10.59 22.88
C ASN A 398 -15.89 -12.08 23.22
N LEU A 399 -16.66 -12.80 22.40
CA LEU A 399 -16.87 -14.24 22.59
C LEU A 399 -15.55 -14.98 22.54
N VAL A 400 -14.74 -14.69 21.52
CA VAL A 400 -13.46 -15.37 21.31
C VAL A 400 -12.52 -15.07 22.48
N LEU A 401 -12.46 -13.80 22.89
CA LEU A 401 -11.60 -13.42 24.00
C LEU A 401 -12.00 -14.14 25.29
N GLY A 402 -13.30 -14.20 25.56
CA GLY A 402 -13.77 -14.89 26.76
C GLY A 402 -13.45 -16.37 26.74
N VAL A 403 -13.71 -17.03 25.62
CA VAL A 403 -13.46 -18.46 25.52
C VAL A 403 -11.98 -18.77 25.68
N LEU A 404 -11.13 -17.98 25.01
CA LEU A 404 -9.69 -18.21 25.10
C LEU A 404 -9.18 -17.92 26.50
N SER A 405 -9.69 -16.87 27.15
CA SER A 405 -9.29 -16.58 28.52
C SER A 405 -9.67 -17.72 29.45
N GLY A 406 -10.88 -18.27 29.29
CA GLY A 406 -11.28 -19.40 30.10
C GLY A 406 -10.40 -20.61 29.87
N GLU A 407 -10.07 -20.91 28.61
CA GLU A 407 -9.21 -22.05 28.32
C GLU A 407 -7.81 -21.86 28.91
N PHE A 408 -7.25 -20.66 28.80
CA PHE A 408 -5.93 -20.41 29.33
C PHE A 408 -5.93 -20.47 30.86
N SER A 409 -6.99 -19.97 31.50
CA SER A 409 -7.10 -20.09 32.95
C SER A 409 -7.19 -21.56 33.37
N LYS A 410 -7.95 -22.35 32.62
CA LYS A 410 -8.03 -23.78 32.93
C LYS A 410 -6.67 -24.46 32.82
N GLU A 411 -5.93 -24.15 31.75
CA GLU A 411 -4.60 -24.75 31.61
C GLU A 411 -3.65 -24.27 32.69
N ARG A 412 -3.74 -23.00 33.08
CA ARG A 412 -2.90 -22.47 34.15
C ARG A 412 -3.19 -23.18 35.47
N GLU A 413 -4.47 -23.41 35.77
CA GLU A 413 -4.82 -24.15 36.97
C GLU A 413 -4.35 -25.60 36.89
N LYS A 414 -4.42 -26.20 35.70
CA LYS A 414 -3.92 -27.56 35.52
C LYS A 414 -2.42 -27.62 35.77
N ALA A 415 -1.68 -26.57 35.41
CA ALA A 415 -0.24 -26.57 35.57
C ALA A 415 0.21 -26.61 37.03
N LYS A 416 -0.70 -26.38 37.98
CA LYS A 416 -0.33 -26.44 39.39
C LYS A 416 0.09 -27.86 39.79
N ALA A 417 -0.57 -28.88 39.23
CA ALA A 417 -0.23 -30.26 39.55
C ALA A 417 1.21 -30.58 39.16
N ARG A 418 1.65 -30.08 38.01
CA ARG A 418 3.05 -30.26 37.61
C ARG A 418 4.01 -29.41 38.43
N GLY A 419 3.49 -28.39 39.13
CA GLY A 419 4.34 -27.54 39.96
C GLY A 419 5.33 -26.70 39.18
N ASP A 420 4.91 -26.13 38.04
CA ASP A 420 5.79 -25.27 37.28
C ASP A 420 6.16 -24.02 38.08
N PHE A 421 5.19 -23.42 38.76
CA PHE A 421 5.44 -22.20 39.52
C PHE A 421 6.45 -22.42 40.64
N GLN A 422 6.53 -23.64 41.17
CA GLN A 422 7.49 -23.91 42.24
C GLN A 422 8.92 -23.74 41.76
N LYS A 423 9.22 -24.18 40.54
CA LYS A 423 10.57 -24.05 40.02
C LYS A 423 10.97 -22.59 39.86
N LEU A 424 10.05 -21.75 39.38
CA LEU A 424 10.35 -20.33 39.25
C LEU A 424 10.48 -19.66 40.61
N ARG A 425 9.69 -20.09 41.59
CA ARG A 425 9.72 -19.47 42.91
C ARG A 425 11.04 -19.73 43.62
N GLU A 426 11.50 -20.98 43.62
CA GLU A 426 12.75 -21.30 44.29
C GLU A 426 13.94 -20.63 43.62
N LYS A 427 13.97 -20.61 42.29
CA LYS A 427 15.05 -19.96 41.57
C LYS A 427 15.04 -18.45 41.78
N GLN A 428 13.86 -17.87 42.05
CA GLN A 428 13.78 -16.44 42.31
C GLN A 428 14.41 -16.08 43.64
N GLN A 429 14.09 -16.85 44.69
CA GLN A 429 14.63 -16.59 46.01
C GLN A 429 16.05 -17.11 46.20
N LEU A 430 16.56 -17.87 45.23
CA LEU A 430 17.94 -18.36 45.29
C LEU A 430 18.93 -17.36 44.71
N GLU A 431 18.56 -16.69 43.62
CA GLU A 431 19.46 -15.72 43.01
C GLU A 431 19.73 -14.54 43.92
N GLU A 432 18.70 -14.07 44.64
CA GLU A 432 18.90 -12.96 45.56
C GLU A 432 19.80 -13.36 46.72
N ASP A 433 19.82 -14.65 47.08
CA ASP A 433 20.75 -15.12 48.10
C ASP A 433 22.20 -14.98 47.63
N LEU A 434 22.46 -15.36 46.38
CA LEU A 434 23.82 -15.27 45.84
C LEU A 434 24.26 -13.81 45.70
N LYS A 435 23.34 -12.94 45.29
CA LYS A 435 23.69 -11.53 45.12
C LYS A 435 24.13 -10.92 46.45
N GLY A 436 23.43 -11.24 47.54
CA GLY A 436 23.77 -10.72 48.84
C GLY A 436 24.85 -11.48 49.59
N TYR A 437 25.31 -12.61 49.06
CA TYR A 437 26.34 -13.42 49.70
C TYR A 437 27.69 -13.33 49.02
N LEU A 438 27.73 -13.23 47.69
CA LEU A 438 29.01 -13.10 47.00
C LEU A 438 29.71 -11.80 47.39
N ASP A 439 28.95 -10.71 47.53
CA ASP A 439 29.54 -9.46 47.96
C ASP A 439 29.84 -9.46 49.46
N TRP A 440 29.10 -10.24 50.24
CA TRP A 440 29.37 -10.34 51.67
C TRP A 440 30.78 -10.88 51.93
N ILE A 441 31.13 -11.98 51.25
CA ILE A 441 32.48 -12.50 51.37
C ILE A 441 33.47 -11.56 50.68
N THR A 442 33.03 -10.86 49.63
CA THR A 442 33.87 -9.85 49.01
C THR A 442 34.13 -8.68 49.96
N GLN A 443 33.14 -8.35 50.79
CA GLN A 443 33.36 -7.32 51.82
C GLN A 443 34.43 -7.75 52.82
N ALA A 444 34.57 -9.06 53.05
CA ALA A 444 35.62 -9.55 53.92
C ALA A 444 37.01 -9.32 53.32
N GLU A 445 37.12 -9.46 51.99
CA GLU A 445 38.40 -9.20 51.34
C GLU A 445 38.86 -7.76 51.49
N ASP A 446 37.92 -6.82 51.63
CA ASP A 446 38.24 -5.40 51.71
C ASP A 446 38.89 -5.02 53.03
N ILE A 447 38.91 -5.91 54.02
CA ILE A 447 39.40 -5.61 55.35
C ILE A 447 40.86 -6.02 55.46
N ASP A 448 41.68 -5.15 56.03
CA ASP A 448 43.09 -5.45 56.24
C ASP A 448 43.24 -6.41 57.40
N PRO A 449 43.88 -7.58 57.22
CA PRO A 449 44.09 -8.55 58.29
C PRO A 449 45.22 -8.16 59.23
N ARG A 508 47.06 -4.34 51.98
CA ARG A 508 47.53 -3.72 50.74
C ARG A 508 46.69 -2.51 50.38
N TRP A 509 47.28 -1.57 49.63
CA TRP A 509 46.54 -0.42 49.14
C TRP A 509 45.39 -0.82 48.22
N ASN A 510 45.45 -2.01 47.63
CA ASN A 510 44.39 -2.47 46.75
C ASN A 510 43.07 -2.64 47.50
N ARG A 511 43.12 -3.23 48.69
CA ARG A 511 41.90 -3.43 49.47
C ARG A 511 41.33 -2.11 49.94
N PHE A 512 42.19 -1.15 50.27
CA PHE A 512 41.72 0.20 50.57
C PHE A 512 41.12 0.85 49.33
N CYS A 513 41.73 0.62 48.17
CA CYS A 513 41.19 1.14 46.92
C CYS A 513 39.82 0.55 46.62
N ARG A 514 39.69 -0.78 46.76
CA ARG A 514 38.41 -1.43 46.48
C ARG A 514 37.34 -1.00 47.47
N ARG A 515 37.70 -0.85 48.75
CA ARG A 515 36.72 -0.52 49.76
C ARG A 515 36.09 0.85 49.50
N LYS A 516 36.89 1.83 49.11
CA LYS A 516 36.36 3.17 48.84
C LYS A 516 35.44 3.15 47.63
N CYS A 517 35.82 2.46 46.56
CA CYS A 517 35.00 2.44 45.35
C CYS A 517 33.73 1.65 45.55
N ARG A 518 33.79 0.56 46.34
CA ARG A 518 32.60 -0.26 46.57
C ARG A 518 31.51 0.54 47.26
N ALA A 519 31.86 1.28 48.32
CA ALA A 519 30.88 2.10 49.01
C ALA A 519 30.52 3.34 48.19
N ALA A 520 31.37 3.74 47.24
CA ALA A 520 31.04 4.87 46.38
C ALA A 520 29.83 4.56 45.51
N VAL A 521 29.73 3.33 45.00
CA VAL A 521 28.59 2.95 44.17
C VAL A 521 27.31 2.98 45.00
N LYS A 522 27.33 2.34 46.16
CA LYS A 522 26.17 2.32 47.06
C LYS A 522 26.19 3.57 47.94
N SER A 523 25.91 4.71 47.30
CA SER A 523 25.93 6.00 47.98
C SER A 523 24.66 6.81 47.81
N ASN A 524 23.72 6.36 46.99
CA ASN A 524 22.46 7.04 46.66
C ASN A 524 22.69 8.33 45.89
N VAL A 525 23.94 8.70 45.64
CA VAL A 525 24.26 9.86 44.80
C VAL A 525 24.77 9.41 43.43
N PHE A 526 25.53 8.31 43.40
CA PHE A 526 25.99 7.76 42.13
C PHE A 526 24.81 7.31 41.26
N TYR A 527 23.77 6.76 41.90
CA TYR A 527 22.59 6.33 41.17
C TYR A 527 21.90 7.50 40.49
N TRP A 528 21.72 8.61 41.22
CA TRP A 528 21.11 9.78 40.61
C TRP A 528 22.03 10.44 39.58
N LEU A 529 23.34 10.36 39.80
CA LEU A 529 24.29 10.89 38.81
C LEU A 529 24.20 10.15 37.49
N VAL A 530 24.15 8.81 37.55
CA VAL A 530 24.05 8.04 36.32
C VAL A 530 22.67 8.23 35.69
N ILE A 531 21.63 8.40 36.51
CA ILE A 531 20.31 8.70 35.95
C ILE A 531 20.33 10.02 35.21
N PHE A 532 20.97 11.04 35.78
CA PHE A 532 21.05 12.35 35.12
C PHE A 532 21.86 12.25 33.83
N LEU A 533 22.95 11.48 33.85
CA LEU A 533 23.74 11.32 32.63
C LEU A 533 22.93 10.60 31.54
N VAL A 534 22.14 9.61 31.93
CA VAL A 534 21.30 8.91 30.96
C VAL A 534 20.26 9.87 30.38
N PHE A 535 19.66 10.71 31.23
CA PHE A 535 18.71 11.69 30.74
C PHE A 535 19.37 12.68 29.79
N LEU A 536 20.60 13.08 30.10
CA LEU A 536 21.34 13.98 29.21
C LEU A 536 21.61 13.31 27.86
N ASN A 537 21.95 12.02 27.88
CA ASN A 537 22.16 11.29 26.63
C ASN A 537 20.88 11.21 25.82
N THR A 538 19.75 10.97 26.49
CA THR A 538 18.46 10.95 25.81
C THR A 538 18.14 12.32 25.20
N LEU A 539 18.43 13.39 25.93
CA LEU A 539 18.23 14.74 25.41
C LEU A 539 19.09 14.98 24.18
N THR A 540 20.35 14.51 24.21
CA THR A 540 21.23 14.69 23.07
C THR A 540 20.72 13.91 21.86
N ILE A 541 20.29 12.67 22.06
CA ILE A 541 19.83 11.85 20.95
C ILE A 541 18.56 12.42 20.34
N ALA A 542 17.60 12.82 21.18
CA ALA A 542 16.28 13.23 20.71
C ALA A 542 16.26 14.65 20.13
N SER A 543 17.41 15.27 19.93
CA SER A 543 17.47 16.62 19.37
C SER A 543 17.89 16.63 17.91
N GLU A 544 17.89 15.47 17.24
CA GLU A 544 18.31 15.37 15.85
C GLU A 544 17.09 15.45 14.94
N HIS A 545 17.19 16.27 13.90
CA HIS A 545 16.08 16.45 12.96
C HIS A 545 16.65 16.80 11.60
N TYR A 546 15.74 17.05 10.66
CA TYR A 546 16.13 17.37 9.28
C TYR A 546 16.77 18.75 9.23
N ASN A 547 17.83 18.86 8.43
CA ASN A 547 18.64 20.08 8.26
C ASN A 547 18.83 20.84 9.58
N GLN A 548 19.34 20.11 10.58
CA GLN A 548 19.64 20.72 11.86
C GLN A 548 20.81 21.68 11.73
N PRO A 549 20.87 22.70 12.59
CA PRO A 549 22.01 23.63 12.53
C PRO A 549 23.33 22.94 12.80
N ASN A 550 24.40 23.47 12.21
CA ASN A 550 25.70 22.84 12.30
C ASN A 550 26.20 22.79 13.74
N TRP A 551 26.02 23.88 14.49
CA TRP A 551 26.42 23.87 15.90
C TRP A 551 25.69 22.78 16.67
N LEU A 552 24.44 22.49 16.30
CA LEU A 552 23.70 21.43 16.97
C LEU A 552 24.36 20.07 16.75
N THR A 553 24.80 19.78 15.53
CA THR A 553 25.44 18.48 15.31
C THR A 553 26.84 18.44 15.93
N GLU A 554 27.54 19.57 15.99
CA GLU A 554 28.83 19.58 16.68
C GLU A 554 28.65 19.29 18.17
N VAL A 555 27.68 19.95 18.81
CA VAL A 555 27.46 19.69 20.23
C VAL A 555 26.94 18.28 20.43
N GLN A 556 26.13 17.76 19.50
CA GLN A 556 25.69 16.38 19.58
C GLN A 556 26.87 15.43 19.57
N ASP A 557 27.81 15.62 18.64
CA ASP A 557 28.96 14.71 18.54
C ASP A 557 29.84 14.79 19.78
N THR A 558 30.16 16.01 20.23
CA THR A 558 31.06 16.13 21.38
C THR A 558 30.40 15.62 22.65
N ALA A 559 29.10 15.89 22.83
CA ALA A 559 28.39 15.37 24.00
C ALA A 559 28.28 13.85 23.95
N ASN A 560 28.08 13.29 22.75
CA ASN A 560 28.03 11.83 22.62
C ASN A 560 29.37 11.21 23.02
N LYS A 561 30.47 11.79 22.54
CA LYS A 561 31.78 11.26 22.92
C LYS A 561 32.03 11.38 24.42
N ALA A 562 31.69 12.54 25.00
CA ALA A 562 31.91 12.73 26.43
C ALA A 562 31.08 11.76 27.26
N LEU A 563 29.80 11.58 26.88
CA LEU A 563 28.93 10.69 27.63
C LEU A 563 29.34 9.24 27.47
N LEU A 564 29.82 8.86 26.28
CA LEU A 564 30.34 7.50 26.10
C LEU A 564 31.56 7.26 26.96
N ALA A 565 32.46 8.24 27.04
CA ALA A 565 33.63 8.11 27.91
C ALA A 565 33.20 7.99 29.37
N LEU A 566 32.24 8.82 29.80
CA LEU A 566 31.78 8.76 31.18
C LEU A 566 31.10 7.43 31.49
N PHE A 567 30.36 6.88 30.54
CA PHE A 567 29.68 5.61 30.77
C PHE A 567 30.68 4.45 30.80
N THR A 568 31.73 4.52 29.97
CA THR A 568 32.79 3.54 30.08
C THR A 568 33.50 3.62 31.43
N ALA A 569 33.71 4.84 31.92
CA ALA A 569 34.30 5.01 33.25
C ALA A 569 33.39 4.44 34.32
N GLU A 570 32.08 4.64 34.21
CA GLU A 570 31.13 4.06 35.16
C GLU A 570 31.18 2.54 35.12
N MET A 571 31.25 1.97 33.91
CA MET A 571 31.43 0.53 33.75
C MET A 571 32.68 0.05 34.48
N LEU A 572 33.79 0.76 34.28
CA LEU A 572 35.05 0.34 34.91
C LEU A 572 34.97 0.43 36.42
N LEU A 573 34.33 1.48 36.93
CA LEU A 573 34.19 1.63 38.38
C LEU A 573 33.31 0.54 38.97
N LYS A 574 32.23 0.18 38.28
CA LYS A 574 31.34 -0.85 38.81
C LYS A 574 31.95 -2.24 38.73
N MET A 575 32.57 -2.56 37.59
CA MET A 575 33.10 -3.91 37.39
C MET A 575 34.23 -4.22 38.36
N TYR A 576 35.14 -3.25 38.56
CA TYR A 576 36.26 -3.47 39.46
C TYR A 576 35.79 -3.65 40.90
N SER A 577 34.83 -2.84 41.33
CA SER A 577 34.39 -2.89 42.72
C SER A 577 33.74 -4.23 43.05
N LEU A 578 32.75 -4.64 42.27
CA LEU A 578 32.01 -5.85 42.58
C LEU A 578 32.76 -7.11 42.18
N GLY A 579 33.41 -7.08 41.03
CA GLY A 579 34.03 -8.27 40.47
C GLY A 579 33.21 -8.84 39.32
N LEU A 580 33.88 -9.63 38.49
CA LEU A 580 33.23 -10.15 37.29
C LEU A 580 32.05 -11.06 37.63
N GLN A 581 32.24 -11.96 38.61
CA GLN A 581 31.17 -12.88 38.96
C GLN A 581 30.03 -12.16 39.68
N ALA A 582 30.33 -11.10 40.42
CA ALA A 582 29.29 -10.31 41.07
C ALA A 582 28.67 -9.29 40.14
N TYR A 583 29.28 -9.00 39.00
CA TYR A 583 28.73 -8.08 38.02
C TYR A 583 27.84 -8.80 37.01
N PHE A 584 28.37 -9.82 36.34
CA PHE A 584 27.59 -10.51 35.31
C PHE A 584 26.48 -11.38 35.88
N VAL A 585 26.42 -11.56 37.19
CA VAL A 585 25.31 -12.31 37.79
C VAL A 585 24.02 -11.51 37.75
N SER A 586 24.11 -10.19 37.65
CA SER A 586 22.92 -9.35 37.54
C SER A 586 22.48 -9.27 36.08
N LEU A 587 21.18 -9.49 35.85
CA LEU A 587 20.66 -9.52 34.49
C LEU A 587 20.82 -8.17 33.80
N PHE A 588 20.52 -7.08 34.50
CA PHE A 588 20.61 -5.75 33.89
C PHE A 588 22.05 -5.43 33.55
N ASN A 589 23.00 -5.77 34.43
CA ASN A 589 24.40 -5.48 34.16
C ASN A 589 24.93 -6.23 32.94
N ARG A 590 24.23 -7.28 32.50
CA ARG A 590 24.55 -7.91 31.23
C ARG A 590 23.98 -7.13 30.05
N PHE A 591 23.04 -6.22 30.29
CA PHE A 591 22.45 -5.44 29.21
C PHE A 591 23.28 -4.20 28.90
N ASP A 592 23.58 -3.38 29.92
CA ASP A 592 24.33 -2.16 29.67
C ASP A 592 25.76 -2.46 29.22
N CYS A 593 26.32 -3.59 29.65
CA CYS A 593 27.65 -3.98 29.20
C CYS A 593 27.66 -4.21 27.69
N PHE A 594 26.70 -5.00 27.20
CA PHE A 594 26.57 -5.20 25.76
C PHE A 594 26.27 -3.89 25.05
N VAL A 595 25.45 -3.04 25.66
CA VAL A 595 25.08 -1.78 25.02
C VAL A 595 26.31 -0.92 24.81
N VAL A 596 27.15 -0.79 25.84
CA VAL A 596 28.36 0.02 25.73
C VAL A 596 29.35 -0.61 24.75
N CYS A 597 29.53 -1.92 24.83
CA CYS A 597 30.50 -2.60 23.97
C CYS A 597 30.12 -2.48 22.50
N GLY A 598 28.82 -2.59 22.19
CA GLY A 598 28.38 -2.40 20.82
C GLY A 598 28.33 -0.95 20.40
N GLY A 599 28.04 -0.04 21.34
CA GLY A 599 27.97 1.37 21.01
C GLY A 599 29.32 1.95 20.64
N ILE A 600 30.37 1.55 21.36
CA ILE A 600 31.71 2.05 21.01
C ILE A 600 32.13 1.53 19.64
N LEU A 601 31.81 0.27 19.33
CA LEU A 601 32.14 -0.29 18.02
C LEU A 601 31.36 0.44 16.92
N GLU A 602 30.07 0.70 17.13
CA GLU A 602 29.31 1.43 16.13
C GLU A 602 29.83 2.85 15.99
N THR A 603 30.25 3.47 17.09
CA THR A 603 30.81 4.82 17.03
C THR A 603 32.05 4.85 16.16
N ILE A 604 32.98 3.92 16.39
CA ILE A 604 34.20 3.90 15.59
C ILE A 604 33.88 3.56 14.14
N LEU A 605 32.89 2.69 13.91
CA LEU A 605 32.55 2.28 12.55
C LEU A 605 31.94 3.43 11.76
N VAL A 606 31.04 4.18 12.38
CA VAL A 606 30.48 5.36 11.73
C VAL A 606 31.55 6.43 11.55
N GLU A 607 32.48 6.53 12.50
CA GLU A 607 33.53 7.53 12.39
C GLU A 607 34.46 7.24 11.22
N THR A 608 34.72 5.96 10.95
CA THR A 608 35.63 5.58 9.88
C THR A 608 34.92 5.37 8.55
N LYS A 609 33.67 5.81 8.44
CA LYS A 609 32.93 5.87 7.16
C LYS A 609 32.81 4.48 6.52
N ILE A 610 32.06 3.63 7.20
CA ILE A 610 31.66 2.32 6.67
C ILE A 610 30.18 2.32 6.26
N MET A 611 29.31 2.83 7.13
CA MET A 611 27.88 2.85 6.84
C MET A 611 27.22 3.91 7.71
N SER A 612 25.99 4.25 7.34
CA SER A 612 25.20 5.20 8.12
C SER A 612 24.85 4.59 9.48
N PRO A 613 24.64 5.42 10.50
CA PRO A 613 24.40 4.88 11.84
C PRO A 613 23.13 4.04 11.89
N LEU A 614 23.25 2.86 12.52
CA LEU A 614 22.11 1.97 12.67
C LEU A 614 21.17 2.42 13.77
N GLY A 615 21.71 3.05 14.83
CA GLY A 615 20.92 3.49 15.95
C GLY A 615 21.10 2.70 17.23
N ILE A 616 22.20 1.94 17.37
CA ILE A 616 22.39 1.11 18.55
C ILE A 616 22.75 1.94 19.77
N SER A 617 22.98 3.24 19.61
CA SER A 617 23.26 4.09 20.77
C SER A 617 21.98 4.47 21.51
N VAL A 618 20.81 4.18 20.94
CA VAL A 618 19.56 4.66 21.54
C VAL A 618 19.11 3.75 22.68
N LEU A 619 19.40 2.45 22.59
CA LEU A 619 18.96 1.52 23.64
C LEU A 619 19.61 1.79 24.99
N ARG A 620 20.48 2.80 25.10
CA ARG A 620 20.90 3.25 26.42
C ARG A 620 19.76 3.86 27.21
N CYS A 621 18.65 4.19 26.56
CA CYS A 621 17.47 4.70 27.23
C CYS A 621 16.77 3.65 28.09
N VAL A 622 17.10 2.37 27.93
CA VAL A 622 16.51 1.35 28.80
C VAL A 622 16.94 1.57 30.24
N ARG A 623 18.17 2.05 30.44
CA ARG A 623 18.66 2.34 31.78
C ARG A 623 17.85 3.43 32.47
N LEU A 624 17.09 4.22 31.71
CA LEU A 624 16.20 5.20 32.31
C LEU A 624 15.05 4.56 33.07
N LEU A 625 14.81 3.26 32.88
CA LEU A 625 13.81 2.54 33.66
C LEU A 625 14.25 2.32 35.10
N ARG A 626 15.50 2.63 35.43
CA ARG A 626 15.99 2.49 36.80
C ARG A 626 15.32 3.47 37.76
N ILE A 627 14.59 4.47 37.24
CA ILE A 627 13.84 5.37 38.10
C ILE A 627 12.75 4.60 38.84
N PHE A 628 12.24 3.54 38.24
CA PHE A 628 11.17 2.75 38.87
C PHE A 628 11.62 2.12 40.18
N LYS A 629 12.92 1.96 40.40
CA LYS A 629 13.40 1.35 41.63
C LYS A 629 12.99 2.17 42.85
N ILE A 630 13.10 3.51 42.76
CA ILE A 630 12.68 4.37 43.86
C ILE A 630 11.19 4.23 44.12
N THR A 631 10.39 4.20 43.05
CA THR A 631 8.96 4.05 43.19
C THR A 631 8.62 2.61 43.58
N ARG A 632 7.36 2.41 43.99
CA ARG A 632 6.87 1.07 44.28
C ARG A 632 6.64 0.30 42.99
N TYR A 633 6.42 -1.01 43.14
CA TYR A 633 6.12 -1.90 42.02
C TYR A 633 7.25 -1.95 40.99
N TRP A 634 8.49 -1.73 41.44
CA TRP A 634 9.64 -2.02 40.60
C TRP A 634 9.85 -3.52 40.44
N ASN A 635 9.65 -4.27 41.52
CA ASN A 635 9.83 -5.72 41.47
C ASN A 635 8.76 -6.39 40.62
N SER A 636 7.58 -5.75 40.49
CA SER A 636 6.54 -6.30 39.64
C SER A 636 6.99 -6.37 38.18
N LEU A 637 7.65 -5.31 37.70
CA LEU A 637 8.20 -5.34 36.35
C LEU A 637 9.34 -6.33 36.23
N SER A 638 10.13 -6.49 37.31
CA SER A 638 11.19 -7.48 37.30
C SER A 638 10.63 -8.90 37.27
N ASN A 639 9.51 -9.15 37.93
CA ASN A 639 8.89 -10.46 37.89
C ASN A 639 8.46 -10.82 36.48
N LEU A 640 7.90 -9.86 35.74
CA LEU A 640 7.49 -10.13 34.36
C LEU A 640 8.69 -10.49 33.49
N VAL A 641 9.79 -9.75 33.63
CA VAL A 641 10.98 -10.05 32.82
C VAL A 641 11.57 -11.39 33.20
N ALA A 642 11.56 -11.72 34.49
CA ALA A 642 12.04 -13.02 34.93
C ALA A 642 11.18 -14.15 34.34
N SER A 643 9.87 -13.97 34.35
CA SER A 643 8.97 -14.97 33.77
C SER A 643 9.20 -15.11 32.27
N LEU A 644 9.41 -13.99 31.58
CA LEU A 644 9.68 -14.05 30.15
C LEU A 644 10.97 -14.80 29.86
N LEU A 645 12.03 -14.52 30.63
CA LEU A 645 13.30 -15.22 30.41
C LEU A 645 13.18 -16.69 30.80
N ASN A 646 12.30 -17.02 31.73
CA ASN A 646 12.08 -18.42 32.08
C ASN A 646 11.33 -19.15 30.98
N SER A 647 10.37 -18.47 30.34
CA SER A 647 9.52 -19.08 29.32
C SER A 647 10.04 -18.83 27.90
N VAL A 648 11.25 -18.29 27.77
CA VAL A 648 11.84 -18.02 26.45
C VAL A 648 11.82 -19.26 25.56
N ARG A 649 11.91 -20.46 26.13
CA ARG A 649 11.87 -21.67 25.31
C ARG A 649 10.53 -21.81 24.59
N SER A 650 9.43 -21.74 25.35
CA SER A 650 8.11 -21.81 24.74
C SER A 650 7.84 -20.62 23.83
N ILE A 651 8.36 -19.45 24.19
CA ILE A 651 8.20 -18.27 23.33
C ILE A 651 8.85 -18.50 21.98
N ALA A 652 10.08 -19.03 21.99
CA ALA A 652 10.78 -19.31 20.74
C ALA A 652 10.06 -20.38 19.93
N SER A 653 9.54 -21.41 20.60
CA SER A 653 8.81 -22.46 19.89
C SER A 653 7.56 -21.90 19.21
N LEU A 654 6.81 -21.06 19.93
CA LEU A 654 5.61 -20.47 19.35
C LEU A 654 5.95 -19.54 18.18
N LEU A 655 7.01 -18.75 18.32
CA LEU A 655 7.42 -17.87 17.23
C LEU A 655 7.88 -18.70 16.03
N LEU A 656 8.53 -19.83 16.28
CA LEU A 656 8.93 -20.72 15.19
C LEU A 656 7.71 -21.27 14.46
N LEU A 657 6.69 -21.66 15.21
CA LEU A 657 5.45 -22.13 14.57
C LEU A 657 4.82 -21.04 13.71
N LEU A 658 4.76 -19.82 14.24
CA LEU A 658 4.20 -18.71 13.47
C LEU A 658 5.00 -18.44 12.21
N PHE A 659 6.33 -18.46 12.33
CA PHE A 659 7.19 -18.23 11.17
C PHE A 659 7.00 -19.32 10.11
N LEU A 660 6.88 -20.57 10.54
CA LEU A 660 6.67 -21.65 9.60
C LEU A 660 5.33 -21.52 8.88
N PHE A 661 4.29 -21.15 9.62
CA PHE A 661 2.98 -20.90 8.99
C PHE A 661 3.09 -19.79 7.94
N ILE A 662 3.76 -18.70 8.30
CA ILE A 662 3.93 -17.58 7.38
C ILE A 662 4.71 -18.02 6.14
N ILE A 663 5.75 -18.81 6.34
CA ILE A 663 6.58 -19.27 5.21
C ILE A 663 5.78 -20.17 4.28
N ILE A 664 5.00 -21.08 4.85
CA ILE A 664 4.22 -22.00 4.03
C ILE A 664 3.20 -21.23 3.20
N PHE A 665 2.50 -20.29 3.82
CA PHE A 665 1.51 -19.53 3.05
C PHE A 665 2.16 -18.56 2.07
N SER A 666 3.36 -18.05 2.37
CA SER A 666 4.07 -17.24 1.40
C SER A 666 4.46 -18.05 0.17
N LEU A 667 4.93 -19.28 0.37
CA LEU A 667 5.25 -20.15 -0.76
C LEU A 667 4.01 -20.46 -1.57
N LEU A 668 2.89 -20.74 -0.90
CA LEU A 668 1.65 -21.03 -1.62
C LEU A 668 1.19 -19.83 -2.42
N GLY A 669 1.27 -18.62 -1.83
CA GLY A 669 0.88 -17.42 -2.55
C GLY A 669 1.80 -17.12 -3.72
N MET A 670 3.10 -17.38 -3.55
CA MET A 670 4.03 -17.18 -4.64
C MET A 670 3.74 -18.14 -5.79
N GLN A 671 3.38 -19.38 -5.47
CA GLN A 671 3.01 -20.32 -6.52
C GLN A 671 1.72 -19.91 -7.22
N LEU A 672 0.72 -19.45 -6.45
CA LEU A 672 -0.59 -19.16 -7.04
C LEU A 672 -0.57 -17.86 -7.86
N PHE A 673 0.06 -16.81 -7.33
CA PHE A 673 0.02 -15.49 -7.95
C PHE A 673 1.40 -15.01 -8.35
N GLY A 674 2.25 -15.92 -8.82
CA GLY A 674 3.57 -15.53 -9.28
C GLY A 674 3.57 -15.00 -10.69
N GLY A 675 3.77 -13.70 -10.84
CA GLY A 675 3.78 -13.06 -12.14
C GLY A 675 2.42 -12.78 -12.73
N LYS A 676 1.34 -13.10 -12.03
CA LYS A 676 -0.01 -12.89 -12.52
C LYS A 676 -0.57 -11.53 -12.14
N PHE A 677 0.21 -10.69 -11.46
CA PHE A 677 -0.25 -9.38 -11.00
C PHE A 677 0.22 -8.25 -11.90
N ASN A 678 0.35 -8.50 -13.20
CA ASN A 678 0.81 -7.49 -14.15
C ASN A 678 -0.33 -7.17 -15.12
N PHE A 679 -1.13 -6.17 -14.75
CA PHE A 679 -2.19 -5.66 -15.60
C PHE A 679 -1.70 -4.43 -16.35
N ASP A 680 -2.55 -3.93 -17.25
CA ASP A 680 -2.18 -2.78 -18.08
C ASP A 680 -2.21 -1.46 -17.33
N GLU A 681 -2.73 -1.43 -16.10
CA GLU A 681 -2.89 -0.18 -15.38
C GLU A 681 -1.54 0.47 -15.11
N MET A 682 -1.53 1.81 -15.15
CA MET A 682 -0.28 2.55 -15.06
C MET A 682 0.45 2.31 -13.74
N GLN A 683 -0.28 2.18 -12.64
CA GLN A 683 0.33 2.03 -11.33
C GLN A 683 0.58 0.55 -11.07
N THR A 684 1.86 0.15 -11.12
CA THR A 684 2.21 -1.22 -10.79
C THR A 684 1.95 -1.50 -9.31
N ARG A 685 1.40 -2.68 -9.03
CA ARG A 685 1.09 -3.06 -7.65
C ARG A 685 2.38 -3.25 -6.86
N ARG A 686 2.36 -2.79 -5.61
CA ARG A 686 3.49 -3.00 -4.71
C ARG A 686 3.34 -4.30 -3.92
N SER A 687 2.12 -4.61 -3.47
CA SER A 687 1.87 -5.84 -2.72
C SER A 687 1.59 -6.98 -3.70
N THR A 688 2.65 -7.58 -4.19
CA THR A 688 2.58 -8.71 -5.11
C THR A 688 3.28 -9.92 -4.48
N PHE A 689 3.34 -11.00 -5.25
CA PHE A 689 3.98 -12.25 -4.83
C PHE A 689 5.15 -12.61 -5.73
N ASP A 690 5.84 -11.61 -6.27
CA ASP A 690 6.87 -11.87 -7.27
C ASP A 690 8.08 -12.57 -6.66
N ASN A 691 8.59 -12.07 -5.55
CA ASN A 691 9.75 -12.64 -4.89
C ASN A 691 9.35 -13.26 -3.55
N PHE A 692 10.29 -13.99 -2.95
CA PHE A 692 10.06 -14.50 -1.61
C PHE A 692 9.95 -13.38 -0.57
N PRO A 693 10.85 -12.38 -0.53
CA PRO A 693 10.62 -11.28 0.41
C PRO A 693 9.34 -10.52 0.15
N GLN A 694 8.99 -10.30 -1.12
CA GLN A 694 7.75 -9.61 -1.44
C GLN A 694 6.54 -10.44 -1.02
N SER A 695 6.60 -11.75 -1.21
CA SER A 695 5.53 -12.63 -0.75
C SER A 695 5.41 -12.60 0.76
N LEU A 696 6.54 -12.60 1.47
CA LEU A 696 6.50 -12.50 2.92
C LEU A 696 5.86 -11.20 3.36
N LEU A 697 6.21 -10.09 2.71
CA LEU A 697 5.63 -8.80 3.07
C LEU A 697 4.13 -8.78 2.81
N THR A 698 3.69 -9.33 1.67
CA THR A 698 2.27 -9.36 1.36
C THR A 698 1.51 -10.24 2.36
N VAL A 699 2.06 -11.40 2.71
CA VAL A 699 1.39 -12.28 3.66
C VAL A 699 1.32 -11.63 5.04
N PHE A 700 2.39 -10.94 5.45
CA PHE A 700 2.34 -10.23 6.72
C PHE A 700 1.30 -9.11 6.69
N GLN A 701 1.21 -8.39 5.58
CA GLN A 701 0.20 -7.34 5.46
C GLN A 701 -1.21 -7.92 5.53
N ILE A 702 -1.42 -9.09 4.93
CA ILE A 702 -2.72 -9.74 5.04
C ILE A 702 -2.99 -10.16 6.48
N LEU A 703 -1.98 -10.69 7.16
CA LEU A 703 -2.15 -11.12 8.55
C LEU A 703 -2.51 -9.95 9.46
N THR A 704 -1.87 -8.79 9.26
CA THR A 704 -2.28 -7.62 10.02
C THR A 704 -3.68 -7.13 9.63
N GLY A 705 -4.24 -7.65 8.54
CA GLY A 705 -5.61 -7.32 8.18
C GLY A 705 -5.79 -5.95 7.58
N GLU A 706 -4.72 -5.34 7.07
CA GLU A 706 -4.79 -3.99 6.51
C GLU A 706 -4.74 -4.11 4.98
N ASP A 707 -5.82 -3.67 4.32
CA ASP A 707 -5.92 -3.69 2.87
C ASP A 707 -5.72 -5.10 2.31
N TRP A 708 -6.22 -6.10 3.03
CA TRP A 708 -6.17 -7.47 2.52
C TRP A 708 -7.19 -7.68 1.41
N ASN A 709 -8.30 -6.94 1.43
CA ASN A 709 -9.31 -7.07 0.39
C ASN A 709 -8.79 -6.56 -0.95
N SER A 710 -7.91 -5.57 -0.94
CA SER A 710 -7.30 -5.12 -2.19
C SER A 710 -6.44 -6.22 -2.80
N VAL A 711 -5.67 -6.91 -1.97
CA VAL A 711 -4.86 -8.04 -2.45
C VAL A 711 -5.76 -9.14 -2.96
N MET A 712 -6.88 -9.39 -2.28
CA MET A 712 -7.82 -10.41 -2.74
C MET A 712 -8.41 -10.04 -4.09
N TYR A 713 -8.75 -8.76 -4.27
CA TYR A 713 -9.29 -8.31 -5.56
C TYR A 713 -8.25 -8.47 -6.66
N ASP A 714 -7.00 -8.11 -6.37
CA ASP A 714 -5.94 -8.29 -7.36
C ASP A 714 -5.77 -9.75 -7.72
N GLY A 715 -5.80 -10.64 -6.72
CA GLY A 715 -5.70 -12.06 -6.99
C GLY A 715 -6.88 -12.61 -7.77
N ILE A 716 -8.08 -12.06 -7.55
CA ILE A 716 -9.25 -12.48 -8.31
C ILE A 716 -9.12 -12.04 -9.75
N MET A 717 -8.72 -10.80 -9.97
CA MET A 717 -8.50 -10.32 -11.34
C MET A 717 -7.24 -10.93 -11.96
N ALA A 718 -6.32 -11.45 -11.14
CA ALA A 718 -5.19 -12.18 -11.70
C ALA A 718 -5.65 -13.41 -12.47
N TYR A 719 -6.63 -14.13 -11.92
CA TYR A 719 -7.31 -15.20 -12.65
C TYR A 719 -8.39 -14.59 -13.53
N GLY A 720 -9.31 -15.42 -14.03
CA GLY A 720 -10.27 -14.94 -15.02
C GLY A 720 -11.06 -13.73 -14.57
N GLY A 721 -11.54 -13.74 -13.32
CA GLY A 721 -12.28 -12.63 -12.79
C GLY A 721 -13.52 -13.04 -12.04
N PRO A 722 -14.51 -12.16 -11.97
CA PRO A 722 -15.74 -12.48 -11.23
C PRO A 722 -16.60 -13.53 -11.92
N SER A 723 -16.02 -14.69 -12.20
CA SER A 723 -16.73 -15.85 -12.74
C SER A 723 -16.68 -16.97 -11.72
N PHE A 724 -17.30 -18.10 -12.07
CA PHE A 724 -17.34 -19.22 -11.12
C PHE A 724 -15.96 -19.79 -10.80
N PRO A 725 -15.11 -20.15 -11.76
CA PRO A 725 -13.83 -20.77 -11.38
C PRO A 725 -12.75 -19.75 -11.02
N GLY A 726 -12.87 -18.50 -11.46
CA GLY A 726 -11.89 -17.49 -11.09
C GLY A 726 -12.11 -16.85 -9.75
N MET A 727 -13.22 -17.18 -9.07
CA MET A 727 -13.50 -16.61 -7.76
C MET A 727 -13.13 -17.55 -6.61
N LEU A 728 -13.02 -18.85 -6.87
CA LEU A 728 -12.68 -19.79 -5.80
C LEU A 728 -11.34 -19.47 -5.18
N VAL A 729 -10.43 -18.87 -5.95
CA VAL A 729 -9.12 -18.49 -5.43
C VAL A 729 -9.25 -17.55 -4.24
N CYS A 730 -10.39 -16.86 -4.11
CA CYS A 730 -10.58 -15.96 -2.98
C CYS A 730 -10.48 -16.70 -1.66
N ILE A 731 -10.81 -18.00 -1.64
CA ILE A 731 -10.76 -18.74 -0.38
C ILE A 731 -9.33 -18.77 0.16
N TYR A 732 -8.32 -18.65 -0.73
CA TYR A 732 -6.95 -18.60 -0.24
C TYR A 732 -6.75 -17.43 0.71
N PHE A 733 -7.34 -16.28 0.39
CA PHE A 733 -7.24 -15.13 1.27
C PHE A 733 -8.19 -15.20 2.46
N ILE A 734 -9.09 -16.17 2.49
CA ILE A 734 -9.99 -16.32 3.63
C ILE A 734 -9.36 -17.18 4.71
N ILE A 735 -8.89 -18.37 4.35
CA ILE A 735 -8.26 -19.27 5.32
C ILE A 735 -7.04 -18.58 5.93
N LEU A 736 -6.21 -17.97 5.09
CA LEU A 736 -5.06 -17.21 5.58
C LEU A 736 -5.49 -16.13 6.57
N PHE A 737 -6.64 -15.51 6.34
CA PHE A 737 -7.13 -14.53 7.30
C PHE A 737 -7.72 -15.18 8.54
N ILE A 738 -8.32 -16.36 8.39
CA ILE A 738 -8.95 -17.03 9.52
C ILE A 738 -7.94 -17.84 10.32
N CYS A 739 -7.16 -18.68 9.64
CA CYS A 739 -6.16 -19.50 10.33
C CYS A 739 -4.98 -18.67 10.80
N GLY A 740 -4.79 -17.47 10.28
CA GLY A 740 -3.69 -16.63 10.71
C GLY A 740 -4.03 -15.78 11.92
N ASN A 741 -5.12 -15.00 11.80
CA ASN A 741 -5.55 -14.17 12.94
C ASN A 741 -5.88 -15.00 14.15
N TYR A 742 -6.25 -16.27 13.95
CA TYR A 742 -6.43 -17.19 15.07
C TYR A 742 -5.10 -17.52 15.71
N ILE A 743 -4.10 -17.88 14.90
CA ILE A 743 -2.82 -18.36 15.45
C ILE A 743 -2.17 -17.27 16.29
N LEU A 744 -2.15 -16.04 15.78
CA LEU A 744 -1.62 -14.92 16.56
C LEU A 744 -2.29 -14.83 17.91
N LEU A 745 -3.62 -15.00 17.96
CA LEU A 745 -4.34 -14.85 19.21
C LEU A 745 -4.05 -15.99 20.18
N ASN A 746 -3.51 -17.10 19.69
CA ASN A 746 -3.03 -18.17 20.57
C ASN A 746 -1.52 -18.14 20.74
N VAL A 747 -0.83 -17.17 20.15
CA VAL A 747 0.61 -17.04 20.28
C VAL A 747 0.99 -15.85 21.14
N PHE A 748 0.38 -14.69 20.89
CA PHE A 748 0.74 -13.48 21.60
C PHE A 748 -0.16 -13.20 22.81
N LEU A 749 -1.31 -13.86 22.91
CA LEU A 749 -2.14 -13.71 24.10
C LEU A 749 -1.72 -14.69 25.19
N ALA A 750 -1.55 -15.96 24.85
CA ALA A 750 -1.09 -16.94 25.82
C ALA A 750 0.23 -16.50 26.46
N ILE A 751 1.21 -16.14 25.62
CA ILE A 751 2.46 -15.60 26.12
C ILE A 751 2.20 -14.42 27.04
N ALA A 752 1.25 -13.56 26.68
CA ALA A 752 0.92 -12.42 27.52
C ALA A 752 0.26 -12.85 28.82
N VAL A 753 -0.57 -13.90 28.77
CA VAL A 753 -1.39 -14.24 29.94
C VAL A 753 -0.58 -15.04 30.94
N ASP A 754 -0.01 -16.17 30.50
CA ASP A 754 0.71 -17.06 31.41
C ASP A 754 1.85 -16.31 32.09
N ASN A 755 2.69 -15.63 31.31
CA ASN A 755 3.80 -14.88 31.86
C ASN A 755 3.35 -13.71 32.73
N LEU A 756 2.08 -13.32 32.64
CA LEU A 756 1.50 -12.35 33.58
C LEU A 756 0.76 -13.02 34.72
N ALA A 757 0.33 -14.26 34.54
CA ALA A 757 -0.24 -15.02 35.66
C ALA A 757 0.85 -15.50 36.60
N ASP A 758 2.07 -15.72 36.08
CA ASP A 758 3.20 -16.03 36.94
C ASP A 758 3.62 -14.80 37.74
N ALA A 759 4.04 -13.74 37.04
CA ALA A 759 4.67 -12.59 37.68
C ALA A 759 3.78 -12.02 38.79
N GLU A 760 2.51 -11.74 38.46
CA GLU A 760 1.58 -11.25 39.47
C GLU A 760 1.53 -12.20 40.65
N SER A 761 1.29 -13.49 40.37
CA SER A 761 1.31 -14.47 41.45
C SER A 761 2.67 -14.52 42.12
N LEU A 762 3.74 -14.40 41.33
CA LEU A 762 5.07 -14.29 41.92
C LEU A 762 5.16 -13.08 42.83
N THR A 763 4.66 -11.93 42.38
CA THR A 763 4.64 -10.76 43.23
C THR A 763 3.70 -10.93 44.42
N SER A 764 2.75 -11.85 44.33
CA SER A 764 1.91 -12.17 45.47
C SER A 764 2.60 -13.08 46.46
N ALA A 765 3.65 -13.79 46.05
CA ALA A 765 4.35 -14.71 46.93
C ALA A 765 5.43 -14.02 47.76
N GLN A 766 6.15 -13.07 47.16
CA GLN A 766 7.17 -12.32 47.89
C GLN A 766 6.58 -11.26 48.80
N LYS A 767 5.42 -10.69 48.45
CA LYS A 767 4.87 -9.56 49.20
C LYS A 767 4.37 -9.94 50.59
N GLU A 768 4.26 -11.24 50.88
CA GLU A 768 4.04 -11.66 52.26
C GLU A 768 5.36 -11.90 53.00
N GLU A 769 6.41 -12.32 52.29
CA GLU A 769 7.72 -12.46 52.91
C GLU A 769 8.22 -11.11 53.41
N GLU A 770 8.00 -10.06 52.65
CA GLU A 770 8.35 -8.71 53.09
C GLU A 770 7.38 -8.16 54.13
N GLU A 771 6.39 -8.92 54.56
CA GLU A 771 5.52 -8.52 55.66
C GLU A 771 5.76 -9.34 56.92
N GLU A 772 5.88 -10.67 56.79
CA GLU A 772 6.10 -11.50 57.97
C GLU A 772 7.51 -11.31 58.53
N LYS A 773 8.50 -11.17 57.65
CA LYS A 773 9.88 -11.04 58.11
C LYS A 773 10.05 -9.81 58.99
N GLU A 774 9.54 -8.66 58.56
CA GLU A 774 9.52 -7.48 59.42
C GLU A 774 8.70 -7.74 60.67
N ARG A 775 7.61 -8.50 60.54
CA ARG A 775 6.84 -8.89 61.72
C ARG A 775 7.68 -9.76 62.65
N LYS A 776 8.63 -10.53 62.10
CA LYS A 776 9.59 -11.22 62.95
C LYS A 776 10.52 -10.23 63.64
N LYS A 777 10.90 -9.15 62.95
CA LYS A 777 11.70 -8.11 63.59
C LYS A 777 10.91 -7.35 64.62
N LEU A 778 9.65 -7.01 64.30
CA LEU A 778 8.83 -6.24 65.23
C LEU A 778 8.47 -7.07 66.46
N ALA A 779 8.15 -8.35 66.28
CA ALA A 779 7.74 -9.18 67.41
C ALA A 779 8.87 -9.41 68.41
N ARG A 780 10.12 -9.16 68.03
CA ARG A 780 11.27 -9.38 68.90
C ARG A 780 11.77 -8.09 69.53
N THR A 781 11.97 -7.04 68.72
CA THR A 781 12.55 -5.80 69.25
C THR A 781 11.54 -5.02 70.09
N ALA A 782 10.28 -5.02 69.67
CA ALA A 782 9.26 -4.27 70.41
C ALA A 782 8.94 -4.91 71.75
N SER A 783 9.12 -6.21 71.89
CA SER A 783 8.86 -6.90 73.15
C SER A 783 9.77 -8.11 73.33
N ASN A 886 -31.72 28.09 61.24
CA ASN A 886 -31.56 29.16 60.28
C ASN A 886 -32.69 29.12 59.24
N ASN A 887 -33.78 28.44 59.60
CA ASN A 887 -34.94 28.25 58.73
C ASN A 887 -34.56 27.49 57.46
N ARG A 888 -33.49 26.70 57.53
CA ARG A 888 -33.06 25.83 56.44
C ARG A 888 -33.15 24.40 56.97
N PHE A 889 -34.35 23.81 56.87
CA PHE A 889 -34.60 22.50 57.43
C PHE A 889 -35.39 21.68 56.43
N ARG A 890 -35.63 20.41 56.78
CA ARG A 890 -36.39 19.52 55.93
C ARG A 890 -37.89 19.69 56.16
N LEU A 891 -38.36 20.93 56.11
CA LEU A 891 -39.78 21.25 56.21
C LEU A 891 -40.28 22.01 54.99
N GLN A 892 -39.58 23.08 54.59
CA GLN A 892 -39.96 23.87 53.43
C GLN A 892 -38.81 24.18 52.49
N CYS A 893 -37.56 23.96 52.89
CA CYS A 893 -36.40 24.28 52.06
C CYS A 893 -35.52 23.08 51.75
N HIS A 894 -35.63 21.98 52.49
CA HIS A 894 -34.80 20.81 52.24
C HIS A 894 -35.56 19.49 52.28
N ARG A 895 -36.86 19.50 52.54
CA ARG A 895 -37.61 18.24 52.60
C ARG A 895 -37.67 17.55 51.25
N ILE A 896 -37.78 18.33 50.17
CA ILE A 896 -37.93 17.76 48.83
C ILE A 896 -36.65 18.00 48.04
N VAL A 897 -35.52 18.08 48.73
CA VAL A 897 -34.23 18.28 48.06
C VAL A 897 -33.48 16.95 47.99
N ASN A 898 -33.19 16.36 49.15
CA ASN A 898 -32.42 15.12 49.19
C ASN A 898 -33.25 13.89 48.86
N ASP A 899 -34.56 14.03 48.74
CA ASP A 899 -35.40 12.90 48.35
C ASP A 899 -35.08 12.50 46.91
N THR A 900 -35.27 11.20 46.62
CA THR A 900 -34.91 10.69 45.30
C THR A 900 -35.71 11.34 44.18
N ILE A 901 -36.89 11.91 44.48
CA ILE A 901 -37.68 12.56 43.45
C ILE A 901 -36.92 13.73 42.85
N PHE A 902 -36.41 14.61 43.71
CA PHE A 902 -35.61 15.74 43.23
C PHE A 902 -34.28 15.26 42.66
N THR A 903 -33.77 14.12 43.14
CA THR A 903 -32.53 13.57 42.62
C THR A 903 -32.66 13.19 41.16
N ASN A 904 -33.76 12.52 40.79
CA ASN A 904 -33.93 12.07 39.42
C ASN A 904 -34.75 13.03 38.57
N LEU A 905 -35.30 14.09 39.15
CA LEU A 905 -35.99 15.09 38.32
C LEU A 905 -35.00 15.94 37.55
N ILE A 906 -33.86 16.27 38.16
CA ILE A 906 -32.85 17.07 37.46
C ILE A 906 -32.01 16.21 36.53
N LEU A 907 -32.02 14.89 36.70
CA LEU A 907 -31.34 14.03 35.74
C LEU A 907 -32.01 14.10 34.37
N PHE A 908 -33.34 14.12 34.35
CA PHE A 908 -34.05 14.29 33.08
C PHE A 908 -33.70 15.63 32.44
N PHE A 909 -33.48 16.66 33.25
CA PHE A 909 -33.19 17.98 32.69
C PHE A 909 -31.76 18.04 32.19
N ILE A 910 -30.83 17.35 32.85
CA ILE A 910 -29.49 17.21 32.29
C ILE A 910 -29.54 16.46 30.98
N LEU A 911 -30.40 15.43 30.88
CA LEU A 911 -30.51 14.69 29.62
C LEU A 911 -31.08 15.57 28.52
N LEU A 912 -32.10 16.37 28.83
CA LEU A 912 -32.69 17.25 27.83
C LEU A 912 -31.71 18.33 27.40
N SER A 913 -30.92 18.86 28.35
CA SER A 913 -29.90 19.84 27.98
C SER A 913 -28.85 19.23 27.06
N SER A 914 -28.42 18.00 27.35
CA SER A 914 -27.47 17.32 26.47
C SER A 914 -28.08 17.10 25.09
N ILE A 915 -29.36 16.71 25.04
CA ILE A 915 -30.03 16.49 23.76
C ILE A 915 -30.08 17.80 22.97
N SER A 916 -30.42 18.90 23.64
CA SER A 916 -30.45 20.19 22.96
C SER A 916 -29.08 20.59 22.45
N LEU A 917 -28.03 20.31 23.24
CA LEU A 917 -26.68 20.62 22.79
C LEU A 917 -26.31 19.80 21.56
N ALA A 918 -26.72 18.53 21.53
CA ALA A 918 -26.37 17.65 20.41
C ALA A 918 -27.14 17.97 19.14
N ALA A 919 -28.16 18.82 19.19
CA ALA A 919 -29.01 19.09 18.03
C ALA A 919 -28.73 20.45 17.40
N GLU A 920 -27.58 21.05 17.68
CA GLU A 920 -27.22 22.31 17.04
C GLU A 920 -26.86 22.08 15.58
N ASP A 921 -26.86 23.17 14.82
CA ASP A 921 -26.45 23.15 13.41
C ASP A 921 -25.12 23.88 13.28
N PRO A 922 -24.01 23.15 13.11
CA PRO A 922 -22.69 23.80 13.13
C PRO A 922 -22.36 24.52 11.83
N VAL A 923 -22.91 24.04 10.71
CA VAL A 923 -22.50 24.55 9.41
C VAL A 923 -22.95 25.98 9.19
N GLN A 924 -23.93 26.49 9.95
CA GLN A 924 -24.43 27.84 9.76
C GLN A 924 -24.59 28.49 11.13
N HIS A 925 -24.13 29.74 11.24
CA HIS A 925 -24.12 30.43 12.53
C HIS A 925 -25.44 31.08 12.90
N THR A 926 -26.28 31.42 11.92
CA THR A 926 -27.54 32.12 12.14
C THR A 926 -28.68 31.33 11.49
N SER A 927 -29.37 30.52 12.28
CA SER A 927 -30.55 29.81 11.83
C SER A 927 -31.62 29.88 12.90
N PHE A 928 -32.87 29.70 12.48
CA PHE A 928 -33.95 29.61 13.46
C PHE A 928 -33.83 28.34 14.29
N ARG A 929 -33.26 27.28 13.74
CA ARG A 929 -33.04 26.08 14.53
C ARG A 929 -32.10 26.36 15.70
N ASN A 930 -30.94 26.95 15.41
CA ASN A 930 -30.03 27.36 16.47
C ASN A 930 -30.63 28.43 17.37
N HIS A 931 -31.68 29.13 16.89
CA HIS A 931 -32.30 30.17 17.70
C HIS A 931 -33.08 29.57 18.87
N ILE A 952 -33.91 28.57 18.61
CA ILE A 952 -34.73 27.98 19.68
C ILE A 952 -33.86 27.28 20.70
N LEU A 953 -32.97 26.39 20.24
CA LEU A 953 -32.07 25.71 21.16
C LEU A 953 -31.08 26.70 21.79
N GLY A 954 -30.61 27.67 21.02
CA GLY A 954 -29.83 28.76 21.60
C GLY A 954 -30.61 29.63 22.57
N ASN A 955 -31.94 29.55 22.54
CA ASN A 955 -32.79 30.20 23.53
C ASN A 955 -33.37 29.23 24.56
N ALA A 956 -33.49 27.95 24.22
CA ALA A 956 -34.04 26.99 25.16
C ALA A 956 -33.10 26.75 26.33
N ASP A 957 -31.79 26.98 26.15
CA ASP A 957 -30.86 26.82 27.26
C ASP A 957 -30.95 27.97 28.26
N TYR A 958 -31.53 29.11 27.86
CA TYR A 958 -31.70 30.21 28.80
C TYR A 958 -32.61 29.81 29.95
N VAL A 959 -33.75 29.17 29.66
CA VAL A 959 -34.57 28.64 30.74
C VAL A 959 -33.87 27.45 31.40
N PHE A 960 -33.19 26.62 30.62
CA PHE A 960 -32.49 25.47 31.18
C PHE A 960 -31.49 25.89 32.24
N THR A 961 -30.63 26.86 31.92
CA THR A 961 -29.70 27.37 32.91
C THR A 961 -30.39 28.14 34.02
N SER A 962 -31.62 28.62 33.78
CA SER A 962 -32.36 29.31 34.84
C SER A 962 -32.79 28.34 35.93
N ILE A 963 -33.29 27.16 35.54
CA ILE A 963 -33.68 26.16 36.52
C ILE A 963 -32.46 25.62 37.25
N PHE A 964 -31.37 25.39 36.53
CA PHE A 964 -30.16 24.88 37.18
C PHE A 964 -29.60 25.88 38.17
N THR A 965 -29.61 27.18 37.82
CA THR A 965 -29.15 28.19 38.77
C THR A 965 -30.04 28.24 40.01
N LEU A 966 -31.35 27.98 39.85
CA LEU A 966 -32.24 27.91 40.99
C LEU A 966 -31.84 26.78 41.93
N GLU A 967 -31.45 25.63 41.37
CA GLU A 967 -31.06 24.49 42.20
C GLU A 967 -29.81 24.81 43.02
N ILE A 968 -28.89 25.59 42.46
CA ILE A 968 -27.67 25.93 43.18
C ILE A 968 -27.96 26.76 44.42
N ILE A 969 -29.00 27.61 44.36
CA ILE A 969 -29.40 28.35 45.55
C ILE A 969 -29.79 27.39 46.66
N LEU A 970 -30.47 26.30 46.31
CA LEU A 970 -30.81 25.27 47.28
C LEU A 970 -29.59 24.47 47.73
N LYS A 971 -28.45 24.65 47.09
CA LYS A 971 -27.23 23.91 47.43
C LYS A 971 -26.29 24.70 48.34
N MET A 972 -26.29 26.03 48.25
CA MET A 972 -25.41 26.82 49.10
C MET A 972 -25.87 26.84 50.55
N THR A 973 -27.18 26.68 50.78
CA THR A 973 -27.69 26.66 52.14
C THR A 973 -27.42 25.34 52.85
N ALA A 974 -27.47 24.22 52.12
CA ALA A 974 -27.32 22.91 52.75
C ALA A 974 -25.92 22.75 53.35
N TYR A 975 -24.89 23.18 52.64
CA TYR A 975 -23.52 23.02 53.09
C TYR A 975 -22.75 24.30 52.85
N GLY A 976 -21.68 24.49 53.61
CA GLY A 976 -20.86 25.68 53.50
C GLY A 976 -20.14 25.80 52.17
N ARG A 986 -17.86 20.44 50.99
CA ARG A 986 -18.00 20.56 49.55
C ARG A 986 -16.93 19.77 48.82
N ASN A 987 -17.28 18.56 48.38
CA ASN A 987 -16.35 17.75 47.61
C ASN A 987 -16.19 18.34 46.21
N TYR A 988 -15.39 17.66 45.38
CA TYR A 988 -14.99 18.19 44.08
C TYR A 988 -16.05 18.00 43.00
N PHE A 989 -17.30 17.75 43.37
CA PHE A 989 -18.37 17.55 42.40
C PHE A 989 -19.34 18.71 42.33
N ASN A 990 -19.85 19.17 43.47
CA ASN A 990 -20.82 20.27 43.46
C ASN A 990 -20.19 21.59 43.02
N ILE A 991 -18.86 21.65 42.93
CA ILE A 991 -18.23 22.80 42.29
C ILE A 991 -18.30 22.68 40.77
N LEU A 992 -18.08 21.47 40.25
CA LEU A 992 -17.99 21.26 38.80
C LEU A 992 -19.18 21.87 38.07
N ASP A 993 -20.38 21.37 38.37
CA ASP A 993 -21.59 21.94 37.78
C ASP A 993 -21.64 23.45 37.98
N LEU A 994 -21.39 23.90 39.21
CA LEU A 994 -21.34 25.33 39.48
C LEU A 994 -20.37 26.02 38.54
N LEU A 995 -19.14 25.48 38.45
CA LEU A 995 -18.17 26.05 37.53
C LEU A 995 -18.70 26.05 36.11
N VAL A 996 -19.30 24.93 35.68
CA VAL A 996 -19.91 24.90 34.37
C VAL A 996 -21.02 25.94 34.28
N VAL A 997 -21.85 26.00 35.32
CA VAL A 997 -22.86 27.05 35.39
C VAL A 997 -22.17 28.41 35.39
N SER A 998 -21.06 28.53 36.14
CA SER A 998 -20.33 29.78 36.19
C SER A 998 -19.80 30.18 34.82
N VAL A 999 -19.73 29.24 33.87
CA VAL A 999 -19.34 29.56 32.51
C VAL A 999 -20.55 30.01 31.68
N SER A 1000 -21.71 29.40 31.94
CA SER A 1000 -22.89 29.63 31.10
C SER A 1000 -23.31 31.10 31.08
N LEU A 1001 -23.17 31.81 32.21
CA LEU A 1001 -23.57 33.21 32.23
C LEU A 1001 -22.75 34.05 31.25
N ILE A 1002 -21.49 33.65 31.00
CA ILE A 1002 -20.70 34.39 30.02
C ILE A 1002 -21.36 34.36 28.66
N SER A 1003 -22.14 33.31 28.37
CA SER A 1003 -22.87 33.24 27.12
C SER A 1003 -23.79 34.45 26.92
N PHE A 1004 -24.35 34.99 28.01
CA PHE A 1004 -25.12 36.22 27.90
C PHE A 1004 -24.23 37.45 27.75
N GLY A 1005 -23.10 37.47 28.44
CA GLY A 1005 -22.19 38.60 28.37
C GLY A 1005 -21.13 38.47 27.30
N ILE A 1006 -21.55 38.46 26.05
CA ILE A 1006 -20.64 38.38 24.91
C ILE A 1006 -20.67 39.66 24.08
N GLN A 1007 -21.87 40.10 23.67
CA GLN A 1007 -22.08 41.30 22.86
C GLN A 1007 -21.31 41.13 21.56
N SER A 1008 -20.37 42.01 21.21
CA SER A 1008 -19.63 41.93 19.96
C SER A 1008 -18.24 41.34 20.15
N SER A 1009 -17.97 40.73 21.31
CA SER A 1009 -16.66 40.16 21.62
C SER A 1009 -16.58 38.68 21.32
N ALA A 1010 -17.30 38.22 20.29
CA ALA A 1010 -17.29 36.81 19.89
C ALA A 1010 -16.17 36.55 18.89
N ILE A 1011 -14.96 36.93 19.30
CA ILE A 1011 -13.76 36.76 18.47
C ILE A 1011 -12.99 35.51 18.85
N ASN A 1012 -12.61 35.38 20.13
CA ASN A 1012 -11.97 34.17 20.62
C ASN A 1012 -12.53 33.69 21.94
N VAL A 1013 -13.31 34.50 22.65
CA VAL A 1013 -13.89 34.05 23.92
C VAL A 1013 -14.92 32.95 23.65
N VAL A 1014 -15.80 33.15 22.67
CA VAL A 1014 -16.82 32.15 22.38
C VAL A 1014 -16.19 30.91 21.76
N LYS A 1015 -15.07 31.05 21.06
CA LYS A 1015 -14.39 29.92 20.46
C LYS A 1015 -13.88 28.91 21.49
N ILE A 1016 -13.73 29.34 22.75
CA ILE A 1016 -13.44 28.44 23.85
C ILE A 1016 -14.57 28.38 24.87
N LEU A 1017 -15.64 29.15 24.65
CA LEU A 1017 -16.81 29.14 25.52
C LEU A 1017 -17.84 28.10 25.08
N ARG A 1018 -18.16 28.09 23.78
CA ARG A 1018 -19.13 27.12 23.27
C ARG A 1018 -18.56 25.71 23.29
N VAL A 1019 -17.27 25.56 23.01
CA VAL A 1019 -16.63 24.24 23.07
C VAL A 1019 -16.61 23.70 24.49
N LEU A 1020 -16.59 24.56 25.49
CA LEU A 1020 -16.55 24.15 26.89
C LEU A 1020 -17.91 23.67 27.40
N ARG A 1021 -18.93 23.65 26.56
CA ARG A 1021 -20.25 23.17 26.95
C ARG A 1021 -20.34 21.65 27.01
N VAL A 1022 -19.30 20.93 26.55
CA VAL A 1022 -19.36 19.47 26.52
C VAL A 1022 -19.24 18.84 27.88
N LEU A 1023 -19.11 19.63 28.95
CA LEU A 1023 -19.04 19.12 30.30
C LEU A 1023 -20.41 18.86 30.91
N ARG A 1024 -21.49 19.16 30.17
CA ARG A 1024 -22.83 18.97 30.71
C ARG A 1024 -23.13 17.50 30.99
N PRO A 1025 -22.90 16.55 30.08
CA PRO A 1025 -23.23 15.15 30.39
C PRO A 1025 -22.44 14.57 31.55
N LEU A 1026 -21.17 14.96 31.73
CA LEU A 1026 -20.32 14.29 32.69
C LEU A 1026 -20.58 14.72 34.13
N ARG A 1027 -21.44 15.71 34.36
CA ARG A 1027 -21.79 16.09 35.71
C ARG A 1027 -23.04 15.36 36.22
N ALA A 1028 -23.56 14.42 35.44
CA ALA A 1028 -24.63 13.54 35.88
C ALA A 1028 -24.11 12.26 36.51
N ILE A 1029 -22.79 12.07 36.56
CA ILE A 1029 -22.23 10.89 37.20
C ILE A 1029 -22.42 10.95 38.70
N ASN A 1030 -22.47 12.15 39.28
CA ASN A 1030 -22.68 12.28 40.71
C ASN A 1030 -24.11 11.93 41.09
N ARG A 1031 -25.08 12.30 40.25
CA ARG A 1031 -26.49 12.08 40.53
C ARG A 1031 -27.00 10.72 40.07
N ALA A 1032 -26.12 9.89 39.50
CA ALA A 1032 -26.50 8.55 39.04
C ALA A 1032 -25.56 7.55 39.72
N LYS A 1033 -25.99 7.04 40.87
CA LYS A 1033 -25.19 6.06 41.61
C LYS A 1033 -25.05 4.80 40.76
N GLY A 1034 -23.82 4.30 40.67
CA GLY A 1034 -23.51 3.18 39.81
C GLY A 1034 -22.64 3.63 38.66
N LEU A 1035 -23.02 4.76 38.06
CA LEU A 1035 -22.15 5.37 37.05
C LEU A 1035 -20.88 5.92 37.68
N LYS A 1036 -20.99 6.54 38.85
CA LYS A 1036 -19.81 6.99 39.57
C LYS A 1036 -18.96 5.81 40.00
N HIS A 1037 -19.59 4.70 40.40
CA HIS A 1037 -18.85 3.49 40.74
C HIS A 1037 -18.08 2.95 39.55
N VAL A 1038 -18.70 2.94 38.36
CA VAL A 1038 -18.02 2.50 37.16
C VAL A 1038 -16.86 3.42 36.82
N VAL A 1039 -17.06 4.74 36.97
CA VAL A 1039 -15.98 5.68 36.69
C VAL A 1039 -14.82 5.47 37.66
N GLN A 1040 -15.13 5.23 38.93
CA GLN A 1040 -14.09 4.96 39.92
C GLN A 1040 -13.32 3.69 39.57
N CYS A 1041 -14.03 2.64 39.15
CA CYS A 1041 -13.36 1.42 38.73
C CYS A 1041 -12.48 1.67 37.52
N VAL A 1042 -12.93 2.50 36.59
CA VAL A 1042 -12.13 2.82 35.40
C VAL A 1042 -10.85 3.56 35.80
N PHE A 1043 -10.96 4.51 36.73
CA PHE A 1043 -9.77 5.21 37.21
C PHE A 1043 -8.81 4.24 37.89
N VAL A 1044 -9.34 3.32 38.69
CA VAL A 1044 -8.48 2.33 39.34
C VAL A 1044 -7.76 1.48 38.30
N ALA A 1045 -8.48 1.06 37.26
CA ALA A 1045 -7.86 0.27 36.21
C ALA A 1045 -6.78 1.07 35.48
N ILE A 1046 -7.01 2.36 35.27
CA ILE A 1046 -6.00 3.21 34.63
C ILE A 1046 -4.73 3.26 35.49
N ARG A 1047 -4.93 3.49 36.80
CA ARG A 1047 -3.77 3.56 37.69
C ARG A 1047 -3.05 2.23 37.77
N THR A 1048 -3.76 1.12 37.55
CA THR A 1048 -3.11 -0.18 37.53
C THR A 1048 -2.33 -0.41 36.24
N ILE A 1049 -2.89 0.01 35.10
CA ILE A 1049 -2.25 -0.25 33.81
C ILE A 1049 -1.17 0.77 33.45
N GLY A 1050 -1.02 1.83 34.25
CA GLY A 1050 0.07 2.77 34.00
C GLY A 1050 1.43 2.10 33.95
N ASN A 1051 1.62 1.06 34.76
CA ASN A 1051 2.92 0.37 34.80
C ASN A 1051 3.31 -0.16 33.42
N ILE A 1052 2.36 -0.61 32.62
CA ILE A 1052 2.67 -1.04 31.26
C ILE A 1052 2.61 0.14 30.29
N VAL A 1053 1.77 1.13 30.57
CA VAL A 1053 1.61 2.26 29.64
C VAL A 1053 2.92 3.03 29.51
N ILE A 1054 3.58 3.31 30.64
CA ILE A 1054 4.83 4.08 30.58
C ILE A 1054 5.91 3.32 29.82
N VAL A 1055 6.03 2.01 30.06
CA VAL A 1055 7.04 1.21 29.39
C VAL A 1055 6.78 1.16 27.89
N THR A 1056 5.51 1.01 27.50
CA THR A 1056 5.18 1.00 26.08
C THR A 1056 5.50 2.35 25.44
N THR A 1057 5.23 3.44 26.15
CA THR A 1057 5.55 4.77 25.61
C THR A 1057 7.05 4.94 25.44
N LEU A 1058 7.84 4.47 26.40
CA LEU A 1058 9.29 4.57 26.30
C LEU A 1058 9.82 3.75 25.12
N LEU A 1059 9.28 2.53 24.93
CA LEU A 1059 9.68 1.72 23.80
C LEU A 1059 9.31 2.39 22.48
N GLN A 1060 8.13 3.03 22.44
CA GLN A 1060 7.72 3.79 21.26
C GLN A 1060 8.69 4.93 20.97
N PHE A 1061 9.12 5.64 22.01
CA PHE A 1061 10.09 6.72 21.83
C PHE A 1061 11.42 6.20 21.30
N MET A 1062 11.87 5.05 21.80
CA MET A 1062 13.11 4.46 21.32
C MET A 1062 13.00 4.11 19.83
N PHE A 1063 11.90 3.45 19.45
CA PHE A 1063 11.71 3.10 18.05
C PHE A 1063 11.60 4.34 17.18
N ALA A 1064 10.98 5.40 17.70
CA ALA A 1064 10.89 6.65 16.95
C ALA A 1064 12.27 7.27 16.73
N CYS A 1065 13.13 7.21 17.74
CA CYS A 1065 14.49 7.72 17.57
C CYS A 1065 15.26 6.92 16.52
N ILE A 1066 15.11 5.59 16.55
CA ILE A 1066 15.76 4.76 15.54
C ILE A 1066 15.22 5.10 14.14
N GLY A 1067 13.90 5.29 14.03
CA GLY A 1067 13.33 5.65 12.75
C GLY A 1067 13.81 7.01 12.25
N VAL A 1068 13.99 7.96 13.15
CA VAL A 1068 14.55 9.26 12.78
C VAL A 1068 15.97 9.08 12.26
N GLN A 1069 16.78 8.26 12.94
CA GLN A 1069 18.13 8.01 12.46
C GLN A 1069 18.12 7.33 11.09
N LEU A 1070 17.10 6.53 10.80
CA LEU A 1070 17.08 5.78 9.55
C LEU A 1070 16.58 6.63 8.38
N PHE A 1071 15.46 7.33 8.55
CA PHE A 1071 14.82 8.03 7.44
C PHE A 1071 14.73 9.53 7.66
N LYS A 1072 15.84 10.16 8.08
CA LYS A 1072 15.84 11.59 8.34
C LYS A 1072 15.83 12.34 7.01
N GLY A 1073 14.65 12.76 6.57
CA GLY A 1073 14.52 13.55 5.37
C GLY A 1073 14.61 12.78 4.06
N LYS A 1074 14.68 11.45 4.12
CA LYS A 1074 14.86 10.63 2.94
C LYS A 1074 13.56 10.34 2.19
N LEU A 1075 12.41 10.73 2.75
CA LEU A 1075 11.12 10.31 2.22
C LEU A 1075 10.51 11.32 1.25
N TYR A 1076 11.24 12.36 0.88
CA TYR A 1076 10.73 13.33 -0.07
C TYR A 1076 10.60 12.71 -1.46
N THR A 1077 9.68 13.26 -2.25
CA THR A 1077 9.48 12.81 -3.62
C THR A 1077 8.99 13.98 -4.47
N CYS A 1078 9.19 13.85 -5.76
CA CYS A 1078 8.68 14.81 -6.74
C CYS A 1078 7.48 14.23 -7.46
N SER A 1079 6.69 15.12 -8.08
CA SER A 1079 5.45 14.68 -8.73
C SER A 1079 5.74 13.69 -9.85
N ASP A 1080 6.78 13.94 -10.64
CA ASP A 1080 7.24 13.01 -11.65
C ASP A 1080 8.53 12.34 -11.18
N SER A 1081 8.61 11.02 -11.40
CA SER A 1081 9.75 10.25 -10.92
C SER A 1081 11.06 10.62 -11.62
N SER A 1082 11.00 11.37 -12.72
CA SER A 1082 12.22 11.72 -13.44
C SER A 1082 13.15 12.58 -12.60
N LYS A 1083 12.59 13.56 -11.89
CA LYS A 1083 13.41 14.50 -11.13
C LYS A 1083 13.79 13.89 -9.77
N GLN A 1084 15.08 13.91 -9.46
CA GLN A 1084 15.59 13.25 -8.26
C GLN A 1084 16.07 14.24 -7.20
N THR A 1085 15.80 15.53 -7.38
CA THR A 1085 16.19 16.52 -6.38
C THR A 1085 15.25 17.71 -6.46
N GLU A 1086 15.26 18.53 -5.41
CA GLU A 1086 14.34 19.66 -5.34
C GLU A 1086 14.66 20.72 -6.38
N ALA A 1087 15.95 20.94 -6.68
CA ALA A 1087 16.31 21.91 -7.70
C ALA A 1087 15.76 21.52 -9.06
N GLU A 1088 15.81 20.23 -9.39
CA GLU A 1088 15.23 19.75 -10.64
C GLU A 1088 13.71 19.84 -10.62
N CYS A 1089 13.10 19.53 -9.47
CA CYS A 1089 11.64 19.44 -9.37
C CYS A 1089 11.00 20.82 -9.39
N LYS A 1090 10.99 21.45 -10.55
CA LYS A 1090 10.40 22.77 -10.73
C LYS A 1090 9.72 22.83 -12.09
N GLY A 1091 8.87 23.85 -12.27
CA GLY A 1091 8.21 24.05 -13.54
C GLY A 1091 7.01 23.13 -13.74
N ASN A 1092 6.77 22.78 -14.99
CA ASN A 1092 5.66 21.92 -15.37
C ASN A 1092 6.19 20.63 -15.97
N TYR A 1093 5.34 19.61 -15.98
CA TYR A 1093 5.66 18.36 -16.65
C TYR A 1093 4.39 17.82 -17.28
N ILE A 1094 4.54 16.76 -18.08
CA ILE A 1094 3.45 16.20 -18.86
C ILE A 1094 3.14 14.80 -18.33
N THR A 1095 1.90 14.59 -17.95
CA THR A 1095 1.42 13.29 -17.49
C THR A 1095 0.28 12.84 -18.37
N TYR A 1096 0.20 11.53 -18.62
CA TYR A 1096 -0.72 10.98 -19.60
C TYR A 1096 -1.88 10.29 -18.89
N LYS A 1097 -3.10 10.63 -19.29
CA LYS A 1097 -4.28 10.16 -18.58
C LYS A 1097 -4.53 8.70 -18.87
N ASP A 1098 -4.62 7.89 -17.81
CA ASP A 1098 -4.88 6.45 -17.90
C ASP A 1098 -3.84 5.74 -18.77
N GLY A 1099 -2.61 6.24 -18.77
CA GLY A 1099 -1.55 5.62 -19.53
C GLY A 1099 -1.77 5.64 -21.02
N GLU A 1100 -2.39 6.69 -21.55
CA GLU A 1100 -2.62 6.83 -22.98
C GLU A 1100 -1.66 7.88 -23.53
N VAL A 1101 -0.85 7.48 -24.51
CA VAL A 1101 0.15 8.38 -25.05
C VAL A 1101 -0.50 9.57 -25.77
N ASP A 1102 -1.74 9.41 -26.23
CA ASP A 1102 -2.44 10.44 -26.98
C ASP A 1102 -3.28 11.37 -26.11
N HIS A 1103 -3.16 11.27 -24.79
CA HIS A 1103 -3.93 12.10 -23.86
C HIS A 1103 -3.00 12.74 -22.83
N PRO A 1104 -2.22 13.73 -23.25
CA PRO A 1104 -1.30 14.40 -22.32
C PRO A 1104 -1.94 15.60 -21.62
N ILE A 1105 -1.47 15.85 -20.40
CA ILE A 1105 -1.93 16.96 -19.58
C ILE A 1105 -0.74 17.58 -18.89
N ILE A 1106 -0.63 18.91 -18.93
CA ILE A 1106 0.38 19.62 -18.16
C ILE A 1106 -0.04 19.69 -16.70
N GLN A 1107 0.87 19.32 -15.81
CA GLN A 1107 0.67 19.44 -14.38
C GLN A 1107 1.92 20.02 -13.74
N PRO A 1108 1.77 20.83 -12.70
CA PRO A 1108 2.95 21.43 -12.06
C PRO A 1108 3.75 20.40 -11.29
N ARG A 1109 5.05 20.66 -11.17
CA ARG A 1109 5.95 19.80 -10.42
C ARG A 1109 6.02 20.26 -8.97
N SER A 1110 5.77 19.34 -8.05
CA SER A 1110 5.73 19.66 -6.63
C SER A 1110 6.71 18.78 -5.87
N TRP A 1111 7.43 19.38 -4.93
CA TRP A 1111 8.38 18.69 -4.08
C TRP A 1111 7.75 18.60 -2.69
N GLU A 1112 7.21 17.43 -2.36
CA GLU A 1112 6.45 17.24 -1.14
C GLU A 1112 7.01 16.08 -0.34
N ASN A 1113 6.85 16.18 0.98
CA ASN A 1113 7.27 15.11 1.90
C ASN A 1113 6.16 14.05 1.96
N SER A 1114 6.34 13.08 2.83
CA SER A 1114 5.32 12.05 3.02
C SER A 1114 4.15 12.61 3.80
N LYS A 1115 3.04 11.86 3.80
CA LYS A 1115 1.93 12.19 4.68
C LYS A 1115 2.38 12.11 6.15
N PHE A 1116 3.09 11.05 6.49
CA PHE A 1116 3.72 10.90 7.79
C PHE A 1116 5.19 10.59 7.56
N ASP A 1117 6.07 11.40 8.15
CA ASP A 1117 7.50 11.34 7.87
C ASP A 1117 8.26 11.14 9.17
N PHE A 1118 9.57 10.97 9.04
CA PHE A 1118 10.48 10.81 10.17
C PHE A 1118 11.47 11.97 10.23
N ASP A 1119 10.98 13.18 9.99
CA ASP A 1119 11.86 14.35 10.00
C ASP A 1119 12.42 14.62 11.38
N ASN A 1120 11.58 14.53 12.42
CA ASN A 1120 12.02 14.72 13.79
C ASN A 1120 11.31 13.68 14.67
N VAL A 1121 11.54 13.79 15.98
CA VAL A 1121 11.07 12.76 16.90
C VAL A 1121 9.55 12.74 16.98
N LEU A 1122 8.92 13.92 17.00
CA LEU A 1122 7.47 13.98 17.11
C LEU A 1122 6.79 13.42 15.86
N ALA A 1123 7.29 13.77 14.67
CA ALA A 1123 6.74 13.22 13.45
C ALA A 1123 6.96 11.72 13.37
N ALA A 1124 8.12 11.25 13.82
CA ALA A 1124 8.37 9.81 13.86
C ALA A 1124 7.41 9.11 14.81
N MET A 1125 7.12 9.72 15.95
CA MET A 1125 6.18 9.11 16.89
C MET A 1125 4.78 9.07 16.31
N MET A 1126 4.37 10.13 15.61
CA MET A 1126 3.06 10.11 14.96
C MET A 1126 2.98 9.01 13.90
N ALA A 1127 4.01 8.92 13.06
CA ALA A 1127 4.03 7.89 12.01
C ALA A 1127 4.02 6.49 12.62
N LEU A 1128 4.81 6.28 13.67
CA LEU A 1128 4.86 4.96 14.29
C LEU A 1128 3.57 4.62 15.01
N PHE A 1129 2.88 5.62 15.56
CA PHE A 1129 1.55 5.35 16.13
C PHE A 1129 0.58 4.92 15.05
N THR A 1130 0.55 5.65 13.92
CA THR A 1130 -0.34 5.26 12.83
C THR A 1130 0.03 3.90 12.27
N VAL A 1131 1.30 3.52 12.34
CA VAL A 1131 1.70 2.17 11.95
C VAL A 1131 1.21 1.13 12.95
N SER A 1132 1.37 1.41 14.24
CA SER A 1132 0.97 0.48 15.29
C SER A 1132 -0.53 0.30 15.34
N THR A 1133 -1.30 1.24 14.81
CA THR A 1133 -2.73 1.05 14.65
C THR A 1133 -3.10 0.30 13.38
N PHE A 1134 -2.10 -0.17 12.63
CA PHE A 1134 -2.27 -0.96 11.42
C PHE A 1134 -2.98 -0.18 10.32
N GLU A 1135 -2.98 1.15 10.38
CA GLU A 1135 -3.67 1.98 9.40
C GLU A 1135 -2.64 2.61 8.48
N GLY A 1136 -2.72 2.27 7.20
CA GLY A 1136 -1.84 2.86 6.20
C GLY A 1136 -0.37 2.50 6.36
N TRP A 1137 -0.07 1.42 7.06
CA TRP A 1137 1.32 1.03 7.25
C TRP A 1137 1.95 0.42 5.98
N PRO A 1138 1.21 -0.28 5.10
CA PRO A 1138 1.86 -0.74 3.87
C PRO A 1138 2.37 0.38 2.99
N GLU A 1139 1.61 1.48 2.88
CA GLU A 1139 2.06 2.61 2.07
C GLU A 1139 3.33 3.23 2.64
N LEU A 1140 3.37 3.42 3.96
CA LEU A 1140 4.58 3.94 4.59
C LEU A 1140 5.75 2.99 4.42
N LEU A 1141 5.50 1.68 4.54
CA LEU A 1141 6.56 0.70 4.37
C LEU A 1141 7.14 0.76 2.97
N TYR A 1142 6.28 0.77 1.95
CA TYR A 1142 6.76 0.75 0.57
C TYR A 1142 7.34 2.10 0.15
N ARG A 1143 6.97 3.18 0.84
CA ARG A 1143 7.63 4.46 0.59
C ARG A 1143 8.98 4.56 1.28
N SER A 1144 9.12 3.92 2.45
CA SER A 1144 10.41 3.91 3.14
C SER A 1144 11.38 2.93 2.49
N ILE A 1145 10.88 1.92 1.79
CA ILE A 1145 11.75 1.00 1.06
C ILE A 1145 12.52 1.74 -0.01
N ASP A 1146 11.87 2.68 -0.69
CA ASP A 1146 12.48 3.42 -1.78
C ASP A 1146 13.40 4.54 -1.34
N SER A 1147 13.41 4.89 -0.04
CA SER A 1147 14.21 6.01 0.45
C SER A 1147 15.69 5.82 0.14
N HIS A 1148 16.25 6.73 -0.65
CA HIS A 1148 17.61 6.55 -1.16
C HIS A 1148 18.64 7.28 -0.31
N THR A 1149 18.52 8.60 -0.19
CA THR A 1149 19.59 9.42 0.34
C THR A 1149 18.97 10.62 1.05
N GLU A 1150 19.76 11.24 1.94
CA GLU A 1150 19.23 12.20 2.91
C GLU A 1150 18.38 13.28 2.26
N ASP A 1151 18.82 13.83 1.13
CA ASP A 1151 18.04 14.82 0.38
C ASP A 1151 18.01 14.42 -1.09
N LYS A 1152 17.08 13.54 -1.45
CA LYS A 1152 16.92 13.06 -2.83
C LYS A 1152 15.54 12.45 -2.97
N GLY A 1153 15.32 11.76 -4.08
CA GLY A 1153 14.04 11.13 -4.37
C GLY A 1153 14.10 9.63 -4.24
N PRO A 1154 12.97 8.98 -4.52
CA PRO A 1154 12.87 7.53 -4.33
C PRO A 1154 13.37 6.71 -5.51
N ILE A 1155 13.94 5.55 -5.19
CA ILE A 1155 14.39 4.57 -6.16
C ILE A 1155 13.64 3.28 -5.91
N TYR A 1156 13.07 2.72 -6.97
CA TYR A 1156 12.20 1.54 -6.85
C TYR A 1156 12.95 0.39 -6.19
N ASN A 1157 12.46 -0.03 -5.02
CA ASN A 1157 12.99 -1.17 -4.27
C ASN A 1157 14.49 -1.02 -4.01
N TYR A 1158 14.88 0.15 -3.50
CA TYR A 1158 16.28 0.40 -3.21
C TYR A 1158 16.78 -0.49 -2.08
N ARG A 1159 16.06 -0.50 -0.96
CA ARG A 1159 16.44 -1.31 0.21
C ARG A 1159 15.20 -2.03 0.72
N VAL A 1160 14.99 -3.26 0.24
CA VAL A 1160 13.91 -4.08 0.78
C VAL A 1160 14.20 -4.49 2.22
N GLU A 1161 15.48 -4.67 2.56
CA GLU A 1161 15.86 -5.17 3.87
C GLU A 1161 15.51 -4.22 5.00
N ILE A 1162 15.16 -2.97 4.71
CA ILE A 1162 14.73 -2.06 5.76
C ILE A 1162 13.36 -2.47 6.30
N SER A 1163 12.64 -3.31 5.57
CA SER A 1163 11.29 -3.70 5.99
C SER A 1163 11.29 -4.35 7.36
N ILE A 1164 12.40 -4.98 7.74
CA ILE A 1164 12.46 -5.63 9.06
C ILE A 1164 12.22 -4.61 10.17
N PHE A 1165 12.66 -3.36 9.97
CA PHE A 1165 12.39 -2.34 10.98
C PHE A 1165 10.89 -2.15 11.18
N PHE A 1166 10.13 -2.16 10.09
CA PHE A 1166 8.68 -2.08 10.20
C PHE A 1166 8.04 -3.38 10.64
N ILE A 1167 8.77 -4.50 10.57
CA ILE A 1167 8.24 -5.77 11.01
C ILE A 1167 8.51 -6.00 12.49
N ILE A 1168 9.77 -5.84 12.91
CA ILE A 1168 10.15 -6.05 14.30
C ILE A 1168 9.28 -5.18 15.21
N TYR A 1169 9.17 -3.90 14.88
CA TYR A 1169 8.30 -2.99 15.62
C TYR A 1169 6.90 -3.57 15.77
N ILE A 1170 6.31 -4.01 14.65
CA ILE A 1170 4.95 -4.54 14.69
C ILE A 1170 4.89 -5.79 15.57
N ILE A 1171 5.95 -6.59 15.56
CA ILE A 1171 5.98 -7.78 16.41
C ILE A 1171 6.07 -7.38 17.88
N ILE A 1172 6.78 -6.29 18.18
CA ILE A 1172 7.09 -5.95 19.57
C ILE A 1172 6.04 -5.02 20.15
N ILE A 1173 5.72 -3.94 19.46
CA ILE A 1173 4.77 -2.96 19.98
C ILE A 1173 3.34 -3.31 19.63
N ALA A 1174 3.07 -3.55 18.34
CA ALA A 1174 1.69 -3.75 17.90
C ALA A 1174 1.12 -5.07 18.39
N PHE A 1175 1.89 -6.15 18.31
CA PHE A 1175 1.37 -7.48 18.61
C PHE A 1175 1.69 -7.97 20.02
N PHE A 1176 2.85 -7.60 20.57
CA PHE A 1176 3.25 -8.13 21.87
C PHE A 1176 2.83 -7.21 23.01
N MET A 1177 3.13 -5.91 22.91
CA MET A 1177 2.81 -4.99 23.99
C MET A 1177 1.31 -4.85 24.20
N MET A 1178 0.55 -4.76 23.11
CA MET A 1178 -0.91 -4.65 23.24
C MET A 1178 -1.52 -5.89 23.86
N ASN A 1179 -1.03 -7.07 23.48
CA ASN A 1179 -1.54 -8.29 24.07
C ASN A 1179 -1.13 -8.40 25.53
N ILE A 1180 0.07 -7.93 25.88
CA ILE A 1180 0.46 -7.83 27.29
C ILE A 1180 -0.50 -6.94 28.04
N PHE A 1181 -0.88 -5.81 27.42
CA PHE A 1181 -1.85 -4.89 28.02
C PHE A 1181 -3.17 -5.59 28.29
N VAL A 1182 -3.71 -6.30 27.28
CA VAL A 1182 -5.01 -6.94 27.43
C VAL A 1182 -4.95 -8.05 28.48
N GLY A 1183 -3.90 -8.86 28.44
CA GLY A 1183 -3.75 -9.92 29.43
C GLY A 1183 -3.57 -9.38 30.83
N PHE A 1184 -2.88 -8.25 30.97
CA PHE A 1184 -2.74 -7.62 32.28
C PHE A 1184 -4.08 -7.13 32.79
N VAL A 1185 -4.89 -6.54 31.92
CA VAL A 1185 -6.24 -6.15 32.33
C VAL A 1185 -7.04 -7.37 32.78
N ILE A 1186 -6.92 -8.48 32.03
CA ILE A 1186 -7.68 -9.68 32.36
C ILE A 1186 -7.27 -10.22 33.73
N VAL A 1187 -5.96 -10.34 33.96
CA VAL A 1187 -5.49 -10.92 35.22
C VAL A 1187 -5.77 -9.98 36.39
N THR A 1188 -5.66 -8.67 36.18
CA THR A 1188 -5.98 -7.72 37.24
C THR A 1188 -7.45 -7.81 37.62
N PHE A 1189 -8.33 -7.89 36.63
CA PHE A 1189 -9.75 -8.04 36.93
C PHE A 1189 -10.04 -9.36 37.63
N GLN A 1190 -9.36 -10.43 37.20
CA GLN A 1190 -9.57 -11.74 37.82
C GLN A 1190 -9.13 -11.73 39.28
N GLU A 1191 -7.98 -11.11 39.58
CA GLU A 1191 -7.52 -11.06 40.96
C GLU A 1191 -8.40 -10.13 41.79
N GLN A 1192 -8.96 -9.08 41.18
CA GLN A 1192 -9.91 -8.23 41.88
C GLN A 1192 -11.16 -9.01 42.26
N GLY A 1193 -11.64 -9.87 41.35
CA GLY A 1193 -12.82 -10.67 41.63
C GLY A 1193 -12.57 -11.93 42.43
N GLU A 1194 -11.31 -12.33 42.61
CA GLU A 1194 -10.97 -13.57 43.28
C GLU A 1194 -10.67 -13.40 44.76
N GLN A 1195 -10.27 -12.20 45.18
CA GLN A 1195 -9.86 -11.96 46.57
C GLN A 1195 -11.01 -11.95 47.57
N GLU A 1196 -12.23 -12.34 47.20
CA GLU A 1196 -13.33 -12.38 48.15
C GLU A 1196 -13.06 -13.48 49.18
N TYR A 1197 -12.71 -13.08 50.40
CA TYR A 1197 -12.24 -14.02 51.42
C TYR A 1197 -13.45 -14.71 52.05
N LYS A 1198 -13.99 -15.67 51.31
CA LYS A 1198 -15.11 -16.50 51.76
C LYS A 1198 -14.69 -17.96 51.87
N ASN A 1199 -13.50 -18.19 52.43
CA ASN A 1199 -12.92 -19.54 52.49
C ASN A 1199 -13.61 -20.35 53.58
N CYS A 1200 -14.84 -20.74 53.31
CA CYS A 1200 -15.60 -21.63 54.17
C CYS A 1200 -15.40 -23.07 53.69
N GLU A 1201 -16.21 -23.99 54.22
CA GLU A 1201 -16.13 -25.38 53.81
C GLU A 1201 -16.46 -25.54 52.33
N LEU A 1202 -17.49 -24.84 51.85
CA LEU A 1202 -17.94 -24.96 50.46
C LEU A 1202 -17.03 -24.11 49.58
N ASP A 1203 -16.31 -24.77 48.67
CA ASP A 1203 -15.26 -24.12 47.89
C ASP A 1203 -15.78 -23.74 46.50
N LYS A 1204 -16.64 -22.71 46.49
CA LYS A 1204 -17.07 -21.98 45.30
C LYS A 1204 -17.93 -22.82 44.35
N ASN A 1205 -18.12 -24.10 44.61
CA ASN A 1205 -18.93 -24.96 43.74
C ASN A 1205 -20.13 -25.53 44.46
N GLN A 1206 -19.92 -26.13 45.64
CA GLN A 1206 -21.05 -26.65 46.41
C GLN A 1206 -21.97 -25.52 46.87
N ARG A 1207 -21.44 -24.30 46.99
CA ARG A 1207 -22.31 -23.16 47.28
C ARG A 1207 -23.36 -22.99 46.19
N GLN A 1208 -22.93 -22.92 44.93
CA GLN A 1208 -23.86 -22.79 43.82
C GLN A 1208 -24.75 -24.02 43.70
N CYS A 1209 -24.20 -25.21 43.96
CA CYS A 1209 -25.00 -26.43 43.87
C CYS A 1209 -26.13 -26.42 44.90
N VAL A 1210 -25.83 -26.03 46.14
CA VAL A 1210 -26.85 -25.96 47.18
C VAL A 1210 -27.85 -24.85 46.89
N GLU A 1211 -27.36 -23.72 46.34
CA GLU A 1211 -28.27 -22.65 45.95
C GLU A 1211 -29.26 -23.14 44.90
N TYR A 1212 -28.79 -23.87 43.89
CA TYR A 1212 -29.68 -24.40 42.87
C TYR A 1212 -30.63 -25.42 43.46
N ALA A 1213 -30.14 -26.26 44.38
CA ALA A 1213 -31.01 -27.25 45.03
C ALA A 1213 -32.10 -26.58 45.84
N LEU A 1214 -31.80 -25.44 46.46
CA LEU A 1214 -32.80 -24.72 47.25
C LEU A 1214 -33.78 -23.96 46.35
N LYS A 1215 -33.30 -23.40 45.25
CA LYS A 1215 -34.11 -22.53 44.38
C LYS A 1215 -34.65 -23.27 43.17
N ALA A 1216 -35.01 -24.54 43.33
CA ALA A 1216 -35.53 -25.35 42.24
C ALA A 1216 -36.98 -25.75 42.52
N ARG A 1217 -37.71 -26.07 41.45
CA ARG A 1217 -39.12 -26.43 41.56
C ARG A 1217 -39.51 -27.17 40.29
N PRO A 1218 -40.28 -28.26 40.38
CA PRO A 1218 -40.64 -29.00 39.17
C PRO A 1218 -41.45 -28.16 38.20
N LEU A 1219 -41.29 -28.45 36.91
CA LEU A 1219 -42.01 -27.73 35.87
C LEU A 1219 -43.44 -28.25 35.75
N ARG A 1220 -44.34 -27.35 35.38
CA ARG A 1220 -45.74 -27.72 35.22
C ARG A 1220 -45.93 -28.62 34.00
N ARG A 1221 -46.90 -29.53 34.11
CA ARG A 1221 -47.15 -30.47 33.03
C ARG A 1221 -47.85 -29.80 31.85
N TYR A 1222 -49.03 -29.24 32.09
CA TYR A 1222 -49.91 -28.73 31.05
C TYR A 1222 -50.21 -29.83 30.02
N ILE A 1223 -50.48 -31.03 30.51
CA ILE A 1223 -50.95 -32.13 29.68
C ILE A 1223 -52.48 -32.15 29.79
N PRO A 1224 -53.22 -31.78 28.75
CA PRO A 1224 -54.67 -31.60 28.89
C PRO A 1224 -55.46 -32.87 28.59
N LYS A 1225 -56.73 -32.83 29.01
CA LYS A 1225 -57.70 -33.85 28.72
C LYS A 1225 -58.32 -33.56 27.34
N ASN A 1226 -59.46 -34.17 27.04
CA ASN A 1226 -60.11 -34.05 25.73
C ASN A 1226 -59.19 -34.61 24.64
N GLN A 1227 -59.04 -35.93 24.70
CA GLN A 1227 -57.99 -36.69 24.03
C GLN A 1227 -57.69 -36.25 22.60
N HIS A 1228 -58.68 -35.74 21.88
CA HIS A 1228 -58.43 -35.22 20.54
C HIS A 1228 -57.47 -34.04 20.59
N GLN A 1229 -57.73 -33.10 21.51
CA GLN A 1229 -56.76 -32.04 21.77
C GLN A 1229 -55.47 -32.63 22.32
N TYR A 1230 -55.58 -33.63 23.19
CA TYR A 1230 -54.39 -34.35 23.63
C TYR A 1230 -53.72 -35.08 22.46
N LYS A 1231 -54.50 -35.56 21.49
CA LYS A 1231 -53.89 -36.21 20.33
C LYS A 1231 -53.06 -35.24 19.52
N VAL A 1232 -53.60 -34.03 19.28
CA VAL A 1232 -52.81 -33.05 18.54
C VAL A 1232 -51.62 -32.57 19.38
N TRP A 1233 -51.77 -32.53 20.71
CA TRP A 1233 -50.64 -32.20 21.57
C TRP A 1233 -49.54 -33.24 21.46
N TYR A 1234 -49.91 -34.52 21.39
CA TYR A 1234 -48.93 -35.59 21.23
C TYR A 1234 -48.27 -35.53 19.86
N VAL A 1235 -49.04 -35.20 18.82
CA VAL A 1235 -48.48 -35.09 17.48
C VAL A 1235 -47.49 -33.93 17.41
N VAL A 1236 -47.85 -32.78 17.98
CA VAL A 1236 -47.01 -31.59 17.87
C VAL A 1236 -45.68 -31.79 18.58
N ASN A 1237 -45.71 -32.34 19.79
CA ASN A 1237 -44.50 -32.45 20.61
C ASN A 1237 -43.52 -33.51 20.12
N SER A 1238 -43.91 -34.33 19.14
CA SER A 1238 -43.03 -35.37 18.65
C SER A 1238 -41.77 -34.79 18.03
N THR A 1239 -40.64 -35.46 18.25
CA THR A 1239 -39.37 -34.98 17.72
C THR A 1239 -39.32 -35.04 16.20
N TYR A 1240 -40.07 -35.97 15.60
CA TYR A 1240 -40.14 -36.04 14.15
C TYR A 1240 -40.76 -34.77 13.58
N PHE A 1241 -41.75 -34.22 14.28
CA PHE A 1241 -42.35 -32.94 13.86
C PHE A 1241 -41.32 -31.82 13.89
N GLU A 1242 -40.48 -31.77 14.93
CA GLU A 1242 -39.47 -30.73 15.02
C GLU A 1242 -38.42 -30.89 13.92
N TYR A 1243 -38.03 -32.13 13.63
CA TYR A 1243 -37.11 -32.36 12.52
C TYR A 1243 -37.72 -31.95 11.19
N LEU A 1244 -39.02 -32.22 11.01
CA LEU A 1244 -39.71 -31.81 9.79
C LEU A 1244 -39.73 -30.29 9.66
N MET A 1245 -39.99 -29.58 10.75
CA MET A 1245 -39.95 -28.12 10.72
C MET A 1245 -38.55 -27.60 10.40
N PHE A 1246 -37.51 -28.21 10.99
CA PHE A 1246 -36.16 -27.75 10.69
C PHE A 1246 -35.81 -27.98 9.22
N VAL A 1247 -36.24 -29.13 8.68
CA VAL A 1247 -36.02 -29.40 7.25
C VAL A 1247 -36.75 -28.38 6.39
N LEU A 1248 -38.01 -28.08 6.74
CA LEU A 1248 -38.77 -27.11 5.95
C LEU A 1248 -38.19 -25.71 6.04
N ILE A 1249 -37.69 -25.31 7.21
CA ILE A 1249 -37.05 -24.01 7.35
C ILE A 1249 -35.78 -23.95 6.50
N LEU A 1250 -34.99 -25.04 6.50
CA LEU A 1250 -33.81 -25.08 5.65
C LEU A 1250 -34.19 -24.99 4.18
N LEU A 1251 -35.26 -25.67 3.77
CA LEU A 1251 -35.71 -25.59 2.38
C LEU A 1251 -36.15 -24.17 2.03
N ASN A 1252 -36.88 -23.52 2.93
CA ASN A 1252 -37.33 -22.15 2.67
C ASN A 1252 -36.16 -21.19 2.57
N THR A 1253 -35.15 -21.35 3.43
CA THR A 1253 -33.99 -20.46 3.35
C THR A 1253 -33.13 -20.78 2.13
N ILE A 1254 -33.15 -22.02 1.66
CA ILE A 1254 -32.48 -22.36 0.40
C ILE A 1254 -33.18 -21.67 -0.77
N CYS A 1255 -34.51 -21.70 -0.77
CA CYS A 1255 -35.26 -21.00 -1.80
C CYS A 1255 -35.01 -19.49 -1.74
N LEU A 1256 -34.93 -18.94 -0.52
CA LEU A 1256 -34.67 -17.52 -0.36
C LEU A 1256 -33.27 -17.16 -0.87
N ALA A 1257 -32.29 -18.01 -0.60
CA ALA A 1257 -30.90 -17.76 -0.99
C ALA A 1257 -30.61 -18.16 -2.42
N MET A 1258 -31.64 -18.29 -3.26
CA MET A 1258 -31.47 -18.72 -4.65
C MET A 1258 -31.77 -17.61 -5.65
N GLN A 1259 -32.44 -16.54 -5.25
CA GLN A 1259 -32.70 -15.44 -6.16
C GLN A 1259 -31.41 -14.75 -6.58
N HIS A 1260 -31.31 -14.42 -7.86
CA HIS A 1260 -30.09 -13.87 -8.43
C HIS A 1260 -30.44 -12.70 -9.35
N TYR A 1261 -29.47 -11.80 -9.53
CA TYR A 1261 -29.66 -10.67 -10.40
C TYR A 1261 -29.76 -11.12 -11.85
N GLY A 1262 -30.63 -10.46 -12.61
CA GLY A 1262 -30.87 -10.86 -13.99
C GLY A 1262 -31.61 -12.17 -14.12
N GLN A 1263 -32.42 -12.53 -13.13
CA GLN A 1263 -33.15 -13.79 -13.16
C GLN A 1263 -34.30 -13.71 -14.16
N SER A 1264 -34.78 -14.90 -14.55
CA SER A 1264 -35.91 -15.00 -15.47
C SER A 1264 -37.21 -14.64 -14.75
N CYS A 1265 -38.19 -14.19 -15.54
CA CYS A 1265 -39.50 -13.88 -14.98
C CYS A 1265 -40.18 -15.14 -14.46
N LEU A 1266 -40.08 -16.24 -15.20
CA LEU A 1266 -40.62 -17.51 -14.71
C LEU A 1266 -39.93 -17.96 -13.44
N PHE A 1267 -38.64 -17.67 -13.30
CA PHE A 1267 -37.92 -17.97 -12.06
C PHE A 1267 -38.53 -17.21 -10.90
N LYS A 1268 -38.82 -15.92 -11.10
CA LYS A 1268 -39.42 -15.11 -10.05
C LYS A 1268 -40.81 -15.62 -9.70
N ILE A 1269 -41.60 -16.00 -10.71
CA ILE A 1269 -42.94 -16.52 -10.46
C ILE A 1269 -42.87 -17.82 -9.65
N ALA A 1270 -41.95 -18.70 -10.03
CA ALA A 1270 -41.79 -19.95 -9.29
C ALA A 1270 -41.36 -19.70 -7.85
N MET A 1271 -40.46 -18.74 -7.64
CA MET A 1271 -40.04 -18.40 -6.28
C MET A 1271 -41.21 -17.85 -5.47
N ASN A 1272 -42.04 -17.01 -6.08
CA ASN A 1272 -43.22 -16.50 -5.38
C ASN A 1272 -44.19 -17.60 -5.03
N ILE A 1273 -44.39 -18.56 -5.95
CA ILE A 1273 -45.28 -19.68 -5.67
C ILE A 1273 -44.76 -20.52 -4.52
N LEU A 1274 -43.45 -20.82 -4.53
CA LEU A 1274 -42.86 -21.58 -3.43
C LEU A 1274 -42.96 -20.82 -2.12
N ASN A 1275 -42.77 -19.50 -2.16
CA ASN A 1275 -42.93 -18.67 -0.98
C ASN A 1275 -44.35 -18.79 -0.41
N MET A 1276 -45.35 -18.68 -1.28
CA MET A 1276 -46.73 -18.78 -0.82
C MET A 1276 -47.01 -20.17 -0.23
N LEU A 1277 -46.51 -21.22 -0.87
CA LEU A 1277 -46.73 -22.57 -0.37
C LEU A 1277 -46.11 -22.75 1.01
N PHE A 1278 -44.86 -22.33 1.17
CA PHE A 1278 -44.19 -22.47 2.47
C PHE A 1278 -44.88 -21.65 3.53
N THR A 1279 -45.30 -20.42 3.19
CA THR A 1279 -46.01 -19.59 4.16
C THR A 1279 -47.32 -20.24 4.59
N GLY A 1280 -48.08 -20.78 3.64
CA GLY A 1280 -49.32 -21.44 4.00
C GLY A 1280 -49.10 -22.66 4.89
N LEU A 1281 -48.05 -23.43 4.59
CA LEU A 1281 -47.73 -24.57 5.44
C LEU A 1281 -47.38 -24.10 6.85
N PHE A 1282 -46.68 -22.97 6.97
CA PHE A 1282 -46.32 -22.46 8.28
C PHE A 1282 -47.54 -21.96 9.05
N THR A 1283 -48.50 -21.33 8.36
CA THR A 1283 -49.74 -20.96 9.05
C THR A 1283 -50.51 -22.19 9.50
N VAL A 1284 -50.49 -23.26 8.69
CA VAL A 1284 -51.13 -24.50 9.10
C VAL A 1284 -50.48 -25.03 10.38
N GLU A 1285 -49.15 -25.05 10.41
CA GLU A 1285 -48.47 -25.52 11.62
C GLU A 1285 -48.79 -24.62 12.80
N MET A 1286 -48.87 -23.31 12.58
CA MET A 1286 -49.16 -22.38 13.67
C MET A 1286 -50.56 -22.64 14.21
N ILE A 1287 -51.54 -22.91 13.37
CA ILE A 1287 -52.89 -23.08 13.88
C ILE A 1287 -52.96 -24.33 14.75
N LEU A 1288 -52.44 -25.45 14.28
CA LEU A 1288 -52.49 -26.68 15.04
C LEU A 1288 -51.81 -26.47 16.38
N LYS A 1289 -50.65 -25.83 16.35
CA LYS A 1289 -49.95 -25.53 17.57
C LYS A 1289 -50.88 -24.77 18.50
N LEU A 1290 -51.51 -23.75 17.95
CA LEU A 1290 -52.40 -22.92 18.77
C LEU A 1290 -53.52 -23.76 19.39
N ILE A 1291 -54.12 -24.67 18.60
CA ILE A 1291 -55.16 -25.53 19.17
C ILE A 1291 -54.55 -26.53 20.15
N ALA A 1292 -53.28 -26.90 19.97
CA ALA A 1292 -52.66 -27.86 20.88
C ALA A 1292 -52.35 -27.24 22.23
N PHE A 1293 -51.85 -26.00 22.23
CA PHE A 1293 -51.40 -25.35 23.46
C PHE A 1293 -52.41 -24.34 24.01
N LYS A 1294 -53.51 -24.08 23.29
CA LYS A 1294 -54.55 -23.12 23.66
C LYS A 1294 -54.01 -21.69 23.61
N PRO A 1295 -54.83 -20.71 23.22
CA PRO A 1295 -54.32 -19.34 23.12
C PRO A 1295 -53.80 -18.78 24.44
N LYS A 1296 -54.30 -19.30 25.57
CA LYS A 1296 -53.85 -18.83 26.88
C LYS A 1296 -52.52 -19.43 27.30
N GLY A 1297 -52.04 -20.46 26.60
CA GLY A 1297 -50.77 -21.07 26.94
C GLY A 1297 -49.80 -21.14 25.78
N TYR A 1298 -50.33 -21.00 24.56
CA TYR A 1298 -49.48 -21.01 23.37
C TYR A 1298 -48.55 -19.83 23.36
N PHE A 1299 -49.04 -18.64 23.73
CA PHE A 1299 -48.24 -17.43 23.71
C PHE A 1299 -47.33 -17.29 24.92
N SER A 1300 -47.41 -18.18 25.89
CA SER A 1300 -46.53 -18.14 27.06
C SER A 1300 -45.22 -18.88 26.79
N ASP A 1301 -44.57 -18.53 25.68
CA ASP A 1301 -43.29 -19.10 25.29
C ASP A 1301 -42.59 -18.06 24.43
N PRO A 1302 -41.31 -17.76 24.71
CA PRO A 1302 -40.61 -16.75 23.92
C PRO A 1302 -40.55 -17.08 22.44
N TRP A 1303 -40.39 -18.36 22.08
CA TRP A 1303 -40.26 -18.73 20.68
C TRP A 1303 -41.60 -18.74 19.96
N ASN A 1304 -42.68 -19.10 20.65
CA ASN A 1304 -43.98 -19.16 20.01
C ASN A 1304 -44.45 -17.79 19.55
N VAL A 1305 -44.22 -16.76 20.37
CA VAL A 1305 -44.57 -15.40 19.97
C VAL A 1305 -43.70 -14.97 18.79
N PHE A 1306 -42.43 -15.38 18.79
CA PHE A 1306 -41.54 -15.05 17.67
C PHE A 1306 -42.05 -15.66 16.37
N ASP A 1307 -42.47 -16.92 16.39
CA ASP A 1307 -42.98 -17.55 15.18
C ASP A 1307 -44.29 -16.92 14.74
N PHE A 1308 -45.17 -16.58 15.69
CA PHE A 1308 -46.47 -16.03 15.35
C PHE A 1308 -46.34 -14.69 14.62
N LEU A 1309 -45.46 -13.81 15.11
CA LEU A 1309 -45.29 -12.51 14.48
C LEU A 1309 -44.75 -12.64 13.06
N ILE A 1310 -43.83 -13.58 12.85
CA ILE A 1310 -43.26 -13.77 11.51
C ILE A 1310 -44.33 -14.23 10.54
N VAL A 1311 -45.18 -15.17 10.95
CA VAL A 1311 -46.19 -15.73 10.05
C VAL A 1311 -47.16 -14.65 9.61
N ILE A 1312 -47.72 -13.90 10.57
CA ILE A 1312 -48.63 -12.82 10.21
C ILE A 1312 -47.87 -11.69 9.54
N GLY A 1313 -46.56 -11.59 9.77
CA GLY A 1313 -45.74 -10.65 9.02
C GLY A 1313 -45.43 -11.13 7.61
N SER A 1314 -45.44 -12.45 7.39
CA SER A 1314 -45.21 -13.02 6.07
C SER A 1314 -46.50 -13.25 5.30
N ILE A 1315 -47.65 -12.87 5.86
CA ILE A 1315 -48.92 -12.97 5.17
C ILE A 1315 -49.35 -11.65 4.55
N ILE A 1316 -49.13 -10.54 5.28
CA ILE A 1316 -49.57 -9.24 4.79
C ILE A 1316 -48.86 -8.88 3.49
N ASP A 1317 -47.55 -9.12 3.41
CA ASP A 1317 -46.83 -8.86 2.17
C ASP A 1317 -47.26 -9.83 1.07
N VAL A 1318 -47.67 -11.04 1.43
CA VAL A 1318 -48.26 -11.95 0.45
C VAL A 1318 -49.53 -11.36 -0.11
N ILE A 1319 -50.37 -10.78 0.75
CA ILE A 1319 -51.55 -10.05 0.26
C ILE A 1319 -51.13 -8.88 -0.61
N LEU A 1320 -50.09 -8.15 -0.19
CA LEU A 1320 -49.61 -7.02 -0.98
C LEU A 1320 -48.99 -7.45 -2.30
N SER A 1321 -48.61 -8.72 -2.44
CA SER A 1321 -48.01 -9.17 -3.69
C SER A 1321 -49.02 -9.18 -4.83
N GLU A 1322 -50.29 -9.44 -4.53
CA GLU A 1322 -51.33 -9.46 -5.55
C GLU A 1322 -52.04 -8.13 -5.71
N THR A 1323 -51.64 -7.11 -4.95
CA THR A 1323 -52.24 -5.78 -5.07
C THR A 1323 -51.57 -4.98 -6.18
N SER A 1372 -43.19 -0.79 -3.95
CA SER A 1372 -43.75 -1.51 -2.81
C SER A 1372 -42.88 -1.30 -1.56
N ILE A 1373 -43.10 -2.16 -0.56
CA ILE A 1373 -42.32 -2.13 0.67
C ILE A 1373 -41.76 -3.52 0.91
N THR A 1374 -40.50 -3.59 1.35
CA THR A 1374 -39.81 -4.86 1.55
C THR A 1374 -39.46 -5.10 3.01
N PHE A 1375 -40.03 -4.33 3.94
CA PHE A 1375 -39.73 -4.53 5.35
C PHE A 1375 -40.20 -5.88 5.85
N PHE A 1376 -41.40 -6.31 5.43
CA PHE A 1376 -41.97 -7.56 5.94
C PHE A 1376 -41.30 -8.78 5.35
N ARG A 1377 -40.79 -8.68 4.11
CA ARG A 1377 -40.15 -9.82 3.47
C ARG A 1377 -38.98 -10.33 4.32
N LEU A 1378 -38.22 -9.42 4.93
CA LEU A 1378 -37.09 -9.81 5.75
C LEU A 1378 -37.51 -10.70 6.90
N PHE A 1379 -38.75 -10.56 7.39
CA PHE A 1379 -39.24 -11.42 8.46
C PHE A 1379 -39.10 -12.89 8.07
N ARG A 1380 -39.32 -13.21 6.79
CA ARG A 1380 -39.21 -14.60 6.34
C ARG A 1380 -37.84 -15.18 6.66
N VAL A 1381 -36.79 -14.35 6.60
CA VAL A 1381 -35.45 -14.85 6.89
C VAL A 1381 -35.30 -15.14 8.37
N MET A 1382 -35.93 -14.33 9.23
CA MET A 1382 -35.63 -14.37 10.66
C MET A 1382 -35.92 -15.74 11.28
N ARG A 1383 -36.82 -16.52 10.70
CA ARG A 1383 -37.13 -17.84 11.24
C ARG A 1383 -35.89 -18.72 11.33
N LEU A 1384 -34.88 -18.48 10.49
CA LEU A 1384 -33.67 -19.27 10.54
C LEU A 1384 -32.98 -19.19 11.89
N VAL A 1385 -33.17 -18.09 12.63
CA VAL A 1385 -32.52 -17.98 13.93
C VAL A 1385 -33.04 -19.02 14.90
N LYS A 1386 -34.22 -19.58 14.65
CA LYS A 1386 -34.72 -20.67 15.48
C LYS A 1386 -33.78 -21.87 15.44
N LEU A 1387 -33.11 -22.09 14.32
CA LEU A 1387 -32.13 -23.16 14.22
C LEU A 1387 -30.97 -22.97 15.17
N LEU A 1388 -30.76 -21.76 15.68
CA LEU A 1388 -29.71 -21.54 16.67
C LEU A 1388 -30.10 -22.12 18.03
N SER A 1389 -31.40 -22.29 18.28
CA SER A 1389 -31.86 -22.84 19.55
C SER A 1389 -32.03 -24.36 19.49
N ARG A 1390 -31.00 -25.05 19.03
CA ARG A 1390 -31.01 -26.50 18.99
C ARG A 1390 -29.82 -27.11 19.70
N GLY A 1391 -28.63 -26.52 19.57
CA GLY A 1391 -27.46 -26.99 20.26
C GLY A 1391 -27.37 -26.44 21.67
N GLU A 1392 -27.23 -27.33 22.66
CA GLU A 1392 -27.24 -26.91 24.05
C GLU A 1392 -26.06 -25.99 24.36
N GLY A 1393 -24.87 -26.35 23.89
CA GLY A 1393 -23.68 -25.57 24.24
C GLY A 1393 -23.71 -24.16 23.70
N ILE A 1394 -24.05 -24.03 22.41
CA ILE A 1394 -24.05 -22.70 21.80
C ILE A 1394 -25.19 -21.85 22.36
N ARG A 1395 -26.35 -22.45 22.59
CA ARG A 1395 -27.46 -21.71 23.18
C ARG A 1395 -27.11 -21.22 24.57
N THR A 1396 -26.50 -22.08 25.40
CA THR A 1396 -26.12 -21.67 26.74
C THR A 1396 -25.05 -20.58 26.71
N LEU A 1397 -24.08 -20.71 25.82
CA LEU A 1397 -23.03 -19.68 25.70
C LEU A 1397 -23.63 -18.34 25.32
N LEU A 1398 -24.49 -18.33 24.30
CA LEU A 1398 -25.12 -17.09 23.86
C LEU A 1398 -25.96 -16.49 24.97
N TRP A 1399 -26.77 -17.31 25.64
CA TRP A 1399 -27.64 -16.79 26.70
C TRP A 1399 -26.83 -16.22 27.86
N THR A 1400 -25.75 -16.91 28.25
CA THR A 1400 -24.96 -16.43 29.36
C THR A 1400 -24.25 -15.12 29.01
N PHE A 1401 -23.71 -15.01 27.80
CA PHE A 1401 -23.10 -13.75 27.38
C PHE A 1401 -24.12 -12.62 27.29
N ILE A 1402 -25.34 -12.92 26.82
CA ILE A 1402 -26.37 -11.89 26.74
C ILE A 1402 -26.76 -11.42 28.15
N LYS A 1403 -26.89 -12.36 29.09
CA LYS A 1403 -27.19 -11.98 30.46
C LYS A 1403 -26.07 -11.14 31.06
N SER A 1404 -24.81 -11.50 30.78
CA SER A 1404 -23.69 -10.71 31.27
C SER A 1404 -23.73 -9.30 30.70
N PHE A 1405 -24.08 -9.16 29.42
CA PHE A 1405 -24.23 -7.82 28.85
C PHE A 1405 -25.38 -7.06 29.50
N GLN A 1406 -26.46 -7.76 29.84
CA GLN A 1406 -27.60 -7.12 30.48
C GLN A 1406 -27.25 -6.64 31.89
N ALA A 1407 -26.39 -7.37 32.60
CA ALA A 1407 -26.08 -7.04 33.98
C ALA A 1407 -25.11 -5.87 34.14
N LEU A 1408 -24.47 -5.42 33.05
CA LEU A 1408 -23.47 -4.37 33.09
C LEU A 1408 -23.81 -3.30 32.06
N PRO A 1409 -24.81 -2.45 32.33
CA PRO A 1409 -25.20 -1.43 31.35
C PRO A 1409 -24.36 -0.17 31.42
N TYR A 1410 -23.84 0.15 32.61
CA TYR A 1410 -23.14 1.41 32.79
C TYR A 1410 -21.75 1.39 32.14
N VAL A 1411 -21.15 0.21 32.03
CA VAL A 1411 -19.87 0.10 31.33
C VAL A 1411 -20.03 0.52 29.87
N ALA A 1412 -21.15 0.13 29.26
CA ALA A 1412 -21.46 0.59 27.90
C ALA A 1412 -21.93 2.03 27.88
N LEU A 1413 -22.60 2.48 28.95
CA LEU A 1413 -22.97 3.89 29.04
C LEU A 1413 -21.74 4.79 29.03
N LEU A 1414 -20.62 4.30 29.55
CA LEU A 1414 -19.38 5.08 29.47
C LEU A 1414 -18.96 5.31 28.02
N ILE A 1415 -19.01 4.26 27.20
CA ILE A 1415 -18.67 4.41 25.79
C ILE A 1415 -19.67 5.34 25.10
N VAL A 1416 -20.95 5.22 25.46
CA VAL A 1416 -21.96 6.10 24.88
C VAL A 1416 -21.66 7.56 25.21
N MET A 1417 -21.31 7.83 26.47
CA MET A 1417 -20.99 9.19 26.89
C MET A 1417 -19.74 9.72 26.19
N LEU A 1418 -18.72 8.87 26.05
CA LEU A 1418 -17.50 9.30 25.35
C LEU A 1418 -17.81 9.63 23.90
N PHE A 1419 -18.60 8.78 23.23
CA PHE A 1419 -18.98 9.07 21.85
C PHE A 1419 -19.76 10.38 21.76
N PHE A 1420 -20.69 10.60 22.68
CA PHE A 1420 -21.46 11.85 22.67
C PHE A 1420 -20.55 13.06 22.83
N ILE A 1421 -19.69 13.05 23.84
CA ILE A 1421 -18.86 14.22 24.09
C ILE A 1421 -17.99 14.54 22.89
N TYR A 1422 -17.20 13.56 22.47
CA TYR A 1422 -16.32 13.77 21.32
C TYR A 1422 -17.10 14.30 20.13
N ALA A 1423 -18.19 13.63 19.79
CA ALA A 1423 -19.01 14.08 18.67
C ALA A 1423 -19.27 15.56 18.78
N VAL A 1424 -19.92 15.96 19.87
CA VAL A 1424 -20.17 17.38 20.07
C VAL A 1424 -18.90 18.18 19.81
N ILE A 1425 -17.79 17.77 20.45
CA ILE A 1425 -16.56 18.53 20.24
C ILE A 1425 -16.22 18.62 18.76
N GLY A 1426 -16.33 17.52 18.04
CA GLY A 1426 -16.07 17.54 16.61
C GLY A 1426 -17.02 18.44 15.85
N MET A 1427 -18.30 18.42 16.22
CA MET A 1427 -19.27 19.30 15.59
C MET A 1427 -18.92 20.76 15.82
N GLN A 1428 -18.49 21.11 17.04
CA GLN A 1428 -18.17 22.49 17.33
C GLN A 1428 -16.87 22.95 16.68
N VAL A 1429 -15.92 22.04 16.50
CA VAL A 1429 -14.60 22.44 16.01
C VAL A 1429 -14.48 22.24 14.50
N PHE A 1430 -14.59 21.00 14.04
CA PHE A 1430 -14.41 20.66 12.62
C PHE A 1430 -15.73 20.65 11.86
N GLY A 1431 -16.79 21.18 12.45
CA GLY A 1431 -18.11 21.07 11.86
C GLY A 1431 -18.39 21.94 10.65
N LYS A 1432 -17.44 22.78 10.24
CA LYS A 1432 -17.67 23.70 9.14
C LYS A 1432 -16.98 23.29 7.84
N ILE A 1433 -15.90 22.52 7.91
CA ILE A 1433 -15.05 22.28 6.74
C ILE A 1433 -15.88 21.84 5.54
N ALA A 1434 -15.54 22.37 4.36
CA ALA A 1434 -16.37 22.21 3.19
C ALA A 1434 -16.39 20.76 2.71
N LEU A 1435 -17.58 20.30 2.34
CA LEU A 1435 -17.72 18.98 1.75
C LEU A 1435 -17.07 18.95 0.37
N ASN A 1436 -16.38 17.86 0.07
CA ASN A 1436 -15.65 17.75 -1.19
C ASN A 1436 -15.25 16.31 -1.41
N ASP A 1437 -15.37 15.85 -2.66
CA ASP A 1437 -14.83 14.56 -3.04
C ASP A 1437 -13.31 14.65 -3.10
N THR A 1438 -12.68 13.53 -3.49
CA THR A 1438 -11.23 13.31 -3.48
C THR A 1438 -10.62 13.81 -2.17
N THR A 1439 -11.41 13.77 -1.10
CA THR A 1439 -11.02 14.22 0.22
C THR A 1439 -11.76 13.35 1.22
N GLU A 1440 -11.17 13.15 2.40
CA GLU A 1440 -11.80 12.27 3.38
C GLU A 1440 -13.00 12.89 4.07
N ILE A 1441 -13.31 14.15 3.75
CA ILE A 1441 -14.49 14.79 4.31
C ILE A 1441 -15.47 15.07 3.19
N ASN A 1442 -16.51 14.24 3.09
CA ASN A 1442 -17.47 14.40 2.01
C ASN A 1442 -18.89 14.30 2.49
N ARG A 1443 -19.81 14.16 1.54
CA ARG A 1443 -21.22 14.05 1.89
C ARG A 1443 -21.43 12.88 2.83
N ASN A 1444 -20.61 11.84 2.71
CA ASN A 1444 -20.82 10.66 3.53
C ASN A 1444 -20.09 10.75 4.88
N ASN A 1445 -18.91 11.37 4.90
CA ASN A 1445 -18.08 11.47 6.09
C ASN A 1445 -17.91 12.95 6.42
N ASN A 1446 -18.63 13.43 7.44
CA ASN A 1446 -18.56 14.84 7.80
C ASN A 1446 -19.04 15.02 9.22
N PHE A 1447 -18.80 16.21 9.76
CA PHE A 1447 -19.22 16.59 11.10
C PHE A 1447 -20.46 17.48 11.10
N GLN A 1448 -21.15 17.60 9.96
CA GLN A 1448 -22.17 18.64 9.82
C GLN A 1448 -23.43 18.35 10.63
N THR A 1449 -23.69 17.09 10.97
CA THR A 1449 -24.82 16.74 11.82
C THR A 1449 -24.38 15.72 12.87
N PHE A 1450 -25.15 15.65 13.96
CA PHE A 1450 -24.81 14.74 15.04
C PHE A 1450 -24.78 13.27 14.60
N PRO A 1451 -25.77 12.76 13.86
CA PRO A 1451 -25.65 11.37 13.38
C PRO A 1451 -24.42 11.14 12.51
N GLN A 1452 -24.07 12.11 11.66
CA GLN A 1452 -22.90 11.95 10.81
C GLN A 1452 -21.61 11.99 11.62
N ALA A 1453 -21.55 12.85 12.64
CA ALA A 1453 -20.39 12.88 13.52
C ALA A 1453 -20.26 11.56 14.29
N VAL A 1454 -21.38 11.02 14.76
CA VAL A 1454 -21.35 9.74 15.46
C VAL A 1454 -20.89 8.63 14.51
N LEU A 1455 -21.35 8.66 13.27
CA LEU A 1455 -20.91 7.67 12.29
C LEU A 1455 -19.42 7.80 12.01
N LEU A 1456 -18.91 9.03 11.90
CA LEU A 1456 -17.48 9.23 11.69
C LEU A 1456 -16.67 8.71 12.87
N LEU A 1457 -17.14 8.96 14.09
CA LEU A 1457 -16.41 8.47 15.26
C LEU A 1457 -16.47 6.95 15.36
N PHE A 1458 -17.59 6.35 14.96
CA PHE A 1458 -17.66 4.89 14.89
C PHE A 1458 -16.70 4.35 13.85
N ARG A 1459 -16.59 5.03 12.72
CA ARG A 1459 -15.62 4.66 11.69
C ARG A 1459 -14.20 4.73 12.23
N CYS A 1460 -13.88 5.77 12.98
CA CYS A 1460 -12.54 5.89 13.56
C CYS A 1460 -12.28 4.84 14.62
N ALA A 1461 -13.30 4.54 15.44
CA ALA A 1461 -13.16 3.49 16.45
C ALA A 1461 -12.91 2.14 15.78
N THR A 1462 -13.63 1.85 14.70
CA THR A 1462 -13.31 0.68 13.89
C THR A 1462 -11.92 0.79 13.27
N GLY A 1463 -11.41 2.00 13.10
CA GLY A 1463 -10.11 2.20 12.50
C GLY A 1463 -10.09 1.96 11.01
N GLU A 1464 -10.82 2.77 10.26
CA GLU A 1464 -10.91 2.59 8.82
C GLU A 1464 -9.89 3.44 8.07
N ALA A 1465 -10.00 4.77 8.19
CA ALA A 1465 -9.04 5.68 7.59
C ALA A 1465 -8.78 6.90 8.48
N TRP A 1466 -8.85 6.72 9.81
CA TRP A 1466 -8.78 7.87 10.71
C TRP A 1466 -7.49 8.66 10.53
N GLN A 1467 -6.39 7.99 10.17
CA GLN A 1467 -5.15 8.68 9.90
C GLN A 1467 -5.26 9.60 8.69
N ASP A 1468 -6.25 9.38 7.83
CA ASP A 1468 -6.51 10.27 6.71
C ASP A 1468 -7.47 11.40 7.07
N ILE A 1469 -8.44 11.13 7.93
CA ILE A 1469 -9.33 12.20 8.38
C ILE A 1469 -8.56 13.21 9.22
N MET A 1470 -7.57 12.75 9.99
CA MET A 1470 -6.73 13.68 10.74
C MET A 1470 -6.07 14.68 9.81
N LEU A 1471 -5.49 14.18 8.71
CA LEU A 1471 -4.85 15.07 7.75
C LEU A 1471 -5.87 15.93 7.00
N ALA A 1472 -7.06 15.39 6.75
CA ALA A 1472 -8.11 16.16 6.09
C ALA A 1472 -8.76 17.18 7.01
N CYS A 1473 -8.48 17.14 8.30
CA CYS A 1473 -8.96 18.14 9.25
C CYS A 1473 -7.86 19.13 9.64
N MET A 1474 -6.73 19.10 8.93
CA MET A 1474 -5.61 19.97 9.24
C MET A 1474 -5.96 21.43 8.90
N PRO A 1475 -5.25 22.39 9.49
CA PRO A 1475 -5.45 23.79 9.09
C PRO A 1475 -5.10 24.01 7.62
N GLY A 1476 -5.84 24.91 6.99
CA GLY A 1476 -5.62 25.21 5.59
C GLY A 1476 -6.72 24.71 4.69
N LYS A 1477 -7.96 24.76 5.16
CA LYS A 1477 -9.11 24.27 4.42
C LYS A 1477 -10.15 25.38 4.27
N LYS A 1478 -10.83 25.38 3.13
CA LYS A 1478 -12.02 26.19 2.97
C LYS A 1478 -13.21 25.47 3.56
N CYS A 1479 -14.25 26.22 3.93
CA CYS A 1479 -15.46 25.63 4.46
C CYS A 1479 -16.69 26.17 3.73
N ALA A 1480 -17.85 25.62 4.10
CA ALA A 1480 -19.02 25.67 3.25
C ALA A 1480 -19.50 27.11 3.07
N PRO A 1481 -20.06 27.45 1.91
CA PRO A 1481 -20.61 28.80 1.71
C PRO A 1481 -21.79 29.10 2.62
N GLU A 1482 -22.41 28.07 3.20
CA GLU A 1482 -23.52 28.30 4.13
C GLU A 1482 -23.07 29.12 5.33
N SER A 1483 -21.87 28.85 5.85
CA SER A 1483 -21.29 29.67 6.90
C SER A 1483 -20.65 30.92 6.29
N GLU A 1484 -20.80 32.04 6.99
CA GLU A 1484 -20.24 33.30 6.52
C GLU A 1484 -19.20 33.84 7.50
N THR A 1489 -13.89 38.64 2.81
CA THR A 1489 -12.72 39.43 3.17
C THR A 1489 -11.47 38.55 3.27
N GLU A 1490 -11.14 38.12 4.48
CA GLU A 1490 -9.98 37.28 4.73
C GLU A 1490 -10.30 35.79 4.68
N GLY A 1491 -11.52 35.43 4.33
CA GLY A 1491 -11.93 34.04 4.34
C GLY A 1491 -11.55 33.27 3.08
N GLU A 1492 -10.24 33.13 2.84
CA GLU A 1492 -9.80 32.32 1.69
C GLU A 1492 -9.80 30.84 2.04
N THR A 1493 -8.91 30.44 2.96
CA THR A 1493 -8.98 29.12 3.60
C THR A 1493 -8.59 29.18 5.07
N PRO A 1494 -9.11 30.15 5.88
CA PRO A 1494 -8.73 30.25 7.29
C PRO A 1494 -9.68 29.49 8.21
N CYS A 1495 -9.89 28.21 7.94
CA CYS A 1495 -11.02 27.52 8.57
C CYS A 1495 -10.68 26.03 8.66
N GLY A 1496 -10.34 25.59 9.87
CA GLY A 1496 -9.78 24.28 10.12
C GLY A 1496 -8.63 24.38 11.11
N SER A 1497 -8.67 23.57 12.17
CA SER A 1497 -7.76 23.74 13.29
C SER A 1497 -6.72 22.62 13.34
N SER A 1498 -5.73 22.81 14.21
CA SER A 1498 -4.69 21.84 14.48
C SER A 1498 -5.02 20.93 15.65
N PHE A 1499 -6.24 21.05 16.20
CA PHE A 1499 -6.69 20.14 17.24
C PHE A 1499 -6.76 18.70 16.76
N ALA A 1500 -6.79 18.49 15.44
CA ALA A 1500 -7.02 17.16 14.88
C ALA A 1500 -5.97 16.15 15.32
N VAL A 1501 -4.77 16.61 15.67
CA VAL A 1501 -3.75 15.67 16.16
C VAL A 1501 -4.16 15.11 17.51
N PHE A 1502 -4.64 15.97 18.42
CA PHE A 1502 -5.03 15.49 19.74
C PHE A 1502 -6.44 14.93 19.73
N TYR A 1503 -7.31 15.42 18.85
CA TYR A 1503 -8.69 14.95 18.82
C TYR A 1503 -8.78 13.51 18.33
N PHE A 1504 -8.10 13.19 17.23
CA PHE A 1504 -8.27 11.88 16.62
C PHE A 1504 -7.37 10.82 17.25
N ILE A 1505 -6.24 11.22 17.84
CA ILE A 1505 -5.35 10.25 18.47
C ILE A 1505 -5.90 9.84 19.83
N SER A 1506 -6.15 10.83 20.70
CA SER A 1506 -6.61 10.54 22.05
C SER A 1506 -7.88 9.70 22.02
N PHE A 1507 -8.85 10.10 21.18
CA PHE A 1507 -10.07 9.31 21.02
C PHE A 1507 -9.73 7.86 20.73
N TYR A 1508 -8.85 7.62 19.76
CA TYR A 1508 -8.50 6.24 19.41
C TYR A 1508 -7.89 5.50 20.60
N MET A 1509 -7.11 6.20 21.43
CA MET A 1509 -6.55 5.55 22.61
C MET A 1509 -7.58 5.44 23.72
N LEU A 1510 -8.56 6.34 23.77
CA LEU A 1510 -9.56 6.27 24.83
C LEU A 1510 -10.62 5.22 24.51
N CYS A 1511 -11.30 5.39 23.38
CA CYS A 1511 -12.39 4.47 23.01
C CYS A 1511 -11.94 3.02 23.08
N ALA A 1512 -10.81 2.71 22.44
CA ALA A 1512 -10.29 1.35 22.48
C ALA A 1512 -10.18 0.84 23.91
N PHE A 1513 -9.55 1.65 24.78
CA PHE A 1513 -9.43 1.25 26.18
C PHE A 1513 -10.80 0.94 26.77
N LEU A 1514 -11.76 1.82 26.52
CA LEU A 1514 -13.11 1.60 27.05
C LEU A 1514 -13.68 0.29 26.54
N ILE A 1515 -13.46 -0.01 25.26
CA ILE A 1515 -13.93 -1.28 24.72
C ILE A 1515 -13.27 -2.43 25.46
N ILE A 1516 -11.97 -2.32 25.72
CA ILE A 1516 -11.28 -3.34 26.51
C ILE A 1516 -11.89 -3.44 27.89
N ASN A 1517 -12.32 -2.30 28.44
CA ASN A 1517 -13.01 -2.33 29.73
C ASN A 1517 -14.34 -3.03 29.62
N LEU A 1518 -15.05 -2.85 28.50
CA LEU A 1518 -16.37 -3.47 28.36
C LEU A 1518 -16.26 -4.97 28.13
N PHE A 1519 -15.31 -5.40 27.30
CA PHE A 1519 -15.13 -6.82 27.02
C PHE A 1519 -14.78 -7.58 28.29
N VAL A 1520 -13.65 -7.23 28.91
CA VAL A 1520 -13.13 -8.01 30.03
C VAL A 1520 -14.14 -8.11 31.15
N ALA A 1521 -14.78 -6.99 31.50
CA ALA A 1521 -15.81 -7.00 32.53
C ALA A 1521 -16.90 -8.01 32.20
N VAL A 1522 -17.39 -7.98 30.97
CA VAL A 1522 -18.41 -8.94 30.54
C VAL A 1522 -17.86 -10.37 30.66
N ILE A 1523 -16.58 -10.55 30.33
CA ILE A 1523 -15.95 -11.84 30.53
C ILE A 1523 -15.87 -12.18 32.02
N MET A 1524 -15.53 -11.19 32.84
CA MET A 1524 -15.24 -11.40 34.26
C MET A 1524 -16.36 -12.18 34.96
N ASP A 1525 -17.51 -11.54 35.09
CA ASP A 1525 -18.65 -12.11 35.80
C ASP A 1525 -19.20 -13.35 35.11
N ASN A 1526 -18.56 -13.79 34.03
CA ASN A 1526 -19.01 -14.99 33.32
C ASN A 1526 -17.91 -16.05 33.32
N PHE A 1527 -16.98 -15.99 34.27
CA PHE A 1527 -15.98 -17.06 34.35
C PHE A 1527 -16.58 -18.39 34.76
N ASP A 1528 -17.63 -18.37 35.59
CA ASP A 1528 -18.20 -19.62 36.08
C ASP A 1528 -18.56 -20.56 34.94
N TYR A 1529 -19.14 -20.01 33.87
CA TYR A 1529 -19.40 -20.83 32.69
C TYR A 1529 -18.14 -21.10 31.89
N LEU A 1530 -17.26 -20.10 31.76
CA LEU A 1530 -16.11 -20.24 30.86
C LEU A 1530 -15.12 -21.28 31.39
N THR A 1531 -14.92 -21.32 32.70
CA THR A 1531 -14.10 -22.34 33.35
C THR A 1531 -15.05 -23.23 34.15
N ARG A 1532 -15.58 -24.26 33.50
CA ARG A 1532 -16.65 -25.06 34.07
C ARG A 1532 -16.28 -26.50 34.32
N ASP A 1533 -15.52 -27.12 33.41
CA ASP A 1533 -15.15 -28.53 33.52
C ASP A 1533 -16.43 -29.38 33.58
N TRP A 1534 -17.10 -29.42 32.43
CA TRP A 1534 -18.42 -30.05 32.28
C TRP A 1534 -18.43 -31.53 32.71
N SER A 1535 -17.25 -32.13 32.86
CA SER A 1535 -17.17 -33.52 33.29
C SER A 1535 -17.76 -33.70 34.69
N ILE A 1536 -17.37 -32.82 35.63
CA ILE A 1536 -17.85 -32.89 37.00
C ILE A 1536 -19.25 -32.32 37.08
N LEU A 1537 -19.92 -32.52 38.21
CA LEU A 1537 -21.28 -32.03 38.39
C LEU A 1537 -21.34 -30.51 38.30
N GLY A 1538 -22.44 -30.02 37.75
CA GLY A 1538 -22.67 -28.60 37.61
C GLY A 1538 -24.13 -28.31 37.34
N PRO A 1539 -24.49 -27.03 37.28
CA PRO A 1539 -25.91 -26.66 37.09
C PRO A 1539 -26.51 -27.25 35.82
N HIS A 1540 -25.71 -27.47 34.78
CA HIS A 1540 -26.21 -28.13 33.58
C HIS A 1540 -26.74 -29.52 33.90
N HIS A 1541 -26.01 -30.28 34.72
CA HIS A 1541 -26.46 -31.63 35.08
C HIS A 1541 -27.74 -31.59 35.91
N LEU A 1542 -27.84 -30.67 36.87
CA LEU A 1542 -29.03 -30.57 37.70
C LEU A 1542 -30.21 -29.93 36.97
N ASP A 1543 -29.98 -29.34 35.80
CA ASP A 1543 -31.10 -28.79 35.03
C ASP A 1543 -32.05 -29.88 34.56
N GLU A 1544 -31.52 -31.04 34.16
CA GLU A 1544 -32.35 -32.10 33.61
C GLU A 1544 -33.21 -32.78 34.65
N PHE A 1545 -32.90 -32.64 35.95
CA PHE A 1545 -33.75 -33.24 36.97
C PHE A 1545 -35.16 -32.69 36.89
N LYS A 1546 -35.29 -31.38 36.72
CA LYS A 1546 -36.60 -30.77 36.57
C LYS A 1546 -37.28 -31.24 35.28
N ARG A 1547 -36.51 -31.39 34.20
CA ARG A 1547 -37.10 -31.82 32.93
C ARG A 1547 -37.57 -33.26 32.98
N ILE A 1548 -36.96 -34.12 33.80
CA ILE A 1548 -37.43 -35.50 33.93
C ILE A 1548 -38.49 -35.67 35.02
N TRP A 1549 -38.59 -34.75 35.97
CA TRP A 1549 -39.67 -34.82 36.94
C TRP A 1549 -40.86 -33.94 36.57
N ALA A 1550 -40.78 -33.20 35.47
CA ALA A 1550 -41.93 -32.42 35.01
C ALA A 1550 -43.09 -33.34 34.63
N GLU A 1551 -42.81 -34.43 33.95
CA GLU A 1551 -43.85 -35.35 33.53
C GLU A 1551 -44.34 -36.26 34.66
N TYR A 1552 -43.64 -36.27 35.80
CA TYR A 1552 -44.04 -37.08 36.94
C TYR A 1552 -44.76 -36.28 38.02
N ASP A 1553 -44.81 -34.96 37.90
CA ASP A 1553 -45.55 -34.11 38.82
C ASP A 1553 -46.57 -33.31 38.02
N PRO A 1554 -47.85 -33.34 38.40
CA PRO A 1554 -48.86 -32.58 37.63
C PRO A 1554 -48.55 -31.09 37.55
N GLU A 1555 -48.09 -30.51 38.65
CA GLU A 1555 -47.69 -29.11 38.68
C GLU A 1555 -46.36 -28.98 39.41
N ALA A 1556 -45.98 -27.76 39.77
CA ALA A 1556 -44.80 -27.57 40.61
C ALA A 1556 -44.94 -28.34 41.92
N LYS A 1557 -45.93 -27.96 42.73
CA LYS A 1557 -46.38 -28.73 43.89
C LYS A 1557 -45.23 -29.15 44.80
N GLY A 1558 -44.79 -30.40 44.67
CA GLY A 1558 -43.79 -30.96 45.55
C GLY A 1558 -44.18 -32.32 46.09
N ARG A 1559 -45.23 -32.90 45.51
CA ARG A 1559 -45.74 -34.21 45.89
C ARG A 1559 -45.40 -35.22 44.80
N ILE A 1560 -44.71 -36.29 45.18
CA ILE A 1560 -44.23 -37.29 44.23
C ILE A 1560 -44.76 -38.66 44.65
N LYS A 1561 -44.38 -39.68 43.88
CA LYS A 1561 -44.81 -41.05 44.10
C LYS A 1561 -43.68 -41.87 44.71
N HIS A 1562 -44.02 -42.68 45.72
CA HIS A 1562 -43.01 -43.49 46.39
C HIS A 1562 -42.40 -44.53 45.45
N LEU A 1563 -43.22 -45.11 44.58
CA LEU A 1563 -42.73 -46.12 43.64
C LEU A 1563 -42.01 -45.52 42.44
N ASP A 1564 -42.19 -44.21 42.20
CA ASP A 1564 -41.58 -43.56 41.04
C ASP A 1564 -40.06 -43.58 41.10
N VAL A 1565 -39.48 -43.80 42.30
CA VAL A 1565 -38.04 -43.83 42.44
C VAL A 1565 -37.42 -44.97 41.63
N VAL A 1566 -38.19 -46.02 41.34
CA VAL A 1566 -37.67 -47.15 40.57
C VAL A 1566 -37.14 -46.68 39.22
N THR A 1567 -37.94 -45.89 38.49
CA THR A 1567 -37.49 -45.32 37.23
C THR A 1567 -36.69 -44.03 37.42
N LEU A 1568 -36.88 -43.34 38.54
CA LEU A 1568 -36.10 -42.12 38.81
C LEU A 1568 -34.61 -42.46 38.90
N LEU A 1569 -34.28 -43.55 39.60
CA LEU A 1569 -32.87 -43.93 39.76
C LEU A 1569 -32.29 -44.44 38.46
N ARG A 1570 -33.10 -45.01 37.58
CA ARG A 1570 -32.60 -45.47 36.29
C ARG A 1570 -32.38 -44.32 35.32
N ARG A 1571 -33.26 -43.32 35.35
CA ARG A 1571 -33.23 -42.25 34.35
C ARG A 1571 -32.10 -41.24 34.57
N ILE A 1572 -31.45 -41.24 35.72
CA ILE A 1572 -30.40 -40.27 35.99
C ILE A 1572 -29.10 -40.73 35.36
N GLN A 1573 -28.38 -39.78 34.75
CA GLN A 1573 -27.16 -40.10 34.03
C GLN A 1573 -26.02 -40.43 35.02
N PRO A 1574 -25.03 -41.20 34.58
CA PRO A 1574 -23.91 -41.56 35.46
C PRO A 1574 -23.18 -40.34 36.02
N PRO A 1575 -22.96 -39.27 35.23
CA PRO A 1575 -22.32 -38.09 35.83
C PRO A 1575 -23.10 -37.50 36.99
N LEU A 1576 -24.43 -37.53 36.95
CA LEU A 1576 -25.25 -37.04 38.05
C LEU A 1576 -25.62 -38.16 39.01
N GLY A 1577 -26.00 -39.32 38.48
CA GLY A 1577 -26.41 -40.44 39.32
C GLY A 1577 -25.50 -41.64 39.21
N PHE A 1578 -25.99 -42.71 38.59
CA PHE A 1578 -25.30 -43.98 38.54
C PHE A 1578 -25.17 -44.45 37.10
N GLY A 1579 -24.22 -45.36 36.88
CA GLY A 1579 -23.95 -45.90 35.56
C GLY A 1579 -24.99 -46.91 35.12
N LYS A 1580 -24.54 -47.91 34.36
CA LYS A 1580 -25.41 -48.93 33.81
C LYS A 1580 -25.57 -50.12 34.76
N LEU A 1581 -25.37 -49.91 36.06
CA LEU A 1581 -25.51 -50.98 37.03
C LEU A 1581 -26.98 -51.29 37.28
N CYS A 1582 -27.22 -52.42 37.93
CA CYS A 1582 -28.58 -52.84 38.22
C CYS A 1582 -29.23 -51.87 39.20
N PRO A 1583 -30.48 -51.45 38.97
CA PRO A 1583 -31.08 -50.44 39.86
C PRO A 1583 -31.35 -50.96 41.26
N HIS A 1584 -31.93 -52.16 41.39
CA HIS A 1584 -32.29 -52.71 42.70
C HIS A 1584 -31.02 -53.20 43.40
N ARG A 1585 -30.19 -52.24 43.81
CA ARG A 1585 -28.87 -52.56 44.33
C ARG A 1585 -28.46 -51.48 45.33
N VAL A 1586 -27.16 -51.37 45.58
CA VAL A 1586 -26.62 -50.46 46.58
C VAL A 1586 -27.04 -49.02 46.33
N ALA A 1587 -27.35 -48.67 45.08
CA ALA A 1587 -27.83 -47.31 44.80
C ALA A 1587 -29.14 -47.04 45.52
N CYS A 1588 -30.14 -47.91 45.32
CA CYS A 1588 -31.40 -47.76 46.03
C CYS A 1588 -31.20 -47.96 47.53
N LYS A 1589 -30.28 -48.86 47.91
CA LYS A 1589 -30.03 -49.10 49.33
C LYS A 1589 -29.54 -47.85 50.03
N ARG A 1590 -28.63 -47.10 49.40
CA ARG A 1590 -28.14 -45.85 49.97
C ARG A 1590 -29.16 -44.73 49.84
N LEU A 1591 -29.97 -44.74 48.79
CA LEU A 1591 -31.01 -43.72 48.65
C LEU A 1591 -32.04 -43.83 49.76
N VAL A 1592 -32.38 -45.06 50.16
CA VAL A 1592 -33.38 -45.25 51.21
C VAL A 1592 -32.74 -45.27 52.61
N SER A 1593 -31.46 -45.61 52.71
CA SER A 1593 -30.81 -45.74 54.02
C SER A 1593 -30.51 -44.40 54.67
N MET A 1594 -30.36 -43.33 53.89
CA MET A 1594 -29.94 -42.04 54.43
C MET A 1594 -31.09 -41.39 55.19
N ASN A 1595 -30.89 -40.13 55.59
CA ASN A 1595 -31.86 -39.41 56.41
C ASN A 1595 -32.68 -38.49 55.50
N MET A 1596 -33.74 -39.03 54.90
CA MET A 1596 -34.71 -38.22 54.20
C MET A 1596 -35.65 -37.55 55.21
N PRO A 1597 -36.35 -36.49 54.80
CA PRO A 1597 -37.31 -35.85 55.72
C PRO A 1597 -38.37 -36.83 56.18
N LEU A 1598 -38.75 -36.72 57.46
CA LEU A 1598 -39.68 -37.65 58.09
C LEU A 1598 -41.13 -37.27 57.76
N ASN A 1599 -41.41 -37.26 56.45
CA ASN A 1599 -42.75 -37.01 55.94
C ASN A 1599 -43.49 -38.33 55.77
N SER A 1600 -44.62 -38.30 55.07
CA SER A 1600 -45.41 -39.50 54.84
C SER A 1600 -44.75 -40.35 53.74
N ASP A 1601 -45.47 -41.36 53.26
CA ASP A 1601 -44.89 -42.29 52.29
C ASP A 1601 -44.50 -41.57 51.01
N GLY A 1602 -45.33 -40.65 50.52
CA GLY A 1602 -45.03 -39.97 49.28
C GLY A 1602 -45.10 -38.46 49.36
N THR A 1603 -44.98 -37.90 50.57
CA THR A 1603 -45.03 -36.46 50.77
C THR A 1603 -43.63 -35.86 50.92
N VAL A 1604 -42.63 -36.45 50.28
CA VAL A 1604 -41.29 -35.88 50.26
C VAL A 1604 -41.24 -34.84 49.15
N MET A 1605 -40.71 -33.67 49.47
CA MET A 1605 -40.79 -32.55 48.56
C MET A 1605 -39.61 -32.57 47.59
N PHE A 1606 -39.73 -31.81 46.51
CA PHE A 1606 -38.80 -31.90 45.38
C PHE A 1606 -37.37 -31.54 45.80
N ASN A 1607 -37.20 -30.38 46.46
CA ASN A 1607 -35.86 -29.91 46.79
C ASN A 1607 -35.17 -30.83 47.78
N ALA A 1608 -35.92 -31.50 48.65
CA ALA A 1608 -35.32 -32.47 49.56
C ALA A 1608 -34.68 -33.62 48.79
N THR A 1609 -35.41 -34.20 47.84
CA THR A 1609 -34.85 -35.27 47.02
C THR A 1609 -33.67 -34.77 46.20
N LEU A 1610 -33.77 -33.56 45.65
CA LEU A 1610 -32.66 -33.00 44.87
C LEU A 1610 -31.42 -32.83 45.74
N PHE A 1611 -31.57 -32.34 46.97
CA PHE A 1611 -30.42 -32.19 47.85
C PHE A 1611 -29.85 -33.54 48.24
N ALA A 1612 -30.72 -34.54 48.46
CA ALA A 1612 -30.22 -35.88 48.77
C ALA A 1612 -29.40 -36.42 47.61
N LEU A 1613 -29.87 -36.23 46.38
CA LEU A 1613 -29.13 -36.72 45.21
C LEU A 1613 -27.80 -35.98 45.06
N VAL A 1614 -27.80 -34.66 45.23
CA VAL A 1614 -26.55 -33.91 45.06
C VAL A 1614 -25.57 -34.22 46.19
N ARG A 1615 -26.08 -34.57 47.39
CA ARG A 1615 -25.21 -34.98 48.47
C ARG A 1615 -24.62 -36.35 48.22
N THR A 1616 -25.42 -37.27 47.67
CA THR A 1616 -24.92 -38.60 47.36
C THR A 1616 -23.99 -38.59 46.15
N ALA A 1617 -24.07 -37.56 45.30
CA ALA A 1617 -23.16 -37.47 44.17
C ALA A 1617 -21.74 -37.11 44.60
N LEU A 1618 -21.61 -36.14 45.51
CA LEU A 1618 -20.30 -35.69 45.95
C LEU A 1618 -20.46 -35.01 47.31
N ARG A 1619 -19.32 -34.78 47.96
CA ARG A 1619 -19.25 -34.09 49.25
C ARG A 1619 -20.08 -34.82 50.31
N ILE A 1620 -19.63 -36.05 50.61
CA ILE A 1620 -20.30 -36.89 51.59
C ILE A 1620 -19.54 -36.81 52.90
N LYS A 1621 -20.27 -36.98 54.01
CA LYS A 1621 -19.70 -36.94 55.35
C LYS A 1621 -20.38 -38.00 56.20
N THR A 1622 -19.83 -38.20 57.40
CA THR A 1622 -20.34 -39.22 58.30
C THR A 1622 -21.71 -38.80 58.85
N GLU A 1623 -22.46 -39.80 59.31
CA GLU A 1623 -23.76 -39.54 59.89
C GLU A 1623 -23.61 -38.79 61.22
N GLY A 1624 -24.53 -37.87 61.48
CA GLY A 1624 -24.44 -36.99 62.63
C GLY A 1624 -23.92 -35.61 62.34
N ASN A 1625 -23.64 -35.29 61.08
CA ASN A 1625 -23.21 -33.97 60.66
C ASN A 1625 -24.26 -33.25 59.83
N LEU A 1626 -25.51 -33.74 59.85
CA LEU A 1626 -26.59 -33.07 59.14
C LEU A 1626 -26.86 -31.68 59.73
N GLU A 1627 -26.84 -31.57 61.06
CA GLU A 1627 -27.02 -30.27 61.70
C GLU A 1627 -25.89 -29.31 61.33
N GLN A 1628 -24.70 -29.84 61.03
CA GLN A 1628 -23.63 -28.98 60.54
C GLN A 1628 -24.00 -28.35 59.21
N ALA A 1629 -24.58 -29.13 58.30
CA ALA A 1629 -25.08 -28.57 57.06
C ALA A 1629 -26.22 -27.59 57.33
N ASN A 1630 -27.06 -27.89 58.32
CA ASN A 1630 -28.17 -27.01 58.64
C ASN A 1630 -27.68 -25.63 59.09
N GLU A 1631 -26.65 -25.59 59.93
CA GLU A 1631 -26.13 -24.30 60.37
C GLU A 1631 -25.28 -23.64 59.29
N GLU A 1632 -24.63 -24.43 58.43
CA GLU A 1632 -23.81 -23.87 57.37
C GLU A 1632 -24.65 -23.23 56.27
N LEU A 1633 -25.84 -23.77 55.99
CA LEU A 1633 -26.68 -23.23 54.94
C LEU A 1633 -27.31 -21.89 55.32
N ARG A 1634 -27.15 -21.43 56.55
CA ARG A 1634 -27.63 -20.11 56.95
C ARG A 1634 -26.51 -19.19 57.42
N ALA A 1635 -25.29 -19.71 57.60
CA ALA A 1635 -24.17 -18.89 58.05
C ALA A 1635 -23.53 -18.12 56.89
N ILE A 1636 -23.00 -18.83 55.90
CA ILE A 1636 -22.38 -18.21 54.76
C ILE A 1636 -23.26 -18.25 53.51
N ILE A 1637 -24.13 -19.25 53.38
CA ILE A 1637 -25.06 -19.30 52.26
C ILE A 1637 -26.09 -18.19 52.42
N LYS A 1638 -26.64 -17.73 51.30
CA LYS A 1638 -27.56 -16.61 51.29
C LYS A 1638 -28.85 -16.95 52.04
N LYS A 1639 -29.73 -15.95 52.13
CA LYS A 1639 -30.95 -16.09 52.93
C LYS A 1639 -31.81 -17.25 52.43
N ILE A 1640 -32.38 -17.99 53.38
CA ILE A 1640 -33.27 -19.10 53.07
C ILE A 1640 -34.71 -18.83 53.45
N TRP A 1641 -34.98 -17.75 54.18
CA TRP A 1641 -36.33 -17.27 54.48
C TRP A 1641 -37.16 -18.29 55.27
N LYS A 1642 -36.49 -19.23 55.95
CA LYS A 1642 -37.17 -20.30 56.69
C LYS A 1642 -38.14 -21.06 55.79
N ARG A 1643 -37.64 -21.48 54.62
CA ARG A 1643 -38.44 -22.21 53.66
C ARG A 1643 -38.11 -23.69 53.59
N THR A 1644 -37.04 -24.13 54.25
CA THR A 1644 -36.62 -25.53 54.24
C THR A 1644 -37.14 -26.31 55.42
N SER A 1645 -38.33 -25.95 55.92
CA SER A 1645 -38.91 -26.68 57.06
C SER A 1645 -39.16 -28.14 56.70
N MET A 1646 -39.67 -28.39 55.49
CA MET A 1646 -39.84 -29.75 55.02
C MET A 1646 -38.52 -30.41 54.63
N LYS A 1647 -37.46 -29.64 54.45
CA LYS A 1647 -36.12 -30.15 54.18
C LYS A 1647 -35.24 -30.15 55.41
N LEU A 1648 -35.80 -29.85 56.59
CA LEU A 1648 -35.00 -29.78 57.80
C LEU A 1648 -34.38 -31.13 58.14
N LEU A 1649 -35.11 -32.21 57.92
CA LEU A 1649 -34.62 -33.56 58.19
C LEU A 1649 -34.05 -34.19 56.92
N PHE B 27 -31.32 -5.09 -85.83
CA PHE B 27 -31.21 -3.64 -85.90
C PHE B 27 -30.63 -3.23 -87.25
N PRO B 28 -30.75 -1.95 -87.62
CA PRO B 28 -30.30 -1.51 -88.95
C PRO B 28 -28.83 -1.85 -89.20
N SER B 29 -28.55 -2.21 -90.45
CA SER B 29 -27.22 -2.68 -90.83
C SER B 29 -26.19 -1.57 -90.68
N ALA B 30 -24.91 -1.97 -90.71
CA ALA B 30 -23.82 -1.03 -90.52
C ALA B 30 -23.75 0.02 -91.62
N VAL B 31 -24.30 -0.27 -92.80
CA VAL B 31 -24.22 0.68 -93.91
C VAL B 31 -24.96 1.97 -93.57
N THR B 32 -26.17 1.84 -93.02
CA THR B 32 -26.96 3.02 -92.66
C THR B 32 -26.58 3.58 -91.31
N ILE B 33 -25.82 2.86 -90.49
CA ILE B 33 -25.39 3.39 -89.20
C ILE B 33 -24.38 4.51 -89.40
N LYS B 34 -23.45 4.33 -90.34
CA LYS B 34 -22.46 5.38 -90.62
C LYS B 34 -23.15 6.65 -91.11
N SER B 35 -24.14 6.50 -92.00
CA SER B 35 -24.88 7.68 -92.47
C SER B 35 -25.72 8.29 -91.37
N TRP B 36 -26.23 7.47 -90.45
CA TRP B 36 -27.00 7.99 -89.33
C TRP B 36 -26.14 8.87 -88.44
N VAL B 37 -24.89 8.49 -88.23
CA VAL B 37 -24.00 9.26 -87.36
C VAL B 37 -23.20 10.31 -88.13
N ASP B 38 -23.09 10.20 -89.45
CA ASP B 38 -22.36 11.20 -90.22
C ASP B 38 -23.11 12.53 -90.26
N LYS B 39 -24.45 12.48 -90.21
CA LYS B 39 -25.22 13.72 -90.15
C LYS B 39 -24.99 14.46 -88.84
N MET B 40 -24.69 13.74 -87.76
CA MET B 40 -24.36 14.38 -86.49
C MET B 40 -22.97 15.01 -86.54
N GLN B 41 -22.01 14.36 -87.21
CA GLN B 41 -20.66 14.90 -87.31
C GLN B 41 -20.66 16.20 -88.10
N GLU B 42 -21.38 16.24 -89.22
CA GLU B 42 -21.34 17.41 -90.09
C GLU B 42 -21.93 18.64 -89.40
N ASP B 43 -23.09 18.49 -88.77
CA ASP B 43 -23.75 19.66 -88.17
C ASP B 43 -23.03 20.12 -86.91
N LEU B 44 -22.62 19.18 -86.05
CA LEU B 44 -22.00 19.56 -84.78
C LEU B 44 -20.67 20.28 -85.02
N VAL B 45 -19.85 19.75 -85.93
CA VAL B 45 -18.56 20.39 -86.21
C VAL B 45 -18.77 21.75 -86.85
N THR B 46 -19.65 21.83 -87.84
CA THR B 46 -19.86 23.09 -88.56
C THR B 46 -20.54 24.13 -87.68
N LEU B 47 -21.49 23.70 -86.84
CA LEU B 47 -22.15 24.64 -85.95
C LEU B 47 -21.16 25.24 -84.95
N ALA B 48 -20.26 24.41 -84.41
CA ALA B 48 -19.23 24.92 -83.53
C ALA B 48 -18.12 25.65 -84.29
N LYS B 49 -17.88 25.23 -85.52
CA LYS B 49 -16.85 25.89 -86.31
C LYS B 49 -17.13 27.37 -86.39
N THR B 50 -18.32 27.71 -86.85
CA THR B 50 -18.67 29.11 -87.01
C THR B 50 -18.91 29.79 -85.68
N ALA B 51 -19.88 29.30 -84.92
CA ALA B 51 -20.22 29.92 -83.64
C ALA B 51 -18.98 30.33 -82.88
N SER B 52 -18.08 29.39 -82.63
CA SER B 52 -16.87 29.69 -81.89
C SER B 52 -15.98 30.68 -82.61
N GLY B 53 -15.94 30.59 -83.94
CA GLY B 53 -15.05 31.46 -84.69
C GLY B 53 -13.62 30.96 -84.68
N VAL B 54 -13.43 29.67 -84.97
CA VAL B 54 -12.09 29.10 -84.98
C VAL B 54 -11.23 29.77 -86.05
N ASN B 55 -11.77 29.87 -87.28
CA ASN B 55 -11.02 30.43 -88.38
C ASN B 55 -11.04 31.96 -88.39
N GLN B 56 -11.95 32.57 -87.64
CA GLN B 56 -12.00 34.03 -87.55
C GLN B 56 -11.18 34.59 -86.40
N LEU B 57 -10.47 33.73 -85.66
CA LEU B 57 -9.42 34.17 -84.77
C LEU B 57 -8.03 33.98 -85.37
N VAL B 58 -7.90 33.07 -86.35
CA VAL B 58 -6.61 32.89 -87.03
C VAL B 58 -6.24 34.16 -87.79
N ASP B 59 -7.18 34.71 -88.56
CA ASP B 59 -6.89 35.90 -89.35
C ASP B 59 -6.68 37.12 -88.45
N ILE B 60 -7.44 37.22 -87.35
CA ILE B 60 -7.25 38.33 -86.42
C ILE B 60 -5.86 38.30 -85.84
N TYR B 61 -5.40 37.12 -85.43
CA TYR B 61 -4.05 36.94 -84.91
C TYR B 61 -2.98 37.04 -85.99
N GLU B 62 -3.35 36.99 -87.28
CA GLU B 62 -2.40 37.04 -88.37
C GLU B 62 -2.44 38.32 -89.18
N LYS B 63 -3.57 39.02 -89.19
CA LYS B 63 -3.66 40.23 -90.00
C LYS B 63 -2.77 41.35 -89.47
N TYR B 64 -2.47 41.34 -88.17
CA TYR B 64 -1.61 42.38 -87.60
C TYR B 64 -0.14 42.02 -87.81
N GLN B 65 0.31 40.94 -87.16
CA GLN B 65 1.68 40.42 -87.29
C GLN B 65 2.74 41.50 -87.04
N ASP B 66 2.34 42.62 -86.44
CA ASP B 66 3.25 43.72 -86.15
C ASP B 66 3.15 44.22 -84.71
N LEU B 67 2.08 43.89 -83.99
CA LEU B 67 1.93 44.25 -82.59
C LEU B 67 2.64 43.28 -81.66
N TYR B 68 3.27 42.24 -82.19
CA TYR B 68 3.94 41.23 -81.39
C TYR B 68 5.03 40.57 -82.22
N THR B 69 5.93 39.87 -81.54
CA THR B 69 6.99 39.12 -82.18
C THR B 69 7.01 37.70 -81.63
N VAL B 70 7.53 36.79 -82.43
CA VAL B 70 7.61 35.38 -82.07
C VAL B 70 9.04 35.07 -81.68
N GLU B 71 9.24 34.70 -80.41
CA GLU B 71 10.57 34.43 -79.89
C GLU B 71 10.71 32.97 -79.51
N PRO B 72 11.89 32.37 -79.74
CA PRO B 72 12.06 30.94 -79.44
C PRO B 72 12.12 30.68 -77.94
N ASN B 73 11.74 29.46 -77.57
CA ASN B 73 11.86 28.95 -76.20
C ASN B 73 13.02 27.95 -76.20
N ASN B 74 14.23 28.46 -75.99
CA ASN B 74 15.41 27.60 -75.93
C ASN B 74 15.33 26.78 -74.65
N ALA B 75 14.96 25.52 -74.79
CA ALA B 75 14.79 24.67 -73.61
C ALA B 75 16.11 24.47 -72.88
N ARG B 76 17.19 24.26 -73.62
CA ARG B 76 18.49 24.03 -72.98
C ARG B 76 18.93 25.23 -72.17
N GLN B 77 18.77 26.44 -72.71
CA GLN B 77 19.19 27.64 -71.99
C GLN B 77 18.24 28.00 -70.88
N LEU B 78 16.96 27.66 -71.01
CA LEU B 78 15.99 27.98 -69.96
C LEU B 78 16.30 27.22 -68.68
N VAL B 79 16.66 25.94 -68.80
CA VAL B 79 16.98 25.17 -67.60
C VAL B 79 18.27 25.67 -66.96
N GLU B 80 19.28 25.95 -67.78
CA GLU B 80 20.57 26.38 -67.22
C GLU B 80 20.44 27.75 -66.54
N ILE B 81 19.62 28.64 -67.09
CA ILE B 81 19.40 29.93 -66.45
C ILE B 81 18.73 29.76 -65.10
N ALA B 82 17.70 28.91 -65.04
CA ALA B 82 17.01 28.69 -63.77
C ALA B 82 17.85 27.87 -62.80
N ALA B 83 18.72 26.99 -63.32
CA ALA B 83 19.58 26.20 -62.43
C ALA B 83 20.56 27.09 -61.70
N ARG B 84 21.11 28.10 -62.38
CA ARG B 84 22.02 29.03 -61.72
C ARG B 84 21.27 29.92 -60.73
N ASP B 85 20.03 30.29 -61.05
CA ASP B 85 19.23 31.10 -60.14
C ASP B 85 18.91 30.32 -58.87
N ILE B 86 18.58 29.04 -58.99
CA ILE B 86 18.33 28.22 -57.81
C ILE B 86 19.62 28.02 -57.02
N GLU B 87 20.73 27.79 -57.73
CA GLU B 87 22.02 27.63 -57.05
C GLU B 87 22.42 28.92 -56.33
N LYS B 88 22.20 30.07 -56.96
CA LYS B 88 22.54 31.34 -56.33
C LYS B 88 21.66 31.59 -55.10
N LEU B 89 20.38 31.23 -55.17
CA LEU B 89 19.49 31.41 -54.03
C LEU B 89 19.96 30.58 -52.84
N LEU B 90 20.35 29.33 -53.08
CA LEU B 90 20.86 28.49 -52.02
C LEU B 90 22.29 28.85 -51.62
N SER B 91 23.00 29.63 -52.45
CA SER B 91 24.32 30.10 -52.06
C SER B 91 24.23 31.23 -51.03
N ASN B 92 23.23 32.10 -51.16
CA ASN B 92 23.03 33.13 -50.16
C ASN B 92 22.70 32.54 -48.79
N ARG B 93 21.82 31.53 -48.76
CA ARG B 93 21.45 30.91 -47.50
C ARG B 93 22.59 30.11 -46.90
N SER B 94 23.47 29.55 -47.74
CA SER B 94 24.65 28.88 -47.23
C SER B 94 25.59 29.87 -46.55
N LYS B 95 25.71 31.08 -47.10
CA LYS B 95 26.52 32.10 -46.45
C LYS B 95 25.90 32.58 -45.15
N ALA B 96 24.57 32.59 -45.08
CA ALA B 96 23.90 33.00 -43.84
C ALA B 96 24.17 32.01 -42.72
N LEU B 97 24.15 30.71 -43.03
CA LEU B 97 24.42 29.69 -42.01
C LEU B 97 25.85 29.78 -41.49
N VAL B 98 26.81 29.98 -42.39
CA VAL B 98 28.22 29.97 -41.99
C VAL B 98 28.51 31.12 -41.04
N ARG B 99 28.02 32.32 -41.35
CA ARG B 99 28.24 33.46 -40.47
C ARG B 99 27.55 33.28 -39.13
N LEU B 100 26.41 32.59 -39.13
CA LEU B 100 25.71 32.31 -37.87
C LEU B 100 26.41 31.21 -37.08
N ALA B 101 26.95 30.21 -37.77
CA ALA B 101 27.63 29.12 -37.08
C ALA B 101 29.00 29.54 -36.57
N LEU B 102 29.70 30.41 -37.29
CA LEU B 102 31.01 30.85 -36.85
C LEU B 102 30.92 31.77 -35.65
N GLU B 103 29.91 32.63 -35.60
CA GLU B 103 29.74 33.53 -34.46
C GLU B 103 29.29 32.77 -33.22
N ALA B 104 28.40 31.79 -33.39
CA ALA B 104 27.90 31.04 -32.25
C ALA B 104 29.02 30.23 -31.60
N GLU B 105 29.96 29.72 -32.40
CA GLU B 105 31.10 29.00 -31.84
C GLU B 105 32.01 29.93 -31.07
N LYS B 106 32.37 31.08 -31.67
CA LYS B 106 33.30 32.00 -31.02
C LYS B 106 32.72 32.61 -29.76
N VAL B 107 31.45 33.03 -29.80
CA VAL B 107 30.83 33.68 -28.65
C VAL B 107 30.74 32.71 -27.47
N GLN B 108 30.37 31.45 -27.75
CA GLN B 108 30.23 30.47 -26.68
C GLN B 108 31.58 30.16 -26.03
N ALA B 109 32.68 30.23 -26.79
CA ALA B 109 33.99 29.95 -26.22
C ALA B 109 34.32 30.94 -25.11
N ALA B 110 34.00 32.21 -25.29
CA ALA B 110 34.26 33.23 -24.29
C ALA B 110 33.05 33.40 -23.37
N HIS B 111 32.70 32.32 -22.69
CA HIS B 111 31.61 32.31 -21.71
C HIS B 111 32.14 31.79 -20.38
N GLN B 112 31.70 32.43 -19.29
CA GLN B 112 32.27 32.17 -17.98
C GLN B 112 31.47 31.19 -17.13
N TRP B 113 30.24 30.85 -17.53
CA TRP B 113 29.38 29.94 -16.77
C TRP B 113 29.17 30.45 -15.34
N ARG B 114 28.50 31.59 -15.24
CA ARG B 114 28.15 32.13 -13.93
C ARG B 114 26.99 31.30 -13.36
N GLU B 115 27.09 30.97 -12.06
CA GLU B 115 26.19 29.97 -11.50
C GLU B 115 24.81 30.54 -11.22
N ASP B 116 24.73 31.57 -10.39
CA ASP B 116 23.47 32.22 -10.04
C ASP B 116 23.30 33.46 -10.91
N PHE B 117 22.07 33.95 -10.98
CA PHE B 117 21.72 35.10 -11.81
C PHE B 117 20.88 36.11 -11.02
N ALA B 118 21.32 36.43 -9.80
CA ALA B 118 20.59 37.37 -8.96
C ALA B 118 20.83 38.81 -9.38
N SER B 119 22.09 39.26 -9.32
CA SER B 119 22.40 40.66 -9.63
C SER B 119 22.23 40.95 -11.11
N ASN B 120 22.78 40.10 -11.97
CA ASN B 120 22.74 40.29 -13.42
C ASN B 120 21.66 39.38 -14.01
N GLU B 121 20.59 39.99 -14.49
CA GLU B 121 19.48 39.25 -15.07
C GLU B 121 19.78 38.88 -16.52
N VAL B 122 18.87 38.11 -17.11
CA VAL B 122 18.89 37.81 -18.53
C VAL B 122 17.57 38.30 -19.13
N VAL B 123 17.67 39.08 -20.20
CA VAL B 123 16.50 39.64 -20.88
C VAL B 123 16.32 38.89 -22.19
N TYR B 124 15.07 38.54 -22.50
CA TYR B 124 14.74 37.74 -23.68
C TYR B 124 13.23 37.70 -23.82
N TYR B 125 12.75 37.60 -25.05
CA TYR B 125 11.32 37.46 -25.32
C TYR B 125 11.01 35.97 -25.40
N ASN B 126 10.47 35.43 -24.32
CA ASN B 126 10.01 34.05 -24.33
C ASN B 126 8.71 33.94 -25.10
N ALA B 127 8.70 33.09 -26.11
CA ALA B 127 7.49 32.90 -26.92
C ALA B 127 6.41 32.22 -26.07
N LYS B 128 5.24 32.02 -26.71
CA LYS B 128 4.05 31.46 -26.10
C LYS B 128 3.81 32.03 -24.69
N ASP B 129 3.65 33.35 -24.65
CA ASP B 129 3.21 34.05 -23.45
C ASP B 129 2.51 35.32 -23.88
N ASP B 130 1.74 35.90 -22.95
CA ASP B 130 0.95 37.08 -23.27
C ASP B 130 1.58 38.35 -22.72
N GLU B 139 8.70 34.71 -12.73
CA GLU B 139 9.72 34.11 -11.88
C GLU B 139 11.02 34.91 -11.93
N PRO B 140 11.69 35.02 -10.80
CA PRO B 140 12.94 35.81 -10.75
C PRO B 140 14.07 35.10 -11.49
N GLY B 141 15.07 35.90 -11.88
CA GLY B 141 16.23 35.41 -12.58
C GLY B 141 16.21 35.67 -14.08
N SER B 142 15.04 35.97 -14.65
CA SER B 142 14.93 36.24 -16.08
C SER B 142 13.83 37.28 -16.30
N GLN B 143 14.15 38.32 -17.06
CA GLN B 143 13.20 39.38 -17.37
C GLN B 143 12.35 38.98 -18.57
N ARG B 144 11.57 39.93 -19.10
CA ARG B 144 10.72 39.68 -20.25
C ARG B 144 10.74 40.90 -21.15
N ILE B 145 10.36 40.70 -22.41
CA ILE B 145 10.36 41.75 -23.42
C ILE B 145 8.99 41.77 -24.09
N LYS B 146 8.39 42.96 -24.17
CA LYS B 146 7.14 43.12 -24.89
C LYS B 146 7.43 43.78 -26.23
N PRO B 147 7.23 43.09 -27.35
CA PRO B 147 7.65 43.62 -28.65
C PRO B 147 6.54 44.40 -29.36
N VAL B 148 6.93 45.04 -30.46
CA VAL B 148 6.00 45.86 -31.23
C VAL B 148 5.00 45.01 -32.00
N PHE B 149 5.48 43.95 -32.65
CA PHE B 149 4.63 43.00 -33.37
C PHE B 149 3.81 43.66 -34.47
N ILE B 150 4.52 44.19 -35.47
CA ILE B 150 3.86 44.67 -36.69
C ILE B 150 3.33 43.48 -37.49
N GLU B 151 2.37 43.75 -38.37
CA GLU B 151 1.84 42.77 -39.29
C GLU B 151 2.52 42.95 -40.64
N ASP B 152 3.14 41.88 -41.15
CA ASP B 152 4.02 41.98 -42.30
C ASP B 152 3.72 40.87 -43.30
N ALA B 153 4.04 41.14 -44.57
CA ALA B 153 3.98 40.14 -45.61
C ALA B 153 5.20 39.22 -45.51
N ASN B 154 5.25 38.20 -46.37
CA ASN B 154 6.21 37.11 -46.35
C ASN B 154 6.00 36.21 -45.13
N PHE B 155 5.08 36.55 -44.24
CA PHE B 155 4.69 35.74 -43.12
C PHE B 155 3.19 35.91 -42.94
N GLY B 156 2.50 34.83 -42.60
CA GLY B 156 1.07 34.94 -42.37
C GLY B 156 0.69 35.45 -41.00
N ARG B 157 1.67 35.93 -40.22
CA ARG B 157 1.43 36.30 -38.84
C ARG B 157 2.03 37.66 -38.52
N GLN B 158 2.02 38.04 -37.24
CA GLN B 158 2.60 39.30 -36.79
C GLN B 158 4.00 39.05 -36.27
N ILE B 159 4.95 39.85 -36.73
CA ILE B 159 6.37 39.64 -36.47
C ILE B 159 6.98 40.90 -35.88
N SER B 160 8.17 40.74 -35.31
CA SER B 160 8.96 41.85 -34.78
C SER B 160 10.40 41.67 -35.20
N TYR B 161 11.01 42.74 -35.72
CA TYR B 161 12.38 42.69 -36.19
C TYR B 161 13.40 43.15 -35.15
N GLN B 162 12.95 43.49 -33.95
CA GLN B 162 13.82 44.11 -32.96
C GLN B 162 14.61 43.11 -32.12
N HIS B 163 14.27 41.83 -32.17
CA HIS B 163 14.97 40.81 -31.38
C HIS B 163 14.51 39.45 -31.88
N ALA B 164 15.03 38.41 -31.23
CA ALA B 164 14.70 37.03 -31.55
C ALA B 164 13.86 36.41 -30.44
N ALA B 165 12.91 35.58 -30.82
CA ALA B 165 12.06 34.89 -29.87
C ALA B 165 12.67 33.57 -29.45
N VAL B 166 12.38 33.15 -28.23
CA VAL B 166 12.92 31.92 -27.66
C VAL B 166 11.76 30.99 -27.34
N HIS B 167 11.87 29.74 -27.79
CA HIS B 167 10.88 28.71 -27.48
C HIS B 167 11.52 27.69 -26.53
N ILE B 168 10.95 27.54 -25.35
CA ILE B 168 11.39 26.58 -24.35
C ILE B 168 10.30 25.53 -24.22
N PRO B 169 10.61 24.24 -24.44
CA PRO B 169 9.56 23.21 -24.35
C PRO B 169 8.94 23.16 -22.96
N THR B 170 7.74 22.59 -22.90
CA THR B 170 6.94 22.64 -21.68
C THR B 170 7.63 21.91 -20.54
N ASP B 171 8.17 20.71 -20.81
CA ASP B 171 8.77 19.89 -19.77
C ASP B 171 10.18 20.35 -19.36
N ILE B 172 10.63 21.50 -19.86
CA ILE B 172 11.91 22.08 -19.48
C ILE B 172 11.63 23.38 -18.73
N TYR B 173 12.20 23.51 -17.54
CA TYR B 173 11.95 24.65 -16.68
C TYR B 173 12.94 25.77 -17.01
N GLU B 174 12.41 26.93 -17.41
CA GLU B 174 13.24 28.10 -17.54
C GLU B 174 13.62 28.63 -16.16
N GLY B 175 14.84 29.14 -16.05
CA GLY B 175 15.40 29.52 -14.77
C GLY B 175 16.39 28.53 -14.22
N SER B 176 16.49 27.34 -14.79
CA SER B 176 17.53 26.40 -14.41
C SER B 176 18.88 26.90 -14.90
N THR B 177 19.95 26.36 -14.30
CA THR B 177 21.29 26.85 -14.61
C THR B 177 21.65 26.60 -16.07
N ILE B 178 21.26 25.44 -16.61
CA ILE B 178 21.60 25.13 -17.99
C ILE B 178 20.86 26.05 -18.96
N VAL B 179 19.56 26.28 -18.71
CA VAL B 179 18.77 27.10 -19.61
C VAL B 179 19.19 28.56 -19.50
N LEU B 180 19.40 29.06 -18.28
CA LEU B 180 19.74 30.47 -18.11
C LEU B 180 21.09 30.81 -18.73
N ASN B 181 22.00 29.83 -18.79
CA ASN B 181 23.28 30.07 -19.45
C ASN B 181 23.11 30.13 -20.96
N GLU B 182 22.24 29.30 -21.52
CA GLU B 182 21.99 29.34 -22.96
C GLU B 182 21.34 30.67 -23.35
N LEU B 183 20.43 31.18 -22.52
CA LEU B 183 19.78 32.45 -22.80
C LEU B 183 20.74 33.63 -22.75
N ASN B 184 21.95 33.44 -22.21
CA ASN B 184 22.91 34.53 -22.10
C ASN B 184 23.86 34.57 -23.30
N TRP B 185 24.58 33.49 -23.56
CA TRP B 185 25.56 33.51 -24.63
C TRP B 185 24.93 33.44 -26.00
N THR B 186 23.69 32.96 -26.11
CA THR B 186 22.97 33.01 -27.38
C THR B 186 22.32 34.36 -27.62
N SER B 187 22.35 35.27 -26.64
CA SER B 187 21.84 36.61 -26.84
C SER B 187 22.70 37.41 -27.82
N ALA B 188 23.92 36.95 -28.09
CA ALA B 188 24.77 37.59 -29.08
C ALA B 188 24.40 37.23 -30.51
N LEU B 189 23.53 36.23 -30.69
CA LEU B 189 23.11 35.85 -32.04
C LEU B 189 22.11 36.82 -32.65
N ASP B 190 21.49 37.66 -31.81
CA ASP B 190 20.48 38.59 -32.33
C ASP B 190 21.09 39.57 -33.32
N GLU B 191 22.31 40.04 -33.05
CA GLU B 191 22.95 40.98 -33.97
C GLU B 191 23.24 40.33 -35.31
N VAL B 192 23.70 39.07 -35.30
CA VAL B 192 23.93 38.37 -36.56
C VAL B 192 22.62 38.07 -37.26
N PHE B 193 21.56 37.78 -36.49
CA PHE B 193 20.24 37.60 -37.08
C PHE B 193 19.79 38.85 -37.81
N LYS B 194 19.95 40.02 -37.18
CA LYS B 194 19.52 41.27 -37.80
C LYS B 194 20.38 41.63 -39.01
N LYS B 195 21.69 41.43 -38.90
CA LYS B 195 22.58 41.85 -39.97
C LYS B 195 22.48 40.90 -41.16
N ASN B 196 22.06 39.65 -40.94
CA ASN B 196 21.80 38.74 -42.04
C ASN B 196 20.68 39.25 -42.92
N ARG B 197 19.62 39.78 -42.31
CA ARG B 197 18.48 40.30 -43.08
C ARG B 197 18.83 41.60 -43.80
N GLU B 198 19.87 42.30 -43.38
CA GLU B 198 20.29 43.51 -44.09
C GLU B 198 20.79 43.17 -45.50
N GLU B 199 21.55 42.08 -45.63
CA GLU B 199 22.09 41.69 -46.91
C GLU B 199 21.12 40.87 -47.75
N ASP B 200 19.96 40.50 -47.21
CA ASP B 200 18.97 39.73 -47.95
C ASP B 200 17.60 39.93 -47.32
N PRO B 201 16.89 41.00 -47.70
CA PRO B 201 15.56 41.25 -47.09
C PRO B 201 14.58 40.10 -47.28
N SER B 202 14.68 39.37 -48.39
CA SER B 202 13.79 38.22 -48.63
C SER B 202 14.37 37.00 -47.93
N LEU B 203 14.36 37.05 -46.61
CA LEU B 203 14.93 36.01 -45.76
C LEU B 203 13.90 35.55 -44.75
N LEU B 204 13.70 34.24 -44.66
CA LEU B 204 12.71 33.64 -43.78
C LEU B 204 13.37 33.29 -42.44
N TRP B 205 12.68 32.47 -41.65
CA TRP B 205 13.13 32.14 -40.29
C TRP B 205 14.59 31.70 -40.26
N GLN B 206 15.35 32.30 -39.35
CA GLN B 206 16.68 31.80 -38.99
C GLN B 206 16.59 31.33 -37.54
N VAL B 207 16.90 30.07 -37.31
CA VAL B 207 16.66 29.44 -36.01
C VAL B 207 17.92 28.70 -35.58
N PHE B 208 18.27 28.84 -34.30
CA PHE B 208 19.33 28.08 -33.67
C PHE B 208 18.72 27.13 -32.65
N GLY B 209 18.83 25.85 -32.90
CA GLY B 209 18.28 24.86 -32.00
C GLY B 209 19.30 24.30 -31.04
N SER B 210 19.20 24.67 -29.77
CA SER B 210 20.18 24.27 -28.79
C SER B 210 20.03 22.78 -28.44
N ALA B 211 21.15 22.16 -28.10
CA ALA B 211 21.11 20.82 -27.52
C ALA B 211 20.46 20.82 -26.14
N THR B 212 20.36 21.99 -25.51
CA THR B 212 19.61 22.11 -24.27
C THR B 212 18.13 21.85 -24.51
N GLY B 213 17.59 22.33 -25.63
CA GLY B 213 16.20 22.09 -25.97
C GLY B 213 15.46 23.33 -26.42
N LEU B 214 16.10 24.49 -26.34
CA LEU B 214 15.47 25.77 -26.63
C LEU B 214 15.94 26.29 -27.97
N ALA B 215 14.99 26.82 -28.75
CA ALA B 215 15.28 27.42 -30.05
C ALA B 215 15.14 28.93 -29.97
N ARG B 216 16.03 29.64 -30.67
CA ARG B 216 16.01 31.09 -30.73
C ARG B 216 15.91 31.48 -32.20
N TYR B 217 14.71 31.83 -32.64
CA TYR B 217 14.45 32.12 -34.05
C TYR B 217 14.19 33.60 -34.26
N TYR B 218 14.48 34.06 -35.47
CA TYR B 218 14.35 35.45 -35.88
C TYR B 218 13.67 35.53 -37.23
N PRO B 219 12.73 36.46 -37.42
CA PRO B 219 12.24 37.50 -36.49
C PRO B 219 11.38 36.93 -35.37
N ALA B 220 11.08 37.73 -34.35
CA ALA B 220 10.37 37.25 -33.18
C ALA B 220 8.86 37.28 -33.43
N SER B 221 8.23 36.12 -33.36
CA SER B 221 6.78 35.99 -33.48
C SER B 221 6.26 35.11 -32.37
N PRO B 222 5.04 35.36 -31.90
CA PRO B 222 4.46 34.50 -30.85
C PRO B 222 4.27 33.08 -31.37
N TRP B 223 4.42 32.12 -30.47
CA TRP B 223 4.29 30.71 -30.84
C TRP B 223 2.85 30.41 -31.25
N VAL B 224 2.70 29.42 -32.12
CA VAL B 224 1.40 29.02 -32.63
C VAL B 224 0.48 28.55 -31.51
N LYS B 232 -4.21 24.36 -27.04
CA LYS B 232 -4.28 22.96 -26.67
C LYS B 232 -3.03 22.48 -25.95
N ILE B 233 -2.27 21.61 -26.59
CA ILE B 233 -1.11 20.97 -25.99
C ILE B 233 0.10 21.25 -26.88
N ASP B 234 1.17 21.77 -26.30
CA ASP B 234 2.36 22.14 -27.05
C ASP B 234 3.44 21.09 -26.80
N LEU B 235 3.64 20.20 -27.77
CA LEU B 235 4.61 19.12 -27.67
C LEU B 235 5.82 19.34 -28.57
N TYR B 236 6.09 20.58 -28.96
CA TYR B 236 7.18 20.88 -29.87
C TYR B 236 8.51 20.79 -29.13
N ASP B 237 9.40 19.92 -29.59
CA ASP B 237 10.76 19.82 -29.08
C ASP B 237 11.72 19.97 -30.25
N VAL B 238 12.71 20.85 -30.08
CA VAL B 238 13.57 21.22 -31.20
C VAL B 238 14.44 20.05 -31.63
N ARG B 239 14.89 19.24 -30.68
CA ARG B 239 15.83 18.17 -30.99
C ARG B 239 15.18 17.00 -31.71
N ARG B 240 13.85 16.96 -31.81
CA ARG B 240 13.15 15.94 -32.57
C ARG B 240 12.78 16.37 -33.97
N ARG B 241 12.99 17.64 -34.32
CA ARG B 241 12.61 18.12 -35.63
C ARG B 241 13.51 17.51 -36.71
N PRO B 242 12.95 17.27 -37.91
CA PRO B 242 13.74 16.63 -38.97
C PRO B 242 14.98 17.42 -39.37
N TRP B 243 14.92 18.76 -39.34
CA TRP B 243 16.09 19.55 -39.73
C TRP B 243 17.19 19.50 -38.68
N TYR B 244 16.83 19.27 -37.41
CA TYR B 244 17.84 19.11 -36.38
C TYR B 244 18.50 17.74 -36.45
N ILE B 245 17.72 16.68 -36.64
CA ILE B 245 18.27 15.33 -36.60
C ILE B 245 19.20 15.08 -37.76
N GLN B 246 18.88 15.62 -38.93
CA GLN B 246 19.73 15.41 -40.10
C GLN B 246 21.09 16.08 -39.97
N GLY B 247 21.21 17.09 -39.12
CA GLY B 247 22.47 17.79 -38.95
C GLY B 247 23.22 17.43 -37.70
N ALA B 248 22.61 16.61 -36.84
CA ALA B 248 23.27 16.18 -35.61
C ALA B 248 24.07 14.90 -35.78
N ALA B 249 23.94 14.22 -36.91
CA ALA B 249 24.62 12.95 -37.14
C ALA B 249 24.55 12.64 -38.63
N SER B 250 25.01 11.45 -39.00
CA SER B 250 25.00 10.94 -40.36
C SER B 250 23.92 9.89 -40.52
N PRO B 251 23.53 9.57 -41.76
CA PRO B 251 22.53 8.51 -41.96
C PRO B 251 22.99 7.20 -41.33
N LYS B 252 22.03 6.46 -40.78
CA LYS B 252 22.32 5.29 -39.96
C LYS B 252 21.70 4.04 -40.57
N ASP B 253 22.02 2.91 -39.94
CA ASP B 253 21.56 1.58 -40.34
C ASP B 253 20.95 0.87 -39.14
N MET B 254 20.04 1.55 -38.46
CA MET B 254 19.46 1.03 -37.22
C MET B 254 18.85 -0.34 -37.42
N LEU B 255 18.85 -1.12 -36.34
CA LEU B 255 18.20 -2.42 -36.30
C LEU B 255 17.75 -2.65 -34.87
N ILE B 256 16.44 -2.56 -34.63
CA ILE B 256 15.90 -2.56 -33.28
C ILE B 256 15.59 -4.00 -32.87
N LEU B 257 16.21 -4.43 -31.77
CA LEU B 257 15.92 -5.73 -31.16
C LEU B 257 14.95 -5.51 -30.02
N VAL B 258 13.77 -6.12 -30.11
CA VAL B 258 12.72 -5.97 -29.12
C VAL B 258 12.61 -7.28 -28.35
N ASP B 259 12.74 -7.21 -27.04
CA ASP B 259 12.63 -8.41 -26.20
C ASP B 259 11.16 -8.68 -25.94
N VAL B 260 10.66 -9.81 -26.46
CA VAL B 260 9.25 -10.15 -26.34
C VAL B 260 9.10 -11.41 -25.50
N SER B 261 10.01 -11.60 -24.55
CA SER B 261 9.93 -12.74 -23.66
C SER B 261 8.80 -12.56 -22.66
N GLY B 262 8.63 -13.54 -21.78
CA GLY B 262 7.52 -13.52 -20.84
C GLY B 262 7.61 -12.41 -19.81
N SER B 263 8.83 -12.11 -19.34
CA SER B 263 9.00 -11.17 -18.24
C SER B 263 8.59 -9.75 -18.59
N VAL B 264 8.42 -9.43 -19.88
CA VAL B 264 8.04 -8.07 -20.27
C VAL B 264 6.54 -7.90 -20.42
N SER B 265 5.76 -8.95 -20.16
CA SER B 265 4.31 -8.84 -20.29
C SER B 265 3.74 -7.89 -19.25
N GLY B 266 2.70 -7.16 -19.64
CA GLY B 266 2.05 -6.24 -18.74
C GLY B 266 2.31 -4.78 -19.10
N LEU B 267 2.76 -3.99 -18.11
CA LEU B 267 3.00 -2.58 -18.35
C LEU B 267 4.25 -2.35 -19.20
N THR B 268 5.32 -3.06 -18.90
CA THR B 268 6.59 -2.83 -19.58
C THR B 268 6.57 -3.28 -21.04
N LEU B 269 5.55 -4.01 -21.48
CA LEU B 269 5.40 -4.28 -22.90
C LEU B 269 4.78 -3.11 -23.64
N LYS B 270 3.81 -2.44 -23.02
CA LYS B 270 3.23 -1.25 -23.64
C LYS B 270 4.20 -0.08 -23.64
N LEU B 271 5.19 -0.10 -22.75
CA LEU B 271 6.23 0.93 -22.78
C LEU B 271 7.24 0.68 -23.89
N ILE B 272 7.51 -0.59 -24.21
CA ILE B 272 8.40 -0.90 -25.32
C ILE B 272 7.74 -0.56 -26.65
N ARG B 273 6.44 -0.84 -26.77
CA ARG B 273 5.73 -0.53 -28.01
C ARG B 273 5.71 0.96 -28.27
N THR B 274 5.50 1.78 -27.24
CA THR B 274 5.51 3.22 -27.40
C THR B 274 6.92 3.74 -27.67
N SER B 275 7.92 3.15 -27.01
CA SER B 275 9.30 3.62 -27.19
C SER B 275 9.81 3.32 -28.58
N VAL B 276 9.48 2.14 -29.12
CA VAL B 276 9.92 1.80 -30.48
C VAL B 276 9.28 2.73 -31.50
N SER B 277 8.00 3.06 -31.32
CA SER B 277 7.34 3.98 -32.22
C SER B 277 7.97 5.36 -32.18
N GLU B 278 8.31 5.84 -30.98
CA GLU B 278 8.98 7.13 -30.85
C GLU B 278 10.44 7.06 -31.29
N MET B 279 11.03 5.87 -31.31
CA MET B 279 12.37 5.73 -31.87
C MET B 279 12.35 5.82 -33.39
N LEU B 280 11.34 5.21 -34.01
CA LEU B 280 11.20 5.29 -35.46
C LEU B 280 10.93 6.70 -35.95
N GLU B 281 10.37 7.57 -35.09
CA GLU B 281 10.08 8.93 -35.49
C GLU B 281 11.34 9.78 -35.65
N THR B 282 12.48 9.33 -35.13
CA THR B 282 13.73 10.05 -35.28
C THR B 282 14.51 9.64 -36.52
N LEU B 283 13.98 8.73 -37.31
CA LEU B 283 14.61 8.29 -38.55
C LEU B 283 14.10 9.11 -39.72
N SER B 284 14.90 9.14 -40.79
CA SER B 284 14.49 9.86 -41.99
C SER B 284 14.53 8.90 -43.17
N ASP B 285 14.44 9.44 -44.38
CA ASP B 285 14.48 8.60 -45.57
C ASP B 285 15.87 8.04 -45.79
N ASP B 286 16.89 8.87 -45.68
CA ASP B 286 18.25 8.43 -45.92
C ASP B 286 18.64 7.29 -44.99
N ASP B 287 17.97 7.21 -43.84
CA ASP B 287 18.30 6.16 -42.88
C ASP B 287 17.57 4.87 -43.23
N PHE B 288 18.16 3.74 -42.80
CA PHE B 288 17.61 2.42 -43.05
C PHE B 288 17.36 1.73 -41.73
N VAL B 289 16.19 1.11 -41.58
CA VAL B 289 15.75 0.53 -40.32
C VAL B 289 15.10 -0.82 -40.56
N ASN B 290 15.09 -1.64 -39.52
CA ASN B 290 14.30 -2.87 -39.46
C ASN B 290 14.13 -3.24 -38.00
N VAL B 291 12.99 -3.84 -37.68
CA VAL B 291 12.63 -4.19 -36.32
C VAL B 291 12.52 -5.70 -36.22
N ALA B 292 13.26 -6.29 -35.27
CA ALA B 292 13.25 -7.71 -35.01
C ALA B 292 12.74 -7.97 -33.59
N SER B 293 12.73 -9.24 -33.20
CA SER B 293 12.31 -9.64 -31.86
C SER B 293 12.96 -10.97 -31.52
N PHE B 294 12.95 -11.31 -30.24
CA PHE B 294 13.54 -12.57 -29.80
C PHE B 294 12.92 -13.02 -28.49
N ASN B 295 12.47 -14.27 -28.45
CA ASN B 295 12.08 -14.95 -27.21
C ASN B 295 12.38 -16.44 -27.41
N SER B 296 13.59 -16.83 -27.01
CA SER B 296 14.12 -18.19 -27.20
C SER B 296 14.30 -18.49 -28.68
N ASN B 297 13.92 -17.55 -29.54
CA ASN B 297 14.05 -17.67 -30.98
C ASN B 297 13.82 -16.31 -31.63
N ALA B 298 14.73 -15.90 -32.50
CA ALA B 298 14.64 -14.58 -33.11
C ALA B 298 13.82 -14.62 -34.39
N GLN B 299 13.09 -13.54 -34.64
CA GLN B 299 12.26 -13.44 -35.84
C GLN B 299 11.96 -11.96 -36.10
N ASP B 300 11.56 -11.68 -37.33
CA ASP B 300 11.15 -10.33 -37.69
C ASP B 300 9.70 -10.10 -37.30
N VAL B 301 9.40 -8.89 -36.83
CA VAL B 301 8.05 -8.55 -36.41
C VAL B 301 7.13 -8.22 -37.56
N SER B 302 7.63 -8.22 -38.80
CA SER B 302 6.85 -7.79 -39.95
C SER B 302 7.28 -8.62 -41.16
N CYS B 303 6.89 -8.15 -42.35
CA CYS B 303 7.10 -8.85 -43.61
C CYS B 303 8.38 -8.46 -44.32
N PHE B 304 9.20 -7.58 -43.74
CA PHE B 304 10.30 -6.99 -44.48
C PHE B 304 11.52 -7.89 -44.57
N GLN B 305 11.83 -8.63 -43.50
CA GLN B 305 12.88 -9.63 -43.43
C GLN B 305 14.27 -9.13 -43.84
N HIS B 306 14.43 -7.81 -43.95
CA HIS B 306 15.74 -7.19 -44.12
C HIS B 306 15.56 -5.68 -43.97
N LEU B 307 16.67 -4.96 -44.08
CA LEU B 307 16.65 -3.51 -43.89
C LEU B 307 15.85 -2.83 -44.99
N VAL B 308 15.03 -1.85 -44.60
CA VAL B 308 14.21 -1.10 -45.56
C VAL B 308 14.62 0.36 -45.52
N GLN B 309 13.97 1.18 -46.37
CA GLN B 309 14.43 2.54 -46.61
C GLN B 309 13.91 3.54 -45.59
N ALA B 310 13.02 3.13 -44.69
CA ALA B 310 12.54 3.97 -43.59
C ALA B 310 11.97 5.29 -44.08
N ASN B 311 11.10 5.22 -45.08
CA ASN B 311 10.36 6.38 -45.54
C ASN B 311 9.04 6.46 -44.77
N VAL B 312 8.12 7.31 -45.23
CA VAL B 312 6.84 7.47 -44.54
C VAL B 312 6.05 6.17 -44.57
N ARG B 313 6.03 5.49 -45.72
CA ARG B 313 5.21 4.30 -45.86
C ARG B 313 5.79 3.12 -45.09
N ASN B 314 7.11 2.91 -45.17
CA ASN B 314 7.71 1.75 -44.53
C ASN B 314 7.59 1.82 -43.01
N LYS B 315 7.79 3.00 -42.43
CA LYS B 315 7.64 3.15 -40.99
C LYS B 315 6.22 2.93 -40.52
N LYS B 316 5.23 3.07 -41.40
CA LYS B 316 3.85 2.78 -41.03
C LYS B 316 3.64 1.28 -40.87
N VAL B 317 4.32 0.47 -41.69
CA VAL B 317 4.20 -0.98 -41.58
C VAL B 317 4.88 -1.46 -40.30
N LEU B 318 6.07 -0.94 -40.00
CA LEU B 318 6.80 -1.37 -38.81
C LEU B 318 6.09 -0.92 -37.54
N LYS B 319 5.51 0.29 -37.55
CA LYS B 319 4.77 0.76 -36.38
C LYS B 319 3.53 -0.09 -36.13
N ASP B 320 2.81 -0.46 -37.19
CA ASP B 320 1.63 -1.29 -37.02
C ASP B 320 2.00 -2.72 -36.61
N ALA B 321 3.15 -3.22 -37.08
CA ALA B 321 3.54 -4.58 -36.74
C ALA B 321 4.05 -4.67 -35.31
N VAL B 322 4.73 -3.62 -34.82
CA VAL B 322 5.24 -3.62 -33.47
C VAL B 322 4.14 -3.41 -32.43
N ASN B 323 2.96 -2.96 -32.87
CA ASN B 323 1.81 -2.87 -31.98
C ASN B 323 1.08 -4.19 -31.84
N ASN B 324 1.39 -5.18 -32.67
CA ASN B 324 0.72 -6.47 -32.64
C ASN B 324 1.54 -7.54 -31.93
N ILE B 325 2.73 -7.20 -31.42
CA ILE B 325 3.54 -8.21 -30.77
C ILE B 325 2.97 -8.54 -29.39
N THR B 326 3.31 -9.74 -28.92
CA THR B 326 2.85 -10.21 -27.62
C THR B 326 4.02 -10.85 -26.89
N ALA B 327 3.93 -10.87 -25.56
CA ALA B 327 5.02 -11.33 -24.71
C ALA B 327 4.73 -12.75 -24.23
N LYS B 328 5.61 -13.68 -24.60
CA LYS B 328 5.53 -15.07 -24.16
C LYS B 328 6.81 -15.78 -24.58
N GLY B 329 7.35 -16.61 -23.69
CA GLY B 329 8.50 -17.43 -24.00
C GLY B 329 9.62 -17.21 -23.01
N ILE B 330 10.83 -17.55 -23.44
CA ILE B 330 12.02 -17.46 -22.61
C ILE B 330 13.02 -16.53 -23.27
N THR B 331 13.69 -15.70 -22.47
CA THR B 331 14.69 -14.79 -22.99
C THR B 331 15.91 -15.55 -23.50
N ASP B 332 16.44 -15.10 -24.65
CA ASP B 332 17.64 -15.71 -25.22
C ASP B 332 18.39 -14.61 -25.97
N TYR B 333 19.44 -14.06 -25.34
CA TYR B 333 20.19 -12.98 -25.97
C TYR B 333 21.11 -13.50 -27.06
N LYS B 334 21.59 -14.73 -26.96
CA LYS B 334 22.54 -15.25 -27.94
C LYS B 334 21.90 -15.39 -29.31
N LYS B 335 20.66 -15.89 -29.37
CA LYS B 335 19.98 -16.02 -30.66
C LYS B 335 19.48 -14.67 -31.17
N GLY B 336 19.06 -13.78 -30.27
CA GLY B 336 18.63 -12.47 -30.71
C GLY B 336 19.76 -11.63 -31.28
N PHE B 337 20.94 -11.66 -30.63
CA PHE B 337 22.05 -10.86 -31.10
C PHE B 337 22.70 -11.45 -32.34
N SER B 338 22.67 -12.78 -32.49
CA SER B 338 23.15 -13.40 -33.71
C SER B 338 22.30 -12.98 -34.90
N PHE B 339 20.98 -12.92 -34.71
CA PHE B 339 20.09 -12.48 -35.76
C PHE B 339 20.35 -11.03 -36.14
N ALA B 340 20.58 -10.17 -35.14
CA ALA B 340 20.82 -8.76 -35.42
C ALA B 340 22.14 -8.56 -36.15
N PHE B 341 23.21 -9.22 -35.69
CA PHE B 341 24.50 -9.09 -36.33
C PHE B 341 24.54 -9.69 -37.72
N GLU B 342 23.56 -10.51 -38.08
CA GLU B 342 23.47 -11.07 -39.43
C GLU B 342 22.74 -10.15 -40.38
N GLN B 343 21.72 -9.44 -39.89
CA GLN B 343 20.98 -8.51 -40.75
C GLN B 343 21.83 -7.31 -41.14
N LEU B 344 22.81 -6.94 -40.31
CA LEU B 344 23.65 -5.79 -40.58
C LEU B 344 24.82 -6.09 -41.50
N LEU B 345 25.01 -7.34 -41.89
CA LEU B 345 26.07 -7.73 -42.82
C LEU B 345 25.48 -8.32 -44.11
N ASN B 346 24.25 -7.93 -44.45
CA ASN B 346 23.58 -8.47 -45.62
C ASN B 346 24.33 -8.11 -46.90
N TYR B 347 24.37 -6.82 -47.23
CA TYR B 347 25.08 -6.30 -48.40
C TYR B 347 24.49 -6.84 -49.70
N ASN B 348 23.43 -7.64 -49.60
CA ASN B 348 22.70 -8.09 -50.79
C ASN B 348 21.69 -7.05 -51.26
N VAL B 349 21.38 -6.06 -50.42
CA VAL B 349 20.37 -5.06 -50.72
C VAL B 349 20.99 -3.68 -50.59
N SER B 350 20.21 -2.67 -50.98
CA SER B 350 20.65 -1.29 -50.81
C SER B 350 20.62 -0.89 -49.35
N ARG B 351 21.68 -0.22 -48.90
CA ARG B 351 21.79 0.23 -47.52
C ARG B 351 22.40 1.63 -47.54
N ALA B 352 22.72 2.16 -46.36
CA ALA B 352 23.32 3.47 -46.24
C ALA B 352 24.84 3.42 -46.18
N ASN B 353 25.42 2.26 -45.91
CA ASN B 353 26.88 2.09 -45.81
C ASN B 353 27.48 3.11 -44.84
N CYS B 354 26.82 3.25 -43.70
CA CYS B 354 27.16 4.26 -42.69
C CYS B 354 26.81 3.67 -41.32
N ASN B 355 26.65 4.54 -40.34
CA ASN B 355 26.47 4.17 -38.93
C ASN B 355 25.60 2.93 -38.78
N LYS B 356 26.16 1.89 -38.15
CA LYS B 356 25.45 0.66 -37.86
C LYS B 356 25.26 0.58 -36.36
N ILE B 357 24.01 0.53 -35.91
CA ILE B 357 23.67 0.58 -34.50
C ILE B 357 22.58 -0.44 -34.22
N ILE B 358 22.70 -1.13 -33.08
CA ILE B 358 21.72 -2.09 -32.62
C ILE B 358 21.02 -1.52 -31.40
N MET B 359 19.70 -1.44 -31.44
CA MET B 359 18.89 -0.90 -30.35
C MET B 359 18.19 -2.05 -29.65
N LEU B 360 18.59 -2.31 -28.41
CA LEU B 360 18.06 -3.42 -27.63
C LEU B 360 17.07 -2.88 -26.60
N PHE B 361 15.81 -3.27 -26.73
CA PHE B 361 14.74 -2.85 -25.83
C PHE B 361 14.38 -4.04 -24.96
N THR B 362 14.92 -4.05 -23.73
CA THR B 362 14.66 -5.12 -22.78
C THR B 362 14.55 -4.50 -21.39
N ASP B 363 14.32 -5.35 -20.39
CA ASP B 363 14.27 -4.92 -19.01
C ASP B 363 15.50 -5.31 -18.21
N GLY B 364 15.85 -6.59 -18.21
CA GLY B 364 17.02 -7.06 -17.49
C GLY B 364 17.25 -8.52 -17.77
N GLY B 365 18.41 -9.00 -17.33
CA GLY B 365 18.77 -10.38 -17.57
C GLY B 365 19.94 -10.80 -16.71
N GLU B 366 20.51 -11.95 -17.06
CA GLU B 366 21.65 -12.50 -16.34
C GLU B 366 22.82 -12.89 -17.24
N GLU B 367 22.65 -12.89 -18.55
CA GLU B 367 23.70 -13.28 -19.48
C GLU B 367 24.19 -12.07 -20.27
N ARG B 368 25.49 -12.05 -20.54
CA ARG B 368 26.11 -10.94 -21.26
C ARG B 368 26.36 -11.25 -22.73
N ALA B 369 26.23 -12.51 -23.14
CA ALA B 369 26.48 -12.92 -24.52
C ALA B 369 27.87 -12.49 -24.99
N GLN B 370 28.85 -12.73 -24.12
CA GLN B 370 30.21 -12.26 -24.41
C GLN B 370 30.79 -12.90 -25.65
N GLU B 371 30.45 -14.16 -25.93
CA GLU B 371 31.01 -14.86 -27.08
C GLU B 371 30.52 -14.26 -28.39
N ILE B 372 29.29 -13.78 -28.44
CA ILE B 372 28.75 -13.22 -29.69
C ILE B 372 29.43 -11.90 -30.02
N PHE B 373 29.55 -11.02 -29.02
CA PHE B 373 30.17 -9.72 -29.28
C PHE B 373 31.64 -9.87 -29.69
N ASN B 374 32.35 -10.79 -29.05
CA ASN B 374 33.74 -11.05 -29.42
C ASN B 374 33.86 -11.73 -30.77
N LYS B 375 32.76 -12.29 -31.30
CA LYS B 375 32.79 -12.99 -32.56
C LYS B 375 32.41 -12.09 -33.73
N TYR B 376 31.31 -11.36 -33.62
CA TYR B 376 30.81 -10.57 -34.74
C TYR B 376 31.54 -9.23 -34.86
N ASN B 377 31.41 -8.38 -33.86
CA ASN B 377 32.07 -7.08 -33.87
C ASN B 377 33.29 -7.05 -32.94
N LYS B 378 34.25 -7.90 -33.28
CA LYS B 378 35.52 -7.92 -32.55
C LYS B 378 36.24 -6.59 -32.66
N ASP B 379 36.22 -5.98 -33.84
CA ASP B 379 36.80 -4.67 -34.08
C ASP B 379 35.85 -3.53 -33.74
N LYS B 380 34.64 -3.84 -33.29
CA LYS B 380 33.67 -2.85 -32.83
C LYS B 380 33.29 -1.87 -33.93
N LYS B 381 32.80 -2.42 -35.04
CA LYS B 381 32.24 -1.59 -36.10
C LYS B 381 30.78 -1.22 -35.82
N VAL B 382 30.09 -2.00 -34.99
CA VAL B 382 28.67 -1.82 -34.72
C VAL B 382 28.51 -1.33 -33.29
N ARG B 383 27.74 -0.27 -33.11
CA ARG B 383 27.39 0.23 -31.79
C ARG B 383 26.17 -0.50 -31.26
N VAL B 384 26.09 -0.64 -29.94
CA VAL B 384 24.98 -1.31 -29.28
C VAL B 384 24.42 -0.37 -28.23
N PHE B 385 23.23 0.18 -28.50
CA PHE B 385 22.51 0.99 -27.54
C PHE B 385 21.49 0.12 -26.82
N THR B 386 21.49 0.16 -25.49
CA THR B 386 20.67 -0.71 -24.67
C THR B 386 19.72 0.13 -23.83
N PHE B 387 18.45 -0.24 -23.84
CA PHE B 387 17.41 0.45 -23.08
C PHE B 387 16.82 -0.50 -22.05
N SER B 388 16.69 -0.02 -20.82
CA SER B 388 16.05 -0.77 -19.74
C SER B 388 14.73 -0.09 -19.42
N VAL B 389 13.63 -0.77 -19.74
CA VAL B 389 12.31 -0.17 -19.76
C VAL B 389 11.47 -0.74 -18.62
N GLY B 390 10.75 0.14 -17.92
CA GLY B 390 9.79 -0.27 -16.91
C GLY B 390 10.37 -0.27 -15.52
N GLN B 391 9.48 -0.55 -14.56
CA GLN B 391 9.84 -0.67 -13.15
C GLN B 391 9.99 -2.15 -12.84
N HIS B 392 11.23 -2.57 -12.56
CA HIS B 392 11.51 -3.97 -12.30
C HIS B 392 12.77 -4.08 -11.45
N ASN B 393 12.93 -5.24 -10.83
CA ASN B 393 14.08 -5.53 -9.97
C ASN B 393 15.11 -6.42 -10.66
N TYR B 394 14.97 -6.67 -11.95
CA TYR B 394 15.93 -7.50 -12.66
C TYR B 394 17.28 -6.81 -12.78
N ASP B 395 18.31 -7.61 -12.99
CA ASP B 395 19.68 -7.11 -12.96
C ASP B 395 19.97 -6.28 -14.21
N ARG B 396 20.38 -5.04 -14.02
CA ARG B 396 20.77 -4.15 -15.11
C ARG B 396 22.26 -4.19 -15.37
N GLY B 397 23.00 -5.09 -14.73
CA GLY B 397 24.43 -5.19 -14.88
C GLY B 397 24.87 -5.53 -16.29
N PRO B 398 24.46 -6.70 -16.79
CA PRO B 398 24.85 -7.08 -18.17
C PRO B 398 24.37 -6.09 -19.22
N ILE B 399 23.21 -5.45 -19.00
CA ILE B 399 22.71 -4.49 -19.97
C ILE B 399 23.65 -3.30 -20.08
N GLN B 400 24.15 -2.80 -18.95
CA GLN B 400 25.11 -1.69 -18.98
C GLN B 400 26.46 -2.10 -19.55
N TRP B 401 26.77 -3.40 -19.56
CA TRP B 401 28.07 -3.83 -20.06
C TRP B 401 28.10 -3.87 -21.59
N MET B 402 27.01 -4.30 -22.22
CA MET B 402 26.96 -4.32 -23.69
C MET B 402 27.09 -2.92 -24.27
N ALA B 403 26.62 -1.90 -23.54
CA ALA B 403 26.71 -0.53 -24.03
C ALA B 403 28.16 -0.03 -24.01
N CYS B 404 28.87 -0.26 -22.90
CA CYS B 404 30.22 0.28 -22.77
C CYS B 404 31.21 -0.50 -23.63
N GLU B 405 31.01 -1.80 -23.78
CA GLU B 405 31.95 -2.63 -24.52
C GLU B 405 31.72 -2.60 -26.03
N ASN B 406 30.72 -1.87 -26.50
CA ASN B 406 30.42 -1.83 -27.94
C ASN B 406 30.20 -0.40 -28.42
N LYS B 407 30.89 0.56 -27.79
CA LYS B 407 30.85 1.97 -28.19
C LYS B 407 29.41 2.53 -28.17
N GLY B 408 28.58 2.01 -27.29
CA GLY B 408 27.19 2.40 -27.23
C GLY B 408 26.88 3.30 -26.05
N TYR B 409 25.65 3.20 -25.55
CA TYR B 409 25.20 4.00 -24.42
C TYR B 409 24.04 3.26 -23.76
N TYR B 410 23.76 3.64 -22.51
CA TYR B 410 22.74 2.98 -21.71
C TYR B 410 21.67 3.99 -21.31
N TYR B 411 20.41 3.60 -21.46
CA TYR B 411 19.28 4.48 -21.15
C TYR B 411 18.26 3.74 -20.31
N GLU B 412 17.60 4.47 -19.41
CA GLU B 412 16.56 3.94 -18.56
C GLU B 412 15.25 4.65 -18.89
N ILE B 413 14.21 3.87 -19.16
CA ILE B 413 12.90 4.42 -19.49
C ILE B 413 11.87 3.83 -18.53
N PRO B 414 11.64 4.48 -17.37
CA PRO B 414 10.73 3.90 -16.37
C PRO B 414 9.26 4.28 -16.53
N SER B 415 8.92 5.21 -17.41
CA SER B 415 7.53 5.64 -17.56
C SER B 415 7.35 6.27 -18.93
N ILE B 416 6.09 6.58 -19.26
CA ILE B 416 5.76 7.17 -20.54
C ILE B 416 6.40 8.55 -20.68
N GLY B 417 6.45 9.31 -19.58
CA GLY B 417 7.00 10.65 -19.62
C GLY B 417 8.48 10.70 -19.94
N ALA B 418 9.21 9.61 -19.71
CA ALA B 418 10.63 9.55 -20.00
C ALA B 418 10.92 8.98 -21.39
N ILE B 419 9.90 8.65 -22.17
CA ILE B 419 10.13 8.05 -23.48
C ILE B 419 10.71 9.07 -24.44
N ARG B 420 10.15 10.29 -24.46
CA ARG B 420 10.53 11.26 -25.49
C ARG B 420 11.99 11.67 -25.37
N ILE B 421 12.46 11.94 -24.16
CA ILE B 421 13.81 12.46 -23.98
C ILE B 421 14.85 11.39 -24.28
N ASN B 422 14.59 10.14 -23.84
CA ASN B 422 15.61 9.10 -23.95
C ASN B 422 15.79 8.63 -25.38
N THR B 423 14.69 8.46 -26.12
CA THR B 423 14.76 7.90 -27.47
C THR B 423 15.41 8.84 -28.48
N GLN B 424 15.61 10.11 -28.14
CA GLN B 424 16.30 11.06 -29.01
C GLN B 424 17.74 11.33 -28.58
N GLU B 425 18.15 10.83 -27.42
CA GLU B 425 19.47 11.14 -26.88
C GLU B 425 20.60 10.36 -27.55
N TYR B 426 20.28 9.31 -28.31
CA TYR B 426 21.33 8.50 -28.93
C TYR B 426 22.06 9.24 -30.04
N LEU B 427 21.54 10.38 -30.50
CA LEU B 427 22.24 11.16 -31.51
C LEU B 427 23.45 11.89 -30.92
N ASP B 428 23.51 12.05 -29.59
CA ASP B 428 24.71 12.58 -28.96
C ASP B 428 25.90 11.65 -29.15
N VAL B 429 25.66 10.34 -29.06
CA VAL B 429 26.74 9.36 -29.23
C VAL B 429 27.19 9.31 -30.69
N LEU B 430 26.24 9.33 -31.62
CA LEU B 430 26.57 9.23 -33.04
C LEU B 430 27.25 10.49 -33.56
N GLY B 431 27.11 11.63 -32.86
CA GLY B 431 27.72 12.86 -33.31
C GLY B 431 29.17 13.04 -32.93
N ARG B 432 29.72 12.14 -32.10
CA ARG B 432 31.12 12.26 -31.69
C ARG B 432 32.09 12.19 -32.87
N PRO B 433 31.98 11.25 -33.81
CA PRO B 433 32.90 11.28 -34.97
C PRO B 433 32.76 12.55 -35.80
N MET B 434 31.58 13.16 -35.84
CA MET B 434 31.39 14.35 -36.65
C MET B 434 32.21 15.52 -36.13
N VAL B 435 32.21 15.73 -34.80
CA VAL B 435 32.94 16.87 -34.24
C VAL B 435 34.44 16.65 -34.34
N LEU B 436 34.90 15.40 -34.33
CA LEU B 436 36.33 15.13 -34.44
C LEU B 436 36.84 15.39 -35.85
N ALA B 437 35.94 15.45 -36.84
CA ALA B 437 36.34 15.77 -38.21
C ALA B 437 36.66 17.24 -38.41
N GLY B 438 36.39 18.09 -37.41
CA GLY B 438 36.70 19.50 -37.55
C GLY B 438 35.81 20.19 -38.56
N ASP B 439 36.39 21.15 -39.28
CA ASP B 439 35.64 21.91 -40.27
C ASP B 439 35.31 21.10 -41.52
N LYS B 440 35.85 19.89 -41.66
CA LYS B 440 35.43 19.02 -42.76
C LYS B 440 33.97 18.62 -42.61
N ALA B 441 33.52 18.40 -41.39
CA ALA B 441 32.13 18.04 -41.12
C ALA B 441 31.28 19.28 -40.87
N LYS B 442 31.37 20.26 -41.76
CA LYS B 442 30.55 21.47 -41.71
C LYS B 442 30.07 21.72 -43.14
N GLN B 443 28.94 21.12 -43.49
CA GLN B 443 28.37 21.23 -44.82
C GLN B 443 26.88 21.57 -44.70
N VAL B 444 26.41 22.45 -45.58
CA VAL B 444 25.00 22.83 -45.58
C VAL B 444 24.20 21.71 -46.23
N GLN B 445 23.20 21.21 -45.52
CA GLN B 445 22.32 20.18 -46.02
C GLN B 445 20.89 20.69 -46.05
N TRP B 446 20.13 20.26 -47.04
CA TRP B 446 18.75 20.69 -47.23
C TRP B 446 17.82 19.52 -47.00
N THR B 447 16.78 19.75 -46.19
CA THR B 447 15.87 18.69 -45.79
C THR B 447 14.83 18.43 -46.87
N ASN B 448 13.98 17.44 -46.63
CA ASN B 448 12.86 17.18 -47.52
C ASN B 448 11.80 18.27 -47.37
N VAL B 449 10.91 18.35 -48.36
CA VAL B 449 9.87 19.36 -48.36
C VAL B 449 8.87 19.00 -47.26
N TYR B 450 8.86 19.77 -46.18
CA TYR B 450 7.95 19.56 -45.06
C TYR B 450 7.14 20.83 -44.84
N LEU B 451 6.18 20.75 -43.92
CA LEU B 451 5.34 21.89 -43.57
C LEU B 451 5.91 22.59 -42.34
N ASP B 452 6.08 23.91 -42.45
CA ASP B 452 6.68 24.66 -41.37
C ASP B 452 5.83 24.60 -40.11
N ALA B 453 6.48 24.59 -38.95
CA ALA B 453 5.79 24.56 -37.68
C ALA B 453 5.15 25.90 -37.33
N LEU B 454 5.44 26.95 -38.09
CA LEU B 454 4.92 28.29 -37.82
C LEU B 454 3.96 28.77 -38.90
N GLU B 455 3.22 27.84 -39.50
CA GLU B 455 2.17 28.15 -40.47
C GLU B 455 2.68 29.00 -41.63
N LEU B 456 3.59 28.41 -42.40
CA LEU B 456 4.22 29.09 -43.52
C LEU B 456 4.12 28.33 -44.84
N GLY B 457 3.70 27.08 -44.83
CA GLY B 457 3.57 26.32 -46.07
C GLY B 457 4.68 25.30 -46.24
N LEU B 458 4.98 24.96 -47.49
CA LEU B 458 6.03 23.99 -47.79
C LEU B 458 7.37 24.71 -47.81
N VAL B 459 8.32 24.21 -47.00
CA VAL B 459 9.64 24.82 -46.89
C VAL B 459 10.70 23.73 -46.91
N ILE B 460 11.93 24.14 -47.24
CA ILE B 460 13.12 23.33 -47.04
C ILE B 460 14.07 24.13 -46.17
N THR B 461 14.87 23.43 -45.37
CA THR B 461 15.68 24.05 -44.34
C THR B 461 17.15 23.72 -44.56
N GLY B 462 18.00 24.74 -44.51
CA GLY B 462 19.43 24.52 -44.46
C GLY B 462 19.85 24.04 -43.08
N THR B 463 21.08 23.56 -42.99
CA THR B 463 21.51 22.92 -41.75
C THR B 463 23.03 22.98 -41.63
N LEU B 464 23.51 23.45 -40.48
CA LEU B 464 24.92 23.49 -40.16
C LEU B 464 25.11 23.29 -38.67
N PRO B 465 25.88 22.29 -38.24
CA PRO B 465 26.08 22.07 -36.80
C PRO B 465 27.00 23.11 -36.20
N VAL B 466 26.92 23.22 -34.87
CA VAL B 466 27.73 24.16 -34.10
C VAL B 466 28.50 23.36 -33.05
N PHE B 467 29.82 23.54 -33.02
CA PHE B 467 30.69 22.79 -32.13
C PHE B 467 31.03 23.58 -30.88
N ASN B 468 31.42 22.86 -29.83
CA ASN B 468 31.85 23.45 -28.56
C ASN B 468 33.37 23.38 -28.52
N ILE B 469 34.03 24.53 -28.65
CA ILE B 469 35.47 24.58 -28.83
C ILE B 469 36.15 25.38 -27.73
N THR B 470 35.58 25.37 -26.53
CA THR B 470 36.22 26.02 -25.40
C THR B 470 37.55 25.32 -25.10
N GLY B 471 38.58 26.12 -24.85
CA GLY B 471 39.90 25.58 -24.59
C GLY B 471 40.66 25.12 -25.81
N GLN B 472 40.19 25.46 -27.02
CA GLN B 472 40.89 25.05 -28.24
C GLN B 472 42.24 25.74 -28.40
N PHE B 473 42.47 26.85 -27.68
CA PHE B 473 43.77 27.51 -27.75
C PHE B 473 44.84 26.67 -27.06
N GLU B 474 44.49 26.02 -25.94
CA GLU B 474 45.42 25.17 -25.22
C GLU B 474 45.26 23.69 -25.53
N ASN B 475 44.10 23.28 -26.05
CA ASN B 475 43.85 21.90 -26.48
C ASN B 475 44.11 20.91 -25.34
N LYS B 476 43.35 21.05 -24.27
CA LYS B 476 43.55 20.20 -23.09
C LYS B 476 42.27 19.59 -22.53
N THR B 477 41.09 20.17 -22.78
CA THR B 477 39.88 19.67 -22.13
C THR B 477 39.33 18.44 -22.86
N ASN B 478 38.84 18.64 -24.08
CA ASN B 478 38.30 17.59 -24.95
C ASN B 478 37.47 16.54 -24.19
N LEU B 479 36.66 16.98 -23.22
CA LEU B 479 35.82 16.08 -22.44
C LEU B 479 34.35 16.20 -22.82
N LYS B 480 33.80 17.42 -22.80
CA LYS B 480 32.48 17.70 -23.32
C LYS B 480 32.55 18.42 -24.66
N ASN B 481 33.76 18.76 -25.12
CA ASN B 481 33.97 19.41 -26.40
C ASN B 481 33.78 18.48 -27.58
N GLN B 482 33.34 17.24 -27.34
CA GLN B 482 33.02 16.31 -28.41
C GLN B 482 31.51 16.19 -28.63
N LEU B 483 30.75 17.17 -28.15
CA LEU B 483 29.32 17.27 -28.40
C LEU B 483 29.02 18.59 -29.08
N ILE B 484 27.99 18.60 -29.93
CA ILE B 484 27.61 19.80 -30.66
C ILE B 484 26.78 20.69 -29.76
N LEU B 485 26.99 22.00 -29.86
CA LEU B 485 26.14 22.96 -29.16
C LEU B 485 24.71 22.88 -29.67
N GLY B 486 24.54 22.71 -30.98
CA GLY B 486 23.22 22.67 -31.56
C GLY B 486 23.32 22.63 -33.07
N VAL B 487 22.20 22.92 -33.73
CA VAL B 487 22.13 22.91 -35.19
C VAL B 487 21.49 24.22 -35.63
N MET B 488 22.15 24.90 -36.57
CA MET B 488 21.59 26.10 -37.17
C MET B 488 20.58 25.71 -38.26
N GLY B 489 19.81 26.70 -38.71
CA GLY B 489 18.84 26.46 -39.75
C GLY B 489 18.17 27.71 -40.29
N VAL B 490 18.12 27.82 -41.61
CA VAL B 490 17.43 28.91 -42.29
C VAL B 490 16.45 28.31 -43.28
N ASP B 491 15.20 28.77 -43.24
CA ASP B 491 14.14 28.20 -44.05
C ASP B 491 14.07 28.88 -45.41
N VAL B 492 13.97 28.08 -46.46
CA VAL B 492 13.77 28.56 -47.82
C VAL B 492 12.40 28.09 -48.26
N SER B 493 11.49 29.04 -48.50
CA SER B 493 10.14 28.69 -48.91
C SER B 493 10.14 28.17 -50.34
N LEU B 494 9.19 27.28 -50.63
CA LEU B 494 9.05 26.78 -51.99
C LEU B 494 8.52 27.86 -52.93
N GLU B 495 7.75 28.82 -52.40
CA GLU B 495 7.24 29.90 -53.24
C GLU B 495 8.37 30.78 -53.76
N ASP B 496 9.50 30.83 -53.03
CA ASP B 496 10.66 31.55 -53.55
C ASP B 496 11.28 30.82 -54.72
N ILE B 497 11.32 29.49 -54.66
CA ILE B 497 11.91 28.70 -55.74
C ILE B 497 11.04 28.79 -57.00
N LYS B 498 9.72 28.80 -56.82
CA LYS B 498 8.82 28.97 -57.97
C LYS B 498 9.01 30.34 -58.61
N ARG B 499 9.49 31.32 -57.86
CA ARG B 499 9.71 32.65 -58.41
C ARG B 499 10.92 32.68 -59.34
N LEU B 500 11.82 31.71 -59.23
CA LEU B 500 12.99 31.63 -60.11
C LEU B 500 12.71 30.84 -61.38
N THR B 501 11.53 30.24 -61.51
CA THR B 501 11.16 29.44 -62.68
C THR B 501 9.85 29.99 -63.24
N PRO B 502 9.89 31.11 -63.94
CA PRO B 502 8.67 31.66 -64.53
C PRO B 502 8.09 30.70 -65.56
N ARG B 503 6.75 30.62 -65.59
CA ARG B 503 6.07 29.67 -66.44
C ARG B 503 5.12 30.31 -67.43
N PHE B 504 5.01 31.64 -67.44
CA PHE B 504 4.06 32.31 -68.33
C PHE B 504 4.62 32.56 -69.73
N THR B 505 5.86 32.15 -70.00
CA THR B 505 6.43 32.22 -71.34
C THR B 505 6.27 30.92 -72.10
N LEU B 506 5.53 29.96 -71.55
CA LEU B 506 5.32 28.66 -72.17
C LEU B 506 3.89 28.21 -71.92
N CYS B 507 3.49 27.15 -72.62
CA CYS B 507 2.10 26.71 -72.63
C CYS B 507 1.65 26.31 -71.23
N PRO B 508 0.34 26.17 -71.03
CA PRO B 508 -0.15 25.54 -69.79
C PRO B 508 0.31 24.10 -69.64
N ASN B 509 0.65 23.43 -70.75
CA ASN B 509 1.12 22.05 -70.69
C ASN B 509 2.57 21.95 -70.22
N GLY B 510 3.33 23.04 -70.31
CA GLY B 510 4.71 23.01 -69.90
C GLY B 510 4.91 23.43 -68.45
N TYR B 511 5.98 22.91 -67.84
CA TYR B 511 6.26 23.19 -66.44
C TYR B 511 7.69 22.82 -66.12
N TYR B 512 8.18 23.37 -65.02
CA TYR B 512 9.46 22.98 -64.43
C TYR B 512 9.22 21.99 -63.29
N PHE B 513 10.20 21.14 -63.03
CA PHE B 513 10.16 20.32 -61.84
C PHE B 513 11.58 19.92 -61.45
N ALA B 514 11.81 19.81 -60.15
CA ALA B 514 13.14 19.55 -59.60
C ALA B 514 13.09 18.32 -58.72
N ILE B 515 14.14 17.50 -58.79
CA ILE B 515 14.20 16.23 -58.09
C ILE B 515 15.42 16.21 -57.18
N ASP B 516 15.39 15.31 -56.21
CA ASP B 516 16.47 15.10 -55.25
C ASP B 516 16.93 13.64 -55.29
N PRO B 517 18.11 13.32 -54.74
CA PRO B 517 18.68 11.97 -54.93
C PRO B 517 17.76 10.83 -54.50
N ASN B 518 16.94 11.04 -53.47
CA ASN B 518 15.99 10.00 -53.07
C ASN B 518 14.87 9.81 -54.09
N GLY B 519 14.72 10.74 -55.04
CA GLY B 519 13.70 10.65 -56.06
C GLY B 519 12.50 11.54 -55.83
N TYR B 520 12.39 12.16 -54.66
CA TYR B 520 11.27 13.03 -54.36
C TYR B 520 11.37 14.34 -55.14
N VAL B 521 10.23 15.00 -55.32
CA VAL B 521 10.15 16.23 -56.08
C VAL B 521 10.25 17.41 -55.13
N LEU B 522 11.28 18.23 -55.32
CA LEU B 522 11.35 19.50 -54.61
C LEU B 522 10.39 20.51 -55.20
N LEU B 523 10.23 20.49 -56.52
CA LEU B 523 9.36 21.42 -57.24
C LEU B 523 8.52 20.62 -58.22
N HIS B 524 7.21 20.84 -58.21
CA HIS B 524 6.32 20.15 -59.14
C HIS B 524 4.93 20.80 -59.13
N PRO B 525 4.25 20.83 -60.29
CA PRO B 525 2.87 21.33 -60.28
C PRO B 525 1.93 20.51 -59.41
N ASN B 526 2.16 19.21 -59.28
CA ASN B 526 1.25 18.33 -58.57
C ASN B 526 1.55 18.21 -57.08
N LEU B 527 2.59 18.90 -56.59
CA LEU B 527 2.88 18.91 -55.17
C LEU B 527 2.02 19.95 -54.47
N GLN B 528 1.33 19.53 -53.42
CA GLN B 528 0.33 20.37 -52.77
C GLN B 528 0.59 20.46 -51.27
N PRO B 529 0.23 21.58 -50.65
CA PRO B 529 0.54 21.81 -49.21
C PRO B 529 -0.39 21.05 -48.27
N LYS B 530 -0.25 19.73 -48.25
CA LYS B 530 -0.96 18.88 -47.30
C LYS B 530 -0.18 17.60 -47.13
N PRO B 531 -0.18 17.02 -45.93
CA PRO B 531 0.63 15.81 -45.69
C PRO B 531 0.19 14.66 -46.57
N ILE B 532 1.17 13.84 -46.99
CA ILE B 532 0.87 12.67 -47.79
C ILE B 532 0.20 11.61 -46.93
N GLY B 533 -0.60 10.77 -47.56
CA GLY B 533 -1.38 9.76 -46.85
C GLY B 533 -0.73 8.39 -46.88
N VAL B 534 -1.00 7.61 -45.84
CA VAL B 534 -0.54 6.23 -45.73
C VAL B 534 -1.69 5.39 -45.20
N GLY B 535 -1.93 4.24 -45.83
CA GLY B 535 -2.98 3.36 -45.37
C GLY B 535 -4.38 3.94 -45.58
N ILE B 536 -5.33 3.38 -44.86
CA ILE B 536 -6.73 3.80 -44.88
C ILE B 536 -7.03 4.50 -43.56
N PRO B 537 -7.51 5.74 -43.59
CA PRO B 537 -7.79 6.45 -42.33
C PRO B 537 -9.05 5.95 -41.65
N THR B 538 -8.90 5.29 -40.50
CA THR B 538 -10.00 4.75 -39.74
C THR B 538 -9.93 5.24 -38.30
N ILE B 539 -11.09 5.34 -37.65
CA ILE B 539 -11.18 5.81 -36.28
C ILE B 539 -11.96 4.78 -35.47
N ASN B 540 -11.75 4.81 -34.16
CA ASN B 540 -12.38 3.85 -33.26
C ASN B 540 -13.29 4.56 -32.25
N SER B 553 0.87 17.01 -38.54
CA SER B 553 1.71 16.88 -39.71
C SER B 553 3.19 17.04 -39.35
N GLN B 554 3.72 16.08 -38.59
CA GLN B 554 5.12 16.08 -38.22
C GLN B 554 5.99 15.29 -39.19
N GLU B 555 5.42 14.77 -40.27
CA GLU B 555 6.14 13.99 -41.26
C GLU B 555 6.35 14.83 -42.53
N PRO B 556 7.43 14.57 -43.27
CA PRO B 556 7.70 15.35 -44.47
C PRO B 556 6.73 15.01 -45.59
N VAL B 557 6.59 15.96 -46.51
CA VAL B 557 5.78 15.75 -47.72
C VAL B 557 6.74 15.18 -48.76
N THR B 558 6.91 13.86 -48.72
CA THR B 558 7.81 13.16 -49.62
C THR B 558 6.97 12.48 -50.70
N LEU B 559 6.93 13.07 -51.89
CA LEU B 559 6.23 12.53 -53.03
C LEU B 559 7.25 12.17 -54.09
N ASP B 560 7.29 10.90 -54.48
CA ASP B 560 8.25 10.46 -55.48
C ASP B 560 7.87 11.04 -56.84
N PHE B 561 8.87 11.10 -57.74
CA PHE B 561 8.63 11.61 -59.07
C PHE B 561 7.64 10.73 -59.83
N LEU B 562 7.77 9.40 -59.68
CA LEU B 562 6.90 8.48 -60.38
C LEU B 562 5.48 8.47 -59.83
N ASP B 563 5.24 9.10 -58.67
CA ASP B 563 3.90 9.23 -58.12
C ASP B 563 3.29 10.60 -58.38
N ALA B 564 4.10 11.60 -58.77
CA ALA B 564 3.55 12.91 -59.07
C ALA B 564 2.84 12.94 -60.43
N GLU B 565 3.25 12.09 -61.36
CA GLU B 565 2.61 11.99 -62.66
C GLU B 565 2.54 10.52 -63.06
N LEU B 566 2.09 10.27 -64.29
CA LEU B 566 1.91 8.90 -64.75
C LEU B 566 3.25 8.23 -64.98
N GLU B 567 3.40 7.02 -64.44
CA GLU B 567 4.65 6.27 -64.60
C GLU B 567 4.76 5.72 -66.01
N ASN B 568 5.99 5.54 -66.47
CA ASN B 568 6.26 5.01 -67.80
C ASN B 568 7.66 4.40 -67.81
N ASP B 569 7.89 3.54 -68.80
CA ASP B 569 9.21 2.91 -68.92
C ASP B 569 10.29 3.90 -69.32
N ILE B 570 9.91 5.06 -69.86
CA ILE B 570 10.89 6.08 -70.20
C ILE B 570 11.09 7.06 -69.04
N LYS B 571 10.08 7.24 -68.19
CA LYS B 571 10.24 8.09 -67.01
C LYS B 571 11.29 7.54 -66.06
N VAL B 572 11.27 6.22 -65.83
CA VAL B 572 12.24 5.60 -64.93
C VAL B 572 13.65 5.79 -65.44
N GLU B 573 13.84 5.67 -66.76
CA GLU B 573 15.15 5.93 -67.35
C GLU B 573 15.56 7.39 -67.13
N ILE B 574 14.62 8.32 -67.35
CA ILE B 574 14.93 9.73 -67.14
C ILE B 574 15.13 10.04 -65.67
N ARG B 575 14.31 9.43 -64.80
CA ARG B 575 14.45 9.66 -63.37
C ARG B 575 15.79 9.16 -62.86
N ASN B 576 16.26 8.02 -63.36
CA ASN B 576 17.55 7.50 -62.95
C ASN B 576 18.69 8.43 -63.35
N LYS B 577 18.62 8.99 -64.56
CA LYS B 577 19.68 9.87 -65.03
C LYS B 577 19.72 11.18 -64.25
N MET B 578 18.56 11.68 -63.83
CA MET B 578 18.52 12.92 -63.06
C MET B 578 19.09 12.74 -61.66
N ILE B 579 18.92 11.56 -61.07
CA ILE B 579 19.32 11.35 -59.68
C ILE B 579 20.83 11.45 -59.53
N ASP B 580 21.58 10.75 -60.39
CA ASP B 580 23.03 10.76 -60.26
C ASP B 580 23.65 12.06 -60.76
N GLY B 581 22.96 12.77 -61.66
CA GLY B 581 23.40 14.08 -62.09
C GLY B 581 24.09 14.06 -63.44
N GLU B 582 23.36 14.43 -64.49
CA GLU B 582 23.91 14.49 -65.84
C GLU B 582 22.92 15.21 -66.74
N SER B 583 23.45 15.96 -67.68
CA SER B 583 22.60 16.69 -68.62
C SER B 583 22.10 15.77 -69.72
N GLY B 584 21.05 16.21 -70.39
CA GLY B 584 20.49 15.44 -71.49
C GLY B 584 19.10 15.91 -71.84
N GLU B 585 18.49 15.20 -72.78
CA GLU B 585 17.13 15.48 -73.19
C GLU B 585 16.57 14.25 -73.89
N LYS B 586 15.25 14.24 -74.05
CA LYS B 586 14.57 13.11 -74.69
C LYS B 586 13.21 13.56 -75.18
N THR B 587 12.90 13.27 -76.44
CA THR B 587 11.60 13.54 -77.03
C THR B 587 10.87 12.21 -77.21
N PHE B 588 9.65 12.12 -76.66
CA PHE B 588 8.94 10.85 -76.62
C PHE B 588 7.46 11.13 -76.45
N ARG B 589 6.65 10.08 -76.66
CA ARG B 589 5.20 10.18 -76.66
C ARG B 589 4.65 9.44 -75.45
N THR B 590 3.95 10.16 -74.58
CA THR B 590 3.32 9.58 -73.40
C THR B 590 1.89 10.08 -73.26
N LEU B 591 1.08 9.29 -72.56
CA LEU B 591 -0.25 9.70 -72.16
C LEU B 591 -0.16 10.52 -70.88
N VAL B 592 -0.79 11.69 -70.88
CA VAL B 592 -0.71 12.63 -69.76
C VAL B 592 -2.10 12.79 -69.16
N LYS B 593 -2.15 12.83 -67.83
CA LYS B 593 -3.41 13.00 -67.13
C LYS B 593 -3.88 14.45 -67.21
N SER B 594 -5.19 14.64 -67.32
CA SER B 594 -5.74 15.97 -67.42
C SER B 594 -5.73 16.65 -66.05
N GLN B 595 -6.04 17.96 -66.05
CA GLN B 595 -6.04 18.72 -64.81
C GLN B 595 -7.06 18.17 -63.82
N ASP B 596 -8.28 17.90 -64.30
CA ASP B 596 -9.25 17.15 -63.52
C ASP B 596 -9.04 15.67 -63.81
N GLU B 597 -8.94 14.87 -62.75
CA GLU B 597 -8.56 13.47 -62.91
C GLU B 597 -9.70 12.67 -63.52
N ARG B 598 -10.04 12.98 -64.78
CA ARG B 598 -11.11 12.30 -65.48
C ARG B 598 -10.77 11.90 -66.91
N TYR B 599 -9.72 12.46 -67.51
CA TYR B 599 -9.39 12.17 -68.89
C TYR B 599 -7.90 11.92 -69.01
N ILE B 600 -7.53 11.16 -70.05
CA ILE B 600 -6.13 10.94 -70.41
C ILE B 600 -5.99 11.18 -71.90
N ASP B 601 -5.03 12.03 -72.27
CA ASP B 601 -4.75 12.33 -73.67
C ASP B 601 -3.27 12.12 -73.95
N LYS B 602 -2.97 11.54 -75.10
CA LYS B 602 -1.60 11.21 -75.48
C LYS B 602 -1.01 12.33 -76.34
N GLY B 603 0.18 12.78 -75.96
CA GLY B 603 0.82 13.86 -76.69
C GLY B 603 2.34 13.76 -76.59
N ASN B 604 3.00 14.60 -77.38
CA ASN B 604 4.45 14.63 -77.44
C ASN B 604 5.00 15.52 -76.32
N ARG B 605 6.13 15.12 -75.76
CA ARG B 605 6.80 15.89 -74.72
C ARG B 605 8.30 15.79 -74.92
N THR B 606 9.02 16.82 -74.46
CA THR B 606 10.48 16.82 -74.45
C THR B 606 10.94 17.23 -73.07
N TYR B 607 11.65 16.34 -72.38
CA TYR B 607 12.21 16.63 -71.06
C TYR B 607 13.67 17.02 -71.24
N THR B 608 14.00 18.24 -70.81
CA THR B 608 15.38 18.73 -70.80
C THR B 608 15.77 19.00 -69.36
N TRP B 609 16.90 18.43 -68.94
CA TRP B 609 17.29 18.52 -67.53
C TRP B 609 18.80 18.71 -67.41
N THR B 610 19.18 19.42 -66.36
CA THR B 610 20.57 19.65 -65.98
C THR B 610 20.63 19.63 -64.45
N PRO B 611 21.77 19.25 -63.88
CA PRO B 611 21.89 19.26 -62.42
C PRO B 611 22.30 20.64 -61.91
N VAL B 612 21.73 21.00 -60.75
CA VAL B 612 22.13 22.23 -60.08
C VAL B 612 23.57 22.09 -59.62
N ASN B 613 24.39 23.12 -59.88
CA ASN B 613 25.84 23.01 -59.71
C ASN B 613 26.20 22.71 -58.26
N GLY B 614 25.94 23.67 -57.36
CA GLY B 614 26.41 23.54 -56.00
C GLY B 614 25.75 22.42 -55.22
N THR B 615 24.43 22.31 -55.34
CA THR B 615 23.66 21.38 -54.54
C THR B 615 23.50 20.05 -55.28
N ASP B 616 22.64 19.19 -54.76
CA ASP B 616 22.39 17.86 -55.30
C ASP B 616 20.99 17.73 -55.86
N TYR B 617 20.51 18.76 -56.52
CA TYR B 617 19.17 18.78 -57.12
C TYR B 617 19.29 18.81 -58.64
N SER B 618 18.37 18.11 -59.31
CA SER B 618 18.31 18.09 -60.76
C SER B 618 17.03 18.79 -61.20
N LEU B 619 17.18 19.77 -62.09
CA LEU B 619 16.06 20.58 -62.56
C LEU B 619 15.74 20.19 -64.01
N ALA B 620 14.46 19.97 -64.29
CA ALA B 620 14.02 19.56 -65.61
C ALA B 620 12.89 20.48 -66.07
N LEU B 621 12.72 20.55 -67.38
CA LEU B 621 11.72 21.42 -68.01
C LEU B 621 10.91 20.59 -69.00
N VAL B 622 9.68 20.26 -68.63
CA VAL B 622 8.78 19.51 -69.50
C VAL B 622 8.21 20.51 -70.51
N LEU B 623 8.81 20.56 -71.70
CA LEU B 623 8.40 21.50 -72.74
C LEU B 623 7.92 20.72 -73.96
N PRO B 624 6.61 20.65 -74.18
CA PRO B 624 6.09 19.89 -75.34
C PRO B 624 6.39 20.56 -76.66
N THR B 625 5.94 19.95 -77.75
CA THR B 625 6.06 20.55 -79.07
C THR B 625 5.04 21.69 -79.17
N TYR B 626 4.95 22.32 -80.35
CA TYR B 626 4.03 23.42 -80.64
C TYR B 626 4.15 24.57 -79.64
N SER B 627 5.22 24.60 -78.85
CA SER B 627 5.41 25.65 -77.88
C SER B 627 6.87 26.07 -77.75
N PHE B 628 7.71 25.75 -78.74
CA PHE B 628 9.06 26.30 -78.76
C PHE B 628 9.08 27.77 -79.08
N TYR B 629 7.94 28.34 -79.47
CA TYR B 629 7.81 29.76 -79.77
C TYR B 629 6.65 30.33 -78.96
N TYR B 630 6.80 31.57 -78.53
CA TYR B 630 5.76 32.28 -77.78
C TYR B 630 5.62 33.69 -78.33
N ILE B 631 4.46 34.27 -78.09
CA ILE B 631 4.14 35.62 -78.56
C ILE B 631 4.62 36.63 -77.52
N LYS B 632 5.54 37.49 -77.91
CA LYS B 632 6.05 38.56 -77.05
C LYS B 632 5.48 39.88 -77.56
N ALA B 633 4.53 40.44 -76.83
CA ALA B 633 3.91 41.69 -77.23
C ALA B 633 4.92 42.82 -77.20
N LYS B 634 4.92 43.64 -78.25
CA LYS B 634 5.80 44.80 -78.33
C LYS B 634 4.98 46.03 -78.71
N LEU B 635 5.10 47.09 -77.91
CA LEU B 635 4.48 48.36 -78.22
C LEU B 635 5.07 49.47 -77.34
N GLU B 636 5.57 50.52 -77.99
CA GLU B 636 6.13 51.67 -77.28
C GLU B 636 5.19 52.86 -77.32
N GLU B 637 3.95 52.67 -77.78
CA GLU B 637 2.98 53.75 -77.90
C GLU B 637 1.81 53.51 -76.96
N THR B 638 1.23 54.60 -76.47
CA THR B 638 0.09 54.54 -75.57
C THR B 638 -1.24 54.56 -76.31
N ILE B 639 -1.25 54.97 -77.58
CA ILE B 639 -2.51 55.10 -78.31
C ILE B 639 -3.23 53.76 -78.41
N THR B 640 -2.49 52.69 -78.73
CA THR B 640 -3.10 51.37 -78.74
C THR B 640 -3.28 50.84 -77.32
N GLN B 641 -2.32 51.12 -76.43
CA GLN B 641 -2.40 50.65 -75.05
C GLN B 641 -3.59 51.25 -74.32
N ALA B 642 -3.85 52.54 -74.51
CA ALA B 642 -4.94 53.18 -73.80
C ALA B 642 -6.30 52.62 -74.21
N ARG B 643 -6.52 52.40 -75.50
CA ARG B 643 -7.82 51.94 -75.97
C ARG B 643 -8.08 50.47 -75.61
N TYR B 644 -7.04 49.71 -75.31
CA TYR B 644 -7.23 48.32 -74.89
C TYR B 644 -7.72 48.21 -73.46
N SER B 645 -7.51 49.24 -72.64
CA SER B 645 -7.88 49.17 -71.22
C SER B 645 -9.39 49.32 -71.04
N GLU B 646 -10.04 50.13 -71.86
CA GLU B 646 -11.48 50.33 -71.71
C GLU B 646 -12.27 49.06 -72.00
N THR B 647 -11.70 48.10 -72.73
CA THR B 647 -12.37 46.83 -72.95
C THR B 647 -12.55 46.04 -71.66
N LEU B 648 -11.76 46.34 -70.63
CA LEU B 648 -11.84 45.66 -69.34
C LEU B 648 -12.65 46.44 -68.31
N LYS B 649 -13.62 47.23 -68.76
CA LYS B 649 -14.43 48.02 -67.84
C LYS B 649 -15.65 47.21 -67.40
N PRO B 650 -15.86 47.03 -66.09
CA PRO B 650 -17.00 46.22 -65.64
C PRO B 650 -18.34 46.73 -66.11
N ASP B 651 -18.49 48.04 -66.31
CA ASP B 651 -19.72 48.58 -66.87
C ASP B 651 -19.80 48.42 -68.38
N ASN B 652 -18.72 47.97 -69.02
CA ASN B 652 -18.68 47.77 -70.46
C ASN B 652 -18.85 46.30 -70.85
N PHE B 653 -19.27 45.45 -69.91
CA PHE B 653 -19.32 44.02 -70.16
C PHE B 653 -20.49 43.64 -71.06
N GLU B 654 -21.60 44.38 -70.99
CA GLU B 654 -22.81 43.99 -71.72
C GLU B 654 -22.57 44.01 -73.22
N GLU B 655 -21.84 45.01 -73.72
CA GLU B 655 -21.57 45.12 -75.15
C GLU B 655 -20.30 44.41 -75.59
N SER B 656 -19.52 43.86 -74.67
CA SER B 656 -18.26 43.20 -75.02
C SER B 656 -18.09 41.85 -74.34
N GLY B 657 -19.11 41.34 -73.67
CA GLY B 657 -19.01 40.07 -72.97
C GLY B 657 -18.47 40.22 -71.57
N TYR B 658 -18.71 39.20 -70.76
CA TYR B 658 -18.26 39.19 -69.37
C TYR B 658 -16.78 38.83 -69.36
N THR B 659 -15.94 39.76 -68.92
CA THR B 659 -14.50 39.63 -69.00
C THR B 659 -13.92 39.25 -67.64
N PHE B 660 -13.05 38.24 -67.64
CA PHE B 660 -12.29 37.87 -66.46
C PHE B 660 -10.82 38.23 -66.66
N ILE B 661 -10.06 38.16 -65.57
CA ILE B 661 -8.63 38.42 -65.59
C ILE B 661 -7.93 37.33 -64.78
N ALA B 662 -6.74 36.95 -65.21
CA ALA B 662 -5.95 35.94 -64.50
C ALA B 662 -5.14 36.62 -63.40
N PRO B 663 -5.33 36.25 -62.13
CA PRO B 663 -4.60 36.93 -61.05
C PRO B 663 -3.11 36.60 -61.04
N ARG B 664 -2.36 37.19 -61.95
CA ARG B 664 -0.92 37.01 -62.02
C ARG B 664 -0.21 38.14 -61.30
N ASP B 665 1.07 37.92 -61.00
CA ASP B 665 1.88 38.89 -60.26
C ASP B 665 2.41 39.92 -61.25
N TYR B 666 1.52 40.83 -61.65
CA TYR B 666 1.92 41.92 -62.54
C TYR B 666 2.93 42.83 -61.87
N CYS B 667 2.73 43.12 -60.59
CA CYS B 667 3.70 43.80 -59.74
C CYS B 667 3.19 43.80 -58.31
N ASN B 668 4.14 43.96 -57.37
CA ASN B 668 3.83 43.84 -55.95
C ASN B 668 2.85 44.91 -55.47
N ASP B 669 2.71 46.00 -56.20
CA ASP B 669 1.74 47.03 -55.81
C ASP B 669 0.31 46.48 -55.85
N LEU B 670 -0.01 45.67 -56.86
CA LEU B 670 -1.29 45.00 -56.92
C LEU B 670 -1.38 43.92 -55.85
N LYS B 671 -2.61 43.49 -55.57
CA LYS B 671 -2.88 42.44 -54.59
C LYS B 671 -3.86 41.44 -55.18
N ILE B 672 -3.56 40.15 -54.97
CA ILE B 672 -4.40 39.07 -55.48
C ILE B 672 -5.31 38.62 -54.35
N SER B 673 -6.62 38.58 -54.62
CA SER B 673 -7.61 38.22 -53.62
C SER B 673 -8.53 37.07 -54.01
N ASP B 674 -8.40 36.54 -55.23
CA ASP B 674 -9.07 35.34 -55.73
C ASP B 674 -10.57 35.51 -55.94
N ASN B 675 -11.14 36.67 -55.61
CA ASN B 675 -12.56 36.89 -55.88
C ASN B 675 -12.77 37.35 -57.32
N ASN B 676 -11.76 37.99 -57.91
CA ASN B 676 -11.67 38.37 -59.32
C ASN B 676 -12.59 39.53 -59.70
N THR B 677 -13.39 40.07 -58.78
CA THR B 677 -14.14 41.29 -59.07
C THR B 677 -13.35 42.54 -58.69
N GLU B 678 -12.84 42.59 -57.47
CA GLU B 678 -12.01 43.72 -57.06
C GLU B 678 -10.70 43.72 -57.83
N PHE B 679 -10.13 42.54 -58.09
CA PHE B 679 -8.87 42.46 -58.82
C PHE B 679 -9.02 43.03 -60.23
N LEU B 680 -10.11 42.70 -60.91
CA LEU B 680 -10.38 43.31 -62.20
C LEU B 680 -10.61 44.80 -62.05
N LEU B 681 -11.34 45.21 -61.00
CA LEU B 681 -11.47 46.63 -60.70
C LEU B 681 -10.13 47.23 -60.34
N ASN B 682 -9.33 46.52 -59.54
CA ASN B 682 -8.00 47.01 -59.18
C ASN B 682 -7.10 47.11 -60.40
N PHE B 683 -7.21 46.15 -61.32
CA PHE B 683 -6.31 46.13 -62.47
C PHE B 683 -6.57 47.31 -63.40
N ASN B 684 -7.83 47.54 -63.77
CA ASN B 684 -8.11 48.61 -64.73
C ASN B 684 -7.83 49.98 -64.14
N GLU B 685 -8.13 50.17 -62.86
CA GLU B 685 -7.81 51.42 -62.20
C GLU B 685 -6.32 51.59 -61.97
N PHE B 686 -5.53 50.54 -62.20
CA PHE B 686 -4.08 50.58 -62.00
C PHE B 686 -3.33 50.93 -63.28
N ILE B 687 -3.77 50.40 -64.43
CA ILE B 687 -3.03 50.63 -65.67
C ILE B 687 -3.12 52.10 -66.09
N ASP B 688 -4.30 52.71 -65.92
CA ASP B 688 -4.44 54.12 -66.28
C ASP B 688 -3.76 55.03 -65.26
N ARG B 689 -3.91 54.73 -63.98
CA ARG B 689 -3.31 55.58 -62.95
C ARG B 689 -1.79 55.52 -62.99
N LYS B 690 -1.23 54.31 -63.00
CA LYS B 690 0.21 54.15 -63.02
C LYS B 690 0.78 54.62 -64.36
N THR B 691 1.92 55.30 -64.30
CA THR B 691 2.55 55.79 -65.51
C THR B 691 2.98 54.62 -66.39
N PRO B 692 2.92 54.78 -67.72
CA PRO B 692 3.30 53.67 -68.62
C PRO B 692 4.74 53.22 -68.48
N ASN B 693 5.61 54.01 -67.83
CA ASN B 693 6.99 53.60 -67.66
C ASN B 693 7.09 52.34 -66.81
N ASN B 694 6.26 52.23 -65.76
CA ASN B 694 6.21 51.07 -64.87
C ASN B 694 7.60 50.74 -64.31
N PRO B 695 8.11 51.55 -63.39
CA PRO B 695 9.47 51.28 -62.87
C PRO B 695 9.62 49.92 -62.22
N SER B 696 8.59 49.43 -61.52
CA SER B 696 8.63 48.15 -60.83
C SER B 696 7.39 47.33 -61.13
N CYS B 697 7.00 47.30 -62.41
CA CYS B 697 5.86 46.51 -62.86
C CYS B 697 6.21 46.01 -64.27
N ASN B 698 6.65 44.76 -64.36
CA ASN B 698 7.21 44.25 -65.61
C ASN B 698 6.19 44.33 -66.74
N ALA B 699 6.60 44.99 -67.83
CA ALA B 699 5.70 45.24 -68.94
C ALA B 699 5.51 44.02 -69.84
N ASP B 700 6.31 42.97 -69.67
CA ASP B 700 6.15 41.78 -70.52
C ASP B 700 4.80 41.11 -70.26
N LEU B 701 4.40 41.02 -68.98
CA LEU B 701 3.10 40.44 -68.67
C LEU B 701 1.96 41.41 -68.96
N ILE B 702 2.17 42.70 -68.71
CA ILE B 702 1.10 43.67 -68.92
C ILE B 702 0.83 43.87 -70.40
N ASN B 703 1.89 43.96 -71.21
CA ASN B 703 1.69 44.10 -72.65
C ASN B 703 1.01 42.87 -73.23
N ARG B 704 1.40 41.68 -72.76
CA ARG B 704 0.82 40.44 -73.29
C ARG B 704 -0.66 40.35 -72.96
N VAL B 705 -1.05 40.68 -71.72
CA VAL B 705 -2.46 40.58 -71.34
C VAL B 705 -3.28 41.67 -72.03
N LEU B 706 -2.68 42.84 -72.30
CA LEU B 706 -3.39 43.89 -73.02
C LEU B 706 -3.45 43.61 -74.51
N LEU B 707 -2.46 42.92 -75.07
CA LEU B 707 -2.46 42.63 -76.50
C LEU B 707 -3.65 41.75 -76.87
N ASP B 708 -3.94 40.73 -76.06
CA ASP B 708 -5.10 39.89 -76.32
C ASP B 708 -6.41 40.62 -76.09
N ALA B 709 -6.40 41.68 -75.26
CA ALA B 709 -7.63 42.44 -75.04
C ALA B 709 -8.13 43.05 -76.33
N GLY B 710 -7.21 43.64 -77.12
CA GLY B 710 -7.60 44.12 -78.44
C GLY B 710 -7.94 42.99 -79.39
N PHE B 711 -7.16 41.91 -79.34
CA PHE B 711 -7.42 40.77 -80.21
C PHE B 711 -8.75 40.11 -79.88
N THR B 712 -9.05 39.96 -78.59
CA THR B 712 -10.34 39.38 -78.19
C THR B 712 -11.49 40.33 -78.46
N ASN B 713 -11.27 41.63 -78.32
CA ASN B 713 -12.35 42.60 -78.56
C ASN B 713 -12.86 42.52 -79.99
N GLU B 714 -11.94 42.30 -80.94
CA GLU B 714 -12.35 42.21 -82.34
C GLU B 714 -13.29 41.04 -82.57
N LEU B 715 -12.98 39.88 -81.98
CA LEU B 715 -13.84 38.71 -82.18
C LEU B 715 -15.21 38.92 -81.57
N VAL B 716 -15.29 39.53 -80.39
CA VAL B 716 -16.56 39.69 -79.71
C VAL B 716 -17.43 40.72 -80.43
N GLN B 717 -16.83 41.83 -80.88
CA GLN B 717 -17.59 42.90 -81.50
C GLN B 717 -17.79 42.68 -83.00
N ASN B 718 -16.68 42.49 -83.72
CA ASN B 718 -16.76 42.34 -85.17
C ASN B 718 -16.96 40.90 -85.60
N TYR B 719 -17.82 40.17 -84.88
CA TYR B 719 -18.10 38.79 -85.24
C TYR B 719 -19.20 38.27 -84.35
N TRP B 720 -18.89 38.09 -83.07
CA TRP B 720 -19.88 37.59 -82.14
C TRP B 720 -21.09 38.51 -82.10
N SER B 721 -20.88 39.82 -82.18
CA SER B 721 -22.03 40.71 -82.06
C SER B 721 -22.92 40.69 -83.30
N LYS B 722 -22.37 40.31 -84.46
CA LYS B 722 -23.18 40.29 -85.67
C LYS B 722 -24.29 39.25 -85.58
N GLN B 723 -23.98 38.07 -85.05
CA GLN B 723 -24.98 37.05 -84.77
C GLN B 723 -25.23 37.07 -83.27
N LYS B 724 -26.16 37.93 -82.85
CA LYS B 724 -26.39 38.15 -81.42
C LYS B 724 -26.91 36.88 -80.75
N ASN B 725 -27.80 36.15 -81.41
CA ASN B 725 -28.39 34.94 -80.86
C ASN B 725 -28.33 33.81 -81.88
N ILE B 726 -28.03 32.62 -81.40
CA ILE B 726 -28.03 31.41 -82.22
C ILE B 726 -28.84 30.35 -81.48
N LYS B 727 -29.75 29.70 -82.20
CA LYS B 727 -30.64 28.73 -81.56
C LYS B 727 -29.86 27.53 -81.02
N GLY B 728 -28.85 27.08 -81.77
CA GLY B 728 -28.07 25.91 -81.38
C GLY B 728 -26.93 26.16 -80.42
N VAL B 729 -26.76 27.38 -79.94
CA VAL B 729 -25.66 27.72 -79.03
C VAL B 729 -26.23 28.45 -77.83
N LYS B 730 -25.85 28.00 -76.63
CA LYS B 730 -26.27 28.64 -75.39
C LYS B 730 -25.32 29.76 -74.98
N ALA B 731 -24.01 29.54 -75.11
CA ALA B 731 -23.02 30.56 -74.77
C ALA B 731 -21.77 30.33 -75.59
N ARG B 732 -20.98 31.39 -75.74
CA ARG B 732 -19.71 31.36 -76.43
C ARG B 732 -18.63 31.92 -75.52
N PHE B 733 -17.41 31.41 -75.66
CA PHE B 733 -16.33 31.78 -74.77
C PHE B 733 -15.01 31.80 -75.53
N VAL B 734 -14.02 32.45 -74.92
CA VAL B 734 -12.65 32.47 -75.42
C VAL B 734 -11.72 32.54 -74.22
N VAL B 735 -10.63 31.77 -74.27
CA VAL B 735 -9.57 31.82 -73.27
C VAL B 735 -8.24 31.92 -74.00
N THR B 736 -7.41 32.88 -73.59
CA THR B 736 -6.17 33.16 -74.27
C THR B 736 -4.99 33.06 -73.31
N ASP B 737 -3.79 32.98 -73.88
CA ASP B 737 -2.57 32.87 -73.09
C ASP B 737 -2.29 34.13 -72.28
N GLY B 738 -2.88 35.27 -72.67
CA GLY B 738 -2.67 36.49 -71.91
C GLY B 738 -3.23 36.41 -70.50
N GLY B 739 -4.42 35.83 -70.35
CA GLY B 739 -5.02 35.66 -69.04
C GLY B 739 -6.40 36.28 -68.92
N ILE B 740 -7.06 36.53 -70.05
CA ILE B 740 -8.38 37.13 -70.09
C ILE B 740 -9.32 36.20 -70.83
N THR B 741 -10.48 35.94 -70.23
CA THR B 741 -11.51 35.13 -70.86
C THR B 741 -12.82 35.91 -70.89
N ARG B 742 -13.53 35.83 -72.01
CA ARG B 742 -14.77 36.54 -72.22
C ARG B 742 -15.89 35.58 -72.58
N VAL B 743 -17.09 35.88 -72.09
CA VAL B 743 -18.30 35.15 -72.44
C VAL B 743 -19.31 36.17 -72.94
N TYR B 744 -19.78 35.98 -74.18
CA TYR B 744 -20.62 37.00 -74.81
C TYR B 744 -21.92 37.28 -74.04
N PRO B 745 -22.75 36.30 -73.70
CA PRO B 745 -23.96 36.62 -72.95
C PRO B 745 -23.63 36.96 -71.51
N LYS B 746 -24.03 38.15 -71.07
CA LYS B 746 -23.82 38.55 -69.68
C LYS B 746 -24.55 37.61 -68.73
N GLU B 747 -25.79 37.24 -69.06
CA GLU B 747 -26.55 36.32 -68.23
C GLU B 747 -25.99 34.91 -68.26
N ALA B 748 -25.09 34.59 -69.19
CA ALA B 748 -24.37 33.33 -69.18
C ALA B 748 -23.02 33.42 -68.49
N GLY B 749 -22.57 34.64 -68.15
CA GLY B 749 -21.27 34.79 -67.52
C GLY B 749 -21.21 34.20 -66.12
N GLU B 750 -22.27 34.38 -65.33
CA GLU B 750 -22.28 33.87 -63.96
C GLU B 750 -22.37 32.35 -63.90
N ASN B 751 -22.65 31.69 -65.02
CA ASN B 751 -22.62 30.23 -65.09
C ASN B 751 -21.23 29.69 -65.43
N TRP B 752 -20.25 30.56 -65.62
CA TRP B 752 -18.88 30.17 -65.96
C TRP B 752 -18.14 29.83 -64.67
N GLN B 753 -18.30 28.58 -64.23
CA GLN B 753 -17.67 28.12 -62.99
C GLN B 753 -16.29 27.50 -63.26
N GLU B 754 -15.42 28.26 -63.93
CA GLU B 754 -14.07 27.82 -64.23
C GLU B 754 -13.07 28.78 -63.59
N ASN B 755 -11.84 28.30 -63.46
CA ASN B 755 -10.79 29.08 -62.84
C ASN B 755 -10.46 30.29 -63.72
N PRO B 756 -10.43 31.50 -63.18
CA PRO B 756 -10.06 32.66 -64.00
C PRO B 756 -8.65 32.57 -64.57
N GLU B 757 -7.73 31.91 -63.87
CA GLU B 757 -6.39 31.72 -64.40
C GLU B 757 -6.43 30.79 -65.59
N THR B 758 -5.80 31.20 -66.70
CA THR B 758 -5.82 30.41 -67.92
C THR B 758 -5.08 29.08 -67.73
N TYR B 759 -3.97 29.10 -66.99
CA TYR B 759 -3.11 27.93 -66.88
C TYR B 759 -3.73 26.82 -66.04
N GLU B 760 -4.82 27.08 -65.33
CA GLU B 760 -5.48 26.07 -64.51
C GLU B 760 -6.74 25.53 -65.15
N ASP B 761 -7.09 25.98 -66.35
CA ASP B 761 -8.30 25.50 -67.02
C ASP B 761 -8.05 24.11 -67.57
N SER B 762 -8.80 23.13 -67.07
CA SER B 762 -8.62 21.74 -67.51
C SER B 762 -8.92 21.59 -68.99
N PHE B 763 -9.98 22.23 -69.48
CA PHE B 763 -10.33 22.12 -70.89
C PHE B 763 -9.30 22.81 -71.78
N TYR B 764 -8.67 23.88 -71.31
CA TYR B 764 -7.66 24.56 -72.10
C TYR B 764 -6.47 23.65 -72.38
N LYS B 765 -5.93 23.03 -71.34
CA LYS B 765 -4.82 22.11 -71.52
C LYS B 765 -5.23 20.89 -72.33
N ARG B 766 -6.44 20.37 -72.09
CA ARG B 766 -6.90 19.21 -72.83
C ARG B 766 -7.08 19.53 -74.31
N SER B 767 -7.62 20.71 -74.63
CA SER B 767 -7.87 21.04 -76.03
C SER B 767 -6.58 21.32 -76.79
N LEU B 768 -5.52 21.71 -76.09
CA LEU B 768 -4.26 22.00 -76.77
C LEU B 768 -3.67 20.75 -77.41
N ASP B 769 -3.68 19.63 -76.70
CA ASP B 769 -3.04 18.42 -77.21
C ASP B 769 -3.82 17.84 -78.39
N ASN B 770 -5.13 17.73 -78.26
CA ASN B 770 -5.95 17.17 -79.34
C ASN B 770 -5.99 18.12 -80.52
N ASP B 771 -5.99 17.55 -81.73
CA ASP B 771 -6.06 18.32 -82.96
C ASP B 771 -7.48 18.57 -83.44
N ASN B 772 -8.48 18.11 -82.68
CA ASN B 772 -9.88 18.21 -83.06
C ASN B 772 -10.68 18.76 -81.88
N TYR B 773 -11.98 18.92 -82.10
CA TYR B 773 -12.86 19.46 -81.06
C TYR B 773 -12.92 18.52 -79.87
N VAL B 774 -13.05 19.11 -78.69
CA VAL B 774 -13.03 18.37 -77.44
C VAL B 774 -14.34 18.64 -76.70
N PHE B 775 -15.02 17.56 -76.31
CA PHE B 775 -16.26 17.65 -75.55
C PHE B 775 -15.96 17.35 -74.09
N THR B 776 -16.30 18.29 -73.21
CA THR B 776 -16.11 18.14 -71.77
C THR B 776 -17.46 17.88 -71.13
N ALA B 777 -17.65 16.67 -70.62
CA ALA B 777 -18.92 16.31 -69.99
C ALA B 777 -19.08 17.08 -68.68
N PRO B 778 -20.29 17.53 -68.37
CA PRO B 778 -20.51 18.22 -67.09
C PRO B 778 -20.43 17.26 -65.92
N TYR B 779 -20.50 17.81 -64.72
CA TYR B 779 -20.40 17.02 -63.50
C TYR B 779 -21.74 16.37 -63.19
N PHE B 780 -21.87 15.78 -62.00
CA PHE B 780 -23.01 14.97 -61.65
C PHE B 780 -23.53 15.37 -60.26
N ASN B 781 -24.74 14.91 -59.95
CA ASN B 781 -25.32 15.01 -58.61
C ASN B 781 -25.58 16.46 -58.21
N LYS B 782 -26.27 17.19 -59.10
CA LYS B 782 -26.79 18.54 -58.84
C LYS B 782 -25.83 19.40 -58.02
N SER B 783 -24.57 19.40 -58.43
CA SER B 783 -23.54 20.17 -57.73
C SER B 783 -23.65 21.67 -57.97
N GLY B 784 -24.70 22.13 -58.64
CA GLY B 784 -24.86 23.53 -58.96
C GLY B 784 -25.27 23.73 -60.40
N PRO B 785 -25.03 24.93 -60.92
CA PRO B 785 -25.33 25.19 -62.33
C PRO B 785 -24.42 24.39 -63.26
N GLY B 786 -24.92 24.09 -64.44
CA GLY B 786 -24.13 23.39 -65.44
C GLY B 786 -24.85 22.26 -66.15
N ALA B 787 -25.80 21.62 -65.47
CA ALA B 787 -26.48 20.47 -66.06
C ALA B 787 -27.24 20.86 -67.32
N TYR B 788 -28.06 21.90 -67.24
CA TYR B 788 -28.86 22.38 -68.36
C TYR B 788 -28.64 23.86 -68.66
N GLU B 789 -28.44 24.68 -67.63
CA GLU B 789 -28.27 26.12 -67.81
C GLU B 789 -26.93 26.48 -68.44
N SER B 790 -26.01 25.53 -68.56
CA SER B 790 -24.73 25.76 -69.22
C SER B 790 -24.53 24.92 -70.46
N GLY B 791 -24.92 23.64 -70.43
CA GLY B 791 -24.82 22.79 -71.58
C GLY B 791 -23.46 22.14 -71.74
N ILE B 792 -23.32 21.43 -72.86
CA ILE B 792 -22.10 20.68 -73.15
C ILE B 792 -21.05 21.63 -73.70
N MET B 793 -19.86 21.61 -73.09
CA MET B 793 -18.78 22.49 -73.52
C MET B 793 -18.00 21.85 -74.67
N VAL B 794 -17.74 22.66 -75.70
CA VAL B 794 -16.91 22.25 -76.83
C VAL B 794 -15.81 23.30 -76.98
N SER B 795 -14.57 22.83 -77.18
CA SER B 795 -13.44 23.74 -77.34
C SER B 795 -12.55 23.23 -78.46
N LYS B 796 -11.85 24.17 -79.10
CA LYS B 796 -10.93 23.84 -80.19
C LYS B 796 -9.83 24.89 -80.22
N ALA B 797 -8.59 24.46 -80.02
CA ALA B 797 -7.47 25.39 -79.99
C ALA B 797 -7.25 26.02 -81.35
N VAL B 798 -6.88 27.30 -81.35
CA VAL B 798 -6.58 28.03 -82.58
C VAL B 798 -5.09 27.92 -82.87
N GLU B 799 -4.76 27.52 -84.10
CA GLU B 799 -3.38 27.35 -84.52
C GLU B 799 -2.97 28.52 -85.42
N ILE B 800 -1.68 28.86 -85.38
CA ILE B 800 -1.16 30.01 -86.10
C ILE B 800 0.12 29.60 -86.81
N TYR B 801 0.28 30.03 -88.06
CA TYR B 801 1.51 29.85 -88.82
C TYR B 801 2.02 31.24 -89.20
N ILE B 802 2.92 31.80 -88.39
CA ILE B 802 3.44 33.12 -88.65
C ILE B 802 4.50 33.06 -89.75
N GLN B 803 5.59 32.34 -89.50
CA GLN B 803 6.70 32.17 -90.44
C GLN B 803 7.11 30.70 -90.48
N GLY B 804 6.12 29.82 -90.58
CA GLY B 804 6.38 28.40 -90.52
C GLY B 804 6.46 27.83 -89.12
N LYS B 805 6.02 28.57 -88.12
CA LYS B 805 6.06 28.13 -86.73
C LYS B 805 4.64 27.97 -86.21
N LEU B 806 4.34 26.82 -85.61
CA LEU B 806 3.01 26.54 -85.10
C LEU B 806 2.85 27.14 -83.70
N LEU B 807 1.83 27.95 -83.52
CA LEU B 807 1.54 28.59 -82.24
C LEU B 807 0.07 28.41 -81.89
N LYS B 808 -0.20 28.13 -80.61
CA LYS B 808 -1.56 27.89 -80.12
C LYS B 808 -1.78 28.81 -78.92
N PRO B 809 -2.13 30.06 -79.17
CA PRO B 809 -2.22 31.03 -78.06
C PRO B 809 -3.52 30.95 -77.28
N ALA B 810 -4.61 30.57 -77.94
CA ALA B 810 -5.92 30.64 -77.32
C ALA B 810 -6.74 29.41 -77.67
N VAL B 811 -7.90 29.30 -77.05
CA VAL B 811 -8.90 28.30 -77.39
C VAL B 811 -10.25 28.98 -77.49
N VAL B 812 -11.03 28.60 -78.50
CA VAL B 812 -12.38 29.11 -78.69
C VAL B 812 -13.35 27.94 -78.61
N GLY B 813 -14.60 28.26 -78.31
CA GLY B 813 -15.60 27.22 -78.22
C GLY B 813 -16.94 27.79 -77.85
N ILE B 814 -17.90 26.88 -77.71
CA ILE B 814 -19.28 27.20 -77.39
C ILE B 814 -19.74 26.32 -76.25
N LYS B 815 -21.00 26.47 -75.87
CA LYS B 815 -21.66 25.61 -74.89
C LYS B 815 -22.98 25.16 -75.50
N ILE B 816 -22.98 23.97 -76.10
CA ILE B 816 -24.15 23.49 -76.82
C ILE B 816 -25.28 23.26 -75.85
N ASP B 817 -26.44 23.87 -76.12
CA ASP B 817 -27.61 23.65 -75.30
C ASP B 817 -28.14 22.24 -75.51
N VAL B 818 -28.37 21.53 -74.40
CA VAL B 818 -28.79 20.14 -74.48
C VAL B 818 -30.18 20.04 -75.08
N ASN B 819 -31.09 20.95 -74.71
CA ASN B 819 -32.48 20.85 -75.15
C ASN B 819 -32.61 20.98 -76.66
N SER B 820 -31.84 21.88 -77.27
CA SER B 820 -31.84 21.96 -78.72
C SER B 820 -31.12 20.76 -79.34
N TRP B 821 -30.14 20.19 -78.64
CA TRP B 821 -29.40 19.06 -79.17
C TRP B 821 -30.20 17.78 -79.14
N ILE B 822 -30.95 17.55 -78.05
CA ILE B 822 -31.64 16.26 -77.89
C ILE B 822 -32.72 16.09 -78.96
N GLU B 823 -33.43 17.17 -79.30
CA GLU B 823 -34.42 17.09 -80.37
C GLU B 823 -33.76 16.73 -81.70
N ASN B 824 -32.67 17.41 -82.04
CA ASN B 824 -31.97 17.13 -83.29
C ASN B 824 -31.43 15.71 -83.33
N PHE B 825 -31.02 15.18 -82.18
CA PHE B 825 -30.51 13.80 -82.15
C PHE B 825 -31.60 12.80 -82.48
N THR B 826 -32.81 13.02 -81.97
CA THR B 826 -33.90 12.05 -82.17
C THR B 826 -34.28 11.95 -83.64
N LYS B 827 -34.44 13.08 -84.32
CA LYS B 827 -34.87 13.07 -85.71
C LYS B 827 -33.75 12.59 -86.62
N ARG B 843 -37.28 7.37 -79.88
CA ARG B 843 -37.35 8.01 -78.58
C ARG B 843 -38.08 7.16 -77.54
N ASN B 844 -37.46 7.02 -76.36
CA ASN B 844 -37.98 6.17 -75.29
C ASN B 844 -38.25 4.75 -75.77
N SER B 845 -37.53 4.32 -76.80
CA SER B 845 -37.77 3.01 -77.40
C SER B 845 -37.40 1.91 -76.41
N ASP B 846 -38.39 1.10 -76.03
CA ASP B 846 -38.13 -0.04 -75.17
C ASP B 846 -37.49 -1.20 -75.90
N VAL B 847 -37.43 -1.14 -77.23
CA VAL B 847 -36.75 -2.17 -78.00
C VAL B 847 -35.23 -2.03 -77.86
N MET B 848 -34.73 -0.80 -78.00
CA MET B 848 -33.30 -0.53 -78.00
C MET B 848 -33.10 0.95 -77.73
N ASP B 849 -31.85 1.31 -77.42
CA ASP B 849 -31.52 2.66 -76.99
C ASP B 849 -30.32 3.21 -77.75
N CYS B 850 -30.23 4.53 -77.80
CA CYS B 850 -29.14 5.25 -78.42
C CYS B 850 -28.42 6.06 -77.35
N VAL B 851 -27.09 5.92 -77.29
CA VAL B 851 -26.28 6.74 -76.41
C VAL B 851 -25.01 7.17 -77.14
N ILE B 852 -24.50 8.34 -76.76
CA ILE B 852 -23.25 8.87 -77.30
C ILE B 852 -22.28 9.07 -76.14
N LEU B 853 -21.03 8.65 -76.34
CA LEU B 853 -19.98 8.74 -75.34
C LEU B 853 -18.82 9.53 -75.90
N ASP B 854 -18.09 10.19 -75.00
CA ASP B 854 -16.89 10.94 -75.37
C ASP B 854 -15.65 10.13 -75.02
N ASP B 855 -14.49 10.72 -75.28
CA ASP B 855 -13.22 10.07 -74.97
C ASP B 855 -13.05 10.14 -73.46
N GLY B 856 -13.46 9.08 -72.76
CA GLY B 856 -13.47 9.08 -71.32
C GLY B 856 -14.67 8.36 -70.75
N GLY B 857 -15.55 7.90 -71.64
CA GLY B 857 -16.71 7.13 -71.24
C GLY B 857 -17.75 7.87 -70.43
N PHE B 858 -17.97 9.15 -70.73
CA PHE B 858 -18.93 9.98 -70.02
C PHE B 858 -20.13 10.23 -70.92
N LEU B 859 -21.33 10.08 -70.35
CA LEU B 859 -22.56 10.25 -71.13
C LEU B 859 -22.76 11.71 -71.52
N LEU B 860 -23.24 11.91 -72.75
CA LEU B 860 -23.60 13.24 -73.23
C LEU B 860 -24.99 13.25 -73.83
N MET B 861 -25.47 12.10 -74.30
CA MET B 861 -26.82 11.98 -74.81
C MET B 861 -27.29 10.55 -74.67
N ALA B 862 -28.60 10.36 -74.65
CA ALA B 862 -29.19 9.04 -74.48
C ALA B 862 -30.53 9.00 -75.22
N ASN B 863 -31.30 7.94 -74.96
CA ASN B 863 -32.56 7.73 -75.67
C ASN B 863 -33.74 7.49 -74.74
N HIS B 864 -33.54 6.83 -73.60
CA HIS B 864 -34.64 6.58 -72.66
C HIS B 864 -35.16 7.84 -71.99
N ASP B 865 -34.46 8.96 -72.13
CA ASP B 865 -34.85 10.23 -71.52
C ASP B 865 -34.82 10.15 -70.00
N ASP B 866 -34.37 9.02 -69.46
CA ASP B 866 -34.07 8.91 -68.04
C ASP B 866 -32.57 8.94 -67.76
N TYR B 867 -31.76 8.46 -68.71
CA TYR B 867 -30.32 8.70 -68.63
C TYR B 867 -30.00 10.18 -68.84
N THR B 868 -30.73 10.84 -69.73
CA THR B 868 -30.44 12.24 -70.05
C THR B 868 -30.63 13.13 -68.83
N ASN B 869 -31.49 12.74 -67.89
CA ASN B 869 -31.61 13.49 -66.65
C ASN B 869 -30.30 13.43 -65.86
N GLN B 870 -29.66 12.27 -65.84
CA GLN B 870 -28.36 12.10 -65.19
C GLN B 870 -27.27 12.24 -66.25
N ILE B 871 -27.02 13.48 -66.64
CA ILE B 871 -26.07 13.79 -67.70
C ILE B 871 -24.69 13.95 -67.10
N GLY B 872 -23.66 13.77 -67.94
CA GLY B 872 -22.29 13.88 -67.47
C GLY B 872 -21.91 12.83 -66.44
N ARG B 873 -22.35 11.60 -66.63
CA ARG B 873 -22.06 10.51 -65.71
C ARG B 873 -21.33 9.40 -66.45
N PHE B 874 -20.53 8.64 -65.71
CA PHE B 874 -19.82 7.52 -66.29
C PHE B 874 -20.81 6.48 -66.80
N PHE B 875 -20.57 5.98 -68.02
CA PHE B 875 -21.48 5.01 -68.61
C PHE B 875 -21.48 3.69 -67.84
N GLY B 876 -20.39 3.37 -67.16
CA GLY B 876 -20.30 2.12 -66.43
C GLY B 876 -21.22 2.04 -65.23
N GLU B 877 -21.68 3.19 -64.72
CA GLU B 877 -22.59 3.19 -63.58
C GLU B 877 -24.05 3.01 -63.98
N ILE B 878 -24.36 2.95 -65.27
CA ILE B 878 -25.73 2.77 -65.71
C ILE B 878 -25.84 1.55 -66.62
N ASP B 879 -24.75 1.21 -67.29
CA ASP B 879 -24.69 0.02 -68.16
C ASP B 879 -23.37 -0.72 -67.92
N PRO B 880 -23.21 -1.32 -66.75
CA PRO B 880 -21.93 -2.02 -66.46
C PRO B 880 -21.65 -3.18 -67.39
N SER B 881 -22.69 -3.89 -67.86
CA SER B 881 -22.48 -5.05 -68.71
C SER B 881 -21.82 -4.66 -70.02
N LEU B 882 -22.26 -3.55 -70.62
CA LEU B 882 -21.65 -3.09 -71.87
C LEU B 882 -20.30 -2.42 -71.63
N MET B 883 -20.15 -1.70 -70.52
CA MET B 883 -18.90 -1.01 -70.24
C MET B 883 -17.76 -2.00 -70.08
N ARG B 884 -17.99 -3.09 -69.33
CA ARG B 884 -16.96 -4.10 -69.16
C ARG B 884 -16.63 -4.80 -70.47
N HIS B 885 -17.62 -5.01 -71.33
CA HIS B 885 -17.36 -5.59 -72.63
C HIS B 885 -16.53 -4.66 -73.51
N LEU B 886 -16.81 -3.36 -73.42
CA LEU B 886 -16.10 -2.40 -74.27
C LEU B 886 -14.61 -2.38 -73.95
N VAL B 887 -14.26 -2.33 -72.66
CA VAL B 887 -12.84 -2.31 -72.30
C VAL B 887 -12.17 -3.63 -72.66
N ASN B 888 -12.94 -4.72 -72.79
CA ASN B 888 -12.37 -6.00 -73.18
C ASN B 888 -12.06 -6.08 -74.68
N ILE B 889 -12.88 -5.42 -75.51
CA ILE B 889 -12.68 -5.47 -76.96
C ILE B 889 -11.72 -4.36 -77.39
N SER B 890 -11.06 -3.75 -76.42
CA SER B 890 -10.01 -2.75 -76.64
C SER B 890 -10.52 -1.55 -77.45
N VAL B 891 -11.51 -0.86 -76.87
CA VAL B 891 -11.91 0.46 -77.33
C VAL B 891 -11.57 1.47 -76.25
N TYR B 892 -11.57 1.03 -75.00
CA TYR B 892 -11.38 1.90 -73.84
C TYR B 892 -10.29 1.32 -72.96
N ALA B 893 -9.08 1.87 -73.10
CA ALA B 893 -8.01 1.54 -72.19
C ALA B 893 -8.23 2.24 -70.85
N PHE B 894 -7.35 1.94 -69.90
CA PHE B 894 -7.36 2.64 -68.63
C PHE B 894 -6.03 2.43 -67.93
N ASN B 895 -5.60 3.45 -67.19
CA ASN B 895 -4.44 3.37 -66.32
C ASN B 895 -4.88 3.74 -64.91
N LYS B 896 -4.55 2.88 -63.94
CA LYS B 896 -4.89 3.11 -62.55
C LYS B 896 -3.72 3.76 -61.84
N SER B 897 -3.98 4.87 -61.17
CA SER B 897 -2.94 5.63 -60.48
C SER B 897 -3.35 5.85 -59.03
N TYR B 898 -2.36 6.11 -58.20
CA TYR B 898 -2.58 6.39 -56.78
C TYR B 898 -2.32 7.86 -56.52
N ASP B 899 -3.23 8.49 -55.77
CA ASP B 899 -3.07 9.86 -55.32
C ASP B 899 -2.78 9.82 -53.83
N TYR B 900 -1.60 10.29 -53.43
CA TYR B 900 -1.16 10.23 -52.06
C TYR B 900 -1.53 11.48 -51.27
N GLN B 901 -2.20 12.44 -51.90
CA GLN B 901 -2.65 13.67 -51.25
C GLN B 901 -4.13 13.85 -51.55
N SER B 902 -4.98 13.25 -50.73
CA SER B 902 -6.42 13.34 -50.89
C SER B 902 -7.07 13.15 -49.52
N VAL B 903 -8.33 13.60 -49.43
CA VAL B 903 -9.08 13.55 -48.18
C VAL B 903 -10.26 12.60 -48.35
N CYS B 904 -10.42 11.69 -47.40
CA CYS B 904 -11.48 10.71 -47.41
C CYS B 904 -12.29 10.80 -46.12
N GLU B 905 -13.58 10.49 -46.22
CA GLU B 905 -14.41 10.39 -45.04
C GLU B 905 -14.00 9.16 -44.23
N PRO B 906 -14.08 9.24 -42.90
CA PRO B 906 -13.63 8.12 -42.06
C PRO B 906 -14.60 6.95 -42.08
N GLY B 907 -14.29 5.92 -41.29
CA GLY B 907 -15.14 4.75 -41.22
C GLY B 907 -15.02 4.07 -39.88
N ALA B 908 -15.87 3.08 -39.67
CA ALA B 908 -15.88 2.32 -38.42
C ALA B 908 -14.68 1.39 -38.35
N ALA B 909 -14.14 1.21 -37.14
CA ALA B 909 -13.01 0.33 -36.93
C ALA B 909 -12.99 -0.19 -35.50
N SER B 970 -15.12 15.15 -40.36
CA SER B 970 -13.70 15.06 -40.09
C SER B 970 -13.00 14.15 -41.10
N LYS B 971 -12.36 14.77 -42.10
CA LYS B 971 -11.67 14.06 -43.15
C LYS B 971 -10.17 14.13 -42.92
N GLN B 972 -9.50 12.99 -43.02
CA GLN B 972 -8.06 12.89 -42.89
C GLN B 972 -7.44 12.49 -44.22
N SER B 973 -6.11 12.55 -44.27
CA SER B 973 -5.39 12.24 -45.50
C SER B 973 -5.52 10.77 -45.84
N CYS B 974 -5.59 10.47 -47.13
CA CYS B 974 -5.82 9.10 -47.59
C CYS B 974 -5.17 8.92 -48.95
N ILE B 975 -4.94 7.66 -49.30
CA ILE B 975 -4.47 7.28 -50.63
C ILE B 975 -5.66 6.81 -51.44
N THR B 976 -5.89 7.45 -52.58
CA THR B 976 -7.04 7.18 -53.42
C THR B 976 -6.59 6.65 -54.77
N GLU B 977 -7.18 5.55 -55.21
CA GLU B 977 -6.88 5.00 -56.53
C GLU B 977 -7.73 5.70 -57.57
N GLN B 978 -7.09 6.16 -58.64
CA GLN B 978 -7.77 6.91 -59.70
C GLN B 978 -7.69 6.14 -61.00
N THR B 979 -8.80 6.09 -61.71
CA THR B 979 -8.89 5.43 -63.02
C THR B 979 -9.32 6.44 -64.07
N GLN B 980 -8.67 6.40 -65.22
CA GLN B 980 -9.00 7.28 -66.34
C GLN B 980 -9.10 6.44 -67.60
N TYR B 981 -10.12 6.71 -68.42
CA TYR B 981 -10.38 5.93 -69.62
C TYR B 981 -10.10 6.77 -70.87
N PHE B 982 -9.54 6.12 -71.89
CA PHE B 982 -9.23 6.77 -73.14
C PHE B 982 -9.30 5.75 -74.27
N PHE B 983 -9.37 6.25 -75.50
CA PHE B 983 -9.47 5.39 -76.67
C PHE B 983 -8.24 4.49 -76.78
N ASP B 984 -8.47 3.20 -77.00
CA ASP B 984 -7.36 2.26 -77.20
C ASP B 984 -6.69 2.46 -78.56
N ASN B 985 -7.44 2.26 -79.64
CA ASN B 985 -6.89 2.22 -80.98
C ASN B 985 -7.55 3.27 -81.86
N ASP B 986 -7.05 3.38 -83.09
CA ASP B 986 -7.52 4.36 -84.06
C ASP B 986 -8.68 3.84 -84.90
N SER B 987 -9.06 2.57 -84.75
CA SER B 987 -10.14 2.01 -85.53
C SER B 987 -11.47 2.68 -85.18
N LYS B 988 -12.33 2.83 -86.19
CA LYS B 988 -13.58 3.55 -86.04
C LYS B 988 -14.82 2.68 -86.19
N SER B 989 -14.70 1.47 -86.73
CA SER B 989 -15.84 0.60 -86.97
C SER B 989 -15.82 -0.53 -85.94
N PHE B 990 -16.85 -0.56 -85.08
CA PHE B 990 -16.92 -1.48 -83.97
C PHE B 990 -18.23 -2.25 -84.03
N SER B 991 -18.15 -3.57 -83.95
CA SER B 991 -19.32 -4.44 -84.00
C SER B 991 -19.02 -5.72 -83.23
N GLY B 992 -20.03 -6.23 -82.55
CA GLY B 992 -19.87 -7.45 -81.78
C GLY B 992 -21.17 -7.80 -81.08
N VAL B 993 -21.13 -8.91 -80.35
CA VAL B 993 -22.28 -9.44 -79.63
C VAL B 993 -21.93 -9.51 -78.15
N LEU B 994 -22.82 -8.96 -77.31
CA LEU B 994 -22.63 -8.94 -75.86
C LEU B 994 -23.30 -10.18 -75.30
N ASP B 995 -22.51 -11.20 -75.01
CA ASP B 995 -23.03 -12.47 -74.48
C ASP B 995 -23.11 -12.36 -72.96
N CYS B 996 -24.28 -11.94 -72.48
CA CYS B 996 -24.50 -11.77 -71.05
C CYS B 996 -24.93 -13.06 -70.35
N GLY B 997 -25.17 -14.13 -71.10
CA GLY B 997 -25.66 -15.37 -70.51
C GLY B 997 -27.10 -15.65 -70.90
N ASN B 998 -27.32 -16.78 -71.57
CA ASN B 998 -28.64 -17.20 -72.08
C ASN B 998 -29.37 -16.06 -72.79
N CYS B 999 -28.62 -15.15 -73.40
CA CYS B 999 -29.19 -14.01 -74.12
C CYS B 999 -28.31 -13.71 -75.32
N SER B 1000 -28.62 -12.60 -76.00
CA SER B 1000 -27.82 -12.17 -77.14
C SER B 1000 -28.11 -10.70 -77.40
N ARG B 1001 -27.11 -9.85 -77.22
CA ARG B 1001 -27.22 -8.42 -77.53
C ARG B 1001 -26.06 -8.06 -78.44
N ILE B 1002 -26.37 -7.53 -79.61
CA ILE B 1002 -25.37 -7.17 -80.62
C ILE B 1002 -25.44 -5.66 -80.83
N PHE B 1003 -24.28 -5.01 -80.73
CA PHE B 1003 -24.21 -3.56 -80.83
C PHE B 1003 -23.27 -3.14 -81.95
N HIS B 1004 -23.39 -1.87 -82.34
CA HIS B 1004 -22.49 -1.25 -83.30
C HIS B 1004 -22.01 0.08 -82.73
N GLY B 1005 -20.72 0.34 -82.87
CA GLY B 1005 -20.16 1.59 -82.38
C GLY B 1005 -19.36 2.33 -83.43
N GLU B 1006 -19.69 3.61 -83.63
CA GLU B 1006 -18.99 4.45 -84.59
C GLU B 1006 -18.47 5.69 -83.88
N LYS B 1007 -17.23 6.07 -84.20
CA LYS B 1007 -16.59 7.23 -83.60
C LYS B 1007 -16.72 8.43 -84.53
N LEU B 1008 -17.21 9.54 -83.98
CA LEU B 1008 -17.41 10.74 -84.77
C LEU B 1008 -16.08 11.26 -85.31
N MET B 1009 -16.09 11.70 -86.57
CA MET B 1009 -14.88 12.19 -87.20
C MET B 1009 -14.54 13.58 -86.71
N ASN B 1010 -13.24 13.85 -86.56
CA ASN B 1010 -12.73 15.13 -86.09
C ASN B 1010 -13.32 15.51 -84.73
N THR B 1011 -13.57 14.52 -83.89
CA THR B 1011 -14.14 14.75 -82.57
C THR B 1011 -13.75 13.57 -81.69
N ASN B 1012 -13.78 13.81 -80.37
CA ASN B 1012 -13.45 12.79 -79.39
C ASN B 1012 -14.68 12.02 -78.91
N LEU B 1013 -15.70 11.92 -79.74
CA LEU B 1013 -16.95 11.26 -79.38
C LEU B 1013 -17.08 9.90 -80.07
N ILE B 1014 -17.89 9.04 -79.47
CA ILE B 1014 -18.24 7.74 -80.04
C ILE B 1014 -19.73 7.51 -79.86
N PHE B 1015 -20.37 6.99 -80.90
CA PHE B 1015 -21.79 6.69 -80.89
C PHE B 1015 -21.97 5.18 -80.98
N ILE B 1016 -22.75 4.61 -80.07
CA ILE B 1016 -22.98 3.18 -80.01
C ILE B 1016 -24.48 2.90 -80.02
N MET B 1017 -24.85 1.74 -80.57
CA MET B 1017 -26.23 1.33 -80.78
C MET B 1017 -26.42 -0.06 -80.21
N VAL B 1018 -27.14 -0.18 -79.10
CA VAL B 1018 -27.30 -1.45 -78.41
C VAL B 1018 -28.77 -1.70 -78.12
N GLU B 1019 -29.11 -2.96 -77.90
CA GLU B 1019 -30.46 -3.36 -77.54
C GLU B 1019 -30.77 -2.94 -76.10
N SER B 1020 -32.05 -3.02 -75.75
CA SER B 1020 -32.50 -2.53 -74.46
C SER B 1020 -31.98 -3.40 -73.32
N LYS B 1021 -31.94 -2.80 -72.13
CA LYS B 1021 -31.47 -3.52 -70.95
C LYS B 1021 -32.48 -4.57 -70.48
N GLY B 1022 -33.77 -4.31 -70.70
CA GLY B 1022 -34.81 -5.22 -70.25
C GLY B 1022 -34.96 -6.48 -71.07
N THR B 1023 -34.28 -6.59 -72.21
CA THR B 1023 -34.37 -7.79 -73.02
C THR B 1023 -33.78 -8.99 -72.29
N CYS B 1024 -32.71 -8.77 -71.52
CA CYS B 1024 -32.06 -9.83 -70.76
C CYS B 1024 -32.08 -9.48 -69.28
N PRO B 1025 -32.57 -10.38 -68.41
CA PRO B 1025 -32.53 -10.14 -66.96
C PRO B 1025 -31.17 -10.45 -66.35
N CYS B 1026 -30.14 -9.75 -66.82
CA CYS B 1026 -28.79 -9.90 -66.32
C CYS B 1026 -28.25 -8.54 -65.90
N ASP B 1027 -27.49 -8.53 -64.80
CA ASP B 1027 -26.90 -7.29 -64.28
C ASP B 1027 -25.65 -7.67 -63.49
N THR B 1028 -24.48 -7.46 -64.10
CA THR B 1028 -23.22 -7.71 -63.45
C THR B 1028 -22.90 -6.57 -62.48
N ARG B 1029 -21.79 -6.70 -61.76
CA ARG B 1029 -21.40 -5.67 -60.81
C ARG B 1029 -21.04 -4.38 -61.54
N LEU B 1030 -21.39 -3.25 -60.93
CA LEU B 1030 -21.23 -1.96 -61.58
C LEU B 1030 -19.76 -1.56 -61.65
N LEU B 1031 -19.39 -0.88 -62.73
CA LEU B 1031 -18.04 -0.39 -62.94
C LEU B 1031 -18.00 1.10 -62.59
N ILE B 1032 -17.17 1.45 -61.62
CA ILE B 1032 -17.13 2.80 -61.06
C ILE B 1032 -15.80 3.45 -61.41
N GLN B 1033 -15.85 4.65 -61.98
CA GLN B 1033 -14.68 5.49 -62.20
C GLN B 1033 -14.82 6.69 -61.25
N ALA B 1034 -14.17 6.60 -60.09
CA ALA B 1034 -14.28 7.65 -59.08
C ALA B 1034 -13.06 7.57 -58.19
N GLU B 1035 -13.02 8.48 -57.20
CA GLU B 1035 -11.91 8.56 -56.25
C GLU B 1035 -12.06 7.44 -55.21
N GLN B 1036 -11.79 6.22 -55.67
CA GLN B 1036 -11.92 5.05 -54.81
C GLN B 1036 -10.79 5.02 -53.79
N THR B 1037 -11.15 5.02 -52.51
CA THR B 1037 -10.15 4.97 -51.46
C THR B 1037 -9.51 3.59 -51.38
N SER B 1038 -8.23 3.57 -51.05
CA SER B 1038 -7.47 2.32 -50.95
C SER B 1038 -6.24 2.59 -50.08
N ASP B 1039 -5.33 1.61 -50.02
CA ASP B 1039 -4.10 1.78 -49.26
C ASP B 1039 -2.88 1.21 -49.98
N GLY B 1040 -3.01 0.77 -51.23
CA GLY B 1040 -1.90 0.23 -51.96
C GLY B 1040 -0.95 1.31 -52.42
N PRO B 1041 0.16 0.88 -53.04
CA PRO B 1041 0.56 -0.50 -53.34
C PRO B 1041 1.15 -1.20 -52.12
N ASN B 1042 1.14 -2.54 -52.13
CA ASN B 1042 1.66 -3.28 -50.99
C ASN B 1042 3.17 -3.06 -50.86
N PRO B 1043 3.66 -2.65 -49.70
CA PRO B 1043 5.11 -2.46 -49.52
C PRO B 1043 5.89 -3.72 -49.19
N CYS B 1044 5.21 -4.82 -48.83
CA CYS B 1044 5.93 -6.06 -48.53
C CYS B 1044 6.71 -6.56 -49.74
N ASP B 1045 6.11 -6.48 -50.92
CA ASP B 1045 6.78 -6.87 -52.15
C ASP B 1045 7.32 -5.69 -52.95
N MET B 1046 7.01 -4.45 -52.53
CA MET B 1046 7.56 -3.29 -53.21
C MET B 1046 9.02 -3.05 -52.84
N VAL B 1047 9.43 -3.44 -51.62
CA VAL B 1047 10.82 -3.29 -51.20
C VAL B 1047 11.74 -4.33 -51.84
N LYS B 1048 11.18 -5.38 -52.45
CA LYS B 1048 12.01 -6.35 -53.14
C LYS B 1048 12.72 -5.72 -54.33
N GLN B 1049 12.05 -4.80 -55.02
CA GLN B 1049 12.59 -4.10 -56.19
C GLN B 1049 12.45 -2.60 -56.00
N PRO B 1050 13.21 -2.02 -55.07
CA PRO B 1050 13.07 -0.59 -54.80
C PRO B 1050 13.55 0.26 -55.97
N ARG B 1051 12.98 1.46 -56.06
CA ARG B 1051 13.40 2.39 -57.09
C ARG B 1051 14.84 2.84 -56.86
N TYR B 1052 15.54 3.11 -57.96
CA TYR B 1052 16.95 3.50 -57.86
C TYR B 1052 17.08 4.80 -57.10
N ARG B 1053 18.04 4.85 -56.18
CA ARG B 1053 18.28 6.03 -55.38
C ARG B 1053 19.76 6.11 -55.05
N LYS B 1054 20.21 7.31 -54.72
CA LYS B 1054 21.60 7.58 -54.39
C LYS B 1054 21.66 8.29 -53.05
N GLY B 1055 22.46 7.76 -52.13
CA GLY B 1055 22.60 8.36 -50.83
C GLY B 1055 23.77 9.32 -50.77
N PRO B 1056 23.88 10.07 -49.67
CA PRO B 1056 25.02 10.97 -49.51
C PRO B 1056 26.33 10.20 -49.48
N ASP B 1057 27.38 10.81 -50.04
CA ASP B 1057 28.69 10.18 -50.08
C ASP B 1057 29.55 10.49 -48.87
N VAL B 1058 29.09 11.38 -47.98
CA VAL B 1058 29.85 11.75 -46.80
C VAL B 1058 29.48 10.81 -45.66
N CYS B 1059 30.50 10.26 -45.00
CA CYS B 1059 30.31 9.32 -43.91
C CYS B 1059 31.17 9.74 -42.74
N PHE B 1060 30.65 9.55 -41.52
CA PHE B 1060 31.37 9.93 -40.31
C PHE B 1060 31.07 8.92 -39.22
N ASP B 1061 32.05 8.09 -38.89
CA ASP B 1061 31.96 7.10 -37.83
C ASP B 1061 33.37 6.63 -37.50
N ASN B 1062 33.46 5.67 -36.59
CA ASN B 1062 34.67 4.93 -36.19
C ASN B 1062 35.94 5.77 -36.17
N ASN B 1063 35.86 6.99 -35.64
CA ASN B 1063 37.06 7.80 -35.45
C ASN B 1063 37.86 7.26 -34.26
N VAL B 1064 39.19 7.32 -34.38
CA VAL B 1064 40.05 6.76 -33.33
C VAL B 1064 39.99 7.60 -32.07
N LEU B 1065 40.04 8.93 -32.21
CA LEU B 1065 40.10 9.82 -31.07
C LEU B 1065 38.81 9.86 -30.24
N GLU B 1066 37.80 9.09 -30.60
CA GLU B 1066 36.56 9.09 -29.84
C GLU B 1066 36.79 8.60 -28.41
N ASP B 1067 36.11 9.22 -27.46
CA ASP B 1067 36.31 8.87 -26.05
C ASP B 1067 35.55 7.61 -25.68
N TYR B 1068 34.22 7.66 -25.76
CA TYR B 1068 33.33 6.53 -25.50
C TYR B 1068 33.59 5.89 -24.12
N THR B 1069 34.30 6.60 -23.26
CA THR B 1069 34.60 6.12 -21.92
C THR B 1069 33.40 6.23 -20.98
N ASP B 1070 32.33 6.88 -21.40
CA ASP B 1070 31.16 7.10 -20.55
C ASP B 1070 29.94 6.45 -21.17
N CYS B 1071 29.20 5.70 -20.35
CA CYS B 1071 27.90 5.15 -20.71
C CYS B 1071 26.90 5.57 -19.63
N GLY B 1072 25.71 5.00 -19.66
CA GLY B 1072 24.79 5.26 -18.57
C GLY B 1072 25.06 4.45 -17.32
N GLY B 1073 26.03 3.54 -17.36
CA GLY B 1073 26.35 2.70 -16.22
C GLY B 1073 27.53 3.19 -15.41
N VAL B 1074 28.42 3.98 -16.03
CA VAL B 1074 29.54 4.54 -15.30
C VAL B 1074 29.04 5.56 -14.28
N SER B 1075 28.00 6.32 -14.63
CA SER B 1075 27.42 7.28 -13.69
C SER B 1075 26.84 6.56 -12.47
N GLY B 1076 26.17 5.44 -12.68
CA GLY B 1076 25.59 4.68 -11.59
C GLY B 1076 25.43 3.20 -11.90
N GLU C 38 7.45 -7.65 118.76
CA GLU C 38 8.84 -7.93 118.40
C GLU C 38 9.44 -6.81 117.56
N SER C 39 10.26 -5.98 118.20
CA SER C 39 10.93 -4.88 117.52
C SER C 39 12.30 -5.26 116.99
N ALA C 40 12.76 -6.49 117.25
CA ALA C 40 14.06 -6.92 116.73
C ALA C 40 14.05 -7.04 115.21
N ARG C 41 12.95 -7.52 114.65
CA ARG C 41 12.88 -7.71 113.20
C ARG C 41 12.84 -6.39 112.45
N ARG C 42 12.23 -5.36 113.04
CA ARG C 42 12.07 -4.09 112.33
C ARG C 42 13.43 -3.44 112.05
N GLU C 43 14.35 -3.51 113.00
CA GLU C 43 15.67 -2.90 112.79
C GLU C 43 16.47 -3.66 111.75
N VAL C 44 16.45 -4.98 111.80
CA VAL C 44 17.22 -5.79 110.84
C VAL C 44 16.55 -5.80 109.47
N GLU C 45 15.25 -5.54 109.40
CA GLU C 45 14.57 -5.48 108.11
C GLU C 45 15.10 -4.32 107.27
N SER C 46 15.30 -3.16 107.88
CA SER C 46 15.85 -2.01 107.19
C SER C 46 17.37 -1.94 107.26
N GLN C 47 18.01 -2.80 108.05
CA GLN C 47 19.46 -2.81 108.11
C GLN C 47 20.07 -3.17 106.76
N ALA C 48 19.50 -4.18 106.10
CA ALA C 48 19.91 -4.49 104.73
C ALA C 48 19.46 -3.41 103.76
N GLN C 49 18.30 -2.81 104.00
CA GLN C 49 17.80 -1.78 103.09
C GLN C 49 18.74 -0.59 103.03
N GLN C 50 19.26 -0.16 104.18
CA GLN C 50 20.18 0.97 104.22
C GLN C 50 21.56 0.60 103.68
N GLN C 51 22.03 -0.61 103.98
CA GLN C 51 23.35 -1.03 103.55
C GLN C 51 23.46 -1.14 102.03
N LEU C 52 22.42 -1.66 101.38
CA LEU C 52 22.43 -1.87 99.95
C LEU C 52 21.90 -0.66 99.16
N GLU C 53 21.60 0.45 99.84
CA GLU C 53 21.12 1.65 99.17
C GLU C 53 22.13 2.79 99.17
N ARG C 54 23.08 2.80 100.12
CA ARG C 54 24.03 3.91 100.21
C ARG C 54 24.90 3.99 98.97
N ALA C 55 25.38 2.86 98.47
CA ALA C 55 26.28 2.81 97.31
C ALA C 55 25.60 2.02 96.20
N LYS C 56 24.94 2.73 95.29
CA LYS C 56 24.29 2.12 94.13
C LYS C 56 25.25 1.91 92.97
N HIS C 57 26.56 1.98 93.22
CA HIS C 57 27.59 1.71 92.22
C HIS C 57 28.54 0.63 92.70
N LYS C 58 28.03 -0.33 93.48
CA LYS C 58 28.87 -1.38 94.02
C LYS C 58 29.35 -2.30 92.90
N PRO C 59 30.64 -2.62 92.84
CA PRO C 59 31.14 -3.47 91.76
C PRO C 59 30.55 -4.87 91.81
N VAL C 60 30.39 -5.46 90.63
CA VAL C 60 29.85 -6.81 90.51
C VAL C 60 30.97 -7.79 90.90
N ALA C 61 30.81 -8.44 92.06
CA ALA C 61 31.83 -9.38 92.52
C ALA C 61 31.93 -10.58 91.57
N PHE C 62 30.79 -11.17 91.22
CA PHE C 62 30.74 -12.31 90.31
C PHE C 62 29.28 -12.55 89.94
N ALA C 63 29.06 -13.47 89.00
CA ALA C 63 27.73 -13.82 88.55
C ALA C 63 27.53 -15.32 88.62
N VAL C 64 26.28 -15.73 88.84
CA VAL C 64 25.93 -17.14 88.95
C VAL C 64 24.70 -17.41 88.09
N ARG C 65 24.50 -18.69 87.78
CA ARG C 65 23.38 -19.13 86.96
C ARG C 65 22.51 -20.09 87.76
N THR C 66 21.21 -20.07 87.47
CA THR C 66 20.25 -20.92 88.15
C THR C 66 19.42 -21.68 87.12
N ASN C 67 19.09 -22.93 87.44
CA ASN C 67 18.28 -23.76 86.56
C ASN C 67 17.27 -24.60 87.35
N VAL C 68 16.81 -24.09 88.49
CA VAL C 68 15.89 -24.81 89.37
C VAL C 68 14.62 -23.99 89.51
N SER C 69 13.47 -24.65 89.37
CA SER C 69 12.17 -24.00 89.49
C SER C 69 11.76 -24.01 90.97
N TYR C 70 12.35 -23.08 91.71
CA TYR C 70 12.05 -22.92 93.14
C TYR C 70 11.39 -21.57 93.36
N CYS C 71 10.26 -21.58 94.05
CA CYS C 71 9.49 -20.37 94.31
C CYS C 71 9.96 -19.73 95.61
N GLY C 72 10.51 -18.53 95.51
CA GLY C 72 10.97 -17.79 96.67
C GLY C 72 9.90 -17.09 97.46
N VAL C 73 8.65 -17.12 96.99
CA VAL C 73 7.55 -16.47 97.70
C VAL C 73 6.73 -17.44 98.54
N LEU C 74 6.72 -18.73 98.20
CA LEU C 74 5.93 -19.69 98.96
C LEU C 74 6.47 -19.84 100.38
N ASP C 75 7.79 -19.85 100.54
CA ASP C 75 8.42 -19.95 101.86
C ASP C 75 8.63 -18.54 102.39
N GLU C 76 7.81 -18.15 103.37
CA GLU C 76 7.87 -16.80 103.95
C GLU C 76 9.07 -16.71 104.90
N GLU C 77 10.26 -16.65 104.29
CA GLU C 77 11.50 -16.56 105.05
C GLU C 77 12.50 -15.82 104.19
N CYS C 78 12.85 -14.61 104.60
CA CYS C 78 13.78 -13.76 103.84
C CYS C 78 14.21 -12.58 104.70
N PRO C 79 15.40 -12.02 104.45
CA PRO C 79 15.83 -10.83 105.22
C PRO C 79 14.87 -9.65 105.09
N VAL C 80 14.26 -9.46 103.92
CA VAL C 80 13.29 -8.40 103.69
C VAL C 80 11.99 -9.05 103.26
N GLN C 81 10.97 -8.99 104.12
CA GLN C 81 9.71 -9.66 103.84
C GLN C 81 8.94 -8.93 102.74
N GLY C 82 8.21 -9.70 101.94
CA GLY C 82 7.47 -9.18 100.81
C GLY C 82 7.21 -10.23 99.76
N SER C 83 7.56 -9.93 98.51
CA SER C 83 7.43 -10.88 97.40
C SER C 83 8.78 -10.94 96.69
N GLY C 84 9.51 -12.04 96.91
CA GLY C 84 10.81 -12.18 96.30
C GLY C 84 10.72 -12.43 94.80
N VAL C 85 11.85 -12.21 94.13
CA VAL C 85 11.92 -12.41 92.69
C VAL C 85 12.14 -13.88 92.38
N ASN C 86 11.29 -14.43 91.52
CA ASN C 86 11.36 -15.84 91.14
C ASN C 86 12.09 -15.93 89.80
N PHE C 87 13.42 -15.80 89.86
CA PHE C 87 14.23 -15.94 88.67
C PHE C 87 14.22 -17.40 88.20
N GLU C 88 13.84 -17.60 86.94
CA GLU C 88 13.59 -18.94 86.44
C GLU C 88 14.90 -19.58 85.96
N ALA C 89 14.79 -20.71 85.25
CA ALA C 89 15.96 -21.45 84.82
C ALA C 89 16.79 -20.65 83.82
N LYS C 90 18.11 -20.88 83.86
CA LYS C 90 19.06 -20.25 82.94
C LYS C 90 18.98 -18.73 83.02
N ASP C 91 18.79 -18.20 84.22
CA ASP C 91 18.76 -16.77 84.47
C ASP C 91 19.99 -16.38 85.29
N PHE C 92 20.77 -15.43 84.76
CA PHE C 92 22.02 -15.04 85.39
C PHE C 92 21.76 -14.08 86.54
N LEU C 93 22.37 -14.36 87.69
CA LEU C 93 22.31 -13.49 88.86
C LEU C 93 23.71 -13.04 89.21
N HIS C 94 23.92 -11.73 89.28
CA HIS C 94 25.24 -11.13 89.47
C HIS C 94 25.44 -10.84 90.95
N ILE C 95 25.99 -11.81 91.68
CA ILE C 95 26.21 -11.66 93.11
C ILE C 95 27.36 -10.69 93.34
N LYS C 96 27.03 -9.51 93.87
CA LYS C 96 28.00 -8.43 94.05
C LYS C 96 28.26 -8.09 95.51
N GLU C 97 27.72 -8.86 96.45
CA GLU C 97 27.92 -8.60 97.87
C GLU C 97 28.00 -9.92 98.62
N LYS C 98 28.54 -9.86 99.84
CA LYS C 98 28.74 -11.02 100.69
C LYS C 98 28.03 -10.76 102.03
N TYR C 99 26.78 -11.22 102.13
CA TYR C 99 26.01 -11.03 103.36
C TYR C 99 26.35 -12.10 104.39
N SER C 100 26.07 -13.36 104.06
CA SER C 100 26.26 -14.47 104.98
C SER C 100 26.30 -15.76 104.16
N ASN C 101 26.19 -16.90 104.86
CA ASN C 101 26.29 -18.20 104.22
C ASN C 101 24.93 -18.78 103.80
N ASP C 102 23.85 -18.03 103.98
CA ASP C 102 22.52 -18.52 103.63
C ASP C 102 21.91 -17.81 102.44
N TRP C 103 21.90 -16.48 102.43
CA TRP C 103 21.36 -15.70 101.34
C TRP C 103 22.43 -14.75 100.81
N TRP C 104 22.40 -14.50 99.50
CA TRP C 104 23.37 -13.64 98.85
C TRP C 104 22.63 -12.63 97.97
N ILE C 105 23.26 -11.47 97.80
CA ILE C 105 22.68 -10.35 97.06
C ILE C 105 23.19 -10.36 95.63
N GLY C 106 22.27 -10.39 94.67
CA GLY C 106 22.64 -10.36 93.26
C GLY C 106 21.58 -9.67 92.44
N ARG C 107 21.97 -9.32 91.21
CA ARG C 107 21.07 -8.67 90.26
C ARG C 107 20.89 -9.55 89.04
N LEU C 108 19.73 -9.44 88.41
CA LEU C 108 19.40 -10.24 87.24
C LEU C 108 19.81 -9.51 85.96
N VAL C 109 19.76 -10.24 84.85
CA VAL C 109 20.28 -9.75 83.58
C VAL C 109 19.15 -9.28 82.66
N LYS C 110 18.02 -8.90 83.21
CA LYS C 110 16.93 -8.33 82.42
C LYS C 110 16.95 -6.81 82.53
N GLU C 111 16.27 -6.16 81.59
CA GLU C 111 16.21 -4.71 81.58
C GLU C 111 15.54 -4.18 82.84
N GLY C 112 16.07 -3.09 83.38
CA GLY C 112 15.56 -2.54 84.62
C GLY C 112 15.81 -3.42 85.83
N GLY C 113 16.98 -4.06 85.88
CA GLY C 113 17.27 -4.93 87.00
C GLY C 113 17.46 -4.16 88.30
N ASP C 114 17.14 -4.81 89.41
CA ASP C 114 17.25 -4.20 90.73
C ASP C 114 18.07 -5.07 91.66
N ILE C 115 18.10 -4.70 92.94
CA ILE C 115 18.86 -5.44 93.95
C ILE C 115 17.96 -6.49 94.57
N ALA C 116 18.39 -7.75 94.53
CA ALA C 116 17.58 -8.86 95.02
C ALA C 116 18.36 -9.78 95.95
N PHE C 117 17.77 -10.90 96.35
CA PHE C 117 18.46 -11.85 97.21
C PHE C 117 18.40 -13.24 96.59
N ILE C 118 19.48 -13.99 96.75
CA ILE C 118 19.52 -15.35 96.24
C ILE C 118 20.11 -16.26 97.29
N PRO C 119 19.33 -17.24 97.77
CA PRO C 119 19.82 -18.16 98.80
C PRO C 119 20.96 -19.02 98.29
N SER C 120 21.78 -19.54 99.20
CA SER C 120 22.94 -20.34 98.82
C SER C 120 22.54 -21.64 98.14
N PRO C 121 23.43 -22.19 97.29
CA PRO C 121 23.15 -23.48 96.66
C PRO C 121 22.92 -24.53 97.72
N GLN C 122 23.76 -24.57 98.74
CA GLN C 122 23.54 -25.50 99.84
C GLN C 122 22.15 -25.27 100.34
N ARG C 123 21.86 -24.05 100.75
CA ARG C 123 20.50 -23.70 101.16
C ARG C 123 19.46 -24.22 100.16
N LEU C 124 19.73 -24.05 98.87
CA LEU C 124 18.84 -24.61 97.86
C LEU C 124 18.83 -26.14 97.94
N GLU C 125 20.00 -26.75 98.13
CA GLU C 125 20.05 -28.19 98.36
C GLU C 125 19.29 -28.57 99.63
N SER C 126 19.44 -27.76 100.68
CA SER C 126 18.67 -28.01 101.91
C SER C 126 17.18 -27.83 101.68
N ILE C 127 16.80 -26.80 100.91
CA ILE C 127 15.38 -26.56 100.67
C ILE C 127 14.82 -27.43 99.56
N ARG C 128 15.66 -27.93 98.65
CA ARG C 128 15.20 -28.92 97.69
C ARG C 128 14.86 -30.23 98.37
N LEU C 129 15.64 -30.61 99.40
CA LEU C 129 15.32 -31.79 100.17
C LEU C 129 13.98 -31.65 100.87
N LYS C 130 13.58 -30.42 101.22
CA LYS C 130 12.28 -30.20 101.81
C LYS C 130 11.15 -30.45 100.80
N GLN C 131 11.43 -30.27 99.51
CA GLN C 131 10.39 -30.45 98.50
C GLN C 131 9.88 -31.88 98.48
N GLU C 132 10.78 -32.86 98.62
CA GLU C 132 10.36 -34.26 98.73
C GLU C 132 9.85 -34.60 100.12
N GLN C 133 10.07 -33.74 101.12
CA GLN C 133 9.54 -33.98 102.45
C GLN C 133 8.04 -33.75 102.52
N LYS C 134 7.48 -32.93 101.62
CA LYS C 134 6.06 -32.66 101.61
C LYS C 134 5.23 -33.90 101.30
N ALA C 135 5.81 -34.88 100.63
CA ALA C 135 5.09 -36.11 100.31
C ALA C 135 4.90 -36.96 101.57
N ARG C 136 4.03 -37.96 101.46
CA ARG C 136 3.78 -38.86 102.59
C ARG C 136 5.04 -39.63 102.96
N ARG C 137 5.79 -40.10 101.96
CA ARG C 137 7.03 -40.81 102.19
C ARG C 137 8.10 -40.29 101.22
N SER C 138 9.34 -40.29 101.70
CA SER C 138 10.47 -39.82 100.89
C SER C 138 11.57 -40.86 100.75
N GLY C 139 11.40 -42.06 101.30
CA GLY C 139 12.40 -43.10 101.18
C GLY C 139 11.90 -44.32 100.43
N ASN C 140 12.30 -45.50 100.87
CA ASN C 140 11.85 -46.74 100.23
C ASN C 140 10.43 -47.20 100.57
N PRO C 141 9.90 -46.99 101.78
CA PRO C 141 8.69 -47.75 102.16
C PRO C 141 7.44 -47.15 101.50
N SER C 142 6.80 -47.93 100.65
CA SER C 142 5.55 -47.50 100.05
C SER C 142 4.45 -47.46 101.10
N SER C 143 3.53 -46.50 100.95
CA SER C 143 2.41 -46.34 101.86
C SER C 143 1.16 -47.03 101.35
N LEU C 144 1.32 -48.13 100.62
CA LEU C 144 0.20 -48.86 100.02
C LEU C 144 -0.47 -49.70 101.10
N SER C 145 -1.25 -49.02 101.94
CA SER C 145 -2.00 -49.65 103.04
C SER C 145 -1.07 -50.43 103.97
N ASP C 146 0.11 -49.87 104.23
CA ASP C 146 1.10 -50.48 105.13
C ASP C 146 1.61 -49.39 106.06
N ILE C 147 0.93 -49.21 107.19
CA ILE C 147 1.32 -48.25 108.22
C ILE C 147 1.26 -48.95 109.57
N GLY C 148 2.31 -48.75 110.38
CA GLY C 148 2.38 -49.33 111.70
C GLY C 148 3.04 -50.68 111.78
N ASN C 149 3.40 -51.29 110.64
CA ASN C 149 4.09 -52.57 110.62
C ASN C 149 5.58 -52.43 110.33
N ARG C 150 5.95 -51.56 109.39
CA ARG C 150 7.35 -51.30 109.06
C ARG C 150 7.52 -49.78 108.99
N ARG C 151 7.98 -49.19 110.09
CA ARG C 151 8.14 -47.74 110.13
C ARG C 151 9.15 -47.25 109.11
N SER C 152 10.31 -47.90 109.04
CA SER C 152 11.38 -47.60 108.09
C SER C 152 11.72 -46.11 108.09
N PRO C 153 12.39 -45.61 109.13
CA PRO C 153 12.78 -44.21 109.14
C PRO C 153 13.78 -43.93 108.03
N PRO C 154 13.78 -42.71 107.48
CA PRO C 154 14.69 -42.39 106.38
C PRO C 154 16.14 -42.51 106.79
N PRO C 155 16.89 -43.43 106.18
CA PRO C 155 18.30 -43.59 106.54
C PRO C 155 19.19 -42.59 105.81
N SER C 156 20.51 -42.76 105.95
CA SER C 156 21.45 -41.90 105.24
C SER C 156 21.29 -42.02 103.72
N LEU C 157 20.75 -43.14 103.24
CA LEU C 157 20.48 -43.28 101.81
C LEU C 157 19.33 -42.39 101.36
N ALA C 158 18.47 -41.96 102.27
CA ALA C 158 17.35 -41.09 101.96
C ALA C 158 17.69 -39.62 102.13
N LYS C 159 18.94 -39.30 102.51
CA LYS C 159 19.39 -37.94 102.68
C LYS C 159 20.34 -37.56 101.54
N GLN C 160 20.92 -36.36 101.63
CA GLN C 160 21.80 -35.85 100.60
C GLN C 160 23.25 -36.32 100.76
N LYS C 161 23.53 -37.11 101.79
CA LYS C 161 24.89 -37.64 101.95
C LYS C 161 25.27 -38.54 100.79
N GLN C 162 24.34 -39.37 100.33
CA GLN C 162 24.60 -40.26 99.20
C GLN C 162 24.44 -39.47 97.90
N LYS C 163 24.38 -40.19 96.77
CA LYS C 163 24.34 -39.59 95.44
C LYS C 163 25.56 -38.70 95.21
N GLN C 164 26.70 -39.13 95.74
CA GLN C 164 27.95 -38.38 95.61
C GLN C 164 28.78 -38.83 94.40
N ALA C 165 28.30 -39.80 93.63
CA ALA C 165 29.02 -40.21 92.42
C ALA C 165 29.08 -39.07 91.42
N GLU C 166 27.97 -38.34 91.24
CA GLU C 166 27.95 -37.15 90.43
C GLU C 166 27.68 -35.90 91.26
N HIS C 167 26.57 -35.88 92.01
CA HIS C 167 26.19 -34.77 92.88
C HIS C 167 26.31 -33.43 92.15
N VAL C 168 25.51 -33.29 91.10
CA VAL C 168 25.52 -32.07 90.29
C VAL C 168 24.97 -30.93 91.12
N PRO C 169 25.74 -29.86 91.33
CA PRO C 169 25.27 -28.74 92.14
C PRO C 169 24.19 -27.96 91.40
N PRO C 170 23.17 -27.47 92.11
CA PRO C 170 22.15 -26.65 91.45
C PRO C 170 22.71 -25.37 90.83
N TYR C 171 23.74 -24.78 91.42
CA TYR C 171 24.33 -23.55 90.91
C TYR C 171 25.65 -23.84 90.21
N ASP C 172 25.89 -23.11 89.12
CA ASP C 172 27.09 -23.27 88.32
C ASP C 172 27.80 -21.93 88.17
N VAL C 173 29.12 -21.98 88.07
CA VAL C 173 29.92 -20.76 87.93
C VAL C 173 29.84 -20.27 86.50
N VAL C 174 29.55 -18.98 86.33
CA VAL C 174 29.49 -18.36 85.02
C VAL C 174 30.25 -17.04 85.07
N PRO C 175 30.76 -16.57 83.93
CA PRO C 175 31.49 -15.30 83.92
C PRO C 175 30.60 -14.10 84.20
N SER C 176 31.19 -12.90 84.23
CA SER C 176 30.43 -11.69 84.51
C SER C 176 29.38 -11.44 83.42
N MET C 177 29.75 -11.65 82.15
CA MET C 177 28.83 -11.49 81.05
C MET C 177 28.96 -12.69 80.12
N ARG C 178 27.89 -12.97 79.40
CA ARG C 178 27.87 -14.15 78.52
C ARG C 178 28.76 -13.89 77.30
N PRO C 179 29.79 -14.69 77.07
CA PRO C 179 30.62 -14.50 75.88
C PRO C 179 29.86 -14.85 74.62
N VAL C 180 30.27 -14.22 73.52
CA VAL C 180 29.69 -14.45 72.20
C VAL C 180 30.72 -15.16 71.33
N VAL C 181 30.31 -16.25 70.70
CA VAL C 181 31.15 -16.99 69.76
C VAL C 181 30.37 -17.16 68.46
N LEU C 182 31.09 -17.38 67.38
CA LEU C 182 30.51 -17.46 66.04
C LEU C 182 30.61 -18.89 65.54
N VAL C 183 29.47 -19.45 65.13
CA VAL C 183 29.41 -20.79 64.55
C VAL C 183 28.60 -20.72 63.27
N GLY C 184 28.87 -21.65 62.36
CA GLY C 184 28.17 -21.69 61.10
C GLY C 184 28.73 -20.71 60.10
N PRO C 185 28.26 -20.79 58.85
CA PRO C 185 27.27 -21.72 58.32
C PRO C 185 27.90 -23.04 57.92
N SER C 186 29.19 -23.20 58.22
CA SER C 186 29.92 -24.43 57.95
C SER C 186 30.98 -24.59 59.02
N LEU C 187 31.86 -25.57 58.85
CA LEU C 187 32.93 -25.81 59.80
C LEU C 187 33.93 -24.65 59.76
N LYS C 188 34.45 -24.28 60.93
CA LYS C 188 35.42 -23.20 61.01
C LYS C 188 36.74 -23.63 60.38
N GLY C 189 37.51 -22.63 59.94
CA GLY C 189 38.78 -22.84 59.28
C GLY C 189 38.70 -22.90 57.77
N TYR C 190 37.51 -23.12 57.21
CA TYR C 190 37.33 -23.14 55.77
C TYR C 190 37.25 -21.73 55.23
N GLU C 191 37.39 -21.60 53.91
CA GLU C 191 37.43 -20.30 53.25
C GLU C 191 36.22 -19.44 53.59
N VAL C 192 35.02 -19.91 53.22
CA VAL C 192 33.82 -19.09 53.38
C VAL C 192 33.54 -18.83 54.86
N THR C 193 33.63 -19.88 55.68
CA THR C 193 33.29 -19.72 57.10
C THR C 193 34.23 -18.73 57.78
N ASP C 194 35.51 -18.77 57.43
CA ASP C 194 36.43 -17.74 57.91
C ASP C 194 36.13 -16.40 57.28
N MET C 195 35.57 -16.39 56.08
CA MET C 195 35.23 -15.12 55.42
C MET C 195 33.98 -14.49 56.03
N MET C 196 32.96 -15.31 56.33
CA MET C 196 31.73 -14.78 56.91
C MET C 196 31.98 -14.14 58.27
N GLN C 197 32.85 -14.76 59.09
CA GLN C 197 33.15 -14.19 60.39
C GLN C 197 34.05 -12.97 60.29
N LYS C 198 34.87 -12.91 59.23
CA LYS C 198 35.80 -11.79 59.08
C LYS C 198 35.04 -10.47 58.94
N ALA C 199 33.99 -10.44 58.12
CA ALA C 199 33.21 -9.22 57.98
C ALA C 199 32.34 -8.98 59.20
N LEU C 200 31.86 -10.05 59.84
CA LEU C 200 30.99 -9.89 61.00
C LEU C 200 31.75 -9.34 62.20
N PHE C 201 32.93 -9.90 62.49
CA PHE C 201 33.71 -9.41 63.63
C PHE C 201 34.23 -8.00 63.40
N ASP C 202 34.45 -7.63 62.13
CA ASP C 202 34.90 -6.27 61.83
C ASP C 202 33.85 -5.23 62.23
N PHE C 203 32.57 -5.55 62.02
CA PHE C 203 31.51 -4.61 62.34
C PHE C 203 31.37 -4.37 63.84
N LEU C 204 31.61 -5.40 64.66
CA LEU C 204 31.41 -5.27 66.10
C LEU C 204 32.37 -4.27 66.71
N LYS C 205 33.65 -4.29 66.32
CA LYS C 205 34.63 -3.41 66.95
C LYS C 205 34.38 -1.95 66.60
N HIS C 206 33.92 -1.66 65.38
CA HIS C 206 33.63 -0.29 65.02
C HIS C 206 32.36 0.23 65.70
N ARG C 207 31.30 -0.59 65.72
CA ARG C 207 30.05 -0.17 66.34
C ARG C 207 30.16 -0.12 67.85
N PHE C 208 30.91 -1.04 68.45
CA PHE C 208 31.04 -1.13 69.91
C PHE C 208 32.42 -0.69 70.37
N ASP C 209 32.97 0.36 69.75
CA ASP C 209 34.27 0.88 70.15
C ASP C 209 34.21 1.38 71.59
N GLY C 210 35.23 1.02 72.37
CA GLY C 210 35.29 1.37 73.77
C GLY C 210 34.54 0.45 74.70
N ARG C 211 33.86 -0.57 74.18
CA ARG C 211 33.09 -1.50 74.99
C ARG C 211 33.37 -2.95 74.67
N ILE C 212 34.18 -3.25 73.65
CA ILE C 212 34.36 -4.60 73.17
C ILE C 212 35.85 -4.93 73.13
N SER C 213 36.15 -6.23 73.16
CA SER C 213 37.53 -6.72 73.04
C SER C 213 37.46 -8.06 72.34
N ILE C 214 37.98 -8.12 71.11
CA ILE C 214 37.98 -9.33 70.30
C ILE C 214 39.33 -10.01 70.43
N THR C 215 39.32 -11.28 70.83
CA THR C 215 40.54 -12.05 71.04
C THR C 215 40.48 -13.34 70.24
N ARG C 216 41.66 -13.86 69.92
CA ARG C 216 41.80 -15.10 69.15
C ARG C 216 42.64 -16.08 69.95
N VAL C 217 42.11 -17.27 70.19
CA VAL C 217 42.81 -18.33 70.90
C VAL C 217 42.91 -19.54 69.99
N THR C 218 44.11 -20.10 69.86
CA THR C 218 44.38 -21.20 68.94
C THR C 218 44.38 -22.56 69.63
N ALA C 219 43.98 -22.63 70.90
CA ALA C 219 44.02 -23.87 71.66
C ALA C 219 42.66 -24.54 71.71
N ASP C 220 42.68 -25.84 71.95
CA ASP C 220 41.46 -26.64 71.97
C ASP C 220 40.60 -26.31 73.19
N LEU C 221 39.30 -26.56 73.05
CA LEU C 221 38.35 -26.31 74.13
C LEU C 221 37.33 -27.43 74.33
N SER C 222 37.38 -28.49 73.53
CA SER C 222 36.37 -29.53 73.62
C SER C 222 36.38 -30.23 74.97
N LEU C 223 37.58 -30.57 75.46
CA LEU C 223 37.71 -31.26 76.75
C LEU C 223 37.80 -30.21 77.86
N ALA C 224 36.63 -29.74 78.28
CA ALA C 224 36.54 -28.74 79.35
C ALA C 224 35.24 -28.98 80.10
N LYS C 225 35.32 -29.69 81.21
CA LYS C 225 34.17 -29.97 82.06
C LYS C 225 34.33 -29.29 83.41
N ARG C 226 33.20 -29.07 84.09
CA ARG C 226 33.23 -28.29 85.32
C ARG C 226 33.80 -29.08 86.49
N SER C 227 33.83 -30.41 86.39
CA SER C 227 34.35 -31.25 87.48
C SER C 227 34.89 -32.55 86.86
N VAL C 228 36.21 -32.63 86.71
CA VAL C 228 36.86 -33.83 86.19
C VAL C 228 37.93 -34.29 87.15
N LEU C 229 38.51 -33.35 87.90
CA LEU C 229 39.59 -33.69 88.82
C LEU C 229 39.72 -32.58 89.86
N ASN C 230 40.40 -32.90 90.96
CA ASN C 230 40.68 -31.91 91.99
C ASN C 230 41.58 -30.80 91.45
N ASN C 231 42.59 -31.16 90.66
CA ASN C 231 43.58 -30.20 90.16
C ASN C 231 44.13 -30.71 88.84
N PRO C 232 43.46 -30.42 87.73
CA PRO C 232 43.91 -30.96 86.43
C PRO C 232 45.22 -30.35 85.96
N GLY C 233 46.26 -31.17 85.91
CA GLY C 233 47.54 -30.75 85.35
C GLY C 233 48.21 -29.60 86.08
N LYS C 234 48.18 -29.63 87.42
CA LYS C 234 48.84 -28.58 88.18
C LYS C 234 50.35 -28.60 87.97
N ARG C 235 50.95 -29.78 87.94
CA ARG C 235 52.39 -29.93 87.78
C ARG C 235 52.68 -30.54 86.41
N THR C 236 53.58 -29.90 85.66
CA THR C 236 53.98 -30.38 84.34
C THR C 236 55.15 -31.35 84.40
N ILE C 237 55.75 -31.55 85.56
CA ILE C 237 56.84 -32.51 85.73
C ILE C 237 56.35 -33.86 86.22
N ILE C 238 55.02 -34.07 86.22
CA ILE C 238 54.48 -35.35 86.68
C ILE C 238 54.88 -36.47 85.73
N GLU C 239 54.94 -36.18 84.43
CA GLU C 239 55.27 -37.16 83.39
C GLU C 239 54.29 -38.32 83.42
N ARG C 240 53.03 -37.98 83.11
CA ARG C 240 51.95 -38.95 83.09
C ARG C 240 51.11 -38.77 81.82
N SER C 241 49.95 -39.42 81.78
CA SER C 241 49.11 -39.37 80.58
C SER C 241 48.60 -37.97 80.28
N SER C 242 48.60 -37.07 81.26
CA SER C 242 48.11 -35.71 81.08
C SER C 242 49.18 -34.65 81.16
N ALA C 243 50.38 -34.99 81.65
CA ALA C 243 51.44 -33.99 81.79
C ALA C 243 51.89 -33.45 80.44
N ARG C 244 52.07 -34.33 79.46
CA ARG C 244 52.56 -33.93 78.15
C ARG C 244 51.47 -33.37 77.25
N SER C 245 50.20 -33.51 77.63
CA SER C 245 49.09 -33.05 76.81
C SER C 245 48.97 -31.53 76.91
N SER C 246 47.96 -30.99 76.22
CA SER C 246 47.73 -29.55 76.20
C SER C 246 47.00 -29.05 77.45
N ILE C 247 46.59 -29.95 78.34
CA ILE C 247 45.85 -29.55 79.54
C ILE C 247 46.68 -28.63 80.42
N ALA C 248 48.01 -28.64 80.27
CA ALA C 248 48.84 -27.71 81.01
C ALA C 248 48.54 -26.26 80.63
N GLU C 249 48.10 -26.02 79.40
CA GLU C 249 47.73 -24.68 78.95
C GLU C 249 46.25 -24.54 78.66
N VAL C 250 45.47 -25.62 78.68
CA VAL C 250 44.03 -25.52 78.47
C VAL C 250 43.38 -24.73 79.60
N GLN C 251 43.75 -25.01 80.84
CA GLN C 251 43.14 -24.32 81.97
C GLN C 251 43.57 -22.87 82.05
N SER C 252 44.76 -22.55 81.52
CA SER C 252 45.27 -21.18 81.62
C SER C 252 44.38 -20.20 80.86
N GLU C 253 43.92 -20.58 79.66
CA GLU C 253 43.10 -19.68 78.87
C GLU C 253 41.69 -19.54 79.42
N ILE C 254 41.23 -20.50 80.23
CA ILE C 254 39.90 -20.39 80.82
C ILE C 254 39.83 -19.17 81.73
N GLU C 255 40.86 -18.97 82.56
CA GLU C 255 40.92 -17.77 83.37
C GLU C 255 41.11 -16.52 82.50
N ARG C 256 41.77 -16.66 81.34
CA ARG C 256 41.95 -15.52 80.45
C ARG C 256 40.61 -14.99 79.96
N ILE C 257 39.69 -15.89 79.61
CA ILE C 257 38.33 -15.47 79.31
C ILE C 257 37.64 -14.98 80.58
N PHE C 258 37.93 -15.62 81.72
CA PHE C 258 37.34 -15.19 82.98
C PHE C 258 37.79 -13.79 83.37
N GLU C 259 39.08 -13.49 83.20
CA GLU C 259 39.56 -12.16 83.56
C GLU C 259 39.13 -11.12 82.54
N LEU C 260 38.89 -11.52 81.29
CA LEU C 260 38.42 -10.58 80.28
C LEU C 260 37.03 -10.07 80.62
N ALA C 261 36.14 -10.95 81.08
CA ALA C 261 34.81 -10.51 81.49
C ALA C 261 34.84 -9.69 82.76
N LYS C 262 35.84 -9.88 83.62
CA LYS C 262 35.91 -9.15 84.87
C LYS C 262 36.16 -7.66 84.66
N SER C 263 36.80 -7.30 83.54
CA SER C 263 37.16 -5.91 83.28
C SER C 263 36.01 -5.10 82.66
N LEU C 264 34.79 -5.62 82.70
CA LEU C 264 33.58 -4.90 82.28
C LEU C 264 33.71 -4.44 80.82
N GLN C 265 33.75 -5.44 79.93
CA GLN C 265 33.81 -5.18 78.51
C GLN C 265 33.28 -6.40 77.76
N LEU C 266 32.87 -6.17 76.51
CA LEU C 266 32.35 -7.26 75.70
C LEU C 266 33.50 -8.11 75.19
N VAL C 267 33.36 -9.43 75.35
CA VAL C 267 34.39 -10.38 74.95
C VAL C 267 33.91 -11.17 73.75
N VAL C 268 34.84 -11.52 72.87
CA VAL C 268 34.55 -12.29 71.66
C VAL C 268 35.52 -13.45 71.58
N LEU C 269 34.99 -14.67 71.46
CA LEU C 269 35.79 -15.87 71.33
C LEU C 269 35.58 -16.47 69.95
N ASP C 270 36.68 -16.64 69.21
CA ASP C 270 36.60 -17.08 67.82
C ASP C 270 37.68 -18.13 67.54
N ALA C 271 37.79 -19.11 68.43
CA ALA C 271 38.79 -20.15 68.28
C ALA C 271 38.47 -21.06 67.09
N ASP C 272 39.43 -21.91 66.76
CA ASP C 272 39.26 -22.90 65.70
C ASP C 272 38.73 -24.23 66.22
N THR C 273 38.40 -24.31 67.51
CA THR C 273 37.98 -25.55 68.15
C THR C 273 36.49 -25.58 68.48
N ILE C 274 35.71 -24.64 67.98
CA ILE C 274 34.28 -24.59 68.23
C ILE C 274 33.57 -24.77 66.88
N ASN C 275 32.71 -25.80 66.80
CA ASN C 275 31.96 -26.06 65.59
C ASN C 275 30.52 -26.48 65.85
N HIS C 276 30.06 -26.48 67.10
CA HIS C 276 28.71 -26.91 67.45
C HIS C 276 28.39 -26.42 68.85
N PRO C 277 27.19 -25.88 69.08
CA PRO C 277 26.85 -25.38 70.42
C PRO C 277 26.65 -26.48 71.46
N ALA C 278 26.58 -27.74 71.05
CA ALA C 278 26.28 -28.82 71.99
C ALA C 278 27.43 -29.03 72.98
N GLN C 279 28.66 -29.10 72.47
CA GLN C 279 29.80 -29.39 73.34
C GLN C 279 30.08 -28.26 74.32
N LEU C 280 29.80 -27.02 73.94
CA LEU C 280 30.00 -25.87 74.80
C LEU C 280 28.77 -25.54 75.65
N ALA C 281 27.71 -26.34 75.56
CA ALA C 281 26.51 -26.10 76.34
C ALA C 281 26.59 -26.67 77.76
N LYS C 282 27.69 -27.33 78.11
CA LYS C 282 27.85 -27.92 79.43
C LYS C 282 29.11 -27.46 80.14
N THR C 283 29.90 -26.56 79.53
CA THR C 283 31.10 -26.06 80.16
C THR C 283 30.76 -24.93 81.14
N SER C 284 31.80 -24.36 81.76
CA SER C 284 31.58 -23.28 82.71
C SER C 284 31.23 -21.98 82.02
N LEU C 285 31.69 -21.79 80.79
CA LEU C 285 31.49 -20.51 80.10
C LEU C 285 30.01 -20.26 79.81
N ALA C 286 29.33 -21.25 79.21
CA ALA C 286 27.94 -21.10 78.76
C ALA C 286 27.80 -19.86 77.90
N PRO C 287 28.33 -19.87 76.68
CA PRO C 287 28.42 -18.63 75.89
C PRO C 287 27.17 -18.34 75.07
N ILE C 288 27.20 -17.25 74.32
CA ILE C 288 26.14 -16.89 73.39
C ILE C 288 26.52 -17.45 72.01
N ILE C 289 25.58 -18.15 71.39
CA ILE C 289 25.81 -18.76 70.09
C ILE C 289 25.05 -17.94 69.03
N VAL C 290 25.78 -17.42 68.07
CA VAL C 290 25.19 -16.67 66.95
C VAL C 290 25.12 -17.60 65.75
N PHE C 291 23.98 -17.60 65.07
CA PHE C 291 23.74 -18.49 63.94
C PHE C 291 23.58 -17.66 62.68
N VAL C 292 24.31 -18.06 61.63
CA VAL C 292 24.34 -17.32 60.37
C VAL C 292 23.81 -18.21 59.24
N LYS C 293 22.82 -19.05 59.56
CA LYS C 293 22.25 -20.00 58.62
C LYS C 293 22.02 -19.38 57.24
N VAL C 294 22.37 -20.14 56.20
CA VAL C 294 22.24 -19.70 54.82
C VAL C 294 21.02 -20.32 54.15
N SER C 295 20.04 -20.77 54.93
CA SER C 295 18.77 -21.30 54.43
C SER C 295 19.06 -22.58 53.64
N SER C 296 18.80 -22.63 52.34
CA SER C 296 18.93 -23.86 51.59
C SER C 296 20.40 -24.25 51.42
N PRO C 297 20.72 -25.54 51.48
CA PRO C 297 22.11 -25.97 51.27
C PRO C 297 22.64 -25.67 49.88
N LYS C 298 21.76 -25.45 48.89
CA LYS C 298 22.22 -25.17 47.54
C LYS C 298 23.00 -23.86 47.46
N VAL C 299 22.63 -22.89 48.29
CA VAL C 299 23.35 -21.63 48.31
C VAL C 299 24.81 -21.86 48.61
N LEU C 300 25.09 -22.50 49.73
CA LEU C 300 26.48 -22.76 50.12
C LEU C 300 27.31 -23.25 48.96
N GLN C 301 26.77 -24.18 48.19
CA GLN C 301 27.53 -24.76 47.08
C GLN C 301 28.18 -23.66 46.23
N ARG C 302 27.36 -22.91 45.50
CA ARG C 302 27.95 -21.91 44.63
C ARG C 302 28.76 -20.87 45.39
N LEU C 303 28.55 -20.76 46.71
CA LEU C 303 29.39 -19.87 47.52
C LEU C 303 30.82 -20.38 47.57
N ILE C 304 31.01 -21.69 47.73
CA ILE C 304 32.35 -22.26 47.81
C ILE C 304 32.90 -22.57 46.42
N ARG C 305 32.04 -22.84 45.43
CA ARG C 305 32.51 -23.22 44.10
C ARG C 305 33.25 -22.07 43.43
N SER C 306 32.92 -20.83 43.76
CA SER C 306 33.54 -19.67 43.14
C SER C 306 34.88 -19.30 43.76
N ARG C 307 35.30 -20.00 44.82
CA ARG C 307 36.52 -19.61 45.53
C ARG C 307 37.76 -19.92 44.71
N GLY C 308 37.99 -21.19 44.40
CA GLY C 308 39.19 -21.59 43.70
C GLY C 308 39.50 -23.04 43.98
N LYS C 309 40.63 -23.48 43.42
CA LYS C 309 41.02 -24.89 43.54
C LYS C 309 41.34 -25.29 44.96
N SER C 310 41.51 -24.33 45.87
CA SER C 310 41.73 -24.65 47.27
C SER C 310 40.49 -25.21 47.94
N GLN C 311 39.33 -25.17 47.27
CA GLN C 311 38.09 -25.56 47.91
C GLN C 311 37.60 -26.95 47.51
N MET C 312 37.68 -27.32 46.22
CA MET C 312 37.11 -28.60 45.83
C MET C 312 37.95 -29.79 46.30
N LYS C 313 39.14 -29.56 46.86
CA LYS C 313 39.84 -30.66 47.49
C LYS C 313 39.06 -31.24 48.67
N HIS C 314 38.20 -30.45 49.29
CA HIS C 314 37.23 -30.93 50.28
C HIS C 314 35.89 -30.26 50.06
N LEU C 315 35.43 -30.22 48.80
CA LEU C 315 34.17 -29.55 48.49
C LEU C 315 32.98 -30.24 49.16
N THR C 316 32.98 -31.57 49.17
CA THR C 316 31.78 -32.29 49.60
C THR C 316 31.52 -32.18 51.09
N VAL C 317 32.58 -32.10 51.92
CA VAL C 317 32.38 -32.10 53.36
C VAL C 317 31.67 -30.84 53.84
N GLN C 318 31.63 -29.80 53.02
CA GLN C 318 30.91 -28.58 53.41
C GLN C 318 29.42 -28.84 53.57
N MET C 319 28.86 -29.73 52.74
CA MET C 319 27.44 -30.07 52.87
C MET C 319 27.15 -30.75 54.20
N MET C 320 27.94 -31.78 54.53
CA MET C 320 27.76 -32.42 55.84
C MET C 320 28.24 -31.53 56.97
N ALA C 321 29.10 -30.55 56.67
CA ALA C 321 29.44 -29.55 57.68
C ALA C 321 28.21 -28.74 58.07
N TYR C 322 27.40 -28.35 57.09
CA TYR C 322 26.13 -27.70 57.39
C TYR C 322 25.10 -28.72 57.89
N ASP C 323 25.11 -29.92 57.31
CA ASP C 323 24.13 -30.93 57.70
C ASP C 323 24.28 -31.34 59.15
N LYS C 324 25.53 -31.56 59.61
CA LYS C 324 25.76 -31.90 61.00
C LYS C 324 25.54 -30.72 61.93
N LEU C 325 25.39 -29.51 61.40
CA LEU C 325 25.17 -28.33 62.21
C LEU C 325 23.74 -27.82 62.16
N VAL C 326 22.99 -28.12 61.09
CA VAL C 326 21.61 -27.66 60.98
C VAL C 326 20.65 -28.49 61.82
N GLN C 327 21.01 -29.74 62.15
CA GLN C 327 20.12 -30.61 62.90
C GLN C 327 19.95 -30.19 64.36
N CYS C 328 20.75 -29.25 64.84
CA CYS C 328 20.65 -28.82 66.22
C CYS C 328 19.29 -28.16 66.48
N PRO C 329 18.67 -28.40 67.63
CA PRO C 329 17.38 -27.77 67.94
C PRO C 329 17.49 -26.25 67.93
N PRO C 330 16.47 -25.56 67.43
CA PRO C 330 16.55 -24.09 67.34
C PRO C 330 16.71 -23.38 68.67
N GLU C 331 16.14 -23.92 69.75
CA GLU C 331 16.19 -23.23 71.03
C GLU C 331 17.59 -23.15 71.61
N SER C 332 18.50 -24.03 71.17
CA SER C 332 19.88 -23.97 71.66
C SER C 332 20.56 -22.67 71.23
N PHE C 333 20.33 -22.25 69.98
CA PHE C 333 20.92 -21.01 69.49
C PHE C 333 20.31 -19.81 70.19
N ASP C 334 21.15 -18.82 70.48
CA ASP C 334 20.68 -17.61 71.17
C ASP C 334 20.11 -16.58 70.20
N VAL C 335 20.67 -16.49 68.99
CA VAL C 335 20.18 -15.59 67.96
C VAL C 335 20.20 -16.29 66.62
N ILE C 336 19.43 -15.75 65.68
CA ILE C 336 19.36 -16.27 64.32
C ILE C 336 19.64 -15.12 63.35
N LEU C 337 20.52 -15.38 62.38
CA LEU C 337 20.82 -14.43 61.31
C LEU C 337 20.70 -15.19 59.99
N ASP C 338 19.48 -15.30 59.48
CA ASP C 338 19.23 -15.93 58.19
C ASP C 338 19.10 -14.91 57.07
N GLU C 339 19.31 -13.64 57.36
CA GLU C 339 19.19 -12.59 56.35
C GLU C 339 20.28 -12.73 55.30
N ASN C 340 19.93 -12.44 54.04
CA ASN C 340 20.85 -12.58 52.92
C ASN C 340 21.69 -11.33 52.68
N GLN C 341 21.53 -10.29 53.49
CA GLN C 341 22.28 -9.06 53.36
C GLN C 341 23.19 -8.85 54.55
N LEU C 342 24.39 -8.35 54.28
CA LEU C 342 25.35 -8.08 55.35
C LEU C 342 24.82 -7.05 56.34
N GLU C 343 24.25 -5.96 55.82
CA GLU C 343 23.83 -4.86 56.70
C GLU C 343 22.70 -5.27 57.63
N ASP C 344 21.70 -5.99 57.10
CA ASP C 344 20.53 -6.32 57.91
C ASP C 344 20.92 -7.27 59.04
N ALA C 345 21.77 -8.25 58.75
CA ALA C 345 22.23 -9.16 59.78
C ALA C 345 23.09 -8.45 60.83
N CYS C 346 23.85 -7.45 60.41
CA CYS C 346 24.69 -6.71 61.36
C CYS C 346 23.84 -5.92 62.35
N GLU C 347 22.84 -5.20 61.86
CA GLU C 347 21.98 -4.45 62.76
C GLU C 347 21.07 -5.37 63.56
N HIS C 348 20.79 -6.58 63.06
CA HIS C 348 20.04 -7.55 63.83
C HIS C 348 20.81 -8.00 65.07
N LEU C 349 22.11 -8.27 64.90
CA LEU C 349 22.94 -8.70 66.03
C LEU C 349 23.29 -7.53 66.94
N ALA C 350 23.60 -6.36 66.36
CA ALA C 350 24.00 -5.22 67.17
C ALA C 350 22.89 -4.79 68.12
N GLU C 351 21.65 -4.85 67.68
CA GLU C 351 20.52 -4.51 68.53
C GLU C 351 20.39 -5.45 69.72
N TYR C 352 20.76 -6.73 69.56
CA TYR C 352 20.67 -7.66 70.68
C TYR C 352 21.76 -7.40 71.70
N LEU C 353 22.96 -7.06 71.25
CA LEU C 353 24.08 -6.87 72.18
C LEU C 353 23.86 -5.66 73.08
N GLU C 354 23.33 -4.57 72.54
CA GLU C 354 23.07 -3.39 73.37
C GLU C 354 22.00 -3.66 74.41
N VAL C 355 21.00 -4.48 74.07
CA VAL C 355 20.00 -4.88 75.06
C VAL C 355 20.66 -5.65 76.19
N TYR C 356 21.56 -6.58 75.85
CA TYR C 356 22.39 -7.22 76.87
C TYR C 356 23.24 -6.20 77.60
N TRP C 357 23.81 -5.25 76.87
CA TRP C 357 24.58 -4.18 77.49
C TRP C 357 23.70 -3.29 78.36
N ARG C 358 22.49 -2.95 77.88
CA ARG C 358 21.60 -2.12 78.65
C ARG C 358 21.11 -2.83 79.92
N ALA C 359 20.79 -4.12 79.80
CA ALA C 359 20.28 -4.86 80.95
C ALA C 359 21.32 -4.98 82.05
N THR C 360 22.58 -5.26 81.69
CA THR C 360 23.64 -5.44 82.67
C THR C 360 24.36 -4.13 82.98
N HIS C 361 23.59 -3.11 83.31
CA HIS C 361 24.12 -1.80 83.69
C HIS C 361 23.12 -1.02 84.54
#